data_5AEX
#
_entry.id   5AEX
#
_cell.length_a   103.692
_cell.length_b   232.350
_cell.length_c   279.189
_cell.angle_alpha   90.00
_cell.angle_beta   90.00
_cell.angle_gamma   90.00
#
_symmetry.space_group_name_H-M   'P 21 21 21'
#
loop_
_entity.id
_entity.type
_entity.pdbx_description
1 polymer 'AMMONIUM TRANSPORTER MEP2'
2 non-polymer 'PHOSPHATE ION'
#
_entity_poly.entity_id   1
_entity_poly.type   'polypeptide(L)'
_entity_poly.pdbx_seq_one_letter_code
;MSYNFTGTPTGEGTGGNSLTTDLNTQFDLANMGWIGVASAGVWIMVPGIGLLYSGLSRKKHALSLLWASMMASAVCIFQW
FFWGYSLAFSHNTRGNGFIGTLEFFGFRNVLGAPSSVSSLPDILFAVYQGMFAAVTGALMLGGACERARLFPMMVFLFLW
MTIVYCPIACWVWNAEGWLVKLGSLDYAGGLCVHLTSGHGGLVYALILGKRNDPVTRKGMPKYKPHSVTSVVLGTVFLWF
GWMFFNGGSAGNATIRAWYSIMSTNLAAACGGLTWMVIDYFRCGRKWTTVGLCSGIIAGLVGITPAAGFVPIWSAVVIGV
VTGAGCNLAVDLKSLLRIDDGLDCYSIHGVGGCIGSVLTGIFAADYVNATAGSYISPIDGGWINHHYKQVGYQLAGICAA
LAWTVTVTSILLLTMNAIPFLKLRLSADEEELGTDAAQIGEFTYEESTAYIPEPIRSKTSAQMPPPHENIDDKIVGNTDA
EKNSTPSDASSTKNTDHIVHHHHHH
;
_entity_poly.pdbx_strand_id   A,B,C,D,E,F,H,I,J
#
loop_
_chem_comp.id
_chem_comp.type
_chem_comp.name
_chem_comp.formula
PO4 non-polymer 'PHOSPHATE ION' 'O4 P -3'
#
# COMPACT_ATOMS: atom_id res chain seq x y z
N SER A 2 -67.03 27.07 34.07
CA SER A 2 -65.88 27.60 33.37
C SER A 2 -65.70 29.08 33.67
N TYR A 3 -64.51 29.60 33.35
CA TYR A 3 -64.22 31.02 33.52
C TYR A 3 -65.09 31.82 32.57
N ASN A 4 -65.97 32.67 33.10
CA ASN A 4 -66.80 33.47 32.22
C ASN A 4 -66.32 34.91 32.15
N PHE A 5 -66.36 35.45 30.94
CA PHE A 5 -65.92 36.81 30.69
C PHE A 5 -67.11 37.75 30.49
N THR A 6 -67.13 38.79 31.31
CA THR A 6 -68.27 39.67 31.41
C THR A 6 -67.83 41.09 31.29
N GLY A 7 -67.18 41.42 30.19
CA GLY A 7 -66.74 42.78 29.92
C GLY A 7 -66.59 42.84 28.43
N THR A 8 -66.44 44.02 27.88
CA THR A 8 -66.19 44.10 26.45
C THR A 8 -64.87 44.80 26.18
N PRO A 9 -64.20 44.44 25.08
CA PRO A 9 -62.96 45.10 24.72
C PRO A 9 -63.12 46.59 24.54
N THR A 10 -62.09 47.34 24.93
CA THR A 10 -62.14 48.78 25.06
C THR A 10 -61.79 49.52 23.77
N GLY A 11 -60.82 49.03 23.01
CA GLY A 11 -60.42 49.69 21.78
C GLY A 11 -59.21 50.58 21.98
N GLU A 12 -58.90 50.88 23.23
CA GLU A 12 -57.82 51.80 23.52
C GLU A 12 -57.02 51.36 24.73
N GLY A 13 -55.89 52.01 24.96
CA GLY A 13 -55.03 51.69 26.07
C GLY A 13 -54.64 50.24 26.05
N THR A 14 -54.95 49.57 27.15
CA THR A 14 -54.58 48.19 27.34
C THR A 14 -55.53 47.22 26.63
N GLY A 15 -56.54 47.75 25.97
CA GLY A 15 -57.49 46.93 25.23
C GLY A 15 -58.70 46.48 26.05
N GLY A 16 -58.60 46.61 27.35
CA GLY A 16 -59.60 46.08 28.24
C GLY A 16 -58.95 45.42 29.44
N ASN A 17 -59.76 45.04 30.42
CA ASN A 17 -59.27 44.30 31.57
C ASN A 17 -59.29 42.84 31.23
N SER A 18 -58.14 42.18 31.26
CA SER A 18 -58.07 40.81 30.78
C SER A 18 -58.62 39.85 31.80
N LEU A 19 -58.82 40.37 33.01
CA LEU A 19 -59.37 39.62 34.12
C LEU A 19 -60.86 39.42 33.96
N THR A 20 -61.49 40.31 33.20
CA THR A 20 -62.93 40.34 33.00
C THR A 20 -63.30 40.50 31.54
N THR A 21 -62.34 40.32 30.64
CA THR A 21 -62.59 40.38 29.20
C THR A 21 -61.68 39.40 28.47
N ASP A 22 -62.19 38.72 27.47
CA ASP A 22 -61.32 37.89 26.64
C ASP A 22 -60.88 38.67 25.42
N LEU A 23 -59.80 39.44 25.53
CA LEU A 23 -59.35 40.32 24.46
C LEU A 23 -59.06 39.59 23.14
N ASN A 24 -59.04 38.27 23.18
CA ASN A 24 -58.67 37.46 22.04
C ASN A 24 -59.77 37.35 21.02
N THR A 25 -60.97 37.77 21.42
CA THR A 25 -62.15 37.59 20.60
C THR A 25 -62.13 38.59 19.47
N GLN A 26 -61.29 39.62 19.59
CA GLN A 26 -61.19 40.64 18.57
C GLN A 26 -60.41 40.17 17.36
N PHE A 27 -59.67 39.08 17.54
CA PHE A 27 -58.61 38.68 16.64
C PHE A 27 -58.71 37.22 16.23
N ASP A 28 -58.15 36.85 15.10
CA ASP A 28 -58.16 35.46 14.66
C ASP A 28 -56.87 34.74 15.04
N LEU A 29 -57.00 33.61 15.71
CA LEU A 29 -55.84 32.87 16.20
C LEU A 29 -54.88 32.50 15.09
N ALA A 30 -55.40 32.18 13.92
CA ALA A 30 -54.56 31.80 12.81
C ALA A 30 -53.68 32.95 12.35
N ASN A 31 -54.24 34.15 12.31
CA ASN A 31 -53.52 35.38 11.97
C ASN A 31 -52.47 35.71 12.98
N MET A 32 -52.80 35.55 14.24
CA MET A 32 -51.91 35.89 15.32
C MET A 32 -50.79 34.88 15.30
N GLY A 33 -51.14 33.63 15.04
CA GLY A 33 -50.19 32.55 15.01
C GLY A 33 -49.12 32.72 13.97
N TRP A 34 -49.51 32.98 12.73
CA TRP A 34 -48.59 33.19 11.61
C TRP A 34 -47.65 34.36 11.82
N ILE A 35 -48.13 35.44 12.43
CA ILE A 35 -47.33 36.65 12.63
C ILE A 35 -46.44 36.48 13.83
N GLY A 36 -46.76 35.50 14.66
CA GLY A 36 -45.94 35.21 15.81
C GLY A 36 -44.75 34.37 15.44
N VAL A 37 -44.95 33.39 14.57
CA VAL A 37 -43.85 32.58 14.09
C VAL A 37 -43.03 33.44 13.18
N ALA A 38 -43.68 34.23 12.36
CA ALA A 38 -42.97 35.11 11.44
C ALA A 38 -42.12 36.12 12.18
N SER A 39 -42.36 36.31 13.46
CA SER A 39 -41.53 37.22 14.27
C SER A 39 -40.15 36.65 14.46
N ALA A 40 -40.10 35.37 14.79
CA ALA A 40 -38.86 34.71 15.11
C ALA A 40 -38.12 34.46 13.81
N GLY A 41 -38.87 34.20 12.76
CA GLY A 41 -38.28 34.10 11.45
C GLY A 41 -37.61 35.39 11.03
N VAL A 42 -38.13 36.54 11.42
CA VAL A 42 -37.52 37.80 10.99
C VAL A 42 -36.28 38.02 11.81
N TRP A 43 -36.27 37.57 13.05
CA TRP A 43 -35.15 37.82 13.94
C TRP A 43 -33.87 37.22 13.39
N ILE A 44 -33.95 36.01 12.85
CA ILE A 44 -32.79 35.29 12.34
C ILE A 44 -32.18 36.02 11.17
N MET A 45 -32.77 37.12 10.74
CA MET A 45 -32.19 37.97 9.71
C MET A 45 -31.12 38.87 10.28
N VAL A 46 -31.07 38.98 11.60
CA VAL A 46 -30.16 39.91 12.22
C VAL A 46 -28.74 39.35 12.19
N PRO A 47 -28.52 38.09 12.60
CA PRO A 47 -27.18 37.56 12.34
C PRO A 47 -26.88 37.31 10.86
N GLY A 48 -27.89 37.23 10.02
CA GLY A 48 -27.65 37.13 8.60
C GLY A 48 -27.04 38.41 8.07
N ILE A 49 -27.43 39.55 8.61
CA ILE A 49 -26.84 40.82 8.17
C ILE A 49 -25.41 40.95 8.68
N GLY A 50 -25.11 40.29 9.77
CA GLY A 50 -23.77 40.33 10.32
C GLY A 50 -22.89 39.41 9.51
N LEU A 51 -23.42 38.24 9.17
CA LEU A 51 -22.65 37.29 8.37
C LEU A 51 -22.45 37.84 6.97
N LEU A 52 -23.47 38.42 6.36
CA LEU A 52 -23.37 38.88 4.98
C LEU A 52 -22.39 40.02 4.77
N TYR A 53 -22.36 41.00 5.64
CA TYR A 53 -21.54 42.18 5.37
C TYR A 53 -20.15 42.10 5.99
N SER A 54 -19.92 41.09 6.81
CA SER A 54 -18.60 40.86 7.36
C SER A 54 -17.81 40.06 6.34
N GLY A 55 -18.52 39.28 5.54
CA GLY A 55 -17.91 38.45 4.54
C GLY A 55 -17.69 39.17 3.24
N LEU A 56 -18.51 40.18 2.97
CA LEU A 56 -18.40 40.92 1.73
C LEU A 56 -17.24 41.90 1.76
N SER A 57 -16.84 42.27 2.97
CA SER A 57 -15.87 43.34 3.18
C SER A 57 -14.56 43.04 2.51
N ARG A 58 -13.92 44.07 1.95
CA ARG A 58 -12.56 43.93 1.44
C ARG A 58 -11.58 44.40 2.47
N LYS A 59 -12.12 44.83 3.61
CA LYS A 59 -11.33 45.17 4.77
C LYS A 59 -11.78 44.26 5.90
N LYS A 60 -10.86 43.64 6.63
CA LYS A 60 -11.31 42.82 7.74
C LYS A 60 -11.53 43.74 8.92
N HIS A 61 -12.68 43.58 9.58
CA HIS A 61 -13.08 44.50 10.63
C HIS A 61 -12.71 43.99 12.00
N ALA A 62 -12.23 44.88 12.86
CA ALA A 62 -11.88 44.52 14.21
C ALA A 62 -13.11 44.13 15.02
N LEU A 63 -14.22 44.81 14.77
CA LEU A 63 -15.48 44.48 15.42
C LEU A 63 -16.27 43.56 14.51
N SER A 64 -16.34 42.29 14.88
CA SER A 64 -17.07 41.31 14.12
C SER A 64 -18.55 41.64 13.99
N LEU A 65 -19.06 41.74 12.78
CA LEU A 65 -20.47 42.07 12.60
C LEU A 65 -21.38 40.96 13.08
N LEU A 66 -20.95 39.71 12.93
CA LEU A 66 -21.74 38.60 13.46
C LEU A 66 -21.74 38.63 14.97
N TRP A 67 -20.64 39.06 15.57
CA TRP A 67 -20.57 39.13 17.02
C TRP A 67 -21.35 40.30 17.53
N ALA A 68 -21.30 41.42 16.80
CA ALA A 68 -21.95 42.65 17.22
C ALA A 68 -23.42 42.63 16.87
N SER A 69 -23.86 41.63 16.12
CA SER A 69 -25.26 41.57 15.72
C SER A 69 -26.17 41.10 16.85
N MET A 70 -25.60 40.46 17.88
CA MET A 70 -26.34 40.17 19.10
C MET A 70 -26.37 41.43 19.95
N MET A 71 -25.44 42.33 19.71
CA MET A 71 -25.40 43.58 20.43
C MET A 71 -26.43 44.50 19.78
N ALA A 72 -26.57 44.45 18.47
CA ALA A 72 -27.60 45.23 17.79
C ALA A 72 -28.96 44.69 18.19
N SER A 73 -29.08 43.38 18.29
CA SER A 73 -30.30 42.74 18.74
C SER A 73 -30.60 43.16 20.17
N ALA A 74 -29.66 42.99 21.09
CA ALA A 74 -29.91 43.33 22.49
C ALA A 74 -30.25 44.80 22.74
N VAL A 75 -29.60 45.76 22.08
CA VAL A 75 -29.90 47.17 22.36
C VAL A 75 -31.03 47.67 21.52
N CYS A 76 -31.48 46.93 20.53
CA CYS A 76 -32.63 47.40 19.77
C CYS A 76 -33.93 46.93 20.44
N ILE A 77 -33.94 45.68 20.91
CA ILE A 77 -35.00 45.16 21.76
C ILE A 77 -35.27 46.13 22.88
N PHE A 78 -34.22 46.62 23.51
CA PHE A 78 -34.37 47.50 24.68
C PHE A 78 -34.87 48.87 24.29
N GLN A 79 -34.45 49.40 23.15
CA GLN A 79 -34.90 50.72 22.74
C GLN A 79 -36.34 50.65 22.31
N TRP A 80 -36.79 49.47 21.89
CA TRP A 80 -38.18 49.25 21.52
C TRP A 80 -39.02 49.26 22.79
N PHE A 81 -38.58 48.53 23.79
CA PHE A 81 -39.29 48.48 25.06
C PHE A 81 -39.32 49.85 25.70
N PHE A 82 -38.21 50.56 25.64
CA PHE A 82 -38.08 51.86 26.26
C PHE A 82 -39.11 52.85 25.71
N TRP A 83 -39.00 53.21 24.44
CA TRP A 83 -39.97 54.11 23.85
C TRP A 83 -40.08 54.00 22.35
N GLY A 84 -39.50 52.97 21.77
CA GLY A 84 -39.53 52.84 20.33
C GLY A 84 -40.89 52.49 19.77
N TYR A 85 -41.63 51.66 20.48
CA TYR A 85 -42.89 51.18 19.94
C TYR A 85 -43.85 52.33 20.08
N SER A 86 -43.62 53.10 21.13
CA SER A 86 -44.37 54.31 21.40
C SER A 86 -44.16 55.32 20.29
N LEU A 87 -42.92 55.73 20.10
CA LEU A 87 -42.60 56.78 19.15
C LEU A 87 -42.99 56.45 17.71
N ALA A 88 -43.10 55.18 17.39
CA ALA A 88 -43.36 54.78 16.03
C ALA A 88 -44.82 54.39 15.82
N PHE A 89 -45.42 53.69 16.78
CA PHE A 89 -46.72 53.08 16.57
C PHE A 89 -47.74 53.41 17.64
N SER A 90 -47.49 54.46 18.40
CA SER A 90 -48.48 55.02 19.29
C SER A 90 -49.77 55.21 18.57
N HIS A 91 -50.88 54.99 19.27
CA HIS A 91 -52.21 55.15 18.70
C HIS A 91 -52.50 56.63 18.46
N ASN A 92 -52.01 57.46 19.36
CA ASN A 92 -52.13 58.91 19.25
C ASN A 92 -50.82 59.53 18.80
N THR A 93 -50.75 59.97 17.56
CA THR A 93 -49.54 60.58 17.05
C THR A 93 -49.52 62.07 17.36
N ARG A 94 -48.36 62.56 17.76
CA ARG A 94 -48.19 63.93 18.20
C ARG A 94 -47.99 64.83 17.01
N GLY A 95 -48.98 64.87 16.13
CA GLY A 95 -49.15 65.91 15.13
C GLY A 95 -48.02 66.22 14.17
N ASN A 96 -48.30 66.12 12.88
CA ASN A 96 -49.59 65.68 12.41
C ASN A 96 -49.48 64.30 11.83
N GLY A 97 -49.13 63.33 12.68
CA GLY A 97 -48.75 62.02 12.23
C GLY A 97 -47.27 62.05 11.89
N PHE A 98 -46.51 62.67 12.78
CA PHE A 98 -45.10 62.93 12.56
C PHE A 98 -44.23 62.06 13.46
N ILE A 99 -44.73 61.82 14.66
CA ILE A 99 -44.11 60.91 15.61
C ILE A 99 -45.17 60.55 16.64
N GLY A 100 -45.02 59.42 17.29
CA GLY A 100 -46.00 59.03 18.28
C GLY A 100 -45.79 59.77 19.58
N THR A 101 -46.58 59.41 20.57
CA THR A 101 -46.43 59.95 21.90
C THR A 101 -45.69 58.93 22.74
N LEU A 102 -45.53 59.17 24.02
CA LEU A 102 -44.91 58.17 24.86
C LEU A 102 -45.93 57.37 25.66
N GLU A 103 -47.11 57.15 25.09
CA GLU A 103 -48.17 56.47 25.82
C GLU A 103 -47.81 55.01 26.05
N PHE A 104 -46.93 54.48 25.19
CA PHE A 104 -46.42 53.11 25.25
C PHE A 104 -45.00 53.04 25.79
N PHE A 105 -44.62 54.01 26.61
CA PHE A 105 -43.33 54.01 27.23
C PHE A 105 -43.21 52.82 28.16
N GLY A 106 -42.11 52.10 28.10
CA GLY A 106 -41.90 50.99 29.02
C GLY A 106 -42.93 49.93 28.78
N PHE A 107 -43.49 49.94 27.59
CA PHE A 107 -44.53 49.03 27.16
C PHE A 107 -45.77 49.08 28.06
N ARG A 108 -46.02 50.25 28.63
CA ARG A 108 -47.25 50.55 29.34
C ARG A 108 -48.39 50.48 28.38
N ASN A 109 -49.38 49.67 28.72
CA ASN A 109 -50.65 49.58 28.00
C ASN A 109 -50.57 48.81 26.70
N VAL A 110 -49.40 48.38 26.26
CA VAL A 110 -49.43 47.57 25.05
C VAL A 110 -49.77 46.17 25.49
N LEU A 111 -50.89 45.67 24.94
CA LEU A 111 -51.48 44.40 25.28
C LEU A 111 -52.51 44.02 24.22
N GLY A 112 -53.78 44.26 24.47
CA GLY A 112 -54.83 43.71 23.62
C GLY A 112 -55.57 44.60 22.63
N ALA A 113 -55.33 45.90 22.67
CA ALA A 113 -56.00 46.81 21.76
C ALA A 113 -55.66 46.44 20.35
N PRO A 114 -56.55 46.69 19.39
CA PRO A 114 -56.11 46.42 18.02
C PRO A 114 -55.07 47.43 17.56
N SER A 115 -53.93 46.95 17.08
CA SER A 115 -52.81 47.80 16.71
C SER A 115 -53.08 48.63 15.49
N SER A 116 -52.03 49.26 14.96
CA SER A 116 -52.16 50.06 13.76
C SER A 116 -52.42 49.17 12.57
N VAL A 117 -52.26 47.87 12.76
CA VAL A 117 -52.84 46.91 11.85
C VAL A 117 -53.82 46.16 12.68
N SER A 118 -55.08 46.29 12.32
CA SER A 118 -56.18 46.04 13.23
C SER A 118 -56.46 44.59 13.42
N SER A 119 -55.70 43.73 12.76
CA SER A 119 -56.05 42.33 12.76
C SER A 119 -55.20 41.59 13.74
N LEU A 120 -54.39 42.37 14.47
CA LEU A 120 -53.33 41.93 15.39
C LEU A 120 -53.28 42.76 16.65
N PRO A 121 -53.17 42.14 17.81
CA PRO A 121 -53.13 42.90 19.05
C PRO A 121 -51.84 43.70 19.20
N ASP A 122 -51.85 44.81 19.91
CA ASP A 122 -50.64 45.57 20.16
C ASP A 122 -49.47 44.67 20.47
N ILE A 123 -49.54 43.89 21.54
CA ILE A 123 -48.39 43.15 22.04
C ILE A 123 -47.82 42.20 20.99
N LEU A 124 -48.61 41.75 20.03
CA LEU A 124 -48.06 40.90 18.99
C LEU A 124 -47.47 41.74 17.88
N PHE A 125 -48.13 42.84 17.55
CA PHE A 125 -47.65 43.74 16.52
C PHE A 125 -46.40 44.49 16.99
N ALA A 126 -46.21 44.61 18.29
CA ALA A 126 -45.04 45.29 18.81
C ALA A 126 -43.88 44.35 18.79
N VAL A 127 -44.15 43.06 18.95
CA VAL A 127 -43.09 42.06 18.91
C VAL A 127 -42.60 41.96 17.50
N TYR A 128 -43.54 41.76 16.59
CA TYR A 128 -43.24 41.60 15.19
C TYR A 128 -42.49 42.76 14.58
N GLN A 129 -42.95 43.97 14.87
CA GLN A 129 -42.37 45.17 14.31
C GLN A 129 -41.06 45.55 14.97
N GLY A 130 -40.82 45.04 16.16
CA GLY A 130 -39.59 45.33 16.85
C GLY A 130 -38.43 44.65 16.18
N MET A 131 -38.73 43.59 15.43
CA MET A 131 -37.72 42.81 14.73
C MET A 131 -37.30 43.53 13.48
N PHE A 132 -38.22 44.26 12.85
CA PHE A 132 -37.88 45.11 11.72
C PHE A 132 -36.94 46.21 12.15
N ALA A 133 -37.00 46.56 13.42
CA ALA A 133 -36.15 47.59 14.01
C ALA A 133 -34.78 47.03 14.17
N ALA A 134 -34.69 45.87 14.81
CA ALA A 134 -33.44 45.15 14.98
C ALA A 134 -32.77 44.78 13.66
N VAL A 135 -33.55 44.61 12.60
CA VAL A 135 -32.94 44.34 11.30
C VAL A 135 -32.31 45.62 10.80
N THR A 136 -32.96 46.74 11.07
CA THR A 136 -32.44 48.03 10.63
C THR A 136 -31.25 48.48 11.45
N GLY A 137 -31.27 48.20 12.74
CA GLY A 137 -30.19 48.59 13.63
C GLY A 137 -28.98 47.77 13.31
N ALA A 138 -29.21 46.56 12.81
CA ALA A 138 -28.13 45.71 12.36
C ALA A 138 -27.56 46.21 11.04
N LEU A 139 -28.40 46.73 10.16
CA LEU A 139 -27.91 47.22 8.87
C LEU A 139 -27.20 48.54 9.05
N MET A 140 -27.44 49.18 10.17
CA MET A 140 -26.86 50.49 10.40
C MET A 140 -25.54 50.28 11.09
N LEU A 141 -25.49 49.24 11.91
CA LEU A 141 -24.24 48.75 12.49
C LEU A 141 -23.35 48.20 11.42
N GLY A 142 -23.96 47.58 10.43
CA GLY A 142 -23.26 47.03 9.29
C GLY A 142 -22.41 48.05 8.57
N GLY A 143 -23.01 49.17 8.20
CA GLY A 143 -22.32 50.18 7.43
C GLY A 143 -21.47 51.11 8.24
N ALA A 144 -21.44 50.94 9.56
CA ALA A 144 -20.72 51.87 10.41
C ALA A 144 -19.82 51.19 11.42
N CYS A 145 -19.29 50.04 11.04
CA CYS A 145 -18.49 49.22 11.95
C CYS A 145 -16.99 49.36 11.78
N GLU A 146 -16.50 49.89 10.66
CA GLU A 146 -15.06 49.92 10.49
C GLU A 146 -14.46 50.84 11.52
N ARG A 147 -13.61 50.26 12.35
CA ARG A 147 -12.87 50.98 13.37
C ARG A 147 -13.80 51.58 14.42
N ALA A 148 -15.01 51.05 14.47
CA ALA A 148 -16.02 51.46 15.42
C ALA A 148 -15.57 51.17 16.82
N ARG A 149 -15.96 52.04 17.75
CA ARG A 149 -15.78 51.80 19.17
C ARG A 149 -17.08 51.27 19.74
N LEU A 150 -17.00 50.30 20.65
CA LEU A 150 -18.20 49.54 21.00
C LEU A 150 -19.23 50.33 21.76
N PHE A 151 -18.83 50.99 22.84
CA PHE A 151 -19.81 51.74 23.60
C PHE A 151 -20.39 52.94 22.81
N PRO A 152 -19.57 53.72 22.10
CA PRO A 152 -20.18 54.68 21.20
C PRO A 152 -21.10 54.05 20.19
N MET A 153 -20.80 52.84 19.74
CA MET A 153 -21.63 52.15 18.75
C MET A 153 -22.98 51.80 19.31
N MET A 154 -23.04 51.47 20.60
CA MET A 154 -24.29 51.20 21.27
C MET A 154 -25.13 52.47 21.35
N VAL A 155 -24.58 53.51 21.96
CA VAL A 155 -25.23 54.81 22.06
C VAL A 155 -25.65 55.37 20.71
N PHE A 156 -24.85 55.18 19.67
CA PHE A 156 -25.23 55.66 18.33
C PHE A 156 -26.45 54.90 17.84
N LEU A 157 -26.49 53.60 18.08
CA LEU A 157 -27.61 52.81 17.60
C LEU A 157 -28.86 53.19 18.34
N PHE A 158 -28.74 53.45 19.62
CA PHE A 158 -29.91 53.71 20.43
C PHE A 158 -30.56 55.02 20.01
N LEU A 159 -29.75 56.04 19.77
CA LEU A 159 -30.27 57.34 19.34
C LEU A 159 -30.68 57.34 17.88
N TRP A 160 -29.90 56.70 17.02
CA TRP A 160 -30.28 56.62 15.62
C TRP A 160 -31.58 55.87 15.45
N MET A 161 -31.85 54.91 16.32
CA MET A 161 -33.09 54.18 16.20
C MET A 161 -34.23 55.05 16.66
N THR A 162 -33.96 55.87 17.67
CA THR A 162 -34.95 56.78 18.24
C THR A 162 -35.32 57.96 17.37
N ILE A 163 -34.36 58.72 16.88
CA ILE A 163 -34.71 59.95 16.18
C ILE A 163 -34.71 59.83 14.65
N VAL A 164 -34.33 58.66 14.13
CA VAL A 164 -34.38 58.44 12.68
C VAL A 164 -35.25 57.27 12.23
N TYR A 165 -35.15 56.11 12.85
CA TYR A 165 -35.96 55.00 12.39
C TYR A 165 -37.40 55.22 12.80
N CYS A 166 -37.61 55.61 14.05
CA CYS A 166 -38.95 55.63 14.63
C CYS A 166 -39.85 56.71 14.04
N PRO A 167 -39.36 57.96 13.89
CA PRO A 167 -40.19 58.86 13.10
C PRO A 167 -40.60 58.33 11.72
N ILE A 168 -39.66 57.96 10.86
CA ILE A 168 -40.02 57.50 9.51
C ILE A 168 -40.99 56.32 9.56
N ALA A 169 -40.90 55.48 10.58
CA ALA A 169 -41.81 54.35 10.68
C ALA A 169 -43.20 54.87 11.02
N CYS A 170 -43.26 55.95 11.78
CA CYS A 170 -44.54 56.56 12.10
C CYS A 170 -45.18 57.08 10.84
N TRP A 171 -44.40 57.64 9.92
CA TRP A 171 -44.98 58.35 8.80
C TRP A 171 -45.63 57.40 7.82
N VAL A 172 -45.08 56.22 7.65
CA VAL A 172 -45.51 55.40 6.54
C VAL A 172 -46.24 54.14 7.02
N TRP A 173 -46.11 53.85 8.31
CA TRP A 173 -46.74 52.66 8.85
C TRP A 173 -47.78 52.90 9.94
N ASN A 174 -47.57 53.88 10.81
CA ASN A 174 -48.55 54.20 11.82
C ASN A 174 -49.82 54.59 11.12
N ALA A 175 -50.98 54.26 11.71
CA ALA A 175 -52.24 54.42 11.02
C ALA A 175 -52.53 55.89 10.80
N GLU A 176 -52.04 56.73 11.70
CA GLU A 176 -52.23 58.16 11.61
C GLU A 176 -51.03 58.88 11.01
N GLY A 177 -50.15 58.17 10.33
CA GLY A 177 -48.90 58.75 9.89
C GLY A 177 -49.09 59.55 8.63
N TRP A 178 -48.27 60.56 8.43
CA TRP A 178 -48.56 61.51 7.36
C TRP A 178 -48.27 61.05 5.96
N LEU A 179 -47.45 60.01 5.81
CA LEU A 179 -47.20 59.46 4.49
C LEU A 179 -48.18 58.34 4.17
N VAL A 180 -48.84 57.81 5.19
CA VAL A 180 -49.92 56.84 4.99
C VAL A 180 -51.09 57.52 4.35
N LYS A 181 -51.44 58.67 4.93
CA LYS A 181 -52.59 59.43 4.51
C LYS A 181 -52.28 60.26 3.27
N LEU A 182 -51.02 60.29 2.84
CA LEU A 182 -50.67 61.00 1.62
C LEU A 182 -50.87 60.07 0.44
N GLY A 183 -50.54 58.80 0.63
CA GLY A 183 -50.77 57.81 -0.40
C GLY A 183 -49.62 56.87 -0.67
N SER A 184 -48.51 57.05 0.05
CA SER A 184 -47.31 56.26 -0.17
C SER A 184 -47.53 54.81 0.19
N LEU A 185 -47.22 53.93 -0.75
CA LEU A 185 -47.23 52.51 -0.47
C LEU A 185 -45.84 52.04 -0.11
N ASP A 186 -45.75 51.24 0.93
CA ASP A 186 -44.52 50.58 1.32
C ASP A 186 -44.88 49.34 2.10
N TYR A 187 -44.85 48.21 1.42
CA TYR A 187 -45.32 46.96 1.98
C TYR A 187 -44.58 46.56 3.23
N ALA A 188 -43.28 46.30 3.10
CA ALA A 188 -42.51 45.68 4.15
C ALA A 188 -41.23 46.40 4.54
N GLY A 189 -40.97 47.58 4.00
CA GLY A 189 -39.89 48.40 4.48
C GLY A 189 -38.92 48.96 3.47
N GLY A 190 -39.42 49.35 2.32
CA GLY A 190 -38.57 49.93 1.29
C GLY A 190 -37.99 51.24 1.75
N LEU A 191 -38.78 52.00 2.49
CA LEU A 191 -38.36 53.28 3.04
C LEU A 191 -37.85 53.15 4.45
N CYS A 192 -38.64 52.51 5.32
CA CYS A 192 -38.33 52.49 6.74
C CYS A 192 -37.13 51.63 7.05
N VAL A 193 -37.01 50.47 6.42
CA VAL A 193 -35.88 49.59 6.71
C VAL A 193 -34.69 49.80 5.79
N HIS A 194 -34.89 49.72 4.48
CA HIS A 194 -33.76 49.69 3.58
C HIS A 194 -33.20 51.05 3.22
N LEU A 195 -34.04 51.96 2.73
CA LEU A 195 -33.61 53.31 2.40
C LEU A 195 -32.98 54.05 3.58
N THR A 196 -33.43 53.81 4.80
CA THR A 196 -32.89 54.53 5.95
C THR A 196 -31.47 54.09 6.27
N SER A 197 -31.29 52.82 6.52
CA SER A 197 -30.00 52.25 6.88
C SER A 197 -29.01 52.34 5.74
N GLY A 198 -29.51 52.24 4.53
CA GLY A 198 -28.66 52.41 3.38
C GLY A 198 -28.08 53.79 3.42
N HIS A 199 -28.93 54.79 3.51
CA HIS A 199 -28.45 56.15 3.42
C HIS A 199 -27.70 56.57 4.65
N GLY A 200 -27.83 55.83 5.73
CA GLY A 200 -27.05 56.14 6.92
C GLY A 200 -25.64 55.65 6.72
N GLY A 201 -25.50 54.66 5.84
CA GLY A 201 -24.19 54.17 5.48
C GLY A 201 -23.52 55.19 4.61
N LEU A 202 -24.26 55.77 3.68
CA LEU A 202 -23.74 56.80 2.79
C LEU A 202 -23.31 58.02 3.56
N VAL A 203 -24.02 58.35 4.62
CA VAL A 203 -23.69 59.49 5.44
C VAL A 203 -22.45 59.20 6.27
N TYR A 204 -22.33 57.96 6.75
CA TYR A 204 -21.13 57.52 7.47
C TYR A 204 -19.90 57.57 6.56
N ALA A 205 -20.04 57.00 5.37
CA ALA A 205 -18.94 56.90 4.42
C ALA A 205 -18.38 58.27 4.10
N LEU A 206 -19.24 59.27 4.03
CA LEU A 206 -18.81 60.61 3.68
C LEU A 206 -18.22 61.35 4.88
N ILE A 207 -18.69 61.04 6.07
CA ILE A 207 -18.25 61.76 7.25
C ILE A 207 -17.16 61.04 8.03
N LEU A 208 -17.29 59.74 8.24
CA LEU A 208 -16.31 59.05 9.08
C LEU A 208 -15.46 58.00 8.37
N GLY A 209 -15.92 57.51 7.23
CA GLY A 209 -15.23 56.43 6.54
C GLY A 209 -13.87 56.84 6.05
N LYS A 210 -12.97 55.88 5.86
CA LYS A 210 -11.62 56.19 5.41
C LYS A 210 -11.65 56.80 4.04
N ARG A 211 -11.19 58.05 3.93
CA ARG A 211 -11.18 58.72 2.65
C ARG A 211 -9.95 58.30 1.88
N ASN A 212 -10.06 58.27 0.55
CA ASN A 212 -8.99 57.81 -0.32
C ASN A 212 -8.44 56.48 0.18
N ASP A 213 -9.34 55.49 0.17
CA ASP A 213 -9.05 54.14 0.61
C ASP A 213 -8.30 53.42 -0.46
N PRO A 214 -7.14 52.85 -0.11
CA PRO A 214 -6.36 51.98 -0.98
C PRO A 214 -7.13 50.87 -1.69
N VAL A 215 -8.21 50.35 -1.12
CA VAL A 215 -8.83 49.17 -1.73
C VAL A 215 -9.65 49.55 -2.94
N THR A 216 -9.66 50.84 -3.27
CA THR A 216 -10.52 51.35 -4.34
C THR A 216 -9.76 52.06 -5.47
N ARG A 217 -8.43 52.09 -5.39
CA ARG A 217 -7.64 52.71 -6.45
C ARG A 217 -7.85 51.96 -7.75
N LYS A 218 -7.72 52.65 -8.87
CA LYS A 218 -7.97 52.04 -10.18
C LYS A 218 -7.23 50.73 -10.35
N GLY A 219 -7.95 49.69 -10.76
CA GLY A 219 -7.34 48.41 -11.07
C GLY A 219 -7.31 47.50 -9.87
N MET A 220 -7.77 48.01 -8.74
CA MET A 220 -7.96 47.20 -7.55
C MET A 220 -9.24 46.42 -7.71
N PRO A 221 -9.25 45.12 -7.35
CA PRO A 221 -10.42 44.27 -7.57
C PRO A 221 -11.68 44.78 -6.87
N LYS A 222 -12.82 44.67 -7.56
CA LYS A 222 -14.10 45.14 -7.04
C LYS A 222 -14.61 44.19 -5.99
N TYR A 223 -14.29 42.92 -6.15
CA TYR A 223 -14.62 41.88 -5.18
C TYR A 223 -13.37 41.27 -4.59
N LYS A 224 -13.28 41.30 -3.27
CA LYS A 224 -12.22 40.64 -2.54
C LYS A 224 -12.79 40.23 -1.19
N PRO A 225 -13.71 39.28 -1.18
CA PRO A 225 -14.53 39.03 0.01
C PRO A 225 -13.77 38.36 1.15
N HIS A 226 -13.79 39.00 2.30
CA HIS A 226 -13.20 38.45 3.52
C HIS A 226 -13.60 36.99 3.74
N SER A 227 -14.79 36.61 3.29
CA SER A 227 -15.29 35.28 3.52
C SER A 227 -16.53 34.91 2.70
N VAL A 228 -16.33 34.15 1.64
CA VAL A 228 -17.43 33.67 0.84
C VAL A 228 -18.40 32.88 1.68
N THR A 229 -17.90 32.14 2.66
CA THR A 229 -18.80 31.36 3.52
C THR A 229 -19.70 32.23 4.36
N SER A 230 -19.18 33.35 4.83
CA SER A 230 -19.98 34.29 5.61
C SER A 230 -21.09 34.84 4.73
N VAL A 231 -20.75 35.24 3.52
CA VAL A 231 -21.70 35.78 2.56
C VAL A 231 -22.81 34.78 2.24
N VAL A 232 -22.47 33.50 2.15
CA VAL A 232 -23.45 32.48 1.76
C VAL A 232 -24.34 32.06 2.93
N LEU A 233 -23.77 32.03 4.13
CA LEU A 233 -24.55 31.65 5.30
C LEU A 233 -25.44 32.80 5.68
N GLY A 234 -24.96 34.01 5.45
CA GLY A 234 -25.74 35.19 5.72
C GLY A 234 -26.94 35.29 4.80
N THR A 235 -26.79 34.83 3.58
CA THR A 235 -27.87 34.86 2.62
C THR A 235 -28.91 33.79 2.90
N VAL A 236 -28.46 32.66 3.42
CA VAL A 236 -29.35 31.58 3.82
C VAL A 236 -30.26 32.03 4.95
N PHE A 237 -29.69 32.66 5.98
CA PHE A 237 -30.50 33.19 7.08
C PHE A 237 -31.40 34.31 6.60
N LEU A 238 -30.86 35.20 5.78
CA LEU A 238 -31.64 36.32 5.25
C LEU A 238 -32.75 35.89 4.31
N TRP A 239 -32.48 34.95 3.42
CA TRP A 239 -33.46 34.56 2.44
C TRP A 239 -34.54 33.77 3.12
N PHE A 240 -34.20 33.02 4.16
CA PHE A 240 -35.17 32.28 4.95
C PHE A 240 -36.01 33.28 5.70
N GLY A 241 -35.37 34.19 6.40
CA GLY A 241 -36.05 35.21 7.15
C GLY A 241 -36.86 36.17 6.31
N TRP A 242 -36.51 36.35 5.05
CA TRP A 242 -37.22 37.35 4.26
C TRP A 242 -38.60 36.88 3.90
N MET A 243 -38.80 35.57 3.83
CA MET A 243 -40.12 35.05 3.53
C MET A 243 -41.10 35.40 4.64
N PHE A 244 -40.59 35.71 5.83
CA PHE A 244 -41.42 36.09 6.97
C PHE A 244 -41.45 37.60 7.12
N PHE A 245 -40.36 38.24 6.73
CA PHE A 245 -40.23 39.70 6.59
C PHE A 245 -41.34 40.25 5.73
N ASN A 246 -41.47 39.70 4.53
CA ASN A 246 -42.46 40.14 3.56
C ASN A 246 -43.81 39.50 3.77
N GLY A 247 -43.83 38.20 4.01
CA GLY A 247 -45.07 37.48 4.15
C GLY A 247 -45.87 37.94 5.34
N GLY A 248 -45.19 38.40 6.37
CA GLY A 248 -45.88 38.77 7.59
C GLY A 248 -46.32 40.21 7.56
N SER A 249 -46.04 40.87 6.45
CA SER A 249 -46.35 42.27 6.34
C SER A 249 -47.77 42.45 5.86
N ALA A 250 -48.35 41.35 5.39
CA ALA A 250 -49.75 41.30 5.02
C ALA A 250 -50.61 41.52 6.25
N GLY A 251 -50.08 41.15 7.40
CA GLY A 251 -50.74 41.34 8.68
C GLY A 251 -51.65 40.19 8.99
N ASN A 252 -51.70 39.23 8.07
CA ASN A 252 -52.62 38.12 8.21
C ASN A 252 -52.23 36.91 7.36
N ALA A 253 -53.04 35.87 7.42
CA ALA A 253 -52.73 34.61 6.79
C ALA A 253 -53.50 34.42 5.50
N THR A 254 -54.06 35.48 4.95
CA THR A 254 -54.85 35.40 3.71
C THR A 254 -53.99 35.21 2.48
N ILE A 255 -54.60 35.10 1.31
CA ILE A 255 -53.87 34.84 0.07
C ILE A 255 -52.87 35.95 -0.27
N ARG A 256 -52.97 37.10 0.37
CA ARG A 256 -52.06 38.19 0.03
C ARG A 256 -50.71 37.92 0.64
N ALA A 257 -50.69 37.21 1.74
CA ALA A 257 -49.44 36.91 2.40
C ALA A 257 -48.62 35.95 1.56
N TRP A 258 -49.26 34.95 0.96
CA TRP A 258 -48.57 33.90 0.19
C TRP A 258 -48.31 34.33 -1.21
N TYR A 259 -49.10 35.27 -1.67
CA TYR A 259 -48.87 35.90 -2.96
C TYR A 259 -47.62 36.75 -2.86
N SER A 260 -47.40 37.33 -1.69
CA SER A 260 -46.29 38.23 -1.53
C SER A 260 -45.02 37.45 -1.31
N ILE A 261 -45.14 36.26 -0.74
CA ILE A 261 -43.98 35.37 -0.57
C ILE A 261 -43.54 34.83 -1.91
N MET A 262 -44.47 34.56 -2.81
CA MET A 262 -44.05 34.11 -4.13
C MET A 262 -43.37 35.22 -4.91
N SER A 263 -43.76 36.47 -4.73
CA SER A 263 -43.08 37.59 -5.38
C SER A 263 -41.68 37.72 -4.82
N THR A 264 -41.57 37.63 -3.51
CA THR A 264 -40.31 37.72 -2.77
C THR A 264 -39.24 36.76 -3.30
N ASN A 265 -39.61 35.50 -3.50
CA ASN A 265 -38.68 34.48 -3.97
C ASN A 265 -38.33 34.62 -5.43
N LEU A 266 -39.30 34.98 -6.24
CA LEU A 266 -39.05 35.15 -7.64
C LEU A 266 -38.14 36.35 -7.89
N ALA A 267 -38.31 37.41 -7.11
CA ALA A 267 -37.48 38.59 -7.29
C ALA A 267 -36.08 38.32 -6.80
N ALA A 268 -35.96 37.57 -5.72
CA ALA A 268 -34.65 37.14 -5.24
C ALA A 268 -33.93 36.35 -6.32
N ALA A 269 -34.54 35.25 -6.75
CA ALA A 269 -34.00 34.41 -7.81
C ALA A 269 -33.56 35.21 -9.01
N CYS A 270 -34.40 36.13 -9.45
CA CYS A 270 -34.10 36.90 -10.66
C CYS A 270 -33.07 37.99 -10.38
N GLY A 271 -32.98 38.43 -9.13
CA GLY A 271 -31.98 39.41 -8.76
C GLY A 271 -30.62 38.78 -8.68
N GLY A 272 -30.58 37.52 -8.24
CA GLY A 272 -29.34 36.77 -8.11
C GLY A 272 -28.77 36.42 -9.47
N LEU A 273 -29.60 35.89 -10.35
CA LEU A 273 -29.13 35.52 -11.68
C LEU A 273 -28.75 36.74 -12.51
N THR A 274 -29.44 37.85 -12.30
CA THR A 274 -29.16 39.05 -13.08
C THR A 274 -27.79 39.57 -12.73
N TRP A 275 -27.51 39.68 -11.45
CA TRP A 275 -26.21 40.14 -10.97
C TRP A 275 -25.13 39.16 -11.37
N MET A 276 -25.40 37.87 -11.17
CA MET A 276 -24.44 36.83 -11.49
C MET A 276 -24.02 36.88 -12.96
N VAL A 277 -24.98 37.15 -13.83
CA VAL A 277 -24.75 37.19 -15.28
C VAL A 277 -24.11 38.51 -15.70
N ILE A 278 -24.42 39.59 -14.99
CA ILE A 278 -23.79 40.88 -15.29
C ILE A 278 -22.34 40.83 -14.88
N ASP A 279 -22.09 40.32 -13.68
CA ASP A 279 -20.73 40.14 -13.18
C ASP A 279 -19.90 39.29 -14.12
N TYR A 280 -20.54 38.27 -14.69
CA TYR A 280 -19.88 37.37 -15.62
C TYR A 280 -19.31 38.12 -16.78
N PHE A 281 -20.04 39.12 -17.26
CA PHE A 281 -19.63 39.79 -18.47
C PHE A 281 -18.77 41.00 -18.19
N ARG A 282 -18.71 41.42 -16.94
CA ARG A 282 -17.94 42.61 -16.58
C ARG A 282 -16.62 42.25 -15.94
N CYS A 283 -16.46 40.99 -15.59
CA CYS A 283 -15.21 40.57 -14.99
C CYS A 283 -14.47 39.61 -15.93
N GLY A 284 -14.93 39.60 -17.18
CA GLY A 284 -14.30 38.84 -18.22
C GLY A 284 -14.48 37.34 -18.09
N ARG A 285 -15.72 36.89 -18.25
CA ARG A 285 -16.01 35.47 -18.40
C ARG A 285 -15.70 34.66 -17.13
N LYS A 286 -15.62 35.33 -15.98
CA LYS A 286 -15.37 34.66 -14.70
C LYS A 286 -16.57 34.81 -13.75
N TRP A 287 -17.04 33.71 -13.17
CA TRP A 287 -18.19 33.76 -12.26
C TRP A 287 -17.83 34.23 -10.87
N THR A 288 -18.36 35.38 -10.46
CA THR A 288 -18.04 35.96 -9.16
C THR A 288 -18.53 35.17 -7.96
N THR A 289 -17.76 35.27 -6.90
CA THR A 289 -17.90 34.40 -5.76
C THR A 289 -19.02 34.87 -4.84
N VAL A 290 -19.32 36.16 -4.90
CA VAL A 290 -20.39 36.81 -4.14
C VAL A 290 -21.42 37.45 -5.04
N GLY A 291 -21.31 37.27 -6.34
CA GLY A 291 -22.24 37.86 -7.27
C GLY A 291 -23.66 37.35 -7.11
N LEU A 292 -23.83 36.05 -7.25
CA LEU A 292 -25.13 35.42 -7.15
C LEU A 292 -25.86 35.82 -5.87
N CYS A 293 -25.16 35.90 -4.76
CA CYS A 293 -25.78 36.22 -3.48
C CYS A 293 -26.15 37.69 -3.36
N SER A 294 -25.26 38.57 -3.77
CA SER A 294 -25.49 40.01 -3.69
C SER A 294 -26.71 40.41 -4.48
N GLY A 295 -27.03 39.65 -5.52
CA GLY A 295 -28.15 39.99 -6.35
C GLY A 295 -29.41 39.41 -5.77
N ILE A 296 -29.26 38.36 -4.99
CA ILE A 296 -30.36 37.77 -4.25
C ILE A 296 -30.83 38.75 -3.22
N ILE A 297 -29.91 39.35 -2.49
CA ILE A 297 -30.26 40.36 -1.50
C ILE A 297 -30.79 41.61 -2.18
N ALA A 298 -30.23 41.97 -3.33
CA ALA A 298 -30.70 43.15 -4.04
C ALA A 298 -32.14 42.98 -4.48
N GLY A 299 -32.45 41.83 -5.05
CA GLY A 299 -33.80 41.56 -5.49
C GLY A 299 -34.79 41.48 -4.36
N LEU A 300 -34.36 41.02 -3.20
CA LEU A 300 -35.24 40.96 -2.06
C LEU A 300 -35.47 42.36 -1.50
N VAL A 301 -34.54 43.26 -1.74
CA VAL A 301 -34.67 44.66 -1.33
C VAL A 301 -35.64 45.36 -2.23
N GLY A 302 -35.56 45.07 -3.52
CA GLY A 302 -36.38 45.75 -4.50
C GLY A 302 -37.85 45.43 -4.41
N ILE A 303 -38.17 44.23 -3.96
CA ILE A 303 -39.52 43.75 -3.91
C ILE A 303 -40.11 44.01 -2.53
N THR A 304 -39.28 44.48 -1.60
CA THR A 304 -39.74 44.72 -0.24
C THR A 304 -40.89 45.71 -0.18
N PRO A 305 -40.77 46.89 -0.81
CA PRO A 305 -41.98 47.72 -0.72
C PRO A 305 -43.11 47.26 -1.62
N ALA A 306 -42.80 46.38 -2.56
CA ALA A 306 -43.70 46.04 -3.63
C ALA A 306 -44.49 44.78 -3.39
N ALA A 307 -43.96 43.87 -2.59
CA ALA A 307 -44.40 42.48 -2.53
C ALA A 307 -45.91 42.27 -2.47
N GLY A 308 -46.59 43.13 -1.73
CA GLY A 308 -48.00 42.94 -1.47
C GLY A 308 -48.91 43.66 -2.41
N PHE A 309 -48.36 44.47 -3.31
CA PHE A 309 -49.15 45.27 -4.23
C PHE A 309 -48.96 44.94 -5.69
N VAL A 310 -47.84 44.34 -6.07
CA VAL A 310 -47.53 44.18 -7.49
C VAL A 310 -47.77 42.76 -8.00
N PRO A 311 -48.14 42.61 -9.28
CA PRO A 311 -48.36 41.31 -9.90
C PRO A 311 -47.13 40.43 -9.81
N ILE A 312 -47.27 39.11 -9.77
CA ILE A 312 -46.11 38.23 -9.68
C ILE A 312 -45.11 38.48 -10.80
N TRP A 313 -45.57 38.55 -12.03
CA TRP A 313 -44.68 38.75 -13.17
C TRP A 313 -43.79 39.96 -13.05
N SER A 314 -44.25 40.99 -12.36
CA SER A 314 -43.45 42.20 -12.24
C SER A 314 -42.33 42.03 -11.23
N ALA A 315 -42.34 40.91 -10.52
CA ALA A 315 -41.28 40.61 -9.56
C ALA A 315 -40.01 40.26 -10.34
N VAL A 316 -40.19 39.81 -11.57
CA VAL A 316 -39.09 39.57 -12.47
C VAL A 316 -38.45 40.89 -12.83
N VAL A 317 -39.26 41.86 -13.22
CA VAL A 317 -38.80 43.20 -13.57
C VAL A 317 -38.11 43.86 -12.38
N ILE A 318 -38.78 43.88 -11.23
CA ILE A 318 -38.25 44.50 -10.02
C ILE A 318 -36.96 43.82 -9.54
N GLY A 319 -36.82 42.54 -9.86
CA GLY A 319 -35.61 41.80 -9.54
C GLY A 319 -34.44 42.12 -10.44
N VAL A 320 -34.66 42.09 -11.75
CA VAL A 320 -33.65 42.46 -12.74
C VAL A 320 -33.19 43.93 -12.62
N VAL A 321 -34.14 44.85 -12.44
CA VAL A 321 -33.81 46.27 -12.39
C VAL A 321 -33.10 46.62 -11.09
N THR A 322 -33.44 45.94 -10.00
CA THR A 322 -32.80 46.22 -8.71
C THR A 322 -31.46 45.51 -8.64
N GLY A 323 -31.36 44.36 -9.30
CA GLY A 323 -30.14 43.62 -9.34
C GLY A 323 -29.10 44.38 -10.11
N ALA A 324 -29.48 44.85 -11.29
CA ALA A 324 -28.61 45.62 -12.16
C ALA A 324 -28.31 46.99 -11.57
N GLY A 325 -29.31 47.66 -11.04
CA GLY A 325 -29.08 48.98 -10.49
C GLY A 325 -28.17 48.99 -9.28
N CYS A 326 -28.26 47.97 -8.45
CA CYS A 326 -27.42 47.87 -7.26
C CYS A 326 -26.02 47.45 -7.64
N ASN A 327 -25.94 46.67 -8.71
CA ASN A 327 -24.67 46.25 -9.25
C ASN A 327 -23.87 47.47 -9.57
N LEU A 328 -24.37 48.30 -10.48
CA LEU A 328 -23.76 49.56 -10.86
C LEU A 328 -23.34 50.38 -9.67
N ALA A 329 -24.16 50.41 -8.62
CA ALA A 329 -23.95 51.34 -7.53
C ALA A 329 -22.74 50.99 -6.67
N VAL A 330 -22.26 49.76 -6.74
CA VAL A 330 -21.14 49.36 -5.91
C VAL A 330 -19.88 49.97 -6.50
N ASP A 331 -19.99 50.36 -7.76
CA ASP A 331 -18.93 51.04 -8.50
C ASP A 331 -18.78 52.48 -8.06
N LEU A 332 -19.63 52.91 -7.13
CA LEU A 332 -19.56 54.26 -6.62
C LEU A 332 -18.38 54.36 -5.68
N LYS A 333 -17.96 53.23 -5.13
CA LYS A 333 -16.88 53.22 -4.15
C LYS A 333 -15.59 53.69 -4.78
N SER A 334 -15.47 53.52 -6.09
CA SER A 334 -14.26 53.88 -6.80
C SER A 334 -14.36 55.23 -7.50
N LEU A 335 -15.34 56.02 -7.11
CA LEU A 335 -15.46 57.39 -7.56
C LEU A 335 -15.27 58.32 -6.38
N LEU A 336 -15.71 57.87 -5.22
CA LEU A 336 -15.55 58.62 -3.98
C LEU A 336 -14.28 58.19 -3.32
N ARG A 337 -13.82 57.02 -3.73
CA ARG A 337 -12.64 56.37 -3.18
C ARG A 337 -12.82 56.12 -1.69
N ILE A 338 -14.01 55.63 -1.34
CA ILE A 338 -14.36 55.25 0.02
C ILE A 338 -14.93 53.83 -0.02
N ASP A 339 -14.58 53.01 0.96
CA ASP A 339 -15.15 51.66 1.05
C ASP A 339 -16.16 51.65 2.17
N ASP A 340 -15.68 51.64 3.40
CA ASP A 340 -16.57 51.66 4.56
C ASP A 340 -17.36 52.94 4.62
N GLY A 341 -18.67 52.90 4.40
CA GLY A 341 -19.42 51.67 4.20
C GLY A 341 -20.53 51.83 3.19
N LEU A 342 -20.13 51.86 1.93
CA LEU A 342 -21.05 51.95 0.81
C LEU A 342 -21.45 50.58 0.29
N ASP A 343 -21.14 49.55 1.07
CA ASP A 343 -21.66 48.21 0.81
C ASP A 343 -23.14 48.22 1.15
N CYS A 344 -23.46 48.71 2.34
CA CYS A 344 -24.84 48.82 2.79
C CYS A 344 -25.62 49.83 1.96
N TYR A 345 -24.96 50.90 1.51
CA TYR A 345 -25.65 51.90 0.71
C TYR A 345 -26.10 51.36 -0.63
N SER A 346 -25.23 50.71 -1.36
CA SER A 346 -25.50 50.36 -2.74
C SER A 346 -26.43 49.17 -2.92
N ILE A 347 -26.87 48.56 -1.84
CA ILE A 347 -27.86 47.50 -1.95
C ILE A 347 -29.14 47.91 -1.25
N HIS A 348 -29.01 48.56 -0.10
CA HIS A 348 -30.16 48.91 0.67
C HIS A 348 -30.58 50.30 0.38
N GLY A 349 -29.65 51.21 0.23
CA GLY A 349 -29.99 52.57 -0.09
C GLY A 349 -30.54 52.69 -1.48
N VAL A 350 -29.76 52.24 -2.47
CA VAL A 350 -30.14 52.36 -3.87
C VAL A 350 -31.27 51.38 -4.19
N GLY A 351 -31.33 50.26 -3.50
CA GLY A 351 -32.39 49.30 -3.75
C GLY A 351 -33.67 49.71 -3.09
N GLY A 352 -33.58 50.55 -2.08
CA GLY A 352 -34.76 51.07 -1.44
C GLY A 352 -35.49 51.98 -2.39
N CYS A 353 -34.77 52.90 -3.02
CA CYS A 353 -35.35 53.85 -3.95
C CYS A 353 -35.85 53.20 -5.23
N ILE A 354 -35.10 52.27 -5.79
CA ILE A 354 -35.53 51.60 -6.99
C ILE A 354 -36.81 50.85 -6.66
N GLY A 355 -36.82 50.19 -5.50
CA GLY A 355 -37.94 49.37 -5.10
C GLY A 355 -39.21 50.16 -4.86
N SER A 356 -39.09 51.29 -4.18
CA SER A 356 -40.24 52.12 -3.84
C SER A 356 -40.81 52.85 -5.04
N VAL A 357 -39.97 53.26 -5.99
CA VAL A 357 -40.46 53.86 -7.22
C VAL A 357 -41.25 52.83 -8.01
N LEU A 358 -40.62 51.68 -8.29
CA LEU A 358 -41.25 50.61 -9.07
C LEU A 358 -42.50 50.05 -8.41
N THR A 359 -42.69 50.33 -7.12
CA THR A 359 -43.92 49.96 -6.41
C THR A 359 -45.09 50.82 -6.87
N GLY A 360 -44.78 52.07 -7.20
CA GLY A 360 -45.80 52.96 -7.65
C GLY A 360 -46.17 52.69 -9.09
N ILE A 361 -45.26 52.06 -9.81
CA ILE A 361 -45.54 51.75 -11.21
C ILE A 361 -46.37 50.49 -11.34
N PHE A 362 -46.10 49.49 -10.50
CA PHE A 362 -46.78 48.21 -10.66
C PHE A 362 -47.84 47.88 -9.60
N ALA A 363 -48.11 48.78 -8.66
CA ALA A 363 -49.14 48.51 -7.67
C ALA A 363 -50.39 48.12 -8.39
N ALA A 364 -51.07 47.09 -7.91
CA ALA A 364 -52.23 46.60 -8.62
C ALA A 364 -53.38 46.34 -7.66
N ASP A 365 -54.51 47.01 -7.91
CA ASP A 365 -55.64 46.98 -7.01
C ASP A 365 -56.12 45.59 -6.67
N TYR A 366 -55.84 44.64 -7.56
CA TYR A 366 -56.41 43.31 -7.46
C TYR A 366 -55.51 42.33 -6.77
N VAL A 367 -54.27 42.76 -6.54
CA VAL A 367 -53.29 41.98 -5.81
C VAL A 367 -53.43 42.34 -4.37
N ASN A 368 -53.56 43.63 -4.13
CA ASN A 368 -53.82 44.15 -2.81
C ASN A 368 -55.13 43.61 -2.32
N ALA A 369 -56.06 43.35 -3.22
CA ALA A 369 -57.43 42.99 -2.84
C ALA A 369 -57.56 41.55 -2.41
N THR A 370 -56.48 40.78 -2.54
CA THR A 370 -56.52 39.35 -2.22
C THR A 370 -56.49 39.10 -0.73
N ALA A 371 -56.37 40.16 0.07
CA ALA A 371 -56.47 39.99 1.50
C ALA A 371 -57.92 39.97 1.87
N GLY A 372 -58.76 40.13 0.86
CA GLY A 372 -60.20 40.05 0.98
C GLY A 372 -60.78 40.94 2.06
N SER A 373 -61.33 40.31 3.08
CA SER A 373 -62.03 40.98 4.14
C SER A 373 -61.14 41.82 5.02
N TYR A 374 -59.86 41.89 4.70
CA TYR A 374 -58.88 42.62 5.50
C TYR A 374 -58.26 43.78 4.76
N ILE A 375 -58.85 44.20 3.65
CA ILE A 375 -58.18 45.24 2.88
C ILE A 375 -58.66 46.63 3.18
N SER A 376 -57.73 47.55 2.97
CA SER A 376 -58.02 48.92 2.70
C SER A 376 -57.64 49.04 1.25
N PRO A 377 -58.62 49.15 0.37
CA PRO A 377 -58.37 49.06 -1.07
C PRO A 377 -57.44 50.15 -1.57
N ILE A 378 -56.75 49.91 -2.68
CA ILE A 378 -55.95 50.94 -3.30
C ILE A 378 -56.40 51.17 -4.74
N ASP A 379 -56.16 52.38 -5.22
CA ASP A 379 -56.40 52.68 -6.61
C ASP A 379 -55.47 51.88 -7.51
N GLY A 380 -54.23 51.70 -7.06
CA GLY A 380 -53.27 50.98 -7.86
C GLY A 380 -52.31 51.97 -8.44
N GLY A 381 -51.51 51.53 -9.40
CA GLY A 381 -50.47 52.37 -9.96
C GLY A 381 -50.60 52.48 -11.45
N TRP A 382 -49.49 52.60 -12.16
CA TRP A 382 -49.54 52.80 -13.60
C TRP A 382 -50.30 51.72 -14.35
N ILE A 383 -50.23 50.48 -13.90
CA ILE A 383 -50.85 49.42 -14.67
C ILE A 383 -52.35 49.36 -14.45
N ASN A 384 -52.84 50.06 -13.43
CA ASN A 384 -54.26 50.25 -13.21
C ASN A 384 -54.73 51.58 -13.78
N HIS A 385 -53.78 52.30 -14.37
CA HIS A 385 -53.98 53.57 -15.06
C HIS A 385 -54.08 54.77 -14.14
N HIS A 386 -53.59 54.63 -12.92
CA HIS A 386 -53.50 55.76 -11.99
C HIS A 386 -52.06 56.21 -11.81
N TYR A 387 -51.78 57.47 -12.09
CA TYR A 387 -50.42 57.96 -12.23
C TYR A 387 -49.97 58.83 -11.08
N LYS A 388 -50.79 58.94 -10.07
CA LYS A 388 -50.46 59.73 -8.90
C LYS A 388 -49.62 58.90 -7.95
N GLN A 389 -49.61 57.58 -8.16
CA GLN A 389 -48.99 56.71 -7.19
C GLN A 389 -47.48 56.87 -7.21
N VAL A 390 -46.88 57.03 -8.38
CA VAL A 390 -45.44 57.23 -8.46
C VAL A 390 -45.05 58.54 -7.77
N GLY A 391 -45.94 59.50 -7.80
CA GLY A 391 -45.72 60.75 -7.10
C GLY A 391 -45.62 60.52 -5.62
N TYR A 392 -46.58 59.78 -5.06
CA TYR A 392 -46.59 59.50 -3.62
C TYR A 392 -45.36 58.71 -3.20
N GLN A 393 -44.84 57.89 -4.10
CA GLN A 393 -43.66 57.10 -3.82
C GLN A 393 -42.45 58.01 -3.70
N LEU A 394 -42.35 58.97 -4.62
CA LEU A 394 -41.25 59.92 -4.65
C LEU A 394 -41.31 60.87 -3.47
N ALA A 395 -42.52 61.17 -3.00
CA ALA A 395 -42.70 62.05 -1.86
C ALA A 395 -42.22 61.35 -0.62
N GLY A 396 -42.44 60.05 -0.56
CA GLY A 396 -42.07 59.25 0.59
C GLY A 396 -40.58 59.01 0.61
N ILE A 397 -40.01 58.84 -0.58
CA ILE A 397 -38.58 58.67 -0.75
C ILE A 397 -37.82 59.92 -0.31
N CYS A 398 -38.28 61.09 -0.73
CA CYS A 398 -37.59 62.33 -0.41
C CYS A 398 -37.66 62.69 1.08
N ALA A 399 -38.77 62.37 1.73
CA ALA A 399 -38.93 62.68 3.14
C ALA A 399 -38.04 61.76 3.94
N ALA A 400 -38.05 60.48 3.61
CA ALA A 400 -37.23 59.48 4.27
C ALA A 400 -35.76 59.72 4.02
N LEU A 401 -35.44 60.21 2.83
CA LEU A 401 -34.06 60.42 2.44
C LEU A 401 -33.55 61.68 3.09
N ALA A 402 -34.35 62.74 3.07
CA ALA A 402 -33.95 64.04 3.62
C ALA A 402 -33.73 63.94 5.11
N TRP A 403 -34.57 63.16 5.78
CA TRP A 403 -34.53 63.04 7.23
C TRP A 403 -33.30 62.24 7.67
N THR A 404 -33.07 61.06 7.10
CA THR A 404 -31.97 60.22 7.55
C THR A 404 -30.60 60.80 7.19
N VAL A 405 -30.48 61.39 6.01
CA VAL A 405 -29.25 62.06 5.58
C VAL A 405 -28.93 63.28 6.44
N THR A 406 -29.96 64.01 6.86
CA THR A 406 -29.80 65.19 7.71
C THR A 406 -29.51 64.85 9.16
N VAL A 407 -30.33 63.98 9.75
CA VAL A 407 -30.24 63.66 11.16
C VAL A 407 -29.09 62.71 11.49
N THR A 408 -28.75 61.79 10.59
CA THR A 408 -27.60 60.92 10.83
C THR A 408 -26.32 61.73 10.87
N SER A 409 -26.23 62.72 9.98
CA SER A 409 -25.13 63.67 9.92
C SER A 409 -25.00 64.52 11.18
N ILE A 410 -26.09 65.13 11.60
CA ILE A 410 -26.11 65.86 12.87
C ILE A 410 -25.71 64.96 14.03
N LEU A 411 -26.18 63.72 14.00
CA LEU A 411 -25.94 62.77 15.08
C LEU A 411 -24.49 62.27 15.08
N LEU A 412 -23.97 61.98 13.89
CA LEU A 412 -22.59 61.53 13.75
C LEU A 412 -21.65 62.67 14.07
N LEU A 413 -21.93 63.86 13.54
CA LEU A 413 -21.08 65.01 13.77
C LEU A 413 -21.14 65.51 15.21
N THR A 414 -22.22 65.22 15.92
CA THR A 414 -22.32 65.60 17.33
C THR A 414 -21.46 64.72 18.19
N MET A 415 -21.76 63.42 18.15
CA MET A 415 -20.98 62.41 18.83
C MET A 415 -19.48 62.50 18.49
N ASN A 416 -19.17 62.80 17.24
CA ASN A 416 -17.80 62.92 16.80
C ASN A 416 -17.11 64.12 17.42
N ALA A 417 -17.79 64.85 18.30
CA ALA A 417 -17.18 66.00 18.95
C ALA A 417 -17.25 65.90 20.46
N ILE A 418 -17.53 64.70 20.95
CA ILE A 418 -17.42 64.40 22.36
C ILE A 418 -16.46 63.24 22.54
N PRO A 419 -15.26 63.52 23.05
CA PRO A 419 -14.14 62.57 23.04
C PRO A 419 -14.49 61.14 23.44
N PHE A 420 -15.45 60.98 24.35
CA PHE A 420 -15.69 59.66 24.92
C PHE A 420 -16.91 59.01 24.29
N LEU A 421 -17.49 59.69 23.30
CA LEU A 421 -18.62 59.16 22.57
C LEU A 421 -18.33 59.17 21.09
N LYS A 422 -17.14 59.60 20.73
CA LYS A 422 -16.68 59.57 19.36
C LYS A 422 -16.84 58.15 18.87
N LEU A 423 -17.60 57.97 17.80
CA LEU A 423 -17.82 56.64 17.25
C LEU A 423 -16.52 56.04 16.78
N ARG A 424 -15.79 56.79 15.97
CA ARG A 424 -14.58 56.33 15.32
C ARG A 424 -13.44 57.32 15.46
N LEU A 425 -12.39 56.90 16.16
CA LEU A 425 -11.18 57.69 16.34
C LEU A 425 -10.51 57.99 15.02
N SER A 426 -9.92 59.17 14.89
CA SER A 426 -9.16 59.53 13.69
C SER A 426 -7.82 58.85 13.73
N ALA A 427 -7.26 58.59 12.56
CA ALA A 427 -6.01 57.81 12.48
C ALA A 427 -4.85 58.46 13.21
N ASP A 428 -5.07 59.64 13.79
CA ASP A 428 -4.01 60.35 14.46
C ASP A 428 -4.09 60.27 15.98
N GLU A 429 -5.24 59.91 16.51
CA GLU A 429 -5.39 59.76 17.96
C GLU A 429 -5.40 58.29 18.32
N GLU A 430 -5.72 57.47 17.32
CA GLU A 430 -5.74 56.03 17.48
C GLU A 430 -4.38 55.50 17.86
N GLU A 431 -4.34 54.34 18.50
CA GLU A 431 -3.06 53.72 18.84
C GLU A 431 -2.55 52.94 17.65
N LEU A 432 -3.49 52.41 16.87
CA LEU A 432 -3.20 51.56 15.73
C LEU A 432 -2.36 50.35 16.16
N GLY A 433 -2.95 49.53 17.02
CA GLY A 433 -2.40 48.23 17.31
C GLY A 433 -2.87 47.29 16.21
N THR A 434 -1.96 46.94 15.31
CA THR A 434 -2.33 46.22 14.09
C THR A 434 -2.64 44.75 14.33
N ASP A 435 -3.01 44.41 15.56
CA ASP A 435 -3.30 43.02 15.92
C ASP A 435 -4.59 42.52 15.28
N ALA A 436 -4.59 42.48 13.95
CA ALA A 436 -5.70 41.90 13.20
C ALA A 436 -5.53 40.40 13.14
N ALA A 437 -4.56 39.90 13.90
CA ALA A 437 -4.19 38.49 13.88
C ALA A 437 -5.24 37.64 14.57
N GLN A 438 -6.10 38.28 15.36
CA GLN A 438 -7.10 37.56 16.12
C GLN A 438 -8.47 37.69 15.50
N ILE A 439 -8.55 38.48 14.44
CA ILE A 439 -9.80 38.64 13.72
C ILE A 439 -10.00 37.46 12.77
N GLY A 440 -10.95 36.60 13.11
CA GLY A 440 -11.14 35.36 12.37
C GLY A 440 -11.92 35.50 11.10
N GLU A 441 -12.51 34.41 10.64
CA GLU A 441 -13.31 34.46 9.43
C GLU A 441 -14.68 35.00 9.79
N PHE A 442 -15.23 34.44 10.86
CA PHE A 442 -16.55 34.77 11.37
C PHE A 442 -16.47 35.72 12.57
N THR A 443 -15.77 35.34 13.63
CA THR A 443 -15.62 36.21 14.80
C THR A 443 -14.17 36.41 15.25
N TYR A 444 -13.72 35.65 16.24
CA TYR A 444 -12.35 35.78 16.75
C TYR A 444 -11.65 34.42 16.92
N GLU A 445 -10.32 34.42 16.78
CA GLU A 445 -9.55 33.22 16.39
C GLU A 445 -9.66 31.98 17.29
N GLU A 446 -9.29 32.11 18.55
CA GLU A 446 -9.38 31.03 19.54
C GLU A 446 -8.78 31.47 20.84
N SER A 447 -9.52 31.30 21.93
CA SER A 447 -9.12 31.77 23.24
C SER A 447 -8.96 33.27 23.24
N THR A 448 -9.80 33.96 22.48
CA THR A 448 -9.60 35.37 22.18
C THR A 448 -10.12 36.31 23.25
N ALA A 449 -10.98 35.83 24.13
CA ALA A 449 -11.34 36.58 25.34
C ALA A 449 -11.95 37.96 25.13
N TYR A 450 -11.14 38.96 24.80
CA TYR A 450 -11.61 40.35 24.67
C TYR A 450 -11.65 40.85 23.24
N ILE A 451 -12.66 41.63 22.87
CA ILE A 451 -12.72 42.17 21.52
C ILE A 451 -11.71 43.29 21.45
N PRO A 452 -11.12 43.50 20.26
CA PRO A 452 -10.07 44.51 20.10
C PRO A 452 -10.55 45.94 19.86
N GLU A 453 -10.86 46.69 20.90
CA GLU A 453 -11.44 47.99 20.67
C GLU A 453 -10.33 48.99 20.46
N PRO A 454 -10.52 49.94 19.53
CA PRO A 454 -9.69 51.11 19.36
C PRO A 454 -9.20 51.76 20.66
N ILE A 455 -7.94 52.16 20.71
CA ILE A 455 -7.45 52.91 21.86
C ILE A 455 -6.60 54.08 21.43
N ARG A 456 -6.20 54.92 22.38
CA ARG A 456 -5.57 56.19 22.03
C ARG A 456 -4.30 56.48 22.83
N SER A 457 -3.30 57.03 22.16
CA SER A 457 -1.93 57.13 22.69
C SER A 457 -1.78 58.07 23.89
N SER B 2 -70.69 12.66 -0.52
CA SER B 2 -69.59 13.14 0.30
C SER B 2 -69.37 12.25 1.52
N TYR B 3 -68.20 12.41 2.15
CA TYR B 3 -67.85 11.62 3.32
C TYR B 3 -68.29 12.36 4.59
N ASN B 4 -68.90 11.63 5.51
CA ASN B 4 -69.31 12.22 6.78
C ASN B 4 -68.88 11.37 7.97
N PHE B 5 -68.87 11.98 9.16
CA PHE B 5 -68.40 11.31 10.37
C PHE B 5 -69.53 11.13 11.36
N THR B 6 -69.65 9.92 11.91
CA THR B 6 -70.76 9.61 12.82
C THR B 6 -70.32 8.93 14.11
N GLY B 7 -69.74 9.71 15.01
CA GLY B 7 -69.39 9.21 16.33
C GLY B 7 -68.72 10.30 17.14
N THR B 8 -69.01 10.34 18.44
CA THR B 8 -68.49 11.39 19.30
C THR B 8 -67.12 11.02 19.86
N PRO B 9 -66.21 12.01 19.98
CA PRO B 9 -64.91 11.73 20.60
C PRO B 9 -65.01 11.26 22.05
N THR B 10 -64.03 10.48 22.49
CA THR B 10 -64.05 9.84 23.79
C THR B 10 -63.60 10.73 24.94
N GLY B 11 -62.47 11.40 24.75
CA GLY B 11 -61.91 12.26 25.79
C GLY B 11 -61.16 11.39 26.78
N GLU B 12 -60.75 10.22 26.31
CA GLU B 12 -59.98 9.29 27.12
C GLU B 12 -59.26 8.30 26.21
N GLY B 13 -58.06 7.91 26.63
CA GLY B 13 -57.27 6.95 25.88
C GLY B 13 -56.80 7.52 24.56
N THR B 14 -57.18 6.87 23.48
CA THR B 14 -56.85 7.36 22.15
C THR B 14 -57.74 8.54 21.79
N GLY B 15 -58.79 8.74 22.59
CA GLY B 15 -59.65 9.90 22.44
C GLY B 15 -60.71 9.75 21.37
N GLY B 16 -60.65 8.65 20.64
CA GLY B 16 -61.65 8.38 19.64
C GLY B 16 -61.19 7.44 18.56
N ASN B 17 -62.15 6.99 17.75
CA ASN B 17 -61.91 6.15 16.61
C ASN B 17 -61.68 7.02 15.38
N SER B 18 -60.43 7.06 14.92
CA SER B 18 -60.04 7.90 13.79
C SER B 18 -60.95 7.76 12.57
N LEU B 19 -61.62 6.62 12.46
CA LEU B 19 -62.39 6.28 11.28
C LEU B 19 -63.87 6.63 11.38
N THR B 20 -64.32 6.92 12.60
CA THR B 20 -65.72 7.29 12.81
C THR B 20 -65.84 8.52 13.70
N THR B 21 -64.75 9.26 13.84
CA THR B 21 -64.75 10.47 14.65
C THR B 21 -63.70 11.45 14.18
N ASP B 22 -64.12 12.60 13.66
CA ASP B 22 -63.17 13.64 13.34
C ASP B 22 -62.61 14.14 14.66
N LEU B 23 -61.42 13.66 15.00
CA LEU B 23 -60.86 13.93 16.31
C LEU B 23 -60.47 15.38 16.43
N ASN B 24 -60.23 16.00 15.28
CA ASN B 24 -59.80 17.38 15.19
C ASN B 24 -60.80 18.38 15.73
N THR B 25 -62.07 17.98 15.80
CA THR B 25 -63.10 18.94 16.14
C THR B 25 -63.08 19.35 17.60
N GLN B 26 -62.11 18.90 18.35
CA GLN B 26 -62.03 19.26 19.77
C GLN B 26 -60.98 20.31 19.95
N PHE B 27 -60.24 20.58 18.88
CA PHE B 27 -59.06 21.45 18.90
C PHE B 27 -59.13 22.49 17.81
N ASP B 28 -58.50 23.63 18.05
CA ASP B 28 -58.41 24.67 17.05
C ASP B 28 -57.22 24.45 16.14
N LEU B 29 -57.46 24.40 14.83
CA LEU B 29 -56.39 24.23 13.86
C LEU B 29 -55.32 25.31 13.95
N ALA B 30 -55.64 26.43 14.56
CA ALA B 30 -54.70 27.53 14.66
C ALA B 30 -53.81 27.35 15.87
N ASN B 31 -54.35 26.78 16.93
CA ASN B 31 -53.60 26.38 18.09
C ASN B 31 -52.65 25.26 17.77
N MET B 32 -53.10 24.33 16.95
CA MET B 32 -52.30 23.15 16.68
C MET B 32 -51.19 23.53 15.73
N GLY B 33 -51.52 24.30 14.70
CA GLY B 33 -50.52 24.69 13.71
C GLY B 33 -49.39 25.55 14.23
N TRP B 34 -49.53 26.07 15.44
CA TRP B 34 -48.53 26.96 16.01
C TRP B 34 -47.62 26.17 16.91
N ILE B 35 -48.19 25.22 17.66
CA ILE B 35 -47.38 24.36 18.52
C ILE B 35 -46.68 23.33 17.66
N GLY B 36 -47.17 23.11 16.44
CA GLY B 36 -46.50 22.23 15.51
C GLY B 36 -45.21 22.85 15.01
N VAL B 37 -45.28 24.09 14.55
CA VAL B 37 -44.09 24.80 14.12
C VAL B 37 -43.24 25.16 15.34
N ALA B 38 -43.86 25.39 16.48
CA ALA B 38 -43.09 25.69 17.68
C ALA B 38 -42.23 24.50 18.06
N SER B 39 -42.65 23.30 17.68
CA SER B 39 -41.90 22.10 17.96
C SER B 39 -40.57 22.09 17.25
N ALA B 40 -40.64 22.18 15.93
CA ALA B 40 -39.47 22.24 15.08
C ALA B 40 -38.56 23.38 15.50
N GLY B 41 -39.14 24.43 16.05
CA GLY B 41 -38.32 25.53 16.53
C GLY B 41 -37.58 25.17 17.78
N VAL B 42 -38.26 24.52 18.72
CA VAL B 42 -37.63 24.12 19.97
C VAL B 42 -36.49 23.17 19.69
N TRP B 43 -36.62 22.38 18.63
CA TRP B 43 -35.61 21.39 18.36
C TRP B 43 -34.29 21.99 17.91
N ILE B 44 -34.32 23.08 17.15
CA ILE B 44 -33.09 23.71 16.67
C ILE B 44 -32.24 24.26 17.82
N MET B 45 -32.66 24.04 19.06
CA MET B 45 -31.90 24.47 20.23
C MET B 45 -30.89 23.41 20.62
N VAL B 46 -31.15 22.17 20.27
CA VAL B 46 -30.26 21.07 20.64
C VAL B 46 -28.86 21.27 20.06
N PRO B 47 -28.73 21.56 18.74
CA PRO B 47 -27.37 21.83 18.30
C PRO B 47 -26.91 23.21 18.70
N GLY B 48 -27.82 24.07 19.12
CA GLY B 48 -27.41 25.36 19.60
C GLY B 48 -26.71 25.19 20.92
N ILE B 49 -27.20 24.24 21.72
CA ILE B 49 -26.60 23.95 23.01
C ILE B 49 -25.27 23.25 22.80
N GLY B 50 -25.19 22.43 21.76
CA GLY B 50 -23.95 21.83 21.38
C GLY B 50 -22.96 22.93 21.08
N LEU B 51 -23.28 23.76 20.09
CA LEU B 51 -22.40 24.83 19.67
C LEU B 51 -22.00 25.75 20.82
N LEU B 52 -22.95 26.21 21.62
CA LEU B 52 -22.66 27.21 22.65
C LEU B 52 -21.70 26.74 23.71
N TYR B 53 -21.80 25.47 24.11
CA TYR B 53 -20.95 24.94 25.18
C TYR B 53 -19.68 24.27 24.66
N SER B 54 -19.70 23.76 23.44
CA SER B 54 -18.48 23.30 22.79
C SER B 54 -17.54 24.47 22.62
N GLY B 55 -18.09 25.62 22.27
CA GLY B 55 -17.28 26.77 21.95
C GLY B 55 -16.96 27.68 23.11
N LEU B 56 -17.60 27.44 24.24
CA LEU B 56 -17.43 28.30 25.38
C LEU B 56 -16.40 27.70 26.29
N SER B 57 -16.09 26.44 26.02
CA SER B 57 -15.22 25.62 26.86
C SER B 57 -13.79 26.07 26.89
N ARG B 58 -13.20 26.08 28.07
CA ARG B 58 -11.79 26.38 28.24
C ARG B 58 -10.96 25.12 28.05
N LYS B 59 -11.50 24.16 27.30
CA LYS B 59 -10.89 22.86 27.10
C LYS B 59 -11.26 22.27 25.76
N LYS B 60 -10.32 21.69 25.04
CA LYS B 60 -10.70 20.90 23.88
C LYS B 60 -11.43 19.63 24.33
N HIS B 61 -12.65 19.43 23.85
CA HIS B 61 -13.38 18.22 24.17
C HIS B 61 -13.16 17.17 23.09
N ALA B 62 -12.87 15.95 23.49
CA ALA B 62 -12.67 14.84 22.56
C ALA B 62 -13.95 14.58 21.79
N LEU B 63 -15.06 14.56 22.53
CA LEU B 63 -16.39 14.45 21.95
C LEU B 63 -16.91 15.81 21.58
N SER B 64 -16.93 16.12 20.29
CA SER B 64 -17.53 17.34 19.82
C SER B 64 -18.96 17.41 20.28
N LEU B 65 -19.28 18.43 21.05
CA LEU B 65 -20.63 18.63 21.54
C LEU B 65 -21.64 18.89 20.43
N LEU B 66 -21.22 19.58 19.37
CA LEU B 66 -22.10 19.83 18.24
C LEU B 66 -22.38 18.52 17.53
N TRP B 67 -21.38 17.65 17.46
CA TRP B 67 -21.58 16.33 16.85
C TRP B 67 -22.52 15.55 17.72
N ALA B 68 -22.24 15.58 19.02
CA ALA B 68 -22.90 14.73 19.99
C ALA B 68 -24.31 15.14 20.28
N SER B 69 -24.78 16.18 19.60
CA SER B 69 -26.11 16.69 19.86
C SER B 69 -27.15 16.01 18.99
N MET B 70 -26.71 15.46 17.85
CA MET B 70 -27.58 14.63 17.02
C MET B 70 -27.70 13.27 17.65
N MET B 71 -26.77 12.96 18.54
CA MET B 71 -26.81 11.70 19.26
C MET B 71 -27.73 11.91 20.43
N ALA B 72 -27.75 13.13 20.95
CA ALA B 72 -28.61 13.46 22.08
C ALA B 72 -30.04 13.68 21.62
N SER B 73 -30.20 13.98 20.33
CA SER B 73 -31.54 14.02 19.75
C SER B 73 -32.08 12.63 19.58
N ALA B 74 -31.26 11.72 19.06
CA ALA B 74 -31.72 10.41 18.66
C ALA B 74 -32.04 9.49 19.83
N VAL B 75 -31.34 9.60 20.94
CA VAL B 75 -31.62 8.70 22.06
C VAL B 75 -32.70 9.29 22.94
N CYS B 76 -33.00 10.58 22.76
CA CYS B 76 -34.06 11.22 23.54
C CYS B 76 -35.40 11.09 22.82
N ILE B 77 -35.40 11.26 21.50
CA ILE B 77 -36.56 11.01 20.66
C ILE B 77 -37.02 9.58 20.86
N PHE B 78 -36.06 8.66 20.89
CA PHE B 78 -36.39 7.25 21.03
C PHE B 78 -36.81 6.91 22.44
N GLN B 79 -36.20 7.54 23.43
CA GLN B 79 -36.62 7.31 24.79
C GLN B 79 -37.97 7.93 25.03
N TRP B 80 -38.28 9.02 24.32
CA TRP B 80 -39.59 9.64 24.46
C TRP B 80 -40.62 8.69 23.88
N PHE B 81 -40.39 8.19 22.68
CA PHE B 81 -41.28 7.21 22.07
C PHE B 81 -41.38 5.91 22.84
N PHE B 82 -40.30 5.50 23.49
CA PHE B 82 -40.27 4.20 24.16
C PHE B 82 -41.20 4.21 25.35
N TRP B 83 -40.98 5.14 26.26
CA TRP B 83 -41.88 5.31 27.37
C TRP B 83 -41.76 6.68 28.01
N GLY B 84 -41.17 7.60 27.28
CA GLY B 84 -40.89 8.93 27.81
C GLY B 84 -42.13 9.76 28.01
N TYR B 85 -42.96 9.82 26.97
CA TYR B 85 -44.19 10.62 27.03
C TYR B 85 -45.09 9.98 28.05
N SER B 86 -44.99 8.66 28.14
CA SER B 86 -45.81 7.89 29.06
C SER B 86 -45.50 8.18 30.52
N LEU B 87 -44.23 8.11 30.90
CA LEU B 87 -43.86 8.27 32.30
C LEU B 87 -44.04 9.69 32.82
N ALA B 88 -44.08 10.64 31.92
CA ALA B 88 -44.13 12.04 32.32
C ALA B 88 -45.53 12.60 32.23
N PHE B 89 -46.27 12.20 31.20
CA PHE B 89 -47.50 12.90 30.87
C PHE B 89 -48.76 12.05 30.76
N SER B 90 -48.70 10.79 31.16
CA SER B 90 -49.88 9.92 31.07
C SER B 90 -51.05 10.49 31.85
N HIS B 91 -52.25 10.17 31.42
CA HIS B 91 -53.43 10.78 31.97
C HIS B 91 -53.66 10.34 33.41
N ASN B 92 -53.29 9.09 33.71
CA ASN B 92 -53.33 8.56 35.08
C ASN B 92 -51.96 8.53 35.71
N THR B 93 -51.82 9.04 36.92
CA THR B 93 -50.54 8.97 37.61
C THR B 93 -50.52 7.87 38.68
N ARG B 94 -49.33 7.48 39.10
CA ARG B 94 -49.19 6.48 40.15
C ARG B 94 -48.99 7.16 41.49
N GLY B 95 -50.11 7.38 42.18
CA GLY B 95 -50.08 7.76 43.58
C GLY B 95 -49.50 9.11 43.86
N ASN B 96 -50.35 10.03 44.30
CA ASN B 96 -49.99 11.40 44.66
C ASN B 96 -49.72 12.26 43.44
N GLY B 97 -49.49 11.63 42.30
CA GLY B 97 -49.05 12.33 41.10
C GLY B 97 -47.53 12.44 41.11
N PHE B 98 -46.87 11.29 41.23
CA PHE B 98 -45.43 11.24 41.36
C PHE B 98 -44.80 10.73 40.08
N ILE B 99 -45.45 9.78 39.43
CA ILE B 99 -45.01 9.35 38.12
C ILE B 99 -46.19 8.82 37.35
N GLY B 100 -46.06 8.73 36.05
CA GLY B 100 -47.15 8.28 35.21
C GLY B 100 -47.11 6.79 35.04
N THR B 101 -48.16 6.24 34.48
CA THR B 101 -48.21 4.82 34.22
C THR B 101 -47.54 4.56 32.91
N LEU B 102 -47.54 3.33 32.44
CA LEU B 102 -46.93 3.00 31.16
C LEU B 102 -47.98 2.80 30.10
N GLU B 103 -49.06 3.58 30.16
CA GLU B 103 -50.16 3.41 29.23
C GLU B 103 -49.80 3.88 27.83
N PHE B 104 -48.82 4.77 27.73
CA PHE B 104 -48.37 5.29 26.44
C PHE B 104 -47.05 4.67 25.98
N PHE B 105 -46.71 3.50 26.52
CA PHE B 105 -45.52 2.78 26.08
C PHE B 105 -45.54 2.52 24.59
N GLY B 106 -44.49 2.90 23.89
CA GLY B 106 -44.39 2.65 22.47
C GLY B 106 -45.40 3.47 21.70
N PHE B 107 -45.79 4.59 22.29
CA PHE B 107 -46.78 5.49 21.71
C PHE B 107 -48.03 4.73 21.31
N ARG B 108 -48.34 3.69 22.09
CA ARG B 108 -49.60 3.00 21.93
C ARG B 108 -50.64 3.97 22.47
N ASN B 109 -51.76 4.07 21.76
CA ASN B 109 -52.88 4.89 22.20
C ASN B 109 -52.53 6.35 22.39
N VAL B 110 -51.96 6.97 21.37
CA VAL B 110 -51.72 8.39 21.43
C VAL B 110 -52.18 9.05 20.16
N LEU B 111 -53.26 9.83 20.29
CA LEU B 111 -53.68 10.83 19.33
C LEU B 111 -54.94 11.51 19.83
N GLY B 112 -55.58 12.27 18.94
CA GLY B 112 -56.77 13.06 19.20
C GLY B 112 -57.50 13.05 20.54
N ALA B 113 -56.77 13.10 21.64
CA ALA B 113 -57.37 13.16 22.96
C ALA B 113 -56.77 14.31 23.74
N PRO B 114 -57.59 15.09 24.42
CA PRO B 114 -57.05 16.28 25.10
C PRO B 114 -55.95 15.91 26.06
N SER B 115 -54.77 16.49 25.86
CA SER B 115 -53.63 16.22 26.70
C SER B 115 -53.69 16.97 28.01
N SER B 116 -52.53 17.28 28.57
CA SER B 116 -52.48 17.93 29.86
C SER B 116 -52.56 19.42 29.66
N VAL B 117 -52.34 19.83 28.42
CA VAL B 117 -52.78 21.13 27.95
C VAL B 117 -53.88 20.82 26.94
N SER B 118 -55.09 21.15 27.32
CA SER B 118 -56.28 20.62 26.68
C SER B 118 -56.55 21.18 25.30
N SER B 119 -55.83 22.24 24.94
CA SER B 119 -56.03 22.88 23.65
C SER B 119 -55.31 22.14 22.56
N LEU B 120 -54.55 21.13 22.96
CA LEU B 120 -53.69 20.35 22.09
C LEU B 120 -53.98 18.88 22.25
N PRO B 121 -53.99 18.13 21.15
CA PRO B 121 -54.20 16.69 21.24
C PRO B 121 -53.05 15.99 21.96
N ASP B 122 -53.09 14.66 21.97
CA ASP B 122 -52.01 13.92 22.59
C ASP B 122 -50.79 13.88 21.69
N ILE B 123 -51.00 13.54 20.44
CA ILE B 123 -49.90 13.34 19.52
C ILE B 123 -49.13 14.62 19.27
N LEU B 124 -49.78 15.78 19.37
CA LEU B 124 -49.07 17.04 19.14
C LEU B 124 -48.38 17.56 20.39
N PHE B 125 -49.01 17.38 21.54
CA PHE B 125 -48.41 17.76 22.80
C PHE B 125 -47.24 16.84 23.09
N ALA B 126 -47.23 15.68 22.46
CA ALA B 126 -46.13 14.75 22.67
C ALA B 126 -44.99 15.12 21.75
N VAL B 127 -45.30 15.56 20.54
CA VAL B 127 -44.27 16.00 19.61
C VAL B 127 -43.62 17.24 20.18
N TYR B 128 -44.43 18.16 20.67
CA TYR B 128 -43.91 19.40 21.20
C TYR B 128 -43.07 19.19 22.44
N GLN B 129 -43.61 18.43 23.39
CA GLN B 129 -42.94 18.18 24.66
C GLN B 129 -41.77 17.23 24.50
N GLY B 130 -41.73 16.54 23.36
CA GLY B 130 -40.66 15.61 23.07
C GLY B 130 -39.38 16.38 22.88
N MET B 131 -39.50 17.55 22.28
CA MET B 131 -38.37 18.43 22.01
C MET B 131 -37.81 19.04 23.26
N PHE B 132 -38.61 19.16 24.31
CA PHE B 132 -38.11 19.71 25.57
C PHE B 132 -37.22 18.69 26.25
N ALA B 133 -37.50 17.43 25.97
CA ALA B 133 -36.69 16.34 26.45
C ALA B 133 -35.35 16.44 25.78
N ALA B 134 -35.34 16.39 24.46
CA ALA B 134 -34.11 16.48 23.67
C ALA B 134 -33.29 17.74 23.94
N VAL B 135 -33.89 18.74 24.56
CA VAL B 135 -33.16 19.96 24.90
C VAL B 135 -32.45 19.79 26.23
N THR B 136 -33.11 19.08 27.17
CA THR B 136 -32.47 18.76 28.45
C THR B 136 -31.41 17.68 28.32
N GLY B 137 -31.61 16.76 27.37
CA GLY B 137 -30.62 15.76 27.05
C GLY B 137 -29.34 16.44 26.60
N ALA B 138 -29.47 17.39 25.69
CA ALA B 138 -28.31 18.14 25.22
C ALA B 138 -27.63 18.97 26.30
N LEU B 139 -28.34 19.35 27.36
CA LEU B 139 -27.73 20.17 28.39
C LEU B 139 -27.00 19.29 29.37
N MET B 140 -27.48 18.06 29.49
CA MET B 140 -26.90 17.12 30.41
C MET B 140 -25.61 16.61 29.77
N LEU B 141 -25.67 16.43 28.46
CA LEU B 141 -24.50 16.18 27.64
C LEU B 141 -23.40 17.18 27.96
N GLY B 142 -23.59 18.42 27.52
CA GLY B 142 -22.57 19.45 27.64
C GLY B 142 -21.89 19.61 28.98
N GLY B 143 -22.54 19.15 30.04
CA GLY B 143 -22.03 19.34 31.36
C GLY B 143 -21.24 18.13 31.75
N ALA B 144 -21.58 17.02 31.10
CA ALA B 144 -20.99 15.73 31.39
C ALA B 144 -20.32 15.09 30.17
N CYS B 145 -19.40 15.80 29.52
CA CYS B 145 -18.87 15.27 28.27
C CYS B 145 -17.36 15.24 28.14
N GLU B 146 -16.61 15.82 29.08
CA GLU B 146 -15.15 15.75 28.96
C GLU B 146 -14.71 14.32 29.10
N ARG B 147 -13.84 13.89 28.19
CA ARG B 147 -13.31 12.53 28.17
C ARG B 147 -14.42 11.49 28.23
N ALA B 148 -15.61 11.85 27.78
CA ALA B 148 -16.73 10.96 27.87
C ALA B 148 -16.66 9.90 26.78
N ARG B 149 -17.11 8.69 27.11
CA ARG B 149 -17.17 7.61 26.14
C ARG B 149 -18.57 7.60 25.54
N LEU B 150 -18.67 7.38 24.24
CA LEU B 150 -19.94 7.61 23.54
C LEU B 150 -21.03 6.62 23.92
N PHE B 151 -20.70 5.36 24.17
CA PHE B 151 -21.76 4.40 24.47
C PHE B 151 -22.19 4.38 25.92
N PRO B 152 -21.28 4.63 26.87
CA PRO B 152 -21.88 4.88 28.17
C PRO B 152 -22.73 6.15 28.16
N MET B 153 -22.36 7.14 27.36
CA MET B 153 -23.06 8.42 27.31
C MET B 153 -24.44 8.26 26.74
N MET B 154 -24.61 7.35 25.77
CA MET B 154 -25.95 7.01 25.29
C MET B 154 -26.75 6.44 26.44
N VAL B 155 -26.25 5.36 27.02
CA VAL B 155 -26.91 4.71 28.14
C VAL B 155 -27.19 5.69 29.30
N PHE B 156 -26.31 6.67 29.51
CA PHE B 156 -26.52 7.62 30.60
C PHE B 156 -27.70 8.53 30.34
N LEU B 157 -27.79 9.09 29.14
CA LEU B 157 -28.90 9.97 28.79
C LEU B 157 -30.18 9.22 29.02
N PHE B 158 -30.37 8.15 28.26
CA PHE B 158 -31.56 7.31 28.35
C PHE B 158 -31.98 7.05 29.78
N LEU B 159 -31.04 6.77 30.67
CA LEU B 159 -31.40 6.45 32.04
C LEU B 159 -31.70 7.73 32.79
N TRP B 160 -30.91 8.74 32.57
CA TRP B 160 -31.07 9.99 33.29
C TRP B 160 -32.40 10.60 32.92
N MET B 161 -32.72 10.50 31.64
CA MET B 161 -33.95 11.03 31.08
C MET B 161 -35.20 10.27 31.53
N THR B 162 -35.02 9.06 32.05
CA THR B 162 -36.13 8.24 32.49
C THR B 162 -36.37 8.40 33.98
N ILE B 163 -35.31 8.43 34.77
CA ILE B 163 -35.50 8.43 36.21
C ILE B 163 -35.26 9.81 36.83
N VAL B 164 -34.81 10.78 36.05
CA VAL B 164 -34.71 12.16 36.57
C VAL B 164 -35.59 13.18 35.86
N TYR B 165 -35.53 13.25 34.54
CA TYR B 165 -36.32 14.24 33.83
C TYR B 165 -37.80 13.95 33.97
N CYS B 166 -38.23 12.78 33.51
CA CYS B 166 -39.65 12.45 33.47
C CYS B 166 -40.39 12.48 34.82
N PRO B 167 -39.77 12.02 35.91
CA PRO B 167 -40.52 12.23 37.15
C PRO B 167 -40.70 13.70 37.50
N ILE B 168 -39.68 14.53 37.33
CA ILE B 168 -39.83 15.93 37.66
C ILE B 168 -40.72 16.61 36.64
N ALA B 169 -40.81 16.02 35.44
CA ALA B 169 -41.67 16.56 34.40
C ALA B 169 -43.10 16.35 34.79
N CYS B 170 -43.44 15.14 35.21
CA CYS B 170 -44.79 14.82 35.67
C CYS B 170 -45.18 15.63 36.89
N TRP B 171 -44.25 15.95 37.77
CA TRP B 171 -44.58 16.73 38.95
C TRP B 171 -45.13 18.10 38.62
N VAL B 172 -44.62 18.68 37.53
CA VAL B 172 -44.77 20.10 37.27
C VAL B 172 -45.67 20.38 36.07
N TRP B 173 -45.76 19.43 35.15
CA TRP B 173 -46.52 19.65 33.94
C TRP B 173 -47.67 18.68 33.70
N ASN B 174 -47.64 17.50 34.31
CA ASN B 174 -48.78 16.61 34.20
C ASN B 174 -49.99 17.27 34.83
N ALA B 175 -51.16 17.06 34.23
CA ALA B 175 -52.38 17.62 34.78
C ALA B 175 -52.54 17.20 36.22
N GLU B 176 -52.13 15.96 36.52
CA GLU B 176 -52.34 15.38 37.83
C GLU B 176 -51.15 15.50 38.77
N GLY B 177 -50.04 16.05 38.29
CA GLY B 177 -48.80 16.11 39.05
C GLY B 177 -48.94 16.80 40.38
N TRP B 178 -48.10 16.45 41.34
CA TRP B 178 -48.29 16.92 42.70
C TRP B 178 -47.74 18.31 42.93
N LEU B 179 -46.83 18.75 42.07
CA LEU B 179 -46.25 20.08 42.22
C LEU B 179 -47.16 21.07 41.55
N VAL B 180 -47.98 20.60 40.63
CA VAL B 180 -49.01 21.44 40.05
C VAL B 180 -50.01 21.83 41.12
N LYS B 181 -50.52 20.83 41.84
CA LYS B 181 -51.51 21.03 42.89
C LYS B 181 -51.01 21.92 44.01
N LEU B 182 -49.73 21.83 44.33
CA LEU B 182 -49.15 22.60 45.42
C LEU B 182 -49.27 24.10 45.14
N GLY B 183 -49.11 24.48 43.87
CA GLY B 183 -49.16 25.86 43.47
C GLY B 183 -47.91 26.35 42.77
N SER B 184 -47.01 25.42 42.47
CA SER B 184 -45.74 25.73 41.81
C SER B 184 -45.95 26.17 40.39
N LEU B 185 -45.37 27.30 40.02
CA LEU B 185 -45.52 27.82 38.69
C LEU B 185 -44.23 27.67 37.91
N ASP B 186 -44.33 27.06 36.74
CA ASP B 186 -43.20 26.93 35.86
C ASP B 186 -43.66 26.89 34.42
N TYR B 187 -43.63 28.04 33.78
CA TYR B 187 -44.16 28.22 32.45
C TYR B 187 -43.60 27.25 31.43
N ALA B 188 -42.29 27.27 31.25
CA ALA B 188 -41.66 26.58 30.15
C ALA B 188 -40.40 25.78 30.51
N GLY B 189 -40.11 25.60 31.79
CA GLY B 189 -39.07 24.66 32.17
C GLY B 189 -37.94 25.15 33.03
N GLY B 190 -38.18 26.15 33.85
CA GLY B 190 -37.12 26.69 34.69
C GLY B 190 -36.82 25.75 35.82
N LEU B 191 -37.66 24.73 35.95
CA LEU B 191 -37.59 23.70 36.98
C LEU B 191 -37.29 22.39 36.28
N CYS B 192 -38.07 22.06 35.28
CA CYS B 192 -37.93 20.84 34.52
C CYS B 192 -36.66 20.76 33.68
N VAL B 193 -36.26 21.87 33.07
CA VAL B 193 -35.18 21.83 32.09
C VAL B 193 -33.85 22.38 32.58
N HIS B 194 -33.87 23.53 33.24
CA HIS B 194 -32.64 24.25 33.52
C HIS B 194 -32.05 23.90 34.85
N LEU B 195 -32.89 23.73 35.84
CA LEU B 195 -32.43 23.39 37.17
C LEU B 195 -31.99 21.92 37.23
N THR B 196 -32.59 21.07 36.42
CA THR B 196 -32.26 19.65 36.47
C THR B 196 -31.00 19.31 35.68
N SER B 197 -30.86 19.81 34.47
CA SER B 197 -29.67 19.57 33.68
C SER B 197 -28.51 20.36 34.26
N GLY B 198 -28.82 21.48 34.87
CA GLY B 198 -27.80 22.34 35.41
C GLY B 198 -27.19 21.71 36.64
N HIS B 199 -27.99 20.98 37.39
CA HIS B 199 -27.54 20.39 38.63
C HIS B 199 -27.02 18.96 38.42
N GLY B 200 -27.25 18.43 37.24
CA GLY B 200 -26.63 17.18 36.85
C GLY B 200 -25.24 17.52 36.32
N GLY B 201 -25.04 18.79 36.03
CA GLY B 201 -23.71 19.30 35.73
C GLY B 201 -22.91 19.37 37.00
N LEU B 202 -23.46 20.01 38.02
CA LEU B 202 -22.81 20.11 39.33
C LEU B 202 -22.49 18.75 39.90
N VAL B 203 -23.45 17.85 39.82
CA VAL B 203 -23.27 16.50 40.32
C VAL B 203 -22.15 15.82 39.55
N TYR B 204 -22.06 16.08 38.25
CA TYR B 204 -20.93 15.58 37.47
C TYR B 204 -19.61 16.17 37.96
N ALA B 205 -19.53 17.49 38.08
CA ALA B 205 -18.29 18.12 38.51
C ALA B 205 -17.77 17.61 39.84
N LEU B 206 -18.67 17.21 40.73
CA LEU B 206 -18.25 16.81 42.07
C LEU B 206 -17.94 15.33 42.17
N ILE B 207 -18.56 14.51 41.33
CA ILE B 207 -18.34 13.08 41.37
C ILE B 207 -17.28 12.68 40.34
N LEU B 208 -17.50 12.98 39.07
CA LEU B 208 -16.45 12.80 38.07
C LEU B 208 -15.81 14.14 37.77
N GLY B 209 -15.09 14.25 36.66
CA GLY B 209 -14.55 15.55 36.28
C GLY B 209 -13.38 16.03 37.10
N LYS B 210 -12.37 16.55 36.41
CA LYS B 210 -11.04 16.83 36.97
C LYS B 210 -11.06 17.64 38.24
N ARG B 211 -10.63 17.02 39.34
CA ARG B 211 -10.49 17.75 40.59
C ARG B 211 -9.19 18.53 40.48
N ASN B 212 -9.09 19.63 41.21
CA ASN B 212 -7.96 20.54 41.09
C ASN B 212 -7.53 20.78 39.65
N ASP B 213 -8.49 21.12 38.80
CA ASP B 213 -8.27 21.41 37.39
C ASP B 213 -7.31 22.57 37.24
N PRO B 214 -6.29 22.43 36.38
CA PRO B 214 -5.35 23.52 36.20
C PRO B 214 -5.92 24.76 35.51
N VAL B 215 -7.09 24.71 34.89
CA VAL B 215 -7.62 25.91 34.25
C VAL B 215 -8.16 26.90 35.25
N THR B 216 -8.14 26.54 36.53
CA THR B 216 -8.82 27.30 37.55
C THR B 216 -7.92 27.90 38.63
N ARG B 217 -6.63 28.05 38.35
CA ARG B 217 -5.69 28.55 39.36
C ARG B 217 -5.72 30.06 39.46
N LYS B 218 -5.54 30.60 40.68
CA LYS B 218 -5.47 32.05 40.88
C LYS B 218 -4.54 32.70 39.87
N GLY B 219 -5.06 33.63 39.09
CA GLY B 219 -4.26 34.30 38.08
C GLY B 219 -4.55 33.77 36.69
N MET B 220 -5.15 32.60 36.62
CA MET B 220 -5.58 32.01 35.37
C MET B 220 -6.90 32.67 34.96
N PRO B 221 -7.10 32.94 33.64
CA PRO B 221 -8.20 33.75 33.13
C PRO B 221 -9.59 33.12 33.26
N LYS B 222 -10.61 33.93 33.43
CA LYS B 222 -11.97 33.44 33.63
C LYS B 222 -12.61 32.92 32.35
N TYR B 223 -12.55 33.71 31.29
CA TYR B 223 -13.06 33.32 29.99
C TYR B 223 -11.88 33.04 29.09
N LYS B 224 -12.05 32.09 28.17
CA LYS B 224 -10.99 31.65 27.27
C LYS B 224 -11.61 30.65 26.31
N PRO B 225 -12.52 31.13 25.45
CA PRO B 225 -13.36 30.27 24.64
C PRO B 225 -12.66 29.48 23.55
N HIS B 226 -12.91 28.18 23.51
CA HIS B 226 -12.45 27.32 22.42
C HIS B 226 -12.81 27.90 21.07
N SER B 227 -14.01 28.46 20.97
CA SER B 227 -14.48 29.02 19.72
C SER B 227 -15.54 30.05 19.95
N VAL B 228 -15.27 31.30 19.61
CA VAL B 228 -16.25 32.37 19.79
C VAL B 228 -17.37 32.28 18.78
N THR B 229 -17.05 32.00 17.53
CA THR B 229 -18.05 31.73 16.50
C THR B 229 -19.04 30.67 16.93
N SER B 230 -18.54 29.64 17.60
CA SER B 230 -19.38 28.55 18.02
C SER B 230 -20.31 29.04 19.12
N VAL B 231 -19.81 29.88 20.01
CA VAL B 231 -20.66 30.49 21.02
C VAL B 231 -21.74 31.32 20.32
N VAL B 232 -21.36 32.19 19.39
CA VAL B 232 -22.33 33.10 18.76
C VAL B 232 -23.34 32.39 17.86
N LEU B 233 -22.92 31.45 17.03
CA LEU B 233 -23.91 30.71 16.26
C LEU B 233 -24.70 29.83 17.20
N GLY B 234 -24.20 29.64 18.40
CA GLY B 234 -24.90 28.83 19.37
C GLY B 234 -26.03 29.65 19.91
N THR B 235 -25.74 30.91 20.21
CA THR B 235 -26.71 31.84 20.76
C THR B 235 -27.76 32.21 19.73
N VAL B 236 -27.36 32.35 18.47
CA VAL B 236 -28.28 32.59 17.37
C VAL B 236 -29.34 31.50 17.31
N PHE B 237 -28.95 30.24 17.30
CA PHE B 237 -29.91 29.14 17.26
C PHE B 237 -30.74 29.13 18.51
N LEU B 238 -30.09 29.25 19.65
CA LEU B 238 -30.76 29.14 20.93
C LEU B 238 -31.80 30.24 21.16
N TRP B 239 -31.51 31.46 20.72
CA TRP B 239 -32.41 32.58 20.93
C TRP B 239 -33.57 32.51 19.97
N PHE B 240 -33.34 31.89 18.82
CA PHE B 240 -34.29 31.91 17.72
C PHE B 240 -35.69 31.33 17.97
N GLY B 241 -35.88 30.06 18.31
CA GLY B 241 -35.04 29.25 19.15
C GLY B 241 -35.88 29.23 20.42
N TRP B 242 -35.49 30.06 21.37
CA TRP B 242 -36.14 30.15 22.67
C TRP B 242 -37.50 30.79 22.53
N MET B 243 -37.74 31.44 21.41
CA MET B 243 -39.00 32.15 21.22
C MET B 243 -40.16 31.20 21.04
N PHE B 244 -39.93 30.02 20.45
CA PHE B 244 -40.98 29.01 20.35
C PHE B 244 -41.02 28.16 21.63
N PHE B 245 -39.87 28.06 22.28
CA PHE B 245 -39.72 27.37 23.56
C PHE B 245 -40.66 28.00 24.57
N ASN B 246 -40.56 29.32 24.73
CA ASN B 246 -41.47 30.07 25.61
C ASN B 246 -42.84 30.37 25.01
N GLY B 247 -42.89 30.60 23.71
CA GLY B 247 -44.12 31.06 23.10
C GLY B 247 -45.15 29.97 22.98
N GLY B 248 -44.69 28.74 22.89
CA GLY B 248 -45.58 27.62 22.66
C GLY B 248 -46.00 26.97 23.94
N SER B 249 -45.40 27.42 25.03
CA SER B 249 -45.67 26.85 26.33
C SER B 249 -46.99 27.34 26.84
N ALA B 250 -47.55 28.31 26.13
CA ALA B 250 -48.87 28.83 26.41
C ALA B 250 -49.91 27.85 25.93
N GLY B 251 -49.49 26.92 25.08
CA GLY B 251 -50.34 25.85 24.60
C GLY B 251 -51.32 26.30 23.54
N ASN B 252 -51.36 27.59 23.29
CA ASN B 252 -52.29 28.16 22.34
C ASN B 252 -51.73 29.40 21.66
N ALA B 253 -52.45 29.95 20.70
CA ALA B 253 -51.99 31.13 19.98
C ALA B 253 -52.56 32.45 20.53
N THR B 254 -53.03 32.47 21.77
CA THR B 254 -53.70 33.64 22.30
C THR B 254 -52.73 34.76 22.58
N ILE B 255 -53.21 35.88 23.07
CA ILE B 255 -52.35 36.99 23.47
C ILE B 255 -51.27 36.54 24.43
N ARG B 256 -51.48 35.45 25.13
CA ARG B 256 -50.55 35.06 26.18
C ARG B 256 -49.25 34.63 25.60
N ALA B 257 -49.32 33.89 24.50
CA ALA B 257 -48.12 33.42 23.83
C ALA B 257 -47.23 34.57 23.46
N TRP B 258 -47.81 35.64 22.94
CA TRP B 258 -47.06 36.77 22.38
C TRP B 258 -46.64 37.74 23.43
N TYR B 259 -47.28 37.70 24.57
CA TYR B 259 -46.87 38.52 25.69
C TYR B 259 -45.62 37.91 26.25
N SER B 260 -45.49 36.60 26.06
CA SER B 260 -44.44 35.85 26.70
C SER B 260 -43.24 35.75 25.77
N ILE B 261 -43.47 35.90 24.47
CA ILE B 261 -42.34 36.03 23.54
C ILE B 261 -41.72 37.39 23.74
N MET B 262 -42.51 38.42 24.01
CA MET B 262 -41.93 39.73 24.26
C MET B 262 -41.11 39.74 25.54
N SER B 263 -41.57 39.08 26.58
CA SER B 263 -40.80 39.00 27.81
C SER B 263 -39.52 38.22 27.63
N THR B 264 -39.56 37.23 26.75
CA THR B 264 -38.39 36.41 26.45
C THR B 264 -37.25 37.25 25.91
N ASN B 265 -37.54 38.02 24.86
CA ASN B 265 -36.52 38.81 24.19
C ASN B 265 -36.03 39.97 25.00
N LEU B 266 -36.86 40.51 25.87
CA LEU B 266 -36.44 41.62 26.70
C LEU B 266 -35.59 41.12 27.87
N ALA B 267 -35.80 39.89 28.31
CA ALA B 267 -34.98 39.36 29.36
C ALA B 267 -33.63 38.97 28.79
N ALA B 268 -33.64 38.37 27.61
CA ALA B 268 -32.39 38.10 26.90
C ALA B 268 -31.63 39.39 26.67
N ALA B 269 -32.30 40.42 26.19
CA ALA B 269 -31.66 41.71 25.91
C ALA B 269 -31.00 42.32 27.13
N CYS B 270 -31.51 42.02 28.32
CA CYS B 270 -31.00 42.64 29.53
C CYS B 270 -30.05 41.71 30.27
N GLY B 271 -30.23 40.42 30.09
CA GLY B 271 -29.27 39.49 30.61
C GLY B 271 -27.98 39.75 29.89
N GLY B 272 -28.05 39.85 28.58
CA GLY B 272 -26.91 40.15 27.73
C GLY B 272 -26.17 41.39 28.14
N LEU B 273 -26.83 42.53 28.09
CA LEU B 273 -26.17 43.79 28.43
C LEU B 273 -25.74 43.86 29.88
N THR B 274 -26.31 43.04 30.76
CA THR B 274 -25.93 43.11 32.16
C THR B 274 -24.63 42.41 32.34
N TRP B 275 -24.55 41.18 31.82
CA TRP B 275 -23.34 40.40 31.88
C TRP B 275 -22.24 41.14 31.15
N MET B 276 -22.53 41.59 29.95
CA MET B 276 -21.55 42.31 29.14
C MET B 276 -20.93 43.52 29.85
N VAL B 277 -21.73 44.25 30.59
CA VAL B 277 -21.26 45.46 31.29
C VAL B 277 -20.65 45.12 32.67
N ILE B 278 -21.11 44.06 33.31
CA ILE B 278 -20.46 43.55 34.52
C ILE B 278 -19.05 43.04 34.21
N ASP B 279 -18.89 42.37 33.08
CA ASP B 279 -17.57 41.90 32.67
C ASP B 279 -16.64 43.04 32.31
N TYR B 280 -17.19 44.08 31.71
CA TYR B 280 -16.40 45.25 31.35
C TYR B 280 -15.76 45.87 32.57
N PHE B 281 -16.37 45.78 33.73
CA PHE B 281 -15.82 46.47 34.89
C PHE B 281 -15.00 45.54 35.73
N ARG B 282 -15.26 44.24 35.61
CA ARG B 282 -14.50 43.26 36.37
C ARG B 282 -13.18 42.89 35.70
N CYS B 283 -13.09 43.08 34.38
CA CYS B 283 -11.88 42.74 33.66
C CYS B 283 -11.04 43.97 33.33
N GLY B 284 -11.18 45.02 34.11
CA GLY B 284 -10.47 46.26 33.84
C GLY B 284 -10.80 46.91 32.51
N ARG B 285 -12.05 47.28 32.33
CA ARG B 285 -12.50 48.03 31.16
C ARG B 285 -12.10 47.39 29.83
N LYS B 286 -12.56 46.16 29.62
CA LYS B 286 -12.42 45.46 28.34
C LYS B 286 -13.72 44.70 28.05
N TRP B 287 -14.20 44.72 26.81
CA TRP B 287 -15.42 44.02 26.45
C TRP B 287 -15.15 42.56 26.12
N THR B 288 -15.62 41.62 26.94
CA THR B 288 -15.34 40.21 26.71
C THR B 288 -15.98 39.67 25.42
N THR B 289 -15.56 38.49 24.98
CA THR B 289 -16.09 37.92 23.74
C THR B 289 -17.26 36.99 24.00
N VAL B 290 -17.36 36.46 25.22
CA VAL B 290 -18.46 35.58 25.57
C VAL B 290 -19.33 36.16 26.68
N GLY B 291 -19.16 37.44 26.98
CA GLY B 291 -19.98 38.11 27.96
C GLY B 291 -21.39 38.36 27.46
N LEU B 292 -21.53 38.96 26.28
CA LEU B 292 -22.86 39.24 25.75
C LEU B 292 -23.66 37.99 25.58
N CYS B 293 -23.10 36.95 24.98
CA CYS B 293 -23.86 35.76 24.69
C CYS B 293 -24.17 34.94 25.94
N SER B 294 -23.44 35.19 27.01
CA SER B 294 -23.62 34.41 28.22
C SER B 294 -24.74 35.01 29.01
N GLY B 295 -25.01 36.27 28.76
CA GLY B 295 -26.05 36.98 29.48
C GLY B 295 -27.37 36.82 28.77
N ILE B 296 -27.30 36.73 27.45
CA ILE B 296 -28.44 36.42 26.61
C ILE B 296 -29.03 35.09 27.01
N ILE B 297 -28.20 34.09 27.25
CA ILE B 297 -28.68 32.77 27.61
C ILE B 297 -29.09 32.74 29.08
N ALA B 298 -28.37 33.47 29.94
CA ALA B 298 -28.72 33.54 31.35
C ALA B 298 -30.02 34.29 31.51
N GLY B 299 -30.26 35.26 30.65
CA GLY B 299 -31.49 36.00 30.74
C GLY B 299 -32.64 35.20 30.20
N LEU B 300 -32.38 34.39 29.20
CA LEU B 300 -33.41 33.56 28.59
C LEU B 300 -33.78 32.42 29.51
N VAL B 301 -32.83 32.05 30.37
CA VAL B 301 -33.06 31.01 31.36
C VAL B 301 -33.91 31.59 32.48
N GLY B 302 -33.52 32.77 32.95
CA GLY B 302 -34.21 33.42 34.04
C GLY B 302 -35.68 33.65 33.79
N ILE B 303 -36.03 34.02 32.57
CA ILE B 303 -37.42 34.28 32.20
C ILE B 303 -38.15 33.01 31.79
N THR B 304 -37.50 31.87 31.80
CA THR B 304 -38.12 30.66 31.26
C THR B 304 -39.27 30.17 32.11
N PRO B 305 -39.11 30.13 33.46
CA PRO B 305 -40.29 29.78 34.22
C PRO B 305 -41.31 30.90 34.39
N ALA B 306 -41.03 32.09 33.86
CA ALA B 306 -41.77 33.27 34.25
C ALA B 306 -42.49 33.96 33.10
N ALA B 307 -42.11 33.66 31.87
CA ALA B 307 -42.52 34.43 30.71
C ALA B 307 -44.02 34.60 30.57
N GLY B 308 -44.77 33.65 31.11
CA GLY B 308 -46.21 33.58 30.95
C GLY B 308 -47.00 34.08 32.13
N PHE B 309 -46.35 34.46 33.21
CA PHE B 309 -47.02 34.97 34.38
C PHE B 309 -46.62 36.39 34.72
N VAL B 310 -45.42 36.81 34.35
CA VAL B 310 -44.91 38.08 34.84
C VAL B 310 -45.06 39.20 33.84
N PRO B 311 -45.34 40.41 34.34
CA PRO B 311 -45.41 41.64 33.53
C PRO B 311 -44.17 41.86 32.67
N ILE B 312 -44.31 42.45 31.48
CA ILE B 312 -43.17 42.74 30.61
C ILE B 312 -42.09 43.48 31.36
N TRP B 313 -42.46 44.49 32.12
CA TRP B 313 -41.48 45.32 32.81
C TRP B 313 -40.64 44.51 33.78
N SER B 314 -41.13 43.37 34.22
CA SER B 314 -40.40 42.63 35.22
C SER B 314 -39.33 41.77 34.56
N ALA B 315 -39.46 41.58 33.26
CA ALA B 315 -38.48 40.81 32.50
C ALA B 315 -37.14 41.51 32.54
N VAL B 316 -37.16 42.82 32.74
CA VAL B 316 -35.95 43.59 32.90
C VAL B 316 -35.34 43.23 34.23
N VAL B 317 -36.16 43.20 35.26
CA VAL B 317 -35.68 42.86 36.60
C VAL B 317 -35.12 41.44 36.66
N ILE B 318 -35.70 40.54 35.88
CA ILE B 318 -35.32 39.14 35.86
C ILE B 318 -34.08 38.93 35.01
N GLY B 319 -34.01 39.62 33.88
CA GLY B 319 -32.84 39.54 33.03
C GLY B 319 -31.64 40.12 33.72
N VAL B 320 -31.80 41.23 34.43
CA VAL B 320 -30.69 41.87 35.09
C VAL B 320 -30.19 41.06 36.27
N VAL B 321 -31.10 40.51 37.06
CA VAL B 321 -30.71 39.76 38.25
C VAL B 321 -30.17 38.38 37.87
N THR B 322 -30.76 37.70 36.89
CA THR B 322 -30.24 36.40 36.48
C THR B 322 -28.86 36.52 35.86
N GLY B 323 -28.71 37.39 34.87
CA GLY B 323 -27.42 37.62 34.27
C GLY B 323 -26.33 38.03 35.24
N ALA B 324 -26.70 38.73 36.31
CA ALA B 324 -25.74 39.08 37.34
C ALA B 324 -25.42 37.87 38.22
N GLY B 325 -26.45 37.23 38.71
CA GLY B 325 -26.26 36.09 39.59
C GLY B 325 -25.51 34.97 38.92
N CYS B 326 -25.69 34.83 37.62
CA CYS B 326 -25.03 33.77 36.88
C CYS B 326 -23.59 34.13 36.59
N ASN B 327 -23.34 35.42 36.44
CA ASN B 327 -22.00 35.93 36.23
C ASN B 327 -21.14 35.56 37.41
N LEU B 328 -21.65 35.77 38.61
CA LEU B 328 -20.96 35.37 39.82
C LEU B 328 -20.81 33.87 39.90
N ALA B 329 -21.84 33.13 39.51
CA ALA B 329 -21.83 31.69 39.67
C ALA B 329 -20.82 31.00 38.79
N VAL B 330 -20.25 31.70 37.82
CA VAL B 330 -19.19 31.13 37.01
C VAL B 330 -17.90 31.17 37.79
N ASP B 331 -17.85 32.08 38.76
CA ASP B 331 -16.68 32.23 39.60
C ASP B 331 -16.60 31.10 40.60
N LEU B 332 -17.59 30.23 40.60
CA LEU B 332 -17.62 29.12 41.54
C LEU B 332 -16.56 28.12 41.15
N LYS B 333 -16.14 28.17 39.90
CA LYS B 333 -15.14 27.24 39.39
C LYS B 333 -13.77 27.44 40.01
N SER B 334 -13.42 28.68 40.34
CA SER B 334 -12.11 28.97 40.88
C SER B 334 -12.08 28.78 42.38
N LEU B 335 -13.21 28.39 42.95
CA LEU B 335 -13.29 28.10 44.38
C LEU B 335 -13.28 26.61 44.60
N LEU B 336 -13.92 25.90 43.70
CA LEU B 336 -13.98 24.45 43.73
C LEU B 336 -12.80 23.83 43.02
N ARG B 337 -12.10 24.65 42.24
CA ARG B 337 -11.04 24.20 41.36
C ARG B 337 -11.50 23.09 40.43
N ILE B 338 -12.73 23.17 39.98
CA ILE B 338 -13.27 22.26 38.98
C ILE B 338 -13.79 23.10 37.81
N ASP B 339 -14.16 22.46 36.71
CA ASP B 339 -14.53 23.17 35.49
C ASP B 339 -15.52 22.36 34.65
N ASP B 340 -15.67 21.08 34.96
CA ASP B 340 -16.05 20.08 33.94
C ASP B 340 -17.49 19.81 33.43
N GLY B 341 -18.56 20.17 34.11
CA GLY B 341 -18.57 20.92 35.34
C GLY B 341 -19.65 21.97 35.35
N LEU B 342 -19.21 23.21 35.57
CA LEU B 342 -20.05 24.22 36.13
C LEU B 342 -20.44 25.32 35.15
N ASP B 343 -20.14 25.14 33.87
CA ASP B 343 -20.62 26.11 32.90
C ASP B 343 -22.09 25.83 32.67
N CYS B 344 -22.44 24.57 32.42
CA CYS B 344 -23.84 24.18 32.33
C CYS B 344 -24.56 24.29 33.67
N TYR B 345 -23.84 24.60 34.74
CA TYR B 345 -24.47 24.77 36.02
C TYR B 345 -24.66 26.24 36.35
N SER B 346 -23.62 27.03 36.16
CA SER B 346 -23.67 28.43 36.58
C SER B 346 -24.71 29.22 35.80
N ILE B 347 -25.06 28.76 34.61
CA ILE B 347 -26.10 29.41 33.81
C ILE B 347 -27.47 28.77 34.00
N HIS B 348 -27.54 27.45 33.90
CA HIS B 348 -28.82 26.74 33.97
C HIS B 348 -29.25 26.37 35.37
N GLY B 349 -28.32 25.87 36.16
CA GLY B 349 -28.59 25.53 37.55
C GLY B 349 -28.91 26.75 38.37
N VAL B 350 -27.99 27.71 38.43
CA VAL B 350 -28.24 28.92 39.19
C VAL B 350 -29.35 29.75 38.54
N GLY B 351 -29.36 29.79 37.21
CA GLY B 351 -30.36 30.55 36.50
C GLY B 351 -31.77 30.01 36.70
N GLY B 352 -31.90 28.69 36.68
CA GLY B 352 -33.18 28.04 36.91
C GLY B 352 -33.72 28.31 38.30
N CYS B 353 -32.82 28.35 39.28
CA CYS B 353 -33.22 28.67 40.64
C CYS B 353 -33.60 30.13 40.75
N ILE B 354 -32.73 31.03 40.29
CA ILE B 354 -33.01 32.46 40.33
C ILE B 354 -34.28 32.75 39.58
N GLY B 355 -34.53 32.02 38.51
CA GLY B 355 -35.73 32.21 37.73
C GLY B 355 -37.00 31.88 38.51
N SER B 356 -37.09 30.65 39.01
CA SER B 356 -38.28 30.14 39.68
C SER B 356 -38.66 30.90 40.93
N VAL B 357 -37.68 31.42 41.66
CA VAL B 357 -37.99 32.23 42.84
C VAL B 357 -38.61 33.51 42.38
N LEU B 358 -38.02 34.15 41.38
CA LEU B 358 -38.54 35.41 40.86
C LEU B 358 -39.94 35.30 40.21
N THR B 359 -40.34 34.10 39.80
CA THR B 359 -41.68 33.90 39.27
C THR B 359 -42.68 33.99 40.38
N GLY B 360 -42.27 33.60 41.58
CA GLY B 360 -43.15 33.64 42.72
C GLY B 360 -43.35 35.05 43.19
N ILE B 361 -42.38 35.91 42.91
CA ILE B 361 -42.41 37.30 43.31
C ILE B 361 -43.18 38.20 42.33
N PHE B 362 -43.14 37.92 41.04
CA PHE B 362 -43.75 38.83 40.07
C PHE B 362 -44.92 38.27 39.30
N ALA B 363 -45.37 37.05 39.61
CA ALA B 363 -46.48 36.47 38.87
C ALA B 363 -47.68 37.37 39.01
N ALA B 364 -48.38 37.61 37.92
CA ALA B 364 -49.52 38.50 37.97
C ALA B 364 -50.73 37.80 37.42
N ASP B 365 -51.86 37.95 38.10
CA ASP B 365 -53.08 37.28 37.71
C ASP B 365 -53.54 37.78 36.36
N TYR B 366 -53.18 39.02 36.05
CA TYR B 366 -53.73 39.73 34.90
C TYR B 366 -52.97 39.42 33.64
N VAL B 367 -51.83 38.77 33.80
CA VAL B 367 -50.98 38.44 32.68
C VAL B 367 -51.27 37.03 32.26
N ASN B 368 -51.53 36.17 33.24
CA ASN B 368 -51.87 34.80 32.96
C ASN B 368 -53.21 34.75 32.28
N ALA B 369 -54.03 35.77 32.54
CA ALA B 369 -55.42 35.77 32.14
C ALA B 369 -55.58 36.17 30.70
N THR B 370 -54.51 36.64 30.10
CA THR B 370 -54.59 37.10 28.72
C THR B 370 -54.77 35.92 27.80
N ALA B 371 -54.75 34.71 28.35
CA ALA B 371 -54.97 33.52 27.55
C ALA B 371 -56.44 33.41 27.20
N GLY B 372 -57.26 34.18 27.90
CA GLY B 372 -58.68 34.27 27.62
C GLY B 372 -59.47 33.05 27.99
N SER B 373 -60.12 32.44 27.00
CA SER B 373 -60.98 31.31 27.24
C SER B 373 -60.20 30.03 27.37
N TYR B 374 -58.93 30.16 27.72
CA TYR B 374 -58.01 29.05 27.81
C TYR B 374 -57.27 29.06 29.12
N ILE B 375 -57.72 29.86 30.08
CA ILE B 375 -56.89 30.07 31.24
C ILE B 375 -57.02 29.00 32.30
N SER B 376 -55.98 28.90 33.10
CA SER B 376 -56.02 28.28 34.40
C SER B 376 -55.74 29.41 35.37
N PRO B 377 -56.73 29.78 36.16
CA PRO B 377 -56.50 31.05 36.84
C PRO B 377 -55.56 30.96 38.02
N ILE B 378 -54.39 31.58 37.93
CA ILE B 378 -53.47 31.58 39.05
C ILE B 378 -53.80 32.74 39.97
N ASP B 379 -53.75 32.49 41.26
CA ASP B 379 -53.83 33.53 42.27
C ASP B 379 -52.87 34.68 42.00
N GLY B 380 -51.71 34.36 41.47
CA GLY B 380 -50.68 35.35 41.25
C GLY B 380 -49.59 35.19 42.26
N GLY B 381 -48.74 36.19 42.37
CA GLY B 381 -47.58 36.10 43.21
C GLY B 381 -47.48 37.24 44.18
N TRP B 382 -46.25 37.65 44.48
CA TRP B 382 -45.96 38.59 45.56
C TRP B 382 -46.44 40.01 45.28
N ILE B 383 -46.63 40.35 44.00
CA ILE B 383 -47.10 41.69 43.67
C ILE B 383 -48.62 41.74 43.61
N ASN B 384 -49.25 40.58 43.82
CA ASN B 384 -50.69 40.51 44.02
C ASN B 384 -50.98 40.23 45.48
N HIS B 385 -49.94 40.40 46.30
CA HIS B 385 -50.01 40.18 47.74
C HIS B 385 -50.35 38.76 48.14
N HIS B 386 -50.11 37.81 47.25
CA HIS B 386 -50.21 36.40 47.60
C HIS B 386 -48.87 35.84 48.02
N TYR B 387 -48.37 36.29 49.16
CA TYR B 387 -47.04 35.91 49.66
C TYR B 387 -46.74 34.42 49.62
N LYS B 388 -47.78 33.60 49.73
CA LYS B 388 -47.61 32.15 49.79
C LYS B 388 -47.09 31.52 48.51
N GLN B 389 -46.66 32.32 47.55
CA GLN B 389 -46.29 31.78 46.25
C GLN B 389 -44.80 31.50 46.18
N VAL B 390 -43.99 32.40 46.72
CA VAL B 390 -42.55 32.18 46.78
C VAL B 390 -42.30 30.83 47.41
N GLY B 391 -42.99 30.54 48.52
CA GLY B 391 -42.93 29.24 49.15
C GLY B 391 -43.30 28.07 48.26
N TYR B 392 -44.28 28.21 47.36
CA TYR B 392 -44.63 27.07 46.52
C TYR B 392 -43.55 26.90 45.49
N GLN B 393 -42.91 28.02 45.13
CA GLN B 393 -41.84 28.00 44.15
C GLN B 393 -40.62 27.36 44.79
N LEU B 394 -40.28 27.81 46.00
CA LEU B 394 -39.20 27.20 46.77
C LEU B 394 -39.51 25.74 47.03
N ALA B 395 -40.77 25.39 47.19
CA ALA B 395 -41.13 23.99 47.39
C ALA B 395 -40.87 23.21 46.13
N GLY B 396 -40.99 23.87 44.99
CA GLY B 396 -40.80 23.21 43.72
C GLY B 396 -39.32 23.07 43.41
N ILE B 397 -38.55 24.06 43.79
CA ILE B 397 -37.11 24.03 43.59
C ILE B 397 -36.50 22.85 44.34
N CYS B 398 -36.73 22.81 45.65
CA CYS B 398 -36.21 21.77 46.52
C CYS B 398 -36.64 20.36 46.14
N ALA B 399 -37.87 20.18 45.69
CA ALA B 399 -38.30 18.86 45.26
C ALA B 399 -37.51 18.48 44.04
N ALA B 400 -37.38 19.40 43.10
CA ALA B 400 -36.69 19.10 41.85
C ALA B 400 -35.18 19.02 42.05
N LEU B 401 -34.70 19.71 43.08
CA LEU B 401 -33.27 19.82 43.32
C LEU B 401 -32.76 18.59 44.05
N ALA B 402 -33.56 18.07 44.97
CA ALA B 402 -33.18 16.89 45.74
C ALA B 402 -33.30 15.61 44.92
N TRP B 403 -34.27 15.53 44.04
CA TRP B 403 -34.42 14.35 43.22
C TRP B 403 -33.40 14.28 42.09
N THR B 404 -32.76 15.39 41.76
CA THR B 404 -31.78 15.39 40.67
C THR B 404 -30.40 15.11 41.20
N VAL B 405 -30.08 15.75 42.32
CA VAL B 405 -28.79 15.59 42.97
C VAL B 405 -28.63 14.17 43.48
N THR B 406 -29.69 13.60 44.03
CA THR B 406 -29.62 12.26 44.55
C THR B 406 -29.58 11.22 43.45
N VAL B 407 -30.56 11.20 42.56
CA VAL B 407 -30.59 10.18 41.52
C VAL B 407 -29.48 10.29 40.47
N THR B 408 -28.99 11.48 40.20
CA THR B 408 -27.87 11.62 39.26
C THR B 408 -26.62 11.11 39.97
N SER B 409 -26.51 11.38 41.28
CA SER B 409 -25.41 10.87 42.07
C SER B 409 -25.41 9.35 42.09
N ILE B 410 -26.55 8.75 42.35
CA ILE B 410 -26.70 7.31 42.31
C ILE B 410 -26.40 6.74 40.93
N LEU B 411 -26.95 7.37 39.90
CA LEU B 411 -26.80 6.85 38.54
C LEU B 411 -25.36 6.95 38.05
N LEU B 412 -24.64 7.94 38.54
CA LEU B 412 -23.27 8.15 38.09
C LEU B 412 -22.31 7.28 38.86
N LEU B 413 -22.57 7.10 40.15
CA LEU B 413 -21.78 6.19 40.98
C LEU B 413 -22.04 4.74 40.57
N THR B 414 -23.30 4.32 40.54
CA THR B 414 -23.65 2.98 40.06
C THR B 414 -22.96 2.65 38.75
N MET B 415 -22.94 3.59 37.83
CA MET B 415 -22.40 3.35 36.51
C MET B 415 -20.88 3.33 36.59
N ASN B 416 -20.36 4.03 37.60
CA ASN B 416 -18.93 4.15 37.80
C ASN B 416 -18.32 2.85 38.29
N ALA B 417 -19.19 1.90 38.61
CA ALA B 417 -18.78 0.62 39.15
C ALA B 417 -18.74 -0.46 38.09
N ILE B 418 -19.26 -0.17 36.90
CA ILE B 418 -19.21 -1.14 35.82
C ILE B 418 -18.25 -0.72 34.72
N PRO B 419 -17.19 -1.50 34.48
CA PRO B 419 -16.17 -1.14 33.50
C PRO B 419 -16.76 -0.98 32.11
N PHE B 420 -17.88 -1.64 31.86
CA PHE B 420 -18.50 -1.63 30.55
C PHE B 420 -19.17 -0.29 30.31
N LEU B 421 -19.49 0.41 31.39
CA LEU B 421 -20.37 1.57 31.31
C LEU B 421 -19.92 2.81 32.06
N LYS B 422 -18.85 2.76 32.83
CA LYS B 422 -18.50 3.97 33.58
C LYS B 422 -18.31 5.08 32.57
N LEU B 423 -18.89 6.25 32.85
CA LEU B 423 -18.99 7.31 31.87
C LEU B 423 -17.65 7.89 31.50
N ARG B 424 -16.81 8.11 32.50
CA ARG B 424 -15.50 8.73 32.31
C ARG B 424 -14.38 7.91 32.92
N LEU B 425 -13.47 7.41 32.08
CA LEU B 425 -12.33 6.67 32.59
C LEU B 425 -11.53 7.55 33.52
N SER B 426 -10.93 6.96 34.54
CA SER B 426 -10.09 7.68 35.49
C SER B 426 -8.80 8.11 34.83
N ALA B 427 -7.99 8.89 35.54
CA ALA B 427 -6.78 9.41 34.94
C ALA B 427 -5.78 8.29 34.68
N ASP B 428 -5.94 7.18 35.40
CA ASP B 428 -4.94 6.11 35.38
C ASP B 428 -5.16 5.01 34.35
N GLU B 429 -6.41 4.74 33.96
CA GLU B 429 -6.64 3.71 32.95
C GLU B 429 -6.73 4.30 31.54
N GLU B 430 -6.65 5.62 31.44
CA GLU B 430 -6.76 6.27 30.15
C GLU B 430 -5.41 6.31 29.43
N GLU B 431 -5.35 7.03 28.32
CA GLU B 431 -4.13 7.14 27.54
C GLU B 431 -4.13 8.44 26.72
N LEU B 432 -3.67 9.52 27.34
CA LEU B 432 -3.64 10.84 26.68
C LEU B 432 -2.34 10.97 25.87
N GLY B 433 -2.35 11.73 24.78
CA GLY B 433 -3.54 12.36 24.22
C GLY B 433 -4.24 11.42 23.26
N THR B 434 -3.95 11.51 21.96
CA THR B 434 -3.14 12.57 21.37
C THR B 434 -3.91 13.16 20.19
N ASP B 435 -5.07 12.57 19.92
CA ASP B 435 -5.86 12.82 18.72
C ASP B 435 -6.45 14.22 18.65
N ALA B 436 -5.94 15.12 19.48
CA ALA B 436 -6.39 16.50 19.50
C ALA B 436 -6.20 17.18 18.15
N ALA B 437 -5.21 16.73 17.39
CA ALA B 437 -4.93 17.26 16.06
C ALA B 437 -6.08 16.97 15.09
N GLN B 438 -7.15 16.41 15.61
CA GLN B 438 -8.34 16.13 14.83
C GLN B 438 -9.52 16.99 15.29
N ILE B 439 -9.46 17.47 16.53
CA ILE B 439 -10.34 18.52 17.00
C ILE B 439 -9.69 19.83 16.61
N GLY B 440 -10.39 20.75 15.96
CA GLY B 440 -11.82 20.71 15.73
C GLY B 440 -12.37 21.98 16.34
N GLU B 441 -12.60 23.01 15.54
CA GLU B 441 -13.20 24.22 16.10
C GLU B 441 -14.67 23.97 16.41
N PHE B 442 -15.34 23.24 15.53
CA PHE B 442 -16.75 22.92 15.68
C PHE B 442 -16.95 21.43 15.92
N THR B 443 -16.32 20.61 15.09
CA THR B 443 -16.33 19.17 15.27
C THR B 443 -14.94 18.58 15.14
N TYR B 444 -14.65 17.99 13.98
CA TYR B 444 -13.38 17.29 13.78
C TYR B 444 -12.68 17.70 12.47
N GLU B 445 -11.35 17.60 12.47
CA GLU B 445 -10.54 18.11 11.36
C GLU B 445 -10.75 17.35 10.07
N GLU B 446 -10.24 17.90 8.97
CA GLU B 446 -10.48 17.35 7.65
C GLU B 446 -10.12 15.88 7.58
N SER B 447 -11.06 15.10 7.06
CA SER B 447 -10.89 13.69 6.79
C SER B 447 -10.83 12.81 8.03
N THR B 448 -11.30 13.30 9.17
CA THR B 448 -11.46 12.45 10.35
C THR B 448 -12.50 11.43 10.04
N ALA B 449 -12.34 10.20 10.52
CA ALA B 449 -13.29 9.15 10.18
C ALA B 449 -13.94 8.50 11.39
N TYR B 450 -13.30 8.63 12.55
CA TYR B 450 -13.83 8.05 13.77
C TYR B 450 -13.69 9.06 14.87
N ILE B 451 -14.58 9.03 15.85
CA ILE B 451 -14.44 9.98 16.94
C ILE B 451 -13.39 9.40 17.85
N PRO B 452 -12.52 10.27 18.40
CA PRO B 452 -11.44 9.80 19.26
C PRO B 452 -11.94 9.34 20.63
N GLU B 453 -12.66 8.22 20.65
CA GLU B 453 -13.17 7.66 21.89
C GLU B 453 -12.03 7.21 22.76
N PRO B 454 -12.10 7.49 24.07
CA PRO B 454 -11.07 7.06 25.01
C PRO B 454 -10.96 5.54 25.11
N ILE B 455 -9.76 5.02 24.96
CA ILE B 455 -9.55 3.61 25.12
C ILE B 455 -8.56 3.40 26.25
N ARG B 456 -8.65 2.26 26.92
CA ARG B 456 -7.80 2.01 28.08
C ARG B 456 -6.60 1.15 27.74
N SER B 457 -5.54 1.31 28.53
CA SER B 457 -4.29 0.61 28.32
C SER B 457 -4.40 -0.88 28.62
N SER C 2 -67.06 49.14 5.67
CA SER C 2 -66.29 47.96 5.31
C SER C 2 -66.32 47.68 3.81
N TYR C 3 -65.35 46.92 3.35
CA TYR C 3 -65.31 46.49 1.94
C TYR C 3 -66.21 45.29 1.81
N ASN C 4 -67.26 45.39 1.00
CA ASN C 4 -68.20 44.29 0.86
C ASN C 4 -68.09 43.62 -0.50
N PHE C 5 -68.24 42.30 -0.50
CA PHE C 5 -68.03 41.51 -1.69
C PHE C 5 -69.37 41.02 -2.21
N THR C 6 -69.48 40.87 -3.51
CA THR C 6 -70.75 40.51 -4.13
C THR C 6 -70.56 39.48 -5.20
N GLY C 7 -69.77 38.47 -4.91
CA GLY C 7 -69.45 37.49 -5.92
C GLY C 7 -69.10 36.16 -5.30
N THR C 8 -69.21 35.09 -6.07
CA THR C 8 -68.91 33.79 -5.54
C THR C 8 -67.69 33.24 -6.24
N PRO C 9 -66.83 32.53 -5.50
CA PRO C 9 -65.61 32.02 -6.13
C PRO C 9 -65.88 31.00 -7.19
N THR C 10 -65.13 31.10 -8.28
CA THR C 10 -65.22 30.21 -9.41
C THR C 10 -64.85 28.77 -9.08
N GLY C 11 -63.82 28.59 -8.26
CA GLY C 11 -63.34 27.27 -7.97
C GLY C 11 -62.60 26.73 -9.19
N GLU C 12 -62.20 27.66 -10.06
CA GLU C 12 -61.43 27.29 -11.24
C GLU C 12 -60.69 28.51 -11.81
N GLY C 13 -59.59 28.27 -12.50
CA GLY C 13 -58.81 29.32 -13.11
C GLY C 13 -58.17 30.24 -12.10
N THR C 14 -58.49 31.51 -12.19
CA THR C 14 -57.98 32.49 -11.26
C THR C 14 -58.61 32.28 -9.88
N GLY C 15 -59.78 31.64 -9.85
CA GLY C 15 -60.47 31.33 -8.62
C GLY C 15 -61.60 32.29 -8.31
N GLY C 16 -61.63 33.39 -9.04
CA GLY C 16 -62.60 34.43 -8.82
C GLY C 16 -61.96 35.77 -9.04
N ASN C 17 -62.74 36.84 -8.92
CA ASN C 17 -62.19 38.18 -9.01
C ASN C 17 -62.04 38.75 -7.62
N SER C 18 -60.82 39.08 -7.23
CA SER C 18 -60.58 39.53 -5.87
C SER C 18 -61.12 40.94 -5.62
N LEU C 19 -61.53 41.63 -6.68
CA LEU C 19 -62.11 42.94 -6.54
C LEU C 19 -63.55 42.83 -6.06
N THR C 20 -64.18 41.71 -6.40
CA THR C 20 -65.59 41.48 -6.10
C THR C 20 -65.87 40.16 -5.37
N THR C 21 -64.81 39.42 -5.02
CA THR C 21 -64.94 38.11 -4.38
C THR C 21 -63.85 37.87 -3.36
N ASP C 22 -64.21 37.50 -2.13
CA ASP C 22 -63.19 37.18 -1.13
C ASP C 22 -62.76 35.73 -1.26
N LEU C 23 -61.65 35.50 -1.94
CA LEU C 23 -61.24 34.15 -2.27
C LEU C 23 -60.79 33.32 -1.08
N ASN C 24 -60.64 33.95 0.08
CA ASN C 24 -60.14 33.29 1.28
C ASN C 24 -61.17 32.50 2.03
N THR C 25 -62.40 32.53 1.54
CA THR C 25 -63.49 31.93 2.28
C THR C 25 -63.54 30.48 1.91
N GLN C 26 -62.85 30.14 0.84
CA GLN C 26 -62.78 28.77 0.40
C GLN C 26 -61.85 27.96 1.27
N PHE C 27 -61.01 28.65 2.03
CA PHE C 27 -59.89 28.03 2.72
C PHE C 27 -59.82 28.41 4.18
N ASP C 28 -59.08 27.65 4.97
CA ASP C 28 -58.95 27.94 6.39
C ASP C 28 -57.66 28.70 6.67
N LEU C 29 -57.73 29.70 7.52
CA LEU C 29 -56.56 30.52 7.73
C LEU C 29 -55.49 29.75 8.47
N ALA C 30 -55.89 28.76 9.24
CA ALA C 30 -54.93 27.96 9.99
C ALA C 30 -54.18 26.98 9.09
N ASN C 31 -54.85 26.44 8.09
CA ASN C 31 -54.21 25.51 7.16
C ASN C 31 -53.23 26.24 6.28
N MET C 32 -53.48 27.52 6.07
CA MET C 32 -52.64 28.30 5.18
C MET C 32 -51.45 28.84 5.95
N GLY C 33 -51.69 29.27 7.18
CA GLY C 33 -50.63 29.80 8.03
C GLY C 33 -49.58 28.77 8.38
N TRP C 34 -49.93 27.50 8.24
CA TRP C 34 -49.01 26.39 8.48
C TRP C 34 -48.23 26.10 7.22
N ILE C 35 -48.91 25.78 6.13
CA ILE C 35 -48.22 25.50 4.87
C ILE C 35 -47.41 26.70 4.38
N GLY C 36 -47.64 27.87 4.95
CA GLY C 36 -46.87 29.05 4.56
C GLY C 36 -45.53 29.06 5.28
N VAL C 37 -45.60 28.81 6.58
CA VAL C 37 -44.41 28.62 7.38
C VAL C 37 -43.63 27.41 6.89
N ALA C 38 -44.34 26.32 6.58
CA ALA C 38 -43.69 25.10 6.10
C ALA C 38 -42.88 25.39 4.86
N SER C 39 -43.40 26.19 3.95
CA SER C 39 -42.66 26.61 2.77
C SER C 39 -41.27 27.15 3.12
N ALA C 40 -41.21 28.11 4.02
CA ALA C 40 -39.95 28.72 4.40
C ALA C 40 -39.07 27.66 4.99
N GLY C 41 -39.68 26.72 5.68
CA GLY C 41 -38.96 25.63 6.32
C GLY C 41 -38.41 24.56 5.39
N VAL C 42 -39.17 24.22 4.35
CA VAL C 42 -38.69 23.29 3.36
C VAL C 42 -37.52 23.87 2.58
N TRP C 43 -37.46 25.20 2.44
CA TRP C 43 -36.41 25.80 1.62
C TRP C 43 -35.07 25.74 2.32
N ILE C 44 -35.06 25.86 3.65
CA ILE C 44 -33.81 25.84 4.40
C ILE C 44 -33.14 24.47 4.29
N MET C 45 -33.76 23.56 3.56
CA MET C 45 -33.21 22.22 3.29
C MET C 45 -32.31 22.25 2.08
N VAL C 46 -32.47 23.27 1.26
CA VAL C 46 -31.69 23.45 0.05
C VAL C 46 -30.21 23.73 0.38
N PRO C 47 -29.93 24.69 1.27
CA PRO C 47 -28.51 24.77 1.62
C PRO C 47 -28.07 23.70 2.59
N GLY C 48 -29.00 22.94 3.14
CA GLY C 48 -28.65 21.86 4.05
C GLY C 48 -28.19 20.69 3.23
N ILE C 49 -28.71 20.60 2.01
CA ILE C 49 -28.33 19.56 1.07
C ILE C 49 -26.97 19.83 0.46
N GLY C 50 -26.61 21.08 0.32
CA GLY C 50 -25.27 21.43 -0.13
C GLY C 50 -24.26 21.15 0.96
N LEU C 51 -24.56 21.55 2.18
CA LEU C 51 -23.64 21.37 3.30
C LEU C 51 -23.40 19.89 3.58
N LEU C 52 -24.39 19.06 3.31
CA LEU C 52 -24.31 17.63 3.64
C LEU C 52 -23.40 16.89 2.70
N TYR C 53 -23.69 16.99 1.41
CA TYR C 53 -22.97 16.21 0.40
C TYR C 53 -21.64 16.82 0.02
N SER C 54 -21.46 18.12 0.24
CA SER C 54 -20.12 18.69 0.14
C SER C 54 -19.24 18.16 1.24
N GLY C 55 -19.82 17.96 2.42
CA GLY C 55 -19.05 17.60 3.58
C GLY C 55 -18.81 16.12 3.70
N LEU C 56 -19.61 15.34 3.00
CA LEU C 56 -19.52 13.90 3.07
C LEU C 56 -18.57 13.38 2.04
N SER C 57 -18.43 14.14 0.96
CA SER C 57 -17.60 13.76 -0.17
C SER C 57 -16.16 13.49 0.23
N ARG C 58 -15.55 12.51 -0.42
CA ARG C 58 -14.15 12.17 -0.17
C ARG C 58 -13.27 12.76 -1.23
N LYS C 59 -13.79 13.74 -1.96
CA LYS C 59 -13.02 14.50 -2.92
C LYS C 59 -13.39 15.95 -2.75
N LYS C 60 -12.42 16.82 -2.62
CA LYS C 60 -12.69 18.26 -2.66
C LYS C 60 -13.31 18.62 -4.00
N HIS C 61 -14.49 19.23 -3.99
CA HIS C 61 -15.10 19.74 -5.22
C HIS C 61 -14.73 21.21 -5.49
N ALA C 62 -14.58 21.57 -6.75
CA ALA C 62 -14.24 22.95 -7.10
C ALA C 62 -15.47 23.83 -7.00
N LEU C 63 -16.58 23.35 -7.51
CA LEU C 63 -17.87 23.99 -7.32
C LEU C 63 -18.36 23.70 -5.94
N SER C 64 -18.27 24.69 -5.05
CA SER C 64 -18.78 24.53 -3.71
C SER C 64 -20.26 24.24 -3.71
N LEU C 65 -20.68 23.21 -2.99
CA LEU C 65 -22.06 22.75 -3.08
C LEU C 65 -23.00 23.60 -2.24
N LEU C 66 -22.48 24.19 -1.17
CA LEU C 66 -23.23 25.17 -0.37
C LEU C 66 -23.48 26.44 -1.17
N TRP C 67 -22.43 26.95 -1.79
CA TRP C 67 -22.52 28.08 -2.71
C TRP C 67 -23.48 27.76 -3.85
N ALA C 68 -23.30 26.62 -4.49
CA ALA C 68 -24.09 26.27 -5.66
C ALA C 68 -25.55 26.11 -5.32
N SER C 69 -25.84 25.78 -4.06
CA SER C 69 -27.20 25.54 -3.63
C SER C 69 -28.07 26.80 -3.70
N MET C 70 -27.44 27.97 -3.86
CA MET C 70 -28.18 29.21 -4.07
C MET C 70 -28.52 29.33 -5.53
N MET C 71 -27.60 28.91 -6.38
CA MET C 71 -27.87 28.88 -7.80
C MET C 71 -28.95 27.84 -8.06
N ALA C 72 -28.97 26.76 -7.28
CA ALA C 72 -30.00 25.75 -7.42
C ALA C 72 -31.35 26.31 -7.01
N SER C 73 -31.34 27.21 -6.05
CA SER C 73 -32.56 27.87 -5.62
C SER C 73 -33.05 28.80 -6.72
N ALA C 74 -32.16 29.64 -7.23
CA ALA C 74 -32.49 30.62 -8.26
C ALA C 74 -33.02 30.04 -9.56
N VAL C 75 -32.38 29.00 -10.11
CA VAL C 75 -32.87 28.43 -11.39
C VAL C 75 -34.00 27.43 -11.19
N CYS C 76 -34.26 27.02 -9.96
CA CYS C 76 -35.44 26.18 -9.69
C CYS C 76 -36.66 27.05 -9.38
N ILE C 77 -36.46 28.14 -8.63
CA ILE C 77 -37.53 29.10 -8.36
C ILE C 77 -37.95 29.77 -9.65
N PHE C 78 -37.03 29.91 -10.59
CA PHE C 78 -37.36 30.52 -11.88
C PHE C 78 -38.00 29.52 -12.81
N GLN C 79 -37.57 28.26 -12.76
CA GLN C 79 -38.17 27.25 -13.62
C GLN C 79 -39.57 26.95 -13.15
N TRP C 80 -39.83 27.11 -11.85
CA TRP C 80 -41.13 26.80 -11.30
C TRP C 80 -42.12 27.87 -11.71
N PHE C 81 -41.65 29.12 -11.75
CA PHE C 81 -42.47 30.23 -12.20
C PHE C 81 -42.66 30.13 -13.69
N PHE C 82 -41.61 29.80 -14.41
CA PHE C 82 -41.69 29.74 -15.87
C PHE C 82 -42.78 28.78 -16.32
N TRP C 83 -42.58 27.48 -16.15
CA TRP C 83 -43.63 26.54 -16.51
C TRP C 83 -43.68 25.33 -15.59
N GLY C 84 -42.91 25.39 -14.52
CA GLY C 84 -42.79 24.27 -13.62
C GLY C 84 -44.06 23.92 -12.90
N TYR C 85 -44.63 24.88 -12.19
CA TYR C 85 -45.84 24.63 -11.42
C TYR C 85 -46.94 24.16 -12.35
N SER C 86 -46.92 24.65 -13.57
CA SER C 86 -47.89 24.24 -14.56
C SER C 86 -47.73 22.79 -14.96
N LEU C 87 -46.56 22.43 -15.48
CA LEU C 87 -46.32 21.09 -16.00
C LEU C 87 -46.59 20.03 -14.96
N ALA C 88 -46.39 20.37 -13.69
CA ALA C 88 -46.64 19.41 -12.63
C ALA C 88 -48.08 19.49 -12.17
N PHE C 89 -48.44 20.62 -11.57
CA PHE C 89 -49.68 20.69 -10.83
C PHE C 89 -50.84 21.45 -11.45
N SER C 90 -50.82 21.62 -12.77
CA SER C 90 -51.95 22.24 -13.44
C SER C 90 -53.24 21.48 -13.17
N HIS C 91 -54.37 22.12 -13.41
CA HIS C 91 -55.66 21.52 -13.11
C HIS C 91 -56.10 20.59 -14.22
N ASN C 92 -55.53 20.77 -15.41
CA ASN C 92 -55.83 19.93 -16.58
C ASN C 92 -54.57 19.29 -17.11
N THR C 93 -54.60 17.99 -17.40
CA THR C 93 -53.41 17.29 -17.87
C THR C 93 -53.68 16.65 -19.22
N ARG C 94 -52.63 16.33 -19.98
CA ARG C 94 -52.82 15.76 -21.31
C ARG C 94 -52.15 14.40 -21.54
N GLY C 95 -52.68 13.37 -20.89
CA GLY C 95 -52.27 12.00 -21.12
C GLY C 95 -53.30 11.14 -20.43
N ASN C 96 -52.87 10.02 -19.85
CA ASN C 96 -53.71 9.32 -18.88
C ASN C 96 -53.61 10.07 -17.56
N GLY C 97 -53.05 11.27 -17.64
CA GLY C 97 -52.67 12.05 -16.48
C GLY C 97 -51.16 12.09 -16.44
N PHE C 98 -50.54 12.27 -17.61
CA PHE C 98 -49.10 12.07 -17.78
C PHE C 98 -48.25 13.29 -17.51
N ILE C 99 -48.67 14.43 -18.04
CA ILE C 99 -48.00 15.70 -17.80
C ILE C 99 -49.03 16.81 -17.94
N GLY C 100 -48.83 17.91 -17.24
CA GLY C 100 -49.77 19.01 -17.30
C GLY C 100 -49.63 19.82 -18.56
N THR C 101 -50.53 20.79 -18.72
CA THR C 101 -50.48 21.72 -19.84
C THR C 101 -49.80 22.99 -19.40
N LEU C 102 -49.74 23.99 -20.28
CA LEU C 102 -49.06 25.22 -19.92
C LEU C 102 -50.05 26.32 -19.50
N GLU C 103 -51.15 25.94 -18.88
CA GLU C 103 -52.17 26.90 -18.51
C GLU C 103 -51.70 27.81 -17.39
N PHE C 104 -50.64 27.40 -16.70
CA PHE C 104 -50.10 28.16 -15.58
C PHE C 104 -48.73 28.76 -15.91
N PHE C 105 -48.43 28.89 -17.19
CA PHE C 105 -47.19 29.53 -17.62
C PHE C 105 -47.08 30.91 -17.02
N GLY C 106 -45.89 31.29 -16.56
CA GLY C 106 -45.68 32.60 -16.01
C GLY C 106 -46.60 32.90 -14.84
N PHE C 107 -47.06 31.84 -14.20
CA PHE C 107 -47.96 31.91 -13.05
C PHE C 107 -49.25 32.68 -13.37
N ARG C 108 -49.63 32.69 -14.64
CA ARG C 108 -50.95 33.12 -15.09
C ARG C 108 -52.05 32.36 -14.36
N ASN C 109 -53.01 33.09 -13.81
CA ASN C 109 -54.14 32.48 -13.13
C ASN C 109 -53.79 31.65 -11.91
N VAL C 110 -52.58 31.79 -11.39
CA VAL C 110 -52.28 31.17 -10.11
C VAL C 110 -52.65 32.12 -9.00
N LEU C 111 -53.86 31.99 -8.48
CA LEU C 111 -54.33 32.87 -7.42
C LEU C 111 -55.08 32.06 -6.38
N GLY C 112 -56.41 32.09 -6.39
CA GLY C 112 -57.18 31.61 -5.26
C GLY C 112 -58.06 30.38 -5.43
N ALA C 113 -57.93 29.68 -6.54
CA ALA C 113 -58.71 28.48 -6.77
C ALA C 113 -58.16 27.36 -5.92
N PRO C 114 -59.02 26.43 -5.47
CA PRO C 114 -58.45 25.29 -4.77
C PRO C 114 -57.52 24.49 -5.68
N SER C 115 -56.38 24.08 -5.16
CA SER C 115 -55.37 23.34 -5.92
C SER C 115 -55.65 21.85 -6.02
N SER C 116 -54.60 21.08 -6.29
CA SER C 116 -54.74 19.65 -6.30
C SER C 116 -54.86 19.22 -4.86
N VAL C 117 -54.35 20.05 -3.96
CA VAL C 117 -54.71 19.97 -2.55
C VAL C 117 -55.73 21.06 -2.30
N SER C 118 -56.96 20.64 -2.02
CA SER C 118 -58.10 21.55 -2.06
C SER C 118 -58.22 22.37 -0.79
N SER C 119 -57.41 22.07 0.21
CA SER C 119 -57.51 22.79 1.46
C SER C 119 -56.70 24.06 1.40
N LEU C 120 -56.10 24.29 0.23
CA LEU C 120 -55.05 25.29 -0.01
C LEU C 120 -55.21 25.95 -1.38
N PRO C 121 -55.07 27.29 -1.47
CA PRO C 121 -55.21 27.93 -2.77
C PRO C 121 -54.06 27.61 -3.71
N ASP C 122 -54.20 27.89 -5.00
CA ASP C 122 -53.13 27.64 -5.97
C ASP C 122 -51.82 28.28 -5.55
N ILE C 123 -51.85 29.55 -5.18
CA ILE C 123 -50.62 30.29 -4.94
C ILE C 123 -49.85 29.84 -3.71
N LEU C 124 -50.54 29.28 -2.72
CA LEU C 124 -49.84 28.79 -1.53
C LEU C 124 -49.34 27.38 -1.77
N PHE C 125 -50.09 26.63 -2.55
CA PHE C 125 -49.64 25.30 -2.92
C PHE C 125 -48.45 25.42 -3.84
N ALA C 126 -48.51 26.35 -4.78
CA ALA C 126 -47.42 26.54 -5.73
C ALA C 126 -46.16 27.01 -5.05
N VAL C 127 -46.28 27.70 -3.93
CA VAL C 127 -45.12 28.21 -3.22
C VAL C 127 -44.48 27.06 -2.47
N TYR C 128 -45.32 26.32 -1.75
CA TYR C 128 -44.91 25.14 -1.00
C TYR C 128 -44.26 24.10 -1.86
N GLN C 129 -44.93 23.74 -2.94
CA GLN C 129 -44.47 22.68 -3.83
C GLN C 129 -43.22 23.07 -4.62
N GLY C 130 -42.91 24.36 -4.64
CA GLY C 130 -41.76 24.81 -5.36
C GLY C 130 -40.50 24.51 -4.59
N MET C 131 -40.60 24.56 -3.28
CA MET C 131 -39.48 24.28 -2.41
C MET C 131 -39.12 22.81 -2.52
N PHE C 132 -40.14 21.99 -2.76
CA PHE C 132 -39.91 20.58 -3.02
C PHE C 132 -39.09 20.41 -4.28
N ALA C 133 -39.40 21.18 -5.29
CA ALA C 133 -38.61 21.18 -6.52
C ALA C 133 -37.23 21.70 -6.21
N ALA C 134 -37.13 22.79 -5.46
CA ALA C 134 -35.83 23.36 -5.13
C ALA C 134 -35.02 22.37 -4.34
N VAL C 135 -35.66 21.62 -3.46
CA VAL C 135 -34.96 20.57 -2.71
C VAL C 135 -34.42 19.54 -3.66
N THR C 136 -35.31 18.95 -4.47
CA THR C 136 -34.93 17.93 -5.44
C THR C 136 -33.81 18.39 -6.36
N GLY C 137 -33.94 19.59 -6.89
CA GLY C 137 -32.95 20.14 -7.79
C GLY C 137 -31.64 20.52 -7.13
N ALA C 138 -31.64 20.58 -5.81
CA ALA C 138 -30.42 20.81 -5.06
C ALA C 138 -29.73 19.47 -4.81
N LEU C 139 -30.51 18.40 -4.83
CA LEU C 139 -29.98 17.04 -4.72
C LEU C 139 -29.36 16.63 -6.02
N MET C 140 -30.11 16.80 -7.10
CA MET C 140 -29.62 16.48 -8.43
C MET C 140 -28.36 17.27 -8.72
N LEU C 141 -28.26 18.45 -8.14
CA LEU C 141 -27.05 19.25 -8.26
C LEU C 141 -25.87 18.57 -7.57
N GLY C 142 -26.13 18.00 -6.40
CA GLY C 142 -25.08 17.45 -5.55
C GLY C 142 -24.61 16.09 -6.01
N GLY C 143 -25.38 15.47 -6.88
CA GLY C 143 -25.01 14.20 -7.46
C GLY C 143 -24.17 14.43 -8.69
N ALA C 144 -24.33 15.58 -9.32
CA ALA C 144 -23.68 15.85 -10.59
C ALA C 144 -22.71 17.03 -10.54
N CYS C 145 -22.11 17.28 -9.39
CA CYS C 145 -21.34 18.50 -9.22
C CYS C 145 -19.86 18.33 -9.38
N GLU C 146 -19.40 17.10 -9.56
CA GLU C 146 -17.96 16.87 -9.66
C GLU C 146 -17.41 17.33 -10.99
N ARG C 147 -16.44 18.22 -10.92
CA ARG C 147 -15.88 18.91 -12.08
C ARG C 147 -16.96 19.42 -13.00
N ALA C 148 -18.02 19.97 -12.41
CA ALA C 148 -19.11 20.53 -13.17
C ALA C 148 -18.76 21.92 -13.64
N ARG C 149 -19.44 22.38 -14.69
CA ARG C 149 -19.29 23.76 -15.15
C ARG C 149 -20.60 24.48 -14.85
N LEU C 150 -20.52 25.74 -14.45
CA LEU C 150 -21.67 26.42 -13.86
C LEU C 150 -22.80 26.63 -14.86
N PHE C 151 -22.55 27.24 -16.00
CA PHE C 151 -23.63 27.51 -16.93
C PHE C 151 -24.24 26.25 -17.55
N PRO C 152 -23.44 25.22 -17.86
CA PRO C 152 -24.12 23.99 -18.29
C PRO C 152 -24.84 23.31 -17.14
N MET C 153 -24.54 23.71 -15.91
CA MET C 153 -25.20 23.15 -14.75
C MET C 153 -26.60 23.75 -14.60
N MET C 154 -26.72 25.04 -14.86
CA MET C 154 -27.99 25.72 -14.83
C MET C 154 -28.92 25.15 -15.89
N VAL C 155 -28.45 25.13 -17.13
CA VAL C 155 -29.19 24.57 -18.24
C VAL C 155 -29.62 23.14 -17.96
N PHE C 156 -28.75 22.37 -17.31
CA PHE C 156 -29.07 20.98 -17.00
C PHE C 156 -30.19 20.92 -16.00
N LEU C 157 -30.05 21.64 -14.89
CA LEU C 157 -31.05 21.68 -13.83
C LEU C 157 -32.40 22.11 -14.35
N PHE C 158 -32.41 23.17 -15.13
CA PHE C 158 -33.64 23.68 -15.69
C PHE C 158 -34.30 22.57 -16.47
N LEU C 159 -33.62 22.07 -17.49
CA LEU C 159 -34.17 21.07 -18.38
C LEU C 159 -34.53 19.80 -17.62
N TRP C 160 -33.75 19.45 -16.62
CA TRP C 160 -34.02 18.24 -15.84
C TRP C 160 -35.31 18.37 -15.06
N MET C 161 -35.48 19.50 -14.38
CA MET C 161 -36.67 19.72 -13.60
C MET C 161 -37.87 19.71 -14.54
N THR C 162 -37.69 20.26 -15.74
CA THR C 162 -38.78 20.39 -16.69
C THR C 162 -39.25 19.07 -17.25
N ILE C 163 -38.33 18.24 -17.74
CA ILE C 163 -38.70 16.98 -18.39
C ILE C 163 -38.48 15.73 -17.57
N VAL C 164 -38.15 15.85 -16.28
CA VAL C 164 -37.99 14.66 -15.44
C VAL C 164 -38.75 14.73 -14.11
N TYR C 165 -38.52 15.80 -13.34
CA TYR C 165 -39.18 15.95 -12.03
C TYR C 165 -40.65 16.24 -12.19
N CYS C 166 -40.95 17.20 -13.06
CA CYS C 166 -42.33 17.65 -13.27
C CYS C 166 -43.28 16.55 -13.75
N PRO C 167 -42.90 15.78 -14.79
CA PRO C 167 -43.86 14.75 -15.18
C PRO C 167 -44.06 13.72 -14.09
N ILE C 168 -43.02 13.43 -13.31
CA ILE C 168 -43.15 12.45 -12.24
C ILE C 168 -43.95 13.01 -11.08
N ALA C 169 -43.87 14.32 -10.87
CA ALA C 169 -44.65 14.96 -9.82
C ALA C 169 -46.11 14.95 -10.22
N CYS C 170 -46.34 15.07 -11.52
CA CYS C 170 -47.69 15.09 -12.04
C CYS C 170 -48.34 13.74 -11.80
N TRP C 171 -47.59 12.68 -12.04
CA TRP C 171 -48.08 11.32 -11.84
C TRP C 171 -48.46 11.06 -10.38
N VAL C 172 -47.61 11.51 -9.47
CA VAL C 172 -47.70 11.10 -8.08
C VAL C 172 -48.54 12.02 -7.21
N TRP C 173 -48.54 13.32 -7.51
CA TRP C 173 -49.10 14.30 -6.59
C TRP C 173 -50.27 15.09 -7.16
N ASN C 174 -50.31 15.23 -8.47
CA ASN C 174 -51.43 15.92 -9.09
C ASN C 174 -52.70 15.15 -8.82
N ALA C 175 -53.83 15.83 -8.83
CA ALA C 175 -55.08 15.18 -8.51
C ALA C 175 -55.52 14.30 -9.66
N GLU C 176 -54.86 14.43 -10.80
CA GLU C 176 -55.19 13.66 -11.99
C GLU C 176 -54.03 12.83 -12.53
N GLY C 177 -52.99 12.63 -11.73
CA GLY C 177 -51.86 11.86 -12.20
C GLY C 177 -52.23 10.41 -12.28
N TRP C 178 -51.69 9.69 -13.26
CA TRP C 178 -52.12 8.32 -13.47
C TRP C 178 -51.72 7.42 -12.33
N LEU C 179 -50.70 7.79 -11.57
CA LEU C 179 -50.28 6.96 -10.45
C LEU C 179 -51.12 7.23 -9.22
N VAL C 180 -51.78 8.39 -9.16
CA VAL C 180 -52.65 8.67 -8.03
C VAL C 180 -53.92 7.86 -8.18
N LYS C 181 -54.43 7.84 -9.42
CA LYS C 181 -55.58 7.03 -9.76
C LYS C 181 -55.27 5.55 -9.59
N LEU C 182 -54.06 5.16 -9.99
CA LEU C 182 -53.63 3.77 -9.86
C LEU C 182 -53.69 3.31 -8.40
N GLY C 183 -53.09 4.08 -7.50
CA GLY C 183 -53.13 3.75 -6.09
C GLY C 183 -51.78 3.89 -5.41
N SER C 184 -50.78 4.32 -6.17
CA SER C 184 -49.45 4.55 -5.64
C SER C 184 -49.49 5.54 -4.52
N LEU C 185 -49.10 5.12 -3.32
CA LEU C 185 -49.03 6.03 -2.18
C LEU C 185 -47.66 6.64 -2.04
N ASP C 186 -47.63 7.95 -1.90
CA ASP C 186 -46.39 8.68 -1.69
C ASP C 186 -46.72 9.97 -0.99
N TYR C 187 -46.40 10.03 0.29
CA TYR C 187 -46.77 11.17 1.11
C TYR C 187 -46.03 12.45 0.69
N ALA C 188 -44.72 12.46 0.84
CA ALA C 188 -43.91 13.65 0.61
C ALA C 188 -42.80 13.48 -0.41
N GLY C 189 -42.82 12.40 -1.17
CA GLY C 189 -41.88 12.26 -2.28
C GLY C 189 -40.80 11.19 -2.22
N GLY C 190 -41.19 9.96 -1.89
CA GLY C 190 -40.28 8.85 -2.06
C GLY C 190 -39.92 8.79 -3.53
N LEU C 191 -40.94 8.91 -4.37
CA LEU C 191 -40.81 8.82 -5.82
C LEU C 191 -40.37 10.13 -6.48
N CYS C 192 -40.93 11.25 -6.04
CA CYS C 192 -40.74 12.53 -6.73
C CYS C 192 -39.41 13.19 -6.41
N VAL C 193 -39.07 13.24 -5.14
CA VAL C 193 -37.87 13.92 -4.71
C VAL C 193 -36.66 13.01 -4.65
N HIS C 194 -36.79 11.90 -3.92
CA HIS C 194 -35.65 11.05 -3.57
C HIS C 194 -35.33 9.97 -4.60
N LEU C 195 -36.34 9.34 -5.15
CA LEU C 195 -36.10 8.32 -6.15
C LEU C 195 -35.61 8.96 -7.43
N THR C 196 -36.16 10.12 -7.77
CA THR C 196 -35.74 10.83 -8.96
C THR C 196 -34.31 11.31 -8.87
N SER C 197 -34.04 12.13 -7.86
CA SER C 197 -32.73 12.73 -7.69
C SER C 197 -31.67 11.67 -7.44
N GLY C 198 -32.05 10.64 -6.71
CA GLY C 198 -31.15 9.55 -6.43
C GLY C 198 -30.69 8.85 -7.68
N HIS C 199 -31.62 8.40 -8.51
CA HIS C 199 -31.26 7.61 -9.69
C HIS C 199 -30.64 8.42 -10.80
N GLY C 200 -30.86 9.72 -10.81
CA GLY C 200 -30.18 10.55 -11.78
C GLY C 200 -28.78 10.74 -11.28
N GLY C 201 -28.59 10.45 -10.00
CA GLY C 201 -27.28 10.52 -9.40
C GLY C 201 -26.50 9.29 -9.75
N LEU C 202 -27.21 8.20 -10.00
CA LEU C 202 -26.63 6.96 -10.48
C LEU C 202 -26.31 7.06 -11.96
N VAL C 203 -27.28 7.55 -12.73
CA VAL C 203 -27.13 7.75 -14.18
C VAL C 203 -26.01 8.74 -14.44
N TYR C 204 -25.73 9.61 -13.48
CA TYR C 204 -24.56 10.46 -13.61
C TYR C 204 -23.29 9.63 -13.47
N ALA C 205 -23.23 8.83 -12.40
CA ALA C 205 -22.06 8.03 -12.07
C ALA C 205 -21.61 7.16 -13.23
N LEU C 206 -22.57 6.63 -13.98
CA LEU C 206 -22.27 5.68 -15.03
C LEU C 206 -21.84 6.39 -16.32
N ILE C 207 -22.57 7.41 -16.73
CA ILE C 207 -22.26 8.12 -17.97
C ILE C 207 -21.09 9.10 -17.82
N LEU C 208 -21.12 9.94 -16.80
CA LEU C 208 -19.98 10.79 -16.50
C LEU C 208 -19.42 10.39 -15.14
N GLY C 209 -18.42 11.09 -14.67
CA GLY C 209 -17.90 10.74 -13.37
C GLY C 209 -16.80 9.73 -13.46
N LYS C 210 -15.70 9.98 -12.76
CA LYS C 210 -14.49 9.20 -12.90
C LYS C 210 -14.78 7.74 -12.71
N ARG C 211 -14.48 6.95 -13.74
CA ARG C 211 -14.52 5.50 -13.63
C ARG C 211 -13.15 5.11 -13.12
N ASN C 212 -13.09 4.00 -12.39
CA ASN C 212 -11.84 3.54 -11.81
C ASN C 212 -11.21 4.64 -10.96
N ASP C 213 -11.91 5.01 -9.89
CA ASP C 213 -11.56 6.16 -9.05
C ASP C 213 -10.64 5.78 -7.91
N PRO C 214 -9.45 6.39 -7.86
CA PRO C 214 -8.46 6.16 -6.82
C PRO C 214 -8.99 6.24 -5.40
N VAL C 215 -10.18 6.80 -5.22
CA VAL C 215 -10.73 6.92 -3.87
C VAL C 215 -11.51 5.67 -3.51
N THR C 216 -11.62 4.76 -4.47
CA THR C 216 -12.44 3.56 -4.28
C THR C 216 -11.64 2.28 -4.36
N ARG C 217 -10.34 2.41 -4.57
CA ARG C 217 -9.45 1.26 -4.59
C ARG C 217 -9.64 0.45 -3.31
N LYS C 218 -9.42 -0.85 -3.38
CA LYS C 218 -9.57 -1.69 -2.21
C LYS C 218 -8.58 -1.29 -1.15
N GLY C 219 -9.03 -1.24 0.10
CA GLY C 219 -8.16 -0.89 1.21
C GLY C 219 -8.16 0.60 1.49
N MET C 220 -9.01 1.32 0.76
CA MET C 220 -9.16 2.76 0.90
C MET C 220 -10.45 3.02 1.70
N PRO C 221 -10.43 3.98 2.64
CA PRO C 221 -11.47 4.02 3.66
C PRO C 221 -12.87 4.34 3.12
N LYS C 222 -13.89 3.85 3.81
CA LYS C 222 -15.28 4.05 3.42
C LYS C 222 -15.71 5.48 3.69
N TYR C 223 -15.09 6.13 4.68
CA TYR C 223 -15.39 7.52 4.99
C TYR C 223 -14.13 8.36 5.14
N LYS C 224 -14.01 9.37 4.29
CA LYS C 224 -12.92 10.33 4.37
C LYS C 224 -13.52 11.72 4.14
N PRO C 225 -14.39 12.16 5.07
CA PRO C 225 -15.21 13.35 4.90
C PRO C 225 -14.44 14.67 4.76
N HIS C 226 -14.80 15.47 3.76
CA HIS C 226 -14.16 16.75 3.52
C HIS C 226 -14.32 17.70 4.68
N SER C 227 -15.41 17.58 5.40
CA SER C 227 -15.68 18.40 6.57
C SER C 227 -16.75 17.75 7.41
N VAL C 228 -16.41 17.37 8.63
CA VAL C 228 -17.41 16.76 9.50
C VAL C 228 -18.44 17.81 9.86
N THR C 229 -17.95 18.98 10.26
CA THR C 229 -18.77 20.13 10.61
C THR C 229 -19.79 20.46 9.55
N SER C 230 -19.38 20.35 8.30
CA SER C 230 -20.27 20.64 7.20
C SER C 230 -21.35 19.58 7.13
N VAL C 231 -21.02 18.36 7.53
CA VAL C 231 -22.00 17.28 7.47
C VAL C 231 -23.01 17.42 8.58
N VAL C 232 -22.55 17.84 9.74
CA VAL C 232 -23.41 18.00 10.91
C VAL C 232 -24.29 19.24 10.82
N LEU C 233 -23.75 20.35 10.32
CA LEU C 233 -24.57 21.55 10.11
C LEU C 233 -25.65 21.29 9.08
N GLY C 234 -25.30 20.70 7.95
CA GLY C 234 -26.29 20.35 6.95
C GLY C 234 -27.37 19.40 7.41
N THR C 235 -27.14 18.66 8.49
CA THR C 235 -28.14 17.73 9.01
C THR C 235 -29.08 18.46 9.96
N VAL C 236 -28.52 19.37 10.75
CA VAL C 236 -29.30 20.29 11.55
C VAL C 236 -30.34 21.04 10.71
N PHE C 237 -29.94 21.58 9.56
CA PHE C 237 -30.87 22.29 8.67
C PHE C 237 -31.85 21.32 8.03
N LEU C 238 -31.39 20.13 7.69
CA LEU C 238 -32.20 19.16 6.97
C LEU C 238 -33.18 18.45 7.87
N TRP C 239 -32.78 18.17 9.10
CA TRP C 239 -33.71 17.53 10.02
C TRP C 239 -34.80 18.54 10.41
N PHE C 240 -34.41 19.77 10.72
CA PHE C 240 -35.32 20.86 11.04
C PHE C 240 -36.25 21.11 9.89
N GLY C 241 -35.72 21.32 8.71
CA GLY C 241 -36.56 21.50 7.54
C GLY C 241 -37.44 20.31 7.23
N TRP C 242 -37.12 19.15 7.78
CA TRP C 242 -37.84 17.94 7.38
C TRP C 242 -39.13 17.85 8.13
N MET C 243 -39.21 18.42 9.32
CA MET C 243 -40.45 18.38 10.06
C MET C 243 -41.55 19.15 9.30
N PHE C 244 -41.13 20.12 8.49
CA PHE C 244 -42.02 20.91 7.67
C PHE C 244 -42.23 20.28 6.31
N PHE C 245 -41.26 19.50 5.86
CA PHE C 245 -41.30 18.77 4.58
C PHE C 245 -42.36 17.67 4.64
N ASN C 246 -42.39 16.93 5.75
CA ASN C 246 -43.34 15.85 5.99
C ASN C 246 -44.61 16.34 6.65
N GLY C 247 -44.47 17.35 7.50
CA GLY C 247 -45.60 17.88 8.23
C GLY C 247 -46.61 18.53 7.32
N GLY C 248 -46.13 19.34 6.40
CA GLY C 248 -47.00 20.13 5.57
C GLY C 248 -47.56 19.37 4.39
N SER C 249 -47.13 18.12 4.25
CA SER C 249 -47.59 17.31 3.14
C SER C 249 -48.99 16.80 3.43
N ALA C 250 -49.42 17.03 4.66
CA ALA C 250 -50.78 16.75 5.07
C ALA C 250 -51.69 17.72 4.37
N GLY C 251 -51.17 18.91 4.11
CA GLY C 251 -51.91 19.97 3.46
C GLY C 251 -52.75 20.74 4.43
N ASN C 252 -52.64 20.42 5.71
CA ASN C 252 -53.47 21.07 6.70
C ASN C 252 -52.86 20.97 8.10
N ALA C 253 -53.61 21.37 9.12
CA ALA C 253 -53.06 21.38 10.45
C ALA C 253 -53.72 20.35 11.33
N THR C 254 -54.33 19.35 10.72
CA THR C 254 -55.10 18.35 11.45
C THR C 254 -54.18 17.35 12.13
N ILE C 255 -54.72 16.50 13.00
CA ILE C 255 -53.92 15.48 13.69
C ILE C 255 -52.91 14.77 12.77
N ARG C 256 -53.21 14.69 11.48
CA ARG C 256 -52.37 13.92 10.57
C ARG C 256 -51.01 14.54 10.37
N ALA C 257 -50.94 15.86 10.44
CA ALA C 257 -49.68 16.54 10.26
C ALA C 257 -48.78 16.32 11.46
N TRP C 258 -49.34 16.29 12.66
CA TRP C 258 -48.53 16.14 13.86
C TRP C 258 -48.21 14.69 14.11
N TYR C 259 -49.07 13.81 13.61
CA TYR C 259 -48.82 12.38 13.71
C TYR C 259 -47.65 12.05 12.82
N SER C 260 -47.54 12.72 11.69
CA SER C 260 -46.51 12.40 10.72
C SER C 260 -45.18 13.08 11.00
N ILE C 261 -45.17 14.06 11.91
CA ILE C 261 -43.91 14.62 12.37
C ILE C 261 -43.32 13.71 13.43
N MET C 262 -44.16 13.08 14.25
CA MET C 262 -43.66 12.16 15.25
C MET C 262 -43.07 10.92 14.60
N SER C 263 -43.72 10.42 13.55
CA SER C 263 -43.20 9.32 12.74
C SER C 263 -41.91 9.74 12.03
N THR C 264 -41.79 11.03 11.75
CA THR C 264 -40.65 11.55 11.00
C THR C 264 -39.40 11.61 11.86
N ASN C 265 -39.54 12.10 13.09
CA ASN C 265 -38.43 12.18 14.02
C ASN C 265 -38.01 10.87 14.63
N LEU C 266 -38.97 9.95 14.77
CA LEU C 266 -38.68 8.66 15.33
C LEU C 266 -37.85 7.87 14.33
N ALA C 267 -38.32 7.82 13.09
CA ALA C 267 -37.61 7.13 12.03
C ALA C 267 -36.27 7.78 11.72
N ALA C 268 -36.08 8.99 12.22
CA ALA C 268 -34.79 9.66 12.08
C ALA C 268 -33.87 9.12 13.15
N ALA C 269 -34.29 9.24 14.40
CA ALA C 269 -33.52 8.77 15.54
C ALA C 269 -33.09 7.32 15.35
N CYS C 270 -34.03 6.47 14.98
CA CYS C 270 -33.78 5.03 14.80
C CYS C 270 -32.87 4.78 13.62
N GLY C 271 -33.16 5.40 12.49
CA GLY C 271 -32.32 5.25 11.31
C GLY C 271 -30.91 5.71 11.57
N GLY C 272 -30.76 6.74 12.38
CA GLY C 272 -29.46 7.25 12.75
C GLY C 272 -28.73 6.29 13.65
N LEU C 273 -29.38 5.91 14.73
CA LEU C 273 -28.81 4.99 15.71
C LEU C 273 -28.45 3.64 15.10
N THR C 274 -29.10 3.30 13.98
CA THR C 274 -28.85 2.04 13.31
C THR C 274 -27.58 2.12 12.51
N TRP C 275 -27.46 3.16 11.69
CA TRP C 275 -26.26 3.35 10.87
C TRP C 275 -25.05 3.53 11.76
N MET C 276 -25.20 4.32 12.81
CA MET C 276 -24.10 4.65 13.69
C MET C 276 -23.47 3.39 14.26
N VAL C 277 -24.32 2.39 14.50
CA VAL C 277 -23.97 1.16 15.20
C VAL C 277 -23.52 0.05 14.25
N ILE C 278 -24.24 -0.13 13.15
CA ILE C 278 -23.78 -0.99 12.06
C ILE C 278 -22.35 -0.64 11.67
N ASP C 279 -22.05 0.64 11.52
CA ASP C 279 -20.70 1.09 11.20
C ASP C 279 -19.71 0.81 12.33
N TYR C 280 -20.21 0.76 13.56
CA TYR C 280 -19.35 0.58 14.72
C TYR C 280 -18.76 -0.80 14.69
N PHE C 281 -19.57 -1.74 14.20
CA PHE C 281 -19.16 -3.12 14.11
C PHE C 281 -18.43 -3.34 12.81
N ARG C 282 -19.01 -2.91 11.70
CA ARG C 282 -18.36 -3.02 10.40
C ARG C 282 -17.01 -2.29 10.31
N CYS C 283 -16.63 -1.58 11.37
CA CYS C 283 -15.38 -0.82 11.34
C CYS C 283 -14.50 -1.13 12.56
N GLY C 284 -14.92 -2.09 13.37
CA GLY C 284 -14.10 -2.57 14.46
C GLY C 284 -14.08 -1.72 15.72
N ARG C 285 -15.22 -1.64 16.40
CA ARG C 285 -15.32 -0.94 17.67
C ARG C 285 -14.90 0.55 17.58
N LYS C 286 -15.05 1.13 16.39
CA LYS C 286 -14.80 2.54 16.18
C LYS C 286 -16.10 3.25 15.83
N TRP C 287 -16.32 4.46 16.34
CA TRP C 287 -17.54 5.21 16.07
C TRP C 287 -17.39 6.15 14.88
N THR C 288 -18.09 5.86 13.79
CA THR C 288 -17.93 6.64 12.58
C THR C 288 -18.26 8.11 12.81
N THR C 289 -17.68 8.96 11.99
CA THR C 289 -17.79 10.41 12.19
C THR C 289 -18.94 10.99 11.37
N VAL C 290 -19.29 10.33 10.26
CA VAL C 290 -20.47 10.70 9.51
C VAL C 290 -21.52 9.60 9.57
N GLY C 291 -21.30 8.62 10.44
CA GLY C 291 -22.20 7.50 10.59
C GLY C 291 -23.59 7.86 11.08
N LEU C 292 -23.67 8.51 12.23
CA LEU C 292 -24.94 8.98 12.77
C LEU C 292 -25.70 9.84 11.79
N CYS C 293 -25.06 10.90 11.30
CA CYS C 293 -25.73 11.87 10.42
C CYS C 293 -26.22 11.24 9.13
N SER C 294 -25.47 10.28 8.59
CA SER C 294 -25.93 9.58 7.40
C SER C 294 -27.13 8.72 7.71
N GLY C 295 -27.20 8.25 8.94
CA GLY C 295 -28.27 7.34 9.31
C GLY C 295 -29.55 8.11 9.47
N ILE C 296 -29.42 9.26 10.12
CA ILE C 296 -30.51 10.20 10.34
C ILE C 296 -31.19 10.58 9.02
N ILE C 297 -30.41 10.99 8.03
CA ILE C 297 -30.96 11.31 6.71
C ILE C 297 -31.61 10.11 6.08
N ALA C 298 -30.97 8.95 6.21
CA ALA C 298 -31.46 7.72 5.61
C ALA C 298 -32.84 7.37 6.13
N GLY C 299 -33.04 7.49 7.43
CA GLY C 299 -34.30 7.13 8.05
C GLY C 299 -35.36 8.15 7.74
N LEU C 300 -34.92 9.34 7.33
CA LEU C 300 -35.80 10.42 6.95
C LEU C 300 -36.25 10.27 5.50
N VAL C 301 -35.42 9.70 4.65
CA VAL C 301 -35.84 9.38 3.29
C VAL C 301 -36.74 8.17 3.35
N GLY C 302 -36.48 7.33 4.34
CA GLY C 302 -37.20 6.09 4.44
C GLY C 302 -38.64 6.35 4.74
N ILE C 303 -38.88 7.31 5.62
CA ILE C 303 -40.20 7.59 6.15
C ILE C 303 -40.90 8.69 5.35
N THR C 304 -40.22 9.24 4.35
CA THR C 304 -40.81 10.27 3.52
C THR C 304 -42.07 9.76 2.83
N PRO C 305 -41.98 8.66 2.06
CA PRO C 305 -43.27 8.34 1.44
C PRO C 305 -44.30 7.78 2.40
N ALA C 306 -43.88 7.45 3.61
CA ALA C 306 -44.75 6.72 4.52
C ALA C 306 -45.31 7.57 5.63
N ALA C 307 -44.79 8.78 5.81
CA ALA C 307 -44.99 9.54 7.05
C ALA C 307 -46.43 9.71 7.48
N GLY C 308 -47.30 10.04 6.54
CA GLY C 308 -48.69 10.30 6.88
C GLY C 308 -49.62 9.14 6.71
N PHE C 309 -49.05 7.95 6.53
CA PHE C 309 -49.80 6.71 6.36
C PHE C 309 -49.56 5.68 7.45
N VAL C 310 -48.31 5.50 7.86
CA VAL C 310 -47.95 4.37 8.72
C VAL C 310 -48.03 4.69 10.22
N PRO C 311 -48.18 3.65 11.06
CA PRO C 311 -48.21 3.82 12.52
C PRO C 311 -46.86 4.20 13.10
N ILE C 312 -46.86 4.87 14.25
CA ILE C 312 -45.63 5.40 14.83
C ILE C 312 -44.61 4.30 15.02
N TRP C 313 -45.02 3.21 15.66
CA TRP C 313 -44.14 2.08 15.90
C TRP C 313 -43.53 1.57 14.60
N SER C 314 -44.29 1.62 13.51
CA SER C 314 -43.78 1.12 12.25
C SER C 314 -42.68 2.00 11.71
N ALA C 315 -42.61 3.23 12.19
CA ALA C 315 -41.56 4.14 11.73
C ALA C 315 -40.21 3.59 12.14
N VAL C 316 -40.16 3.01 13.34
CA VAL C 316 -38.96 2.40 13.86
C VAL C 316 -38.43 1.36 12.90
N VAL C 317 -39.33 0.54 12.38
CA VAL C 317 -38.98 -0.49 11.39
C VAL C 317 -38.50 0.17 10.11
N ILE C 318 -39.22 1.19 9.65
CA ILE C 318 -38.90 1.89 8.40
C ILE C 318 -37.55 2.62 8.46
N GLY C 319 -37.16 3.03 9.66
CA GLY C 319 -35.90 3.73 9.84
C GLY C 319 -34.73 2.79 9.94
N VAL C 320 -34.95 1.66 10.62
CA VAL C 320 -33.93 0.64 10.81
C VAL C 320 -33.56 -0.05 9.50
N VAL C 321 -34.56 -0.42 8.72
CA VAL C 321 -34.33 -1.08 7.45
C VAL C 321 -33.66 -0.13 6.45
N THR C 322 -34.10 1.12 6.42
CA THR C 322 -33.55 2.11 5.48
C THR C 322 -32.18 2.59 5.91
N GLY C 323 -31.94 2.63 7.21
CA GLY C 323 -30.61 2.90 7.72
C GLY C 323 -29.66 1.81 7.28
N ALA C 324 -29.98 0.57 7.62
CA ALA C 324 -29.15 -0.57 7.24
C ALA C 324 -29.00 -0.69 5.74
N GLY C 325 -30.10 -0.68 5.01
CA GLY C 325 -30.06 -0.81 3.56
C GLY C 325 -29.22 0.25 2.89
N CYS C 326 -29.15 1.43 3.48
CA CYS C 326 -28.38 2.50 2.89
C CYS C 326 -26.92 2.35 3.31
N ASN C 327 -26.70 1.91 4.53
CA ASN C 327 -25.34 1.70 5.02
C ASN C 327 -24.63 0.72 4.13
N LEU C 328 -25.35 -0.35 3.77
CA LEU C 328 -24.86 -1.36 2.85
C LEU C 328 -24.80 -0.80 1.43
N ALA C 329 -25.69 0.12 1.08
CA ALA C 329 -25.74 0.62 -0.29
C ALA C 329 -24.53 1.46 -0.64
N VAL C 330 -23.93 2.12 0.35
CA VAL C 330 -22.76 2.96 0.13
C VAL C 330 -21.57 2.10 -0.31
N ASP C 331 -21.64 0.82 0.03
CA ASP C 331 -20.59 -0.13 -0.30
C ASP C 331 -20.55 -0.45 -1.78
N LEU C 332 -21.59 -0.06 -2.49
CA LEU C 332 -21.65 -0.29 -3.93
C LEU C 332 -20.65 0.59 -4.64
N LYS C 333 -20.00 1.46 -3.90
CA LYS C 333 -19.01 2.35 -4.49
C LYS C 333 -17.76 1.56 -4.83
N SER C 334 -17.58 0.43 -4.14
CA SER C 334 -16.36 -0.34 -4.30
C SER C 334 -16.55 -1.55 -5.21
N LEU C 335 -17.68 -1.63 -5.90
CA LEU C 335 -17.89 -2.65 -6.91
C LEU C 335 -17.75 -2.06 -8.31
N LEU C 336 -18.26 -0.85 -8.48
CA LEU C 336 -18.16 -0.14 -9.75
C LEU C 336 -16.85 0.61 -9.81
N ARG C 337 -16.28 0.83 -8.63
CA ARG C 337 -15.10 1.66 -8.45
C ARG C 337 -15.33 3.07 -8.99
N ILE C 338 -16.51 3.61 -8.68
CA ILE C 338 -16.87 5.00 -8.97
C ILE C 338 -17.35 5.71 -7.71
N ASP C 339 -17.00 6.99 -7.56
CA ASP C 339 -17.48 7.74 -6.40
C ASP C 339 -18.60 8.73 -6.75
N ASP C 340 -18.35 9.67 -7.64
CA ASP C 340 -19.38 10.57 -8.12
C ASP C 340 -20.45 9.79 -8.84
N GLY C 341 -21.72 9.94 -8.47
CA GLY C 341 -22.17 10.66 -7.31
C GLY C 341 -23.14 9.71 -6.63
N LEU C 342 -22.64 8.52 -6.31
CA LEU C 342 -23.44 7.47 -5.71
C LEU C 342 -23.68 7.73 -4.23
N ASP C 343 -23.10 8.83 -3.75
CA ASP C 343 -23.38 9.31 -2.42
C ASP C 343 -24.84 9.66 -2.34
N CYS C 344 -25.30 10.41 -3.34
CA CYS C 344 -26.71 10.78 -3.42
C CYS C 344 -27.55 9.56 -3.75
N TYR C 345 -27.04 8.65 -4.57
CA TYR C 345 -27.79 7.47 -4.95
C TYR C 345 -28.01 6.55 -3.78
N SER C 346 -26.97 6.30 -2.99
CA SER C 346 -27.04 5.27 -1.95
C SER C 346 -27.87 5.70 -0.75
N ILE C 347 -28.35 6.93 -0.75
CA ILE C 347 -29.20 7.39 0.35
C ILE C 347 -30.59 7.80 -0.16
N HIS C 348 -30.64 8.44 -1.31
CA HIS C 348 -31.91 8.92 -1.83
C HIS C 348 -32.54 7.98 -2.85
N GLY C 349 -31.74 7.41 -3.73
CA GLY C 349 -32.26 6.48 -4.71
C GLY C 349 -32.72 5.19 -4.06
N VAL C 350 -31.88 4.64 -3.19
CA VAL C 350 -32.18 3.39 -2.50
C VAL C 350 -33.13 3.59 -1.33
N GLY C 351 -32.90 4.63 -0.54
CA GLY C 351 -33.79 4.96 0.56
C GLY C 351 -35.17 5.29 0.03
N GLY C 352 -35.21 5.84 -1.17
CA GLY C 352 -36.46 6.14 -1.83
C GLY C 352 -37.24 4.89 -2.15
N CYS C 353 -36.53 3.81 -2.48
CA CYS C 353 -37.17 2.57 -2.88
C CYS C 353 -37.52 1.71 -1.68
N ILE C 354 -36.66 1.64 -0.68
CA ILE C 354 -36.96 0.90 0.54
C ILE C 354 -38.17 1.52 1.19
N GLY C 355 -38.29 2.83 1.06
CA GLY C 355 -39.35 3.57 1.71
C GLY C 355 -40.67 3.42 1.00
N SER C 356 -40.66 3.54 -0.32
CA SER C 356 -41.88 3.49 -1.10
C SER C 356 -42.51 2.10 -1.05
N VAL C 357 -41.70 1.08 -0.84
CA VAL C 357 -42.22 -0.27 -0.65
C VAL C 357 -42.77 -0.40 0.74
N LEU C 358 -41.91 -0.22 1.75
CA LEU C 358 -42.29 -0.34 3.15
C LEU C 358 -43.52 0.50 3.47
N THR C 359 -43.72 1.55 2.67
CA THR C 359 -44.90 2.39 2.75
C THR C 359 -46.15 1.60 2.42
N GLY C 360 -46.08 0.79 1.38
CA GLY C 360 -47.20 -0.01 0.95
C GLY C 360 -47.44 -1.23 1.81
N ILE C 361 -46.59 -1.44 2.80
CA ILE C 361 -46.73 -2.57 3.71
C ILE C 361 -47.39 -2.13 5.02
N PHE C 362 -46.94 -1.01 5.58
CA PHE C 362 -47.44 -0.58 6.88
C PHE C 362 -48.51 0.51 6.77
N ALA C 363 -48.97 0.78 5.56
CA ALA C 363 -49.98 1.79 5.31
C ALA C 363 -51.29 1.48 6.00
N ALA C 364 -51.66 2.25 7.00
CA ALA C 364 -52.91 2.01 7.74
C ALA C 364 -53.96 3.06 7.44
N ASP C 365 -55.22 2.64 7.42
CA ASP C 365 -56.32 3.56 7.22
C ASP C 365 -56.58 4.39 8.47
N TYR C 366 -56.21 3.88 9.64
CA TYR C 366 -56.55 4.56 10.89
C TYR C 366 -55.58 5.70 11.19
N VAL C 367 -54.55 5.84 10.36
CA VAL C 367 -53.65 6.98 10.47
C VAL C 367 -54.10 8.07 9.52
N ASN C 368 -54.32 7.69 8.28
CA ASN C 368 -54.76 8.59 7.23
C ASN C 368 -56.06 9.33 7.55
N ALA C 369 -56.91 8.71 8.34
CA ALA C 369 -58.21 9.30 8.67
C ALA C 369 -58.11 10.30 9.81
N THR C 370 -56.89 10.51 10.30
CA THR C 370 -56.70 11.43 11.39
C THR C 370 -56.74 12.85 10.85
N ALA C 371 -56.88 12.98 9.53
CA ALA C 371 -57.07 14.29 8.90
C ALA C 371 -58.53 14.67 8.95
N GLY C 372 -59.36 13.72 9.36
CA GLY C 372 -60.82 13.79 9.39
C GLY C 372 -61.51 15.06 8.96
N SER C 373 -62.37 14.92 7.95
CA SER C 373 -63.12 15.99 7.25
C SER C 373 -62.28 16.51 6.11
N TYR C 374 -60.96 16.41 6.25
CA TYR C 374 -60.04 16.77 5.19
C TYR C 374 -59.54 15.54 4.46
N ILE C 375 -60.20 14.40 4.70
CA ILE C 375 -59.66 13.12 4.24
C ILE C 375 -59.92 12.83 2.78
N SER C 376 -58.89 12.32 2.12
CA SER C 376 -59.01 11.72 0.80
C SER C 376 -58.75 10.24 0.96
N PRO C 377 -59.77 9.48 1.38
CA PRO C 377 -59.72 8.10 1.88
C PRO C 377 -58.77 7.18 1.09
N ILE C 378 -58.05 6.32 1.81
CA ILE C 378 -57.15 5.35 1.18
C ILE C 378 -57.57 3.93 1.58
N ASP C 379 -57.37 2.98 0.66
CA ASP C 379 -57.89 1.63 0.83
C ASP C 379 -57.16 0.83 1.92
N GLY C 380 -55.88 1.10 2.12
CA GLY C 380 -55.12 0.45 3.17
C GLY C 380 -53.87 -0.23 2.65
N GLY C 381 -53.24 -1.02 3.49
CA GLY C 381 -52.02 -1.73 3.12
C GLY C 381 -51.99 -3.17 3.61
N TRP C 382 -50.79 -3.76 3.67
CA TRP C 382 -50.64 -5.15 4.07
C TRP C 382 -51.12 -5.35 5.51
N ILE C 383 -50.84 -4.38 6.39
CA ILE C 383 -51.31 -4.51 7.77
C ILE C 383 -52.82 -4.35 7.85
N ASN C 384 -53.45 -4.02 6.73
CA ASN C 384 -54.91 -3.95 6.64
C ASN C 384 -55.49 -5.06 5.78
N HIS C 385 -54.68 -6.09 5.55
CA HIS C 385 -55.09 -7.28 4.81
C HIS C 385 -55.50 -6.99 3.37
N HIS C 386 -55.23 -5.77 2.90
CA HIS C 386 -55.38 -5.44 1.48
C HIS C 386 -54.00 -5.54 0.82
N TYR C 387 -53.72 -6.69 0.23
CA TYR C 387 -52.36 -7.07 -0.06
C TYR C 387 -51.77 -6.47 -1.35
N LYS C 388 -52.63 -6.07 -2.29
CA LYS C 388 -52.12 -5.70 -3.60
C LYS C 388 -51.63 -4.27 -3.69
N GLN C 389 -51.47 -3.61 -2.54
CA GLN C 389 -50.97 -2.24 -2.50
C GLN C 389 -49.49 -2.20 -2.83
N VAL C 390 -48.76 -3.22 -2.40
CA VAL C 390 -47.32 -3.33 -2.64
C VAL C 390 -46.98 -3.35 -4.13
N GLY C 391 -47.98 -3.63 -4.96
CA GLY C 391 -47.77 -3.65 -6.40
C GLY C 391 -47.98 -2.26 -6.96
N TYR C 392 -48.91 -1.53 -6.35
CA TYR C 392 -49.21 -0.17 -6.77
C TYR C 392 -48.01 0.73 -6.48
N GLN C 393 -47.27 0.39 -5.43
CA GLN C 393 -46.04 1.08 -5.07
C GLN C 393 -44.92 0.78 -6.06
N LEU C 394 -44.71 -0.50 -6.35
CA LEU C 394 -43.68 -0.90 -7.30
C LEU C 394 -44.00 -0.44 -8.69
N ALA C 395 -45.26 -0.10 -8.92
CA ALA C 395 -45.66 0.50 -10.19
C ALA C 395 -45.10 1.91 -10.23
N GLY C 396 -45.27 2.64 -9.14
CA GLY C 396 -44.73 3.98 -9.01
C GLY C 396 -43.22 3.95 -9.06
N ILE C 397 -42.62 3.01 -8.32
CA ILE C 397 -41.17 2.87 -8.27
C ILE C 397 -40.59 2.59 -9.64
N CYS C 398 -41.35 1.91 -10.50
CA CYS C 398 -40.84 1.58 -11.83
C CYS C 398 -40.97 2.73 -12.81
N ALA C 399 -42.11 3.41 -12.77
CA ALA C 399 -42.34 4.48 -13.71
C ALA C 399 -41.41 5.63 -13.40
N ALA C 400 -41.27 5.94 -12.12
CA ALA C 400 -40.44 7.04 -11.67
C ALA C 400 -38.97 6.73 -11.88
N LEU C 401 -38.65 5.44 -12.03
CA LEU C 401 -37.27 4.99 -12.16
C LEU C 401 -36.92 4.83 -13.61
N ALA C 402 -37.83 4.28 -14.39
CA ALA C 402 -37.58 4.07 -15.80
C ALA C 402 -37.47 5.40 -16.50
N TRP C 403 -38.25 6.37 -16.04
CA TRP C 403 -38.33 7.67 -16.69
C TRP C 403 -37.13 8.55 -16.33
N THR C 404 -36.78 8.60 -15.04
CA THR C 404 -35.58 9.31 -14.59
C THR C 404 -34.32 8.73 -15.20
N VAL C 405 -34.14 7.42 -15.07
CA VAL C 405 -32.96 6.74 -15.56
C VAL C 405 -32.84 6.83 -17.08
N THR C 406 -33.96 6.87 -17.77
CA THR C 406 -33.95 7.03 -19.22
C THR C 406 -33.70 8.46 -19.64
N VAL C 407 -34.54 9.38 -19.18
CA VAL C 407 -34.50 10.75 -19.67
C VAL C 407 -33.28 11.52 -19.14
N THR C 408 -32.79 11.17 -17.96
CA THR C 408 -31.57 11.78 -17.44
C THR C 408 -30.36 11.35 -18.27
N SER C 409 -30.39 10.10 -18.74
CA SER C 409 -29.34 9.57 -19.59
C SER C 409 -29.30 10.36 -20.88
N ILE C 410 -30.47 10.50 -21.49
CA ILE C 410 -30.63 11.26 -22.73
C ILE C 410 -30.17 12.70 -22.59
N LEU C 411 -30.51 13.29 -21.46
CA LEU C 411 -30.24 14.70 -21.21
C LEU C 411 -28.74 14.93 -21.10
N LEU C 412 -28.07 14.05 -20.36
CA LEU C 412 -26.63 14.16 -20.15
C LEU C 412 -25.86 13.93 -21.43
N LEU C 413 -26.25 12.91 -22.19
CA LEU C 413 -25.57 12.55 -23.43
C LEU C 413 -25.81 13.58 -24.53
N THR C 414 -27.01 14.11 -24.62
CA THR C 414 -27.29 15.17 -25.57
C THR C 414 -26.48 16.40 -25.22
N MET C 415 -26.39 16.68 -23.94
CA MET C 415 -25.69 17.87 -23.49
C MET C 415 -24.20 17.68 -23.69
N ASN C 416 -23.79 16.42 -23.85
CA ASN C 416 -22.39 16.08 -24.02
C ASN C 416 -21.91 16.24 -25.45
N ALA C 417 -22.82 16.02 -26.40
CA ALA C 417 -22.49 16.14 -27.82
C ALA C 417 -22.31 17.59 -28.20
N ILE C 418 -22.74 18.49 -27.34
CA ILE C 418 -22.61 19.92 -27.59
C ILE C 418 -21.50 20.48 -26.73
N PRO C 419 -20.43 20.99 -27.38
CA PRO C 419 -19.25 21.43 -26.64
C PRO C 419 -19.55 22.62 -25.75
N PHE C 420 -20.58 23.35 -26.12
CA PHE C 420 -20.97 24.60 -25.49
C PHE C 420 -21.74 24.33 -24.19
N LEU C 421 -22.27 23.13 -24.05
CA LEU C 421 -23.12 22.76 -22.92
C LEU C 421 -22.67 21.51 -22.18
N LYS C 422 -21.48 21.01 -22.50
CA LYS C 422 -21.03 19.78 -21.87
C LYS C 422 -20.97 19.99 -20.37
N LEU C 423 -21.72 19.20 -19.62
CA LEU C 423 -21.75 19.35 -18.17
C LEU C 423 -20.35 19.22 -17.61
N ARG C 424 -19.73 18.06 -17.82
CA ARG C 424 -18.39 17.77 -17.31
C ARG C 424 -17.38 17.50 -18.42
N LEU C 425 -16.17 18.04 -18.27
CA LEU C 425 -15.12 17.79 -19.25
C LEU C 425 -14.39 16.47 -18.99
N SER C 426 -13.85 15.87 -20.06
CA SER C 426 -13.02 14.69 -19.92
C SER C 426 -11.58 15.13 -19.72
N ALA C 427 -10.81 14.33 -18.98
CA ALA C 427 -9.50 14.73 -18.47
C ALA C 427 -8.52 15.25 -19.53
N ASP C 428 -8.76 14.89 -20.79
CA ASP C 428 -7.88 15.31 -21.87
C ASP C 428 -8.15 16.75 -22.30
N GLU C 429 -9.31 17.28 -21.89
CA GLU C 429 -9.68 18.64 -22.24
C GLU C 429 -9.26 19.63 -21.16
N GLU C 430 -9.43 19.22 -19.91
CA GLU C 430 -9.26 20.08 -18.74
C GLU C 430 -7.84 20.57 -18.51
N GLU C 431 -7.73 21.77 -17.94
CA GLU C 431 -6.47 22.21 -17.36
C GLU C 431 -6.34 21.53 -16.01
N LEU C 432 -6.22 20.21 -16.03
CA LEU C 432 -6.17 19.39 -14.84
C LEU C 432 -5.10 19.87 -13.86
N GLY C 433 -5.36 19.71 -12.56
CA GLY C 433 -4.43 20.13 -11.53
C GLY C 433 -4.15 21.62 -11.58
N THR C 434 -4.84 22.38 -10.75
CA THR C 434 -4.71 23.83 -10.78
C THR C 434 -4.68 24.40 -9.39
N ASP C 435 -4.71 25.73 -9.30
CA ASP C 435 -4.82 26.40 -8.01
C ASP C 435 -6.16 26.04 -7.37
N ALA C 436 -6.30 24.78 -6.96
CA ALA C 436 -7.50 24.29 -6.32
C ALA C 436 -7.25 24.16 -4.83
N ALA C 437 -6.37 25.02 -4.33
CA ALA C 437 -6.12 25.09 -2.90
C ALA C 437 -6.90 26.24 -2.30
N GLN C 438 -7.81 26.80 -3.10
CA GLN C 438 -8.66 27.89 -2.67
C GLN C 438 -10.00 27.35 -2.17
N ILE C 439 -10.20 26.06 -2.32
CA ILE C 439 -11.22 25.34 -1.58
C ILE C 439 -10.56 24.83 -0.32
N GLY C 440 -11.09 25.17 0.86
CA GLY C 440 -12.36 25.80 1.03
C GLY C 440 -13.21 24.81 1.80
N GLU C 441 -13.17 24.87 3.13
CA GLU C 441 -13.90 23.89 3.94
C GLU C 441 -15.36 23.85 3.62
N PHE C 442 -15.98 25.02 3.57
CA PHE C 442 -17.39 25.15 3.25
C PHE C 442 -17.61 25.68 1.84
N THR C 443 -17.05 26.84 1.50
CA THR C 443 -17.07 27.33 0.13
C THR C 443 -15.66 27.57 -0.39
N TYR C 444 -15.15 28.79 -0.32
CA TYR C 444 -13.82 29.11 -0.83
C TYR C 444 -12.95 29.89 0.15
N GLU C 445 -11.64 29.85 -0.07
CA GLU C 445 -10.69 30.46 0.83
C GLU C 445 -10.77 31.95 0.75
N GLU C 446 -10.25 32.64 1.77
CA GLU C 446 -10.33 34.08 1.90
C GLU C 446 -10.01 34.82 0.61
N SER C 447 -10.60 36.00 0.44
CA SER C 447 -10.46 36.87 -0.72
C SER C 447 -10.58 36.24 -2.11
N THR C 448 -11.10 35.02 -2.19
CA THR C 448 -11.37 34.39 -3.47
C THR C 448 -12.43 35.14 -4.23
N ALA C 449 -12.07 35.82 -5.31
CA ALA C 449 -13.03 36.65 -6.02
C ALA C 449 -13.88 35.87 -7.00
N TYR C 450 -13.34 34.84 -7.63
CA TYR C 450 -14.08 34.07 -8.63
C TYR C 450 -14.07 32.60 -8.33
N ILE C 451 -15.07 31.86 -8.79
CA ILE C 451 -15.08 30.44 -8.51
C ILE C 451 -14.16 29.75 -9.47
N PRO C 452 -13.39 28.78 -8.98
CA PRO C 452 -12.40 28.08 -9.78
C PRO C 452 -13.03 27.16 -10.81
N GLU C 453 -13.40 27.70 -11.96
CA GLU C 453 -14.13 26.89 -12.93
C GLU C 453 -13.19 26.12 -13.82
N PRO C 454 -13.62 24.91 -14.24
CA PRO C 454 -12.92 24.10 -15.24
C PRO C 454 -12.70 24.80 -16.57
N ILE C 455 -11.46 24.75 -17.04
CA ILE C 455 -11.08 25.35 -18.31
C ILE C 455 -10.56 24.26 -19.24
N ARG C 456 -10.33 24.58 -20.51
CA ARG C 456 -9.82 23.58 -21.45
C ARG C 456 -8.59 24.01 -22.24
N SER C 457 -7.58 23.14 -22.25
CA SER C 457 -6.39 23.26 -23.11
C SER C 457 -5.72 24.63 -23.09
N TYR D 3 57.95 12.52 -10.39
CA TYR D 3 57.59 13.58 -11.32
C TYR D 3 58.35 14.85 -10.99
N ASN D 4 59.26 15.24 -11.86
CA ASN D 4 60.06 16.44 -11.64
C ASN D 4 59.49 17.65 -12.38
N PHE D 5 59.55 18.81 -11.75
CA PHE D 5 59.07 20.04 -12.36
C PHE D 5 60.23 20.94 -12.78
N THR D 6 60.39 21.12 -14.08
CA THR D 6 61.60 21.75 -14.63
C THR D 6 61.57 23.27 -14.52
N GLY D 7 60.46 23.87 -14.92
CA GLY D 7 60.41 25.32 -15.09
C GLY D 7 60.13 26.10 -13.83
N THR D 8 60.24 27.42 -13.93
CA THR D 8 59.91 28.30 -12.81
C THR D 8 58.67 29.13 -13.16
N PRO D 9 57.97 29.65 -12.13
CA PRO D 9 56.75 30.42 -12.36
C PRO D 9 56.98 31.82 -12.94
N THR D 10 56.13 32.19 -13.89
CA THR D 10 56.15 33.49 -14.53
C THR D 10 56.06 34.69 -13.57
N GLY D 11 54.87 34.92 -13.04
CA GLY D 11 54.60 36.10 -12.25
C GLY D 11 53.63 36.99 -13.00
N GLU D 12 53.19 36.49 -14.14
CA GLU D 12 52.26 37.22 -14.98
C GLU D 12 51.41 36.21 -15.74
N GLY D 13 50.24 36.64 -16.17
CA GLY D 13 49.38 35.81 -17.00
C GLY D 13 48.88 34.57 -16.31
N THR D 14 49.07 33.42 -16.95
CA THR D 14 48.65 32.15 -16.39
C THR D 14 49.52 31.75 -15.21
N GLY D 15 50.57 32.54 -14.97
CA GLY D 15 51.42 32.40 -13.80
C GLY D 15 52.47 31.33 -13.91
N GLY D 16 52.37 30.51 -14.95
CA GLY D 16 53.29 29.42 -15.16
C GLY D 16 52.58 28.33 -15.92
N ASN D 17 53.35 27.38 -16.45
CA ASN D 17 52.78 26.24 -17.14
C ASN D 17 52.62 25.08 -16.17
N SER D 18 51.39 24.78 -15.80
CA SER D 18 51.11 23.75 -14.80
C SER D 18 51.66 22.39 -15.19
N LEU D 19 51.97 22.24 -16.47
CA LEU D 19 52.45 20.99 -17.02
C LEU D 19 53.96 20.81 -16.78
N THR D 20 54.66 21.93 -16.58
CA THR D 20 56.10 21.90 -16.35
C THR D 20 56.52 22.79 -15.18
N THR D 21 55.56 23.24 -14.39
CA THR D 21 55.84 24.11 -13.23
C THR D 21 54.89 23.85 -12.06
N ASP D 22 55.45 23.55 -10.90
CA ASP D 22 54.64 23.38 -9.69
C ASP D 22 54.27 24.75 -9.20
N LEU D 23 53.10 25.20 -9.64
CA LEU D 23 52.66 26.56 -9.42
C LEU D 23 52.40 26.83 -7.94
N ASN D 24 52.12 25.77 -7.20
CA ASN D 24 51.76 25.82 -5.80
C ASN D 24 52.87 26.25 -4.87
N THR D 25 54.05 26.47 -5.41
CA THR D 25 55.22 26.66 -4.55
C THR D 25 55.42 28.13 -4.24
N GLN D 26 54.53 28.95 -4.77
CA GLN D 26 54.58 30.39 -4.56
C GLN D 26 53.84 30.74 -3.29
N PHE D 27 52.99 29.81 -2.85
CA PHE D 27 52.02 30.00 -1.78
C PHE D 27 52.11 28.95 -0.69
N ASP D 28 51.55 29.25 0.48
CA ASP D 28 51.51 28.34 1.62
C ASP D 28 50.18 27.59 1.58
N LEU D 29 50.20 26.28 1.73
CA LEU D 29 48.96 25.49 1.64
C LEU D 29 48.02 25.80 2.78
N ALA D 30 48.55 26.38 3.84
CA ALA D 30 47.76 26.79 4.98
C ALA D 30 46.88 27.95 4.62
N ASN D 31 47.46 28.99 4.03
CA ASN D 31 46.71 30.15 3.60
C ASN D 31 45.66 29.80 2.58
N MET D 32 46.01 28.97 1.61
CA MET D 32 45.07 28.67 0.55
C MET D 32 43.90 27.85 1.05
N GLY D 33 44.14 26.98 2.01
CA GLY D 33 43.10 26.11 2.54
C GLY D 33 42.13 26.86 3.41
N TRP D 34 42.59 27.95 4.01
CA TRP D 34 41.77 28.74 4.90
C TRP D 34 40.93 29.76 4.13
N ILE D 35 41.47 30.31 3.06
CA ILE D 35 40.70 31.19 2.18
C ILE D 35 39.84 30.32 1.28
N GLY D 36 40.17 29.05 1.20
CA GLY D 36 39.40 28.16 0.36
C GLY D 36 38.11 27.83 1.04
N VAL D 37 38.18 27.63 2.35
CA VAL D 37 37.00 27.26 3.11
C VAL D 37 36.21 28.50 3.41
N ALA D 38 36.90 29.61 3.59
CA ALA D 38 36.25 30.87 3.87
C ALA D 38 35.31 31.23 2.74
N SER D 39 35.68 30.85 1.52
CA SER D 39 34.85 31.11 0.36
C SER D 39 33.48 30.50 0.49
N ALA D 40 33.43 29.27 0.97
CA ALA D 40 32.16 28.57 1.10
C ALA D 40 31.39 29.17 2.24
N GLY D 41 32.10 29.73 3.20
CA GLY D 41 31.49 30.38 4.32
C GLY D 41 30.83 31.69 3.92
N VAL D 42 31.52 32.50 3.14
CA VAL D 42 30.94 33.75 2.67
C VAL D 42 29.74 33.52 1.76
N TRP D 43 29.67 32.40 1.06
CA TRP D 43 28.51 32.17 0.22
C TRP D 43 27.24 32.00 1.05
N ILE D 44 27.31 31.24 2.13
CA ILE D 44 26.15 30.95 2.98
C ILE D 44 25.52 32.25 3.49
N MET D 45 26.19 33.37 3.26
CA MET D 45 25.65 34.67 3.59
C MET D 45 24.59 35.13 2.60
N VAL D 46 24.64 34.59 1.39
CA VAL D 46 23.77 35.01 0.31
C VAL D 46 22.31 34.57 0.55
N PRO D 47 22.08 33.34 1.04
CA PRO D 47 20.69 33.10 1.37
C PRO D 47 20.37 33.63 2.75
N GLY D 48 21.39 33.99 3.51
CA GLY D 48 21.15 34.53 4.82
C GLY D 48 20.64 35.94 4.72
N ILE D 49 20.97 36.60 3.62
CA ILE D 49 20.57 37.97 3.37
C ILE D 49 19.14 38.01 2.85
N GLY D 50 18.78 37.04 2.03
CA GLY D 50 17.41 36.92 1.58
C GLY D 50 16.48 36.55 2.71
N LEU D 51 16.92 35.75 3.66
CA LEU D 51 16.06 35.40 4.78
C LEU D 51 15.97 36.58 5.74
N LEU D 52 17.07 37.31 5.93
CA LEU D 52 17.05 38.43 6.86
C LEU D 52 16.08 39.51 6.43
N TYR D 53 16.09 39.88 5.16
CA TYR D 53 15.37 41.06 4.72
C TYR D 53 13.97 40.74 4.22
N SER D 54 13.68 39.47 4.00
CA SER D 54 12.33 39.07 3.67
C SER D 54 11.52 39.04 4.92
N GLY D 55 12.19 38.82 6.04
CA GLY D 55 11.51 38.66 7.29
C GLY D 55 11.38 39.97 8.02
N LEU D 56 12.20 40.94 7.66
CA LEU D 56 12.16 42.22 8.32
C LEU D 56 11.06 43.03 7.71
N SER D 57 10.99 43.00 6.40
CA SER D 57 10.04 43.78 5.59
C SER D 57 8.64 43.84 6.17
N ARG D 58 8.09 45.07 6.25
CA ARG D 58 6.73 45.28 6.75
C ARG D 58 5.70 45.03 5.68
N LYS D 59 6.16 44.83 4.45
CA LYS D 59 5.30 44.52 3.32
C LYS D 59 5.70 43.16 2.76
N LYS D 60 4.79 42.21 2.70
CA LYS D 60 5.14 40.89 2.17
C LYS D 60 5.38 40.96 0.67
N HIS D 61 6.57 40.52 0.25
CA HIS D 61 7.02 40.62 -1.13
C HIS D 61 6.50 39.50 -2.01
N ALA D 62 6.23 39.82 -3.27
CA ALA D 62 5.71 38.83 -4.19
C ALA D 62 6.80 37.86 -4.58
N LEU D 63 8.03 38.34 -4.54
CA LEU D 63 9.20 37.55 -4.86
C LEU D 63 9.87 37.19 -3.56
N SER D 64 9.96 35.92 -3.27
CA SER D 64 10.66 35.48 -2.10
C SER D 64 12.12 35.83 -2.21
N LEU D 65 12.68 36.48 -1.19
CA LEU D 65 14.08 36.84 -1.22
C LEU D 65 15.02 35.66 -0.95
N LEU D 66 14.59 34.73 -0.11
CA LEU D 66 15.37 33.50 0.09
C LEU D 66 15.47 32.75 -1.22
N TRP D 67 14.36 32.65 -1.92
CA TRP D 67 14.30 32.02 -3.23
C TRP D 67 15.21 32.69 -4.24
N ALA D 68 15.13 34.01 -4.32
CA ALA D 68 15.89 34.76 -5.32
C ALA D 68 17.33 34.93 -4.92
N SER D 69 17.71 34.46 -3.74
CA SER D 69 19.10 34.56 -3.36
C SER D 69 19.88 33.48 -4.10
N MET D 70 19.17 32.45 -4.55
CA MET D 70 19.77 31.42 -5.38
C MET D 70 19.86 31.92 -6.80
N MET D 71 19.14 32.99 -7.10
CA MET D 71 19.19 33.55 -8.43
C MET D 71 20.26 34.63 -8.44
N ALA D 72 20.40 35.35 -7.33
CA ALA D 72 21.47 36.35 -7.23
C ALA D 72 22.80 35.66 -7.27
N SER D 73 22.86 34.44 -6.76
CA SER D 73 24.08 33.65 -6.75
C SER D 73 24.45 33.23 -8.16
N ALA D 74 23.53 32.56 -8.84
CA ALA D 74 23.77 32.11 -10.20
C ALA D 74 24.21 33.24 -11.13
N VAL D 75 23.55 34.38 -11.14
CA VAL D 75 23.92 35.40 -12.12
C VAL D 75 25.13 36.23 -11.69
N CYS D 76 25.54 36.16 -10.45
CA CYS D 76 26.74 36.88 -10.02
C CYS D 76 27.95 35.98 -10.17
N ILE D 77 27.75 34.68 -9.94
CA ILE D 77 28.73 33.63 -10.25
C ILE D 77 29.02 33.66 -11.74
N PHE D 78 28.01 33.97 -12.55
CA PHE D 78 28.18 34.02 -14.00
C PHE D 78 28.74 35.35 -14.48
N GLN D 79 28.38 36.45 -13.86
CA GLN D 79 28.92 37.72 -14.29
C GLN D 79 30.40 37.79 -13.94
N TRP D 80 30.80 37.04 -12.92
CA TRP D 80 32.17 37.08 -12.40
C TRP D 80 33.07 36.32 -13.34
N PHE D 81 32.62 35.14 -13.74
CA PHE D 81 33.30 34.36 -14.76
C PHE D 81 33.30 35.11 -16.08
N PHE D 82 32.17 35.70 -16.44
CA PHE D 82 32.08 36.46 -17.70
C PHE D 82 33.12 37.57 -17.76
N TRP D 83 33.00 38.60 -16.94
CA TRP D 83 34.03 39.64 -16.96
C TRP D 83 34.21 40.36 -15.63
N GLY D 84 33.56 39.88 -14.60
CA GLY D 84 33.60 40.56 -13.33
C GLY D 84 34.97 40.58 -12.68
N TYR D 85 35.59 39.41 -12.60
CA TYR D 85 36.84 39.27 -11.86
C TYR D 85 37.88 40.09 -12.59
N SER D 86 37.75 40.07 -13.90
CA SER D 86 38.59 40.82 -14.80
C SER D 86 38.49 42.32 -14.60
N LEU D 87 37.27 42.83 -14.60
CA LEU D 87 37.06 44.27 -14.51
C LEU D 87 37.53 44.83 -13.18
N ALA D 88 37.48 44.01 -12.15
CA ALA D 88 37.80 44.48 -10.82
C ALA D 88 39.27 44.27 -10.50
N PHE D 89 39.76 43.06 -10.77
CA PHE D 89 41.08 42.69 -10.27
C PHE D 89 42.15 42.34 -11.32
N SER D 90 41.97 42.78 -12.55
CA SER D 90 43.00 42.59 -13.55
C SER D 90 44.27 43.18 -13.01
N HIS D 91 45.41 42.67 -13.49
CA HIS D 91 46.67 43.05 -12.90
C HIS D 91 47.06 44.40 -13.43
N ASN D 92 46.76 44.61 -14.71
CA ASN D 92 46.95 45.89 -15.37
C ASN D 92 45.66 46.65 -15.41
N THR D 93 45.62 47.78 -14.71
CA THR D 93 44.42 48.59 -14.71
C THR D 93 44.45 49.59 -15.85
N ARG D 94 43.30 49.80 -16.47
CA ARG D 94 43.16 50.73 -17.58
C ARG D 94 43.08 52.15 -17.05
N GLY D 95 44.06 52.49 -16.21
CA GLY D 95 44.38 53.87 -15.87
C GLY D 95 43.34 54.75 -15.23
N ASN D 96 43.77 55.54 -14.26
CA ASN D 96 45.07 55.35 -13.65
C ASN D 96 44.81 54.58 -12.37
N GLY D 97 44.26 53.38 -12.55
CA GLY D 97 43.75 52.59 -11.45
C GLY D 97 42.28 52.86 -11.23
N PHE D 98 41.48 52.65 -12.28
CA PHE D 98 40.07 53.02 -12.24
C PHE D 98 39.18 51.87 -12.62
N ILE D 99 39.66 51.01 -13.51
CA ILE D 99 38.92 49.81 -13.83
C ILE D 99 39.90 48.85 -14.45
N GLY D 100 39.60 47.56 -14.39
CA GLY D 100 40.48 46.58 -14.93
C GLY D 100 40.32 46.50 -16.41
N THR D 101 41.27 45.85 -17.07
CA THR D 101 41.17 45.52 -18.46
C THR D 101 40.31 44.29 -18.61
N LEU D 102 40.09 43.81 -19.81
CA LEU D 102 39.33 42.58 -19.96
C LEU D 102 40.28 41.43 -20.22
N GLU D 103 41.44 41.45 -19.56
CA GLU D 103 42.46 40.44 -19.79
C GLU D 103 42.06 39.09 -19.22
N PHE D 104 41.23 39.11 -18.17
CA PHE D 104 40.71 37.89 -17.53
C PHE D 104 39.30 37.54 -17.97
N PHE D 105 38.84 38.12 -19.07
CA PHE D 105 37.54 37.80 -19.60
C PHE D 105 37.36 36.30 -19.70
N GLY D 106 36.22 35.81 -19.27
CA GLY D 106 35.89 34.40 -19.41
C GLY D 106 36.80 33.53 -18.59
N PHE D 107 37.52 34.16 -17.68
CA PHE D 107 38.48 33.46 -16.83
C PHE D 107 39.63 32.86 -17.65
N ARG D 108 40.07 33.61 -18.65
CA ARG D 108 41.28 33.29 -19.40
C ARG D 108 42.50 33.64 -18.56
N ASN D 109 43.49 32.75 -18.57
CA ASN D 109 44.77 32.99 -17.91
C ASN D 109 44.71 33.16 -16.40
N VAL D 110 43.63 32.73 -15.77
CA VAL D 110 43.57 32.84 -14.31
C VAL D 110 43.89 31.49 -13.70
N LEU D 111 45.05 31.42 -13.04
CA LEU D 111 45.56 30.19 -12.47
C LEU D 111 46.46 30.47 -11.31
N GLY D 112 47.76 30.56 -11.56
CA GLY D 112 48.73 30.53 -10.48
C GLY D 112 49.47 31.82 -10.20
N ALA D 113 49.30 32.82 -11.05
CA ALA D 113 49.96 34.08 -10.83
C ALA D 113 49.50 34.64 -9.52
N PRO D 114 50.41 35.13 -8.68
CA PRO D 114 49.97 35.77 -7.45
C PRO D 114 48.90 36.85 -7.71
N SER D 115 47.88 36.88 -6.88
CA SER D 115 46.76 37.80 -7.09
C SER D 115 47.07 39.20 -6.64
N SER D 116 46.03 40.01 -6.48
CA SER D 116 46.20 41.38 -6.07
C SER D 116 46.45 41.43 -4.60
N VAL D 117 46.42 40.25 -3.97
CA VAL D 117 47.00 40.01 -2.65
C VAL D 117 47.95 38.83 -2.85
N SER D 118 49.22 39.02 -2.52
CA SER D 118 50.29 38.17 -3.03
C SER D 118 50.31 36.76 -2.48
N SER D 119 49.52 36.50 -1.45
CA SER D 119 49.60 35.24 -0.74
C SER D 119 48.64 34.19 -1.27
N LEU D 120 47.91 34.54 -2.32
CA LEU D 120 46.86 33.70 -2.89
C LEU D 120 46.93 33.66 -4.41
N PRO D 121 46.84 32.48 -5.02
CA PRO D 121 46.83 32.39 -6.48
C PRO D 121 45.65 33.12 -7.06
N ASP D 122 45.68 33.43 -8.34
CA ASP D 122 44.55 34.09 -8.95
C ASP D 122 43.28 33.26 -8.89
N ILE D 123 43.37 31.94 -9.02
CA ILE D 123 42.14 31.18 -9.15
C ILE D 123 41.41 31.11 -7.83
N LEU D 124 42.13 31.20 -6.73
CA LEU D 124 41.50 31.06 -5.43
C LEU D 124 40.97 32.39 -4.99
N PHE D 125 41.78 33.42 -5.15
CA PHE D 125 41.38 34.77 -4.83
C PHE D 125 40.17 35.17 -5.64
N ALA D 126 40.07 34.68 -6.87
CA ALA D 126 38.92 34.96 -7.72
C ALA D 126 37.69 34.24 -7.20
N VAL D 127 37.87 33.01 -6.74
CA VAL D 127 36.77 32.25 -6.15
C VAL D 127 36.23 32.97 -4.93
N TYR D 128 37.13 33.37 -4.06
CA TYR D 128 36.80 34.00 -2.80
C TYR D 128 36.13 35.33 -2.92
N GLN D 129 36.68 36.20 -3.76
CA GLN D 129 36.13 37.52 -4.02
C GLN D 129 34.84 37.48 -4.81
N GLY D 130 34.60 36.38 -5.50
CA GLY D 130 33.40 36.24 -6.28
C GLY D 130 32.19 36.11 -5.39
N MET D 131 32.46 35.82 -4.12
CA MET D 131 31.46 35.59 -3.10
C MET D 131 31.06 36.90 -2.46
N PHE D 132 32.00 37.83 -2.40
CA PHE D 132 31.70 39.19 -1.95
C PHE D 132 30.82 39.85 -2.98
N ALA D 133 31.03 39.51 -4.24
CA ALA D 133 30.21 40.00 -5.31
C ALA D 133 28.85 39.30 -5.29
N ALA D 134 28.78 38.10 -4.75
CA ALA D 134 27.51 37.41 -4.69
C ALA D 134 26.71 37.89 -3.50
N VAL D 135 27.42 38.37 -2.48
CA VAL D 135 26.76 38.94 -1.32
C VAL D 135 26.22 40.33 -1.65
N THR D 136 27.06 41.19 -2.22
CA THR D 136 26.64 42.53 -2.63
C THR D 136 25.53 42.48 -3.66
N GLY D 137 25.48 41.44 -4.45
CA GLY D 137 24.45 41.31 -5.46
C GLY D 137 23.15 40.91 -4.84
N ALA D 138 23.22 40.28 -3.67
CA ALA D 138 22.02 39.85 -2.94
C ALA D 138 21.49 40.96 -2.07
N LEU D 139 22.36 41.85 -1.62
CA LEU D 139 21.94 43.00 -0.87
C LEU D 139 21.27 43.98 -1.80
N MET D 140 21.73 44.02 -3.04
CA MET D 140 21.15 44.93 -4.01
C MET D 140 19.77 44.39 -4.40
N LEU D 141 19.66 43.09 -4.55
CA LEU D 141 18.38 42.47 -4.83
C LEU D 141 17.39 42.75 -3.71
N GLY D 142 17.81 42.52 -2.47
CA GLY D 142 16.96 42.75 -1.32
C GLY D 142 16.52 44.18 -1.18
N GLY D 143 17.32 45.09 -1.75
CA GLY D 143 17.00 46.50 -1.74
C GLY D 143 16.00 46.89 -2.80
N ALA D 144 15.84 46.03 -3.81
CA ALA D 144 15.08 46.38 -5.00
C ALA D 144 14.06 45.32 -5.39
N CYS D 145 13.59 44.53 -4.44
CA CYS D 145 12.75 43.38 -4.77
C CYS D 145 11.26 43.63 -4.71
N GLU D 146 10.83 44.78 -4.21
CA GLU D 146 9.39 45.01 -4.08
C GLU D 146 8.76 45.20 -5.44
N ARG D 147 7.78 44.36 -5.73
CA ARG D 147 7.05 44.36 -7.00
C ARG D 147 7.97 44.09 -8.18
N ALA D 148 9.16 43.61 -7.90
CA ALA D 148 10.17 43.40 -8.92
C ALA D 148 9.78 42.29 -9.90
N ARG D 149 10.05 42.52 -11.17
CA ARG D 149 9.90 41.49 -12.19
C ARG D 149 11.20 40.71 -12.30
N LEU D 150 11.14 39.45 -12.70
CA LEU D 150 12.29 38.56 -12.57
C LEU D 150 13.37 38.78 -13.64
N PHE D 151 12.99 38.72 -14.91
CA PHE D 151 13.98 38.90 -15.96
C PHE D 151 14.59 40.31 -15.94
N PRO D 152 13.78 41.35 -15.67
CA PRO D 152 14.44 42.64 -15.46
C PRO D 152 15.32 42.69 -14.20
N MET D 153 15.09 41.79 -13.25
CA MET D 153 15.90 41.78 -12.03
C MET D 153 17.27 41.19 -12.32
N MET D 154 17.32 40.24 -13.24
CA MET D 154 18.58 39.67 -13.65
C MET D 154 19.41 40.71 -14.38
N VAL D 155 18.89 41.20 -15.51
CA VAL D 155 19.58 42.16 -16.34
C VAL D 155 20.07 43.34 -15.51
N PHE D 156 19.35 43.69 -14.45
CA PHE D 156 19.74 44.81 -13.59
C PHE D 156 20.90 44.45 -12.69
N LEU D 157 20.87 43.24 -12.14
CA LEU D 157 21.92 42.75 -11.26
C LEU D 157 23.21 42.66 -12.03
N PHE D 158 23.17 41.91 -13.12
CA PHE D 158 24.32 41.76 -14.00
C PHE D 158 24.96 43.11 -14.34
N LEU D 159 24.16 44.07 -14.80
CA LEU D 159 24.71 45.35 -15.19
C LEU D 159 25.16 46.17 -13.99
N TRP D 160 24.51 46.01 -12.85
CA TRP D 160 24.87 46.78 -11.68
C TRP D 160 26.19 46.27 -11.15
N MET D 161 26.39 44.97 -11.30
CA MET D 161 27.61 44.33 -10.82
C MET D 161 28.79 44.78 -11.66
N THR D 162 28.56 44.93 -12.96
CA THR D 162 29.58 45.33 -13.93
C THR D 162 30.02 46.77 -13.83
N ILE D 163 29.08 47.71 -13.76
CA ILE D 163 29.44 49.12 -13.85
C ILE D 163 29.43 49.86 -12.52
N VAL D 164 28.91 49.23 -11.47
CA VAL D 164 28.95 49.84 -10.14
C VAL D 164 29.86 49.10 -9.17
N TYR D 165 29.68 47.80 -9.08
CA TYR D 165 30.45 47.04 -8.11
C TYR D 165 31.90 46.93 -8.52
N CYS D 166 32.18 46.34 -9.68
CA CYS D 166 33.54 46.08 -10.13
C CYS D 166 34.42 47.33 -10.22
N PRO D 167 33.96 48.41 -10.86
CA PRO D 167 34.81 49.58 -10.87
C PRO D 167 35.13 50.08 -9.48
N ILE D 168 34.16 50.04 -8.56
CA ILE D 168 34.45 50.48 -7.20
C ILE D 168 35.36 49.48 -6.54
N ALA D 169 35.22 48.20 -6.89
CA ALA D 169 35.99 47.14 -6.25
C ALA D 169 37.45 47.29 -6.61
N CYS D 170 37.70 47.58 -7.89
CA CYS D 170 39.04 47.88 -8.36
C CYS D 170 39.63 49.10 -7.67
N TRP D 171 38.84 50.09 -7.30
CA TRP D 171 39.42 51.29 -6.71
C TRP D 171 40.04 51.04 -5.36
N VAL D 172 39.50 50.10 -4.59
CA VAL D 172 39.88 49.99 -3.19
C VAL D 172 40.59 48.68 -2.84
N TRP D 173 40.44 47.66 -3.67
CA TRP D 173 41.03 46.35 -3.40
C TRP D 173 42.12 45.93 -4.38
N ASN D 174 41.95 46.23 -5.67
CA ASN D 174 42.98 45.96 -6.67
C ASN D 174 44.22 46.74 -6.31
N ALA D 175 45.38 46.14 -6.58
CA ALA D 175 46.65 46.68 -6.10
C ALA D 175 47.03 47.93 -6.85
N GLU D 176 46.53 48.07 -8.06
CA GLU D 176 46.80 49.22 -8.90
C GLU D 176 45.69 50.27 -8.87
N GLY D 177 44.71 50.08 -7.99
CA GLY D 177 43.53 50.93 -7.95
C GLY D 177 43.85 52.25 -7.29
N TRP D 178 43.05 53.26 -7.55
CA TRP D 178 43.43 54.63 -7.21
C TRP D 178 43.10 55.01 -5.78
N LEU D 179 42.19 54.28 -5.15
CA LEU D 179 41.83 54.59 -3.78
C LEU D 179 42.79 53.87 -2.86
N VAL D 180 43.35 52.76 -3.34
CA VAL D 180 44.42 52.08 -2.61
C VAL D 180 45.63 52.95 -2.51
N LYS D 181 46.00 53.56 -3.63
CA LYS D 181 47.15 54.44 -3.71
C LYS D 181 46.91 55.77 -3.01
N LEU D 182 45.66 56.08 -2.70
CA LEU D 182 45.34 57.34 -2.04
C LEU D 182 45.57 57.23 -0.55
N GLY D 183 45.06 56.16 0.05
CA GLY D 183 45.22 55.95 1.47
C GLY D 183 44.00 55.37 2.17
N SER D 184 43.03 54.94 1.37
CA SER D 184 41.75 54.51 1.91
C SER D 184 41.81 53.07 2.39
N LEU D 185 41.48 52.90 3.67
CA LEU D 185 41.38 51.58 4.29
C LEU D 185 39.98 51.03 4.20
N ASP D 186 39.86 49.80 3.73
CA ASP D 186 38.59 49.07 3.76
C ASP D 186 38.89 47.58 3.78
N TYR D 187 38.93 47.02 4.99
CA TYR D 187 39.30 45.65 5.22
C TYR D 187 38.48 44.63 4.45
N ALA D 188 37.16 44.60 4.69
CA ALA D 188 36.32 43.55 4.14
C ALA D 188 35.22 44.04 3.22
N GLY D 189 35.02 45.35 3.15
CA GLY D 189 34.09 45.89 2.18
C GLY D 189 33.06 46.83 2.72
N GLY D 190 33.49 47.75 3.58
CA GLY D 190 32.58 48.74 4.11
C GLY D 190 32.16 49.67 3.01
N LEU D 191 33.03 49.83 2.03
CA LEU D 191 32.77 50.65 0.85
C LEU D 191 32.19 49.81 -0.28
N CYS D 192 32.86 48.73 -0.64
CA CYS D 192 32.45 47.97 -1.82
C CYS D 192 31.17 47.16 -1.63
N VAL D 193 30.99 46.55 -0.46
CA VAL D 193 29.83 45.69 -0.25
C VAL D 193 28.65 46.42 0.35
N HIS D 194 28.87 47.07 1.49
CA HIS D 194 27.77 47.67 2.23
C HIS D 194 27.39 49.03 1.72
N LEU D 195 28.34 49.96 1.64
CA LEU D 195 28.00 51.30 1.19
C LEU D 195 27.46 51.33 -0.25
N THR D 196 27.81 50.39 -1.10
CA THR D 196 27.32 50.45 -2.46
C THR D 196 25.94 49.86 -2.59
N SER D 197 25.68 48.77 -1.88
CA SER D 197 24.37 48.15 -1.93
C SER D 197 23.39 48.96 -1.10
N GLY D 198 23.90 49.47 0.01
CA GLY D 198 23.14 50.35 0.87
C GLY D 198 22.57 51.46 0.03
N HIS D 199 23.43 52.27 -0.56
CA HIS D 199 22.98 53.44 -1.30
C HIS D 199 22.32 53.11 -2.62
N GLY D 200 22.43 51.88 -3.08
CA GLY D 200 21.76 51.52 -4.31
C GLY D 200 20.37 51.11 -3.95
N GLY D 201 20.18 50.86 -2.66
CA GLY D 201 18.86 50.61 -2.12
C GLY D 201 18.13 51.91 -1.92
N LEU D 202 18.85 52.93 -1.50
CA LEU D 202 18.32 54.29 -1.33
C LEU D 202 17.90 54.89 -2.65
N VAL D 203 18.70 54.70 -3.68
CA VAL D 203 18.39 55.20 -5.01
C VAL D 203 17.13 54.51 -5.53
N TYR D 204 16.92 53.26 -5.13
CA TYR D 204 15.71 52.54 -5.53
C TYR D 204 14.48 53.19 -4.91
N ALA D 205 14.50 53.34 -3.59
CA ALA D 205 13.39 53.91 -2.86
C ALA D 205 12.96 55.26 -3.41
N LEU D 206 13.93 56.09 -3.77
CA LEU D 206 13.68 57.42 -4.32
C LEU D 206 13.19 57.42 -5.76
N ILE D 207 13.64 56.48 -6.58
CA ILE D 207 13.22 56.43 -7.96
C ILE D 207 12.04 55.50 -8.21
N LEU D 208 12.05 54.29 -7.65
CA LEU D 208 10.95 53.35 -7.92
C LEU D 208 10.14 52.93 -6.69
N GLY D 209 10.61 53.24 -5.49
CA GLY D 209 9.93 52.79 -4.30
C GLY D 209 8.55 53.42 -4.23
N LYS D 210 7.58 52.73 -3.65
CA LYS D 210 6.26 53.30 -3.46
C LYS D 210 6.37 54.52 -2.57
N ARG D 211 5.79 55.64 -3.02
CA ARG D 211 5.80 56.89 -2.26
C ARG D 211 4.51 57.03 -1.48
N ASN D 212 4.57 57.85 -0.43
CA ASN D 212 3.49 57.94 0.53
C ASN D 212 2.99 56.56 0.91
N ASP D 213 3.93 55.68 1.24
CA ASP D 213 3.61 54.31 1.63
C ASP D 213 2.82 54.36 2.92
N PRO D 214 1.68 53.70 2.94
CA PRO D 214 0.85 53.72 4.15
C PRO D 214 1.55 53.07 5.33
N VAL D 215 2.45 52.13 5.10
CA VAL D 215 3.20 51.52 6.18
C VAL D 215 3.95 52.54 7.01
N THR D 216 4.06 53.76 6.50
CA THR D 216 4.91 54.77 7.11
C THR D 216 4.15 56.01 7.56
N ARG D 217 2.84 55.89 7.76
CA ARG D 217 2.04 56.99 8.26
C ARG D 217 2.36 57.18 9.73
N LYS D 218 2.33 58.42 10.21
CA LYS D 218 2.55 58.67 11.63
C LYS D 218 1.60 57.80 12.44
N GLY D 219 2.12 57.13 13.47
CA GLY D 219 1.29 56.31 14.32
C GLY D 219 1.37 54.84 13.96
N MET D 220 1.99 54.57 12.83
CA MET D 220 2.27 53.21 12.38
C MET D 220 3.48 52.66 13.12
N PRO D 221 3.51 51.34 13.41
CA PRO D 221 4.62 50.81 14.19
C PRO D 221 5.88 50.73 13.38
N LYS D 222 7.02 50.95 14.02
CA LYS D 222 8.32 50.92 13.36
C LYS D 222 8.66 49.54 12.85
N TYR D 223 8.50 48.53 13.70
CA TYR D 223 8.75 47.14 13.34
C TYR D 223 7.45 46.37 13.25
N LYS D 224 7.32 45.58 12.19
CA LYS D 224 6.22 44.64 12.04
C LYS D 224 6.68 43.51 11.14
N PRO D 225 7.58 42.66 11.63
CA PRO D 225 8.30 41.72 10.78
C PRO D 225 7.44 40.65 10.16
N HIS D 226 7.61 40.42 8.87
CA HIS D 226 6.90 39.36 8.15
C HIS D 226 7.12 37.98 8.75
N SER D 227 8.30 37.78 9.32
CA SER D 227 8.70 36.49 9.89
C SER D 227 9.89 36.68 10.76
N VAL D 228 9.74 36.54 12.06
CA VAL D 228 10.86 36.73 12.96
C VAL D 228 11.80 35.55 12.84
N THR D 229 11.28 34.40 12.42
CA THR D 229 12.12 33.23 12.24
C THR D 229 13.09 33.45 11.11
N SER D 230 12.57 33.95 10.01
CA SER D 230 13.34 34.23 8.84
C SER D 230 14.36 35.32 9.14
N VAL D 231 14.10 36.15 10.13
CA VAL D 231 15.09 37.15 10.52
C VAL D 231 16.21 36.50 11.33
N VAL D 232 15.85 35.57 12.21
CA VAL D 232 16.81 34.91 13.08
C VAL D 232 17.63 33.86 12.34
N LEU D 233 17.00 33.09 11.46
CA LEU D 233 17.75 32.14 10.64
C LEU D 233 18.71 32.87 9.72
N GLY D 234 18.23 33.93 9.10
CA GLY D 234 19.10 34.75 8.28
C GLY D 234 20.28 35.31 9.04
N THR D 235 20.12 35.62 10.31
CA THR D 235 21.21 36.18 11.10
C THR D 235 22.13 35.08 11.58
N VAL D 236 21.62 33.87 11.64
CA VAL D 236 22.47 32.72 11.94
C VAL D 236 23.41 32.50 10.75
N PHE D 237 22.88 32.35 9.55
CA PHE D 237 23.71 32.15 8.37
C PHE D 237 24.63 33.32 8.18
N LEU D 238 24.17 34.50 8.54
CA LEU D 238 24.94 35.71 8.26
C LEU D 238 26.02 35.96 9.28
N TRP D 239 25.83 35.55 10.53
CA TRP D 239 26.85 35.78 11.54
C TRP D 239 27.93 34.70 11.44
N PHE D 240 27.52 33.49 11.09
CA PHE D 240 28.43 32.39 10.83
C PHE D 240 29.34 32.83 9.72
N GLY D 241 28.79 32.94 8.53
CA GLY D 241 29.53 33.41 7.38
C GLY D 241 30.29 34.72 7.49
N TRP D 242 30.10 35.49 8.55
CA TRP D 242 30.77 36.78 8.63
C TRP D 242 32.12 36.63 9.29
N MET D 243 32.40 35.46 9.84
CA MET D 243 33.68 35.22 10.50
C MET D 243 34.72 34.86 9.44
N PHE D 244 34.24 34.34 8.32
CA PHE D 244 35.02 34.09 7.13
C PHE D 244 35.13 35.33 6.23
N PHE D 245 34.01 36.01 6.02
CA PHE D 245 33.96 37.34 5.39
C PHE D 245 35.06 38.23 5.93
N ASN D 246 35.08 38.45 7.24
CA ASN D 246 36.04 39.35 7.86
C ASN D 246 37.42 38.74 8.10
N GLY D 247 37.46 37.45 8.41
CA GLY D 247 38.70 36.82 8.79
C GLY D 247 39.50 36.37 7.61
N GLY D 248 38.83 36.14 6.50
CA GLY D 248 39.49 35.71 5.29
C GLY D 248 39.97 36.90 4.52
N SER D 249 39.58 38.09 4.96
CA SER D 249 40.03 39.32 4.33
C SER D 249 41.45 39.63 4.74
N ALA D 250 41.95 38.86 5.70
CA ALA D 250 43.33 38.97 6.11
C ALA D 250 44.22 38.43 5.00
N GLY D 251 43.64 37.60 4.14
CA GLY D 251 44.33 37.02 3.02
C GLY D 251 45.17 35.81 3.38
N ASN D 252 45.26 35.56 4.68
CA ASN D 252 46.13 34.51 5.17
C ASN D 252 45.60 33.95 6.46
N ALA D 253 46.43 33.14 7.13
CA ALA D 253 46.02 32.47 8.33
C ALA D 253 46.81 32.96 9.51
N THR D 254 47.28 34.20 9.47
CA THR D 254 48.12 34.73 10.52
C THR D 254 47.31 35.20 11.71
N ILE D 255 47.96 35.76 12.72
CA ILE D 255 47.29 36.32 13.90
C ILE D 255 46.25 37.35 13.51
N ARG D 256 46.38 37.96 12.35
CA ARG D 256 45.53 39.08 12.00
C ARG D 256 44.16 38.60 11.62
N ALA D 257 44.10 37.40 11.08
CA ALA D 257 42.82 36.86 10.71
C ALA D 257 42.01 36.62 11.96
N TRP D 258 42.65 36.14 13.03
CA TRP D 258 41.97 35.71 14.25
C TRP D 258 41.80 36.84 15.21
N TYR D 259 42.60 37.89 15.01
CA TYR D 259 42.41 39.14 15.69
C TYR D 259 41.18 39.86 15.16
N SER D 260 40.89 39.71 13.88
CA SER D 260 39.81 40.43 13.25
C SER D 260 38.50 39.69 13.37
N ILE D 261 38.58 38.41 13.71
CA ILE D 261 37.38 37.62 13.99
C ILE D 261 36.97 37.90 15.42
N MET D 262 37.91 38.22 16.29
CA MET D 262 37.50 38.58 17.65
C MET D 262 36.80 39.91 17.56
N SER D 263 37.35 40.85 16.80
CA SER D 263 36.73 42.16 16.65
C SER D 263 35.40 42.07 15.94
N THR D 264 35.25 41.12 15.04
CA THR D 264 34.02 40.96 14.28
C THR D 264 32.88 40.58 15.20
N ASN D 265 33.11 39.60 16.05
CA ASN D 265 32.11 39.07 16.98
C ASN D 265 31.81 40.00 18.12
N LEU D 266 32.81 40.69 18.62
CA LEU D 266 32.58 41.62 19.71
C LEU D 266 31.75 42.77 19.23
N ALA D 267 32.02 43.27 18.03
CA ALA D 267 31.24 44.38 17.48
C ALA D 267 29.85 43.93 17.14
N ALA D 268 29.68 42.68 16.76
CA ALA D 268 28.35 42.15 16.49
C ALA D 268 27.53 42.07 17.77
N ALA D 269 28.17 41.64 18.84
CA ALA D 269 27.51 41.52 20.12
C ALA D 269 27.16 42.87 20.67
N CYS D 270 28.07 43.83 20.56
CA CYS D 270 27.84 45.16 21.09
C CYS D 270 26.82 45.94 20.28
N GLY D 271 26.75 45.69 18.98
CA GLY D 271 25.78 46.38 18.15
C GLY D 271 24.41 45.81 18.35
N GLY D 272 24.37 44.52 18.67
CA GLY D 272 23.13 43.82 18.86
C GLY D 272 22.50 44.20 20.18
N LEU D 273 23.30 44.35 21.22
CA LEU D 273 22.80 44.75 22.52
C LEU D 273 22.45 46.23 22.53
N THR D 274 23.12 47.04 21.72
CA THR D 274 22.87 48.47 21.70
C THR D 274 21.60 48.80 20.95
N TRP D 275 21.38 48.16 19.80
CA TRP D 275 20.12 48.34 19.11
C TRP D 275 18.99 47.83 20.00
N MET D 276 19.17 46.65 20.58
CA MET D 276 18.19 46.02 21.46
C MET D 276 17.80 46.85 22.68
N VAL D 277 18.76 47.56 23.26
CA VAL D 277 18.51 48.33 24.47
C VAL D 277 17.87 49.68 24.13
N ILE D 278 18.31 50.30 23.05
CA ILE D 278 17.67 51.50 22.52
C ILE D 278 16.19 51.26 22.27
N ASP D 279 15.88 50.18 21.55
CA ASP D 279 14.50 49.81 21.25
C ASP D 279 13.63 49.68 22.48
N TYR D 280 14.20 49.15 23.56
CA TYR D 280 13.51 49.05 24.83
C TYR D 280 13.02 50.40 25.30
N PHE D 281 13.88 51.40 25.22
CA PHE D 281 13.56 52.69 25.78
C PHE D 281 12.86 53.58 24.78
N ARG D 282 12.66 53.08 23.56
CA ARG D 282 11.99 53.86 22.53
C ARG D 282 10.64 53.26 22.20
N CYS D 283 10.30 52.19 22.88
CA CYS D 283 9.06 51.49 22.63
C CYS D 283 8.37 51.21 23.94
N GLY D 284 8.61 52.09 24.90
CA GLY D 284 7.97 51.99 26.19
C GLY D 284 8.26 50.72 26.97
N ARG D 285 9.53 50.41 27.11
CA ARG D 285 10.00 49.32 27.95
C ARG D 285 9.46 47.96 27.51
N LYS D 286 9.46 47.70 26.21
CA LYS D 286 9.24 46.35 25.68
C LYS D 286 10.39 45.95 24.75
N TRP D 287 10.81 44.68 24.79
CA TRP D 287 11.93 44.20 23.98
C TRP D 287 11.52 43.89 22.54
N THR D 288 12.11 44.57 21.56
CA THR D 288 11.70 44.32 20.18
C THR D 288 12.25 43.04 19.63
N THR D 289 11.43 42.44 18.77
CA THR D 289 11.61 41.10 18.28
C THR D 289 12.68 41.00 17.18
N VAL D 290 12.95 42.10 16.49
CA VAL D 290 14.01 42.17 15.49
C VAL D 290 15.09 43.16 15.88
N GLY D 291 15.01 43.66 17.11
CA GLY D 291 16.01 44.59 17.60
C GLY D 291 17.39 43.98 17.67
N LEU D 292 17.50 42.85 18.33
CA LEU D 292 18.76 42.16 18.55
C LEU D 292 19.45 41.84 17.26
N CYS D 293 18.73 41.23 16.33
CA CYS D 293 19.30 40.80 15.07
C CYS D 293 19.66 42.00 14.20
N SER D 294 18.84 43.03 14.22
CA SER D 294 19.13 44.19 13.40
C SER D 294 20.46 44.83 13.82
N GLY D 295 20.78 44.74 15.10
CA GLY D 295 21.92 45.45 15.65
C GLY D 295 23.20 44.67 15.53
N ILE D 296 23.06 43.35 15.58
CA ILE D 296 24.12 42.41 15.25
C ILE D 296 24.63 42.73 13.86
N ILE D 297 23.75 42.70 12.86
CA ILE D 297 24.10 42.98 11.47
C ILE D 297 24.61 44.40 11.28
N ALA D 298 24.20 45.33 12.13
CA ALA D 298 24.68 46.69 12.02
C ALA D 298 26.08 46.79 12.56
N GLY D 299 26.36 46.05 13.62
CA GLY D 299 27.68 46.06 14.22
C GLY D 299 28.64 45.23 13.41
N LEU D 300 28.11 44.31 12.62
CA LEU D 300 28.93 43.57 11.71
C LEU D 300 29.25 44.42 10.49
N VAL D 301 28.27 45.18 10.00
CA VAL D 301 28.55 46.13 8.94
C VAL D 301 29.53 47.18 9.43
N GLY D 302 29.41 47.59 10.67
CA GLY D 302 30.22 48.68 11.19
C GLY D 302 31.68 48.35 11.29
N ILE D 303 31.97 47.08 11.55
CA ILE D 303 33.33 46.63 11.78
C ILE D 303 33.90 46.02 10.51
N THR D 304 33.05 45.82 9.52
CA THR D 304 33.49 45.25 8.26
C THR D 304 34.68 45.98 7.64
N PRO D 305 34.66 47.32 7.55
CA PRO D 305 35.89 47.91 7.02
C PRO D 305 36.98 48.14 8.06
N ALA D 306 36.85 47.59 9.25
CA ALA D 306 37.79 47.97 10.29
C ALA D 306 38.44 46.81 10.99
N ALA D 307 37.96 45.60 10.74
CA ALA D 307 38.30 44.47 11.60
C ALA D 307 39.78 44.18 11.67
N GLY D 308 40.49 44.49 10.59
CA GLY D 308 41.91 44.21 10.52
C GLY D 308 42.85 45.35 10.88
N PHE D 309 42.33 46.52 11.22
CA PHE D 309 43.17 47.66 11.51
C PHE D 309 43.03 48.14 12.95
N VAL D 310 41.87 47.94 13.55
CA VAL D 310 41.54 48.59 14.81
C VAL D 310 41.67 47.64 16.01
N PRO D 311 42.08 48.16 17.18
CA PRO D 311 42.16 47.40 18.43
C PRO D 311 40.86 46.70 18.77
N ILE D 312 40.90 45.73 19.69
CA ILE D 312 39.70 44.96 20.02
C ILE D 312 38.72 45.86 20.70
N TRP D 313 39.21 46.66 21.66
CA TRP D 313 38.35 47.51 22.46
C TRP D 313 37.56 48.48 21.63
N SER D 314 38.15 48.93 20.53
CA SER D 314 37.48 49.86 19.64
C SER D 314 36.39 49.18 18.81
N ALA D 315 36.26 47.87 18.93
CA ALA D 315 35.20 47.18 18.23
C ALA D 315 33.93 47.36 19.02
N VAL D 316 34.10 47.62 20.31
CA VAL D 316 32.96 47.89 21.17
C VAL D 316 32.35 49.24 20.77
N VAL D 317 33.19 50.25 20.66
CA VAL D 317 32.81 51.55 20.13
C VAL D 317 32.15 51.43 18.76
N ILE D 318 32.83 50.82 17.80
CA ILE D 318 32.33 50.70 16.44
C ILE D 318 31.00 49.96 16.42
N GLY D 319 30.75 49.13 17.42
CA GLY D 319 29.52 48.36 17.45
C GLY D 319 28.40 49.10 18.15
N VAL D 320 28.75 49.88 19.16
CA VAL D 320 27.79 50.78 19.78
C VAL D 320 27.36 51.89 18.81
N VAL D 321 28.30 52.65 18.28
CA VAL D 321 27.97 53.75 17.38
C VAL D 321 27.32 53.30 16.07
N THR D 322 27.69 52.14 15.54
CA THR D 322 27.08 51.73 14.27
C THR D 322 25.69 51.17 14.48
N GLY D 323 25.48 50.44 15.56
CA GLY D 323 24.18 49.90 15.88
C GLY D 323 23.20 51.01 16.20
N ALA D 324 23.64 51.98 16.98
CA ALA D 324 22.86 53.17 17.27
C ALA D 324 22.52 53.94 16.00
N GLY D 325 23.53 54.39 15.29
CA GLY D 325 23.29 55.13 14.07
C GLY D 325 22.40 54.46 13.05
N CYS D 326 22.40 53.13 12.97
CA CYS D 326 21.57 52.45 12.00
C CYS D 326 20.17 52.38 12.55
N ASN D 327 20.07 52.45 13.86
CA ASN D 327 18.78 52.36 14.52
C ASN D 327 17.95 53.56 14.14
N LEU D 328 18.57 54.73 14.18
CA LEU D 328 17.95 55.96 13.74
C LEU D 328 17.60 55.91 12.28
N ALA D 329 18.58 55.72 11.42
CA ALA D 329 18.37 55.68 9.98
C ALA D 329 17.08 54.99 9.55
N VAL D 330 16.59 54.03 10.32
CA VAL D 330 15.40 53.30 9.91
C VAL D 330 14.18 54.21 10.07
N ASP D 331 14.33 55.23 10.90
CA ASP D 331 13.30 56.24 11.10
C ASP D 331 13.12 57.17 9.92
N LEU D 332 14.13 57.27 9.07
CA LEU D 332 14.02 58.05 7.86
C LEU D 332 12.96 57.48 6.92
N LYS D 333 12.38 56.35 7.26
CA LYS D 333 11.36 55.74 6.41
C LYS D 333 10.06 56.47 6.61
N SER D 334 9.98 57.19 7.71
CA SER D 334 8.77 57.92 8.06
C SER D 334 8.96 59.41 7.91
N LEU D 335 9.84 59.80 7.00
CA LEU D 335 10.05 61.20 6.65
C LEU D 335 9.94 61.34 5.17
N LEU D 336 10.41 60.33 4.45
CA LEU D 336 10.24 60.27 3.00
C LEU D 336 8.97 59.54 2.72
N ARG D 337 8.44 58.91 3.77
CA ARG D 337 7.27 58.05 3.67
C ARG D 337 7.44 57.00 2.58
N ILE D 338 8.59 56.33 2.61
CA ILE D 338 8.89 55.24 1.71
C ILE D 338 9.38 54.06 2.54
N ASP D 339 8.97 52.85 2.19
CA ASP D 339 9.47 51.68 2.89
C ASP D 339 10.50 50.98 2.03
N ASP D 340 10.04 50.23 1.04
CA ASP D 340 10.96 49.63 0.09
C ASP D 340 11.77 50.69 -0.60
N GLY D 341 13.08 50.63 -0.53
CA GLY D 341 13.77 49.57 0.17
C GLY D 341 14.84 50.21 1.05
N LEU D 342 14.37 51.01 2.01
CA LEU D 342 15.26 51.71 2.92
C LEU D 342 15.63 50.86 4.11
N ASP D 343 15.31 49.58 4.06
CA ASP D 343 15.77 48.68 5.10
C ASP D 343 17.25 48.45 4.86
N CYS D 344 17.60 48.00 3.65
CA CYS D 344 18.99 47.81 3.21
C CYS D 344 19.79 49.07 3.44
N TYR D 345 19.27 50.21 3.02
CA TYR D 345 20.00 51.44 3.20
C TYR D 345 20.32 51.74 4.66
N SER D 346 19.43 51.41 5.57
CA SER D 346 19.57 51.89 6.94
C SER D 346 20.71 51.21 7.66
N ILE D 347 20.93 49.95 7.33
CA ILE D 347 21.95 49.15 7.98
C ILE D 347 23.27 49.15 7.20
N HIS D 348 23.19 49.02 5.89
CA HIS D 348 24.36 48.86 5.04
C HIS D 348 24.94 50.17 4.55
N GLY D 349 24.08 51.06 4.10
CA GLY D 349 24.49 52.37 3.65
C GLY D 349 24.99 53.28 4.75
N VAL D 350 24.25 53.37 5.85
CA VAL D 350 24.70 54.19 6.95
C VAL D 350 25.82 53.48 7.70
N GLY D 351 25.68 52.17 7.90
CA GLY D 351 26.68 51.41 8.62
C GLY D 351 27.99 51.32 7.87
N GLY D 352 27.89 51.29 6.55
CA GLY D 352 29.06 51.35 5.69
C GLY D 352 29.83 52.66 5.82
N CYS D 353 29.12 53.76 5.98
CA CYS D 353 29.77 55.05 6.17
C CYS D 353 30.23 55.25 7.60
N ILE D 354 29.44 54.82 8.58
CA ILE D 354 29.82 55.04 9.96
C ILE D 354 31.08 54.25 10.26
N GLY D 355 31.19 53.09 9.65
CA GLY D 355 32.31 52.21 9.91
C GLY D 355 33.56 52.69 9.21
N SER D 356 33.42 53.15 7.97
CA SER D 356 34.56 53.58 7.19
C SER D 356 35.15 54.86 7.71
N VAL D 357 34.37 55.66 8.41
CA VAL D 357 34.92 56.85 9.05
C VAL D 357 35.62 56.43 10.33
N LEU D 358 34.99 55.53 11.07
CA LEU D 358 35.49 55.07 12.34
C LEU D 358 36.76 54.23 12.18
N THR D 359 36.93 53.63 11.01
CA THR D 359 38.15 52.90 10.69
C THR D 359 39.36 53.82 10.78
N GLY D 360 39.32 54.92 10.03
CA GLY D 360 40.39 55.87 10.04
C GLY D 360 40.59 56.60 11.34
N ILE D 361 39.78 56.28 12.33
CA ILE D 361 39.93 56.93 13.62
C ILE D 361 40.67 56.00 14.55
N PHE D 362 40.45 54.71 14.37
CA PHE D 362 41.01 53.73 15.29
C PHE D 362 42.10 52.84 14.67
N ALA D 363 42.33 52.98 13.38
CA ALA D 363 43.32 52.18 12.67
C ALA D 363 44.65 52.30 13.38
N ALA D 364 45.16 51.17 13.86
CA ALA D 364 46.41 51.15 14.56
C ALA D 364 47.39 50.32 13.78
N ASP D 365 48.64 50.78 13.75
CA ASP D 365 49.67 50.11 13.00
C ASP D 365 49.98 48.77 13.61
N TYR D 366 49.94 48.68 14.94
CA TYR D 366 50.34 47.47 15.64
C TYR D 366 49.38 46.30 15.51
N VAL D 367 48.25 46.51 14.85
CA VAL D 367 47.25 45.49 14.68
C VAL D 367 47.36 44.95 13.28
N ASN D 368 47.68 45.84 12.37
CA ASN D 368 47.84 45.51 10.97
C ASN D 368 49.14 44.73 10.78
N ALA D 369 50.04 44.85 11.75
CA ALA D 369 51.35 44.21 11.69
C ALA D 369 51.31 42.80 12.21
N THR D 370 50.21 42.42 12.86
CA THR D 370 50.09 41.07 13.40
C THR D 370 50.09 40.06 12.27
N ALA D 371 50.08 40.53 11.03
CA ALA D 371 50.20 39.64 9.89
C ALA D 371 51.65 39.32 9.68
N GLY D 372 52.51 40.01 10.41
CA GLY D 372 53.92 39.76 10.40
C GLY D 372 54.57 39.86 9.04
N SER D 373 55.13 38.75 8.60
CA SER D 373 55.87 38.70 7.36
C SER D 373 54.96 38.89 6.17
N TYR D 374 53.67 39.08 6.39
CA TYR D 374 52.74 39.25 5.30
C TYR D 374 52.20 40.66 5.20
N ILE D 375 52.76 41.61 5.92
CA ILE D 375 52.09 42.89 5.96
C ILE D 375 52.46 43.82 4.85
N SER D 376 51.46 44.60 4.45
CA SER D 376 51.69 45.86 3.80
C SER D 376 51.40 46.92 4.84
N PRO D 377 52.45 47.58 5.36
CA PRO D 377 52.30 48.46 6.50
C PRO D 377 51.38 49.65 6.25
N ILE D 378 50.63 50.07 7.27
CA ILE D 378 49.90 51.31 7.22
C ILE D 378 50.42 52.24 8.28
N ASP D 379 50.16 53.53 8.06
CA ASP D 379 50.59 54.59 8.94
C ASP D 379 49.68 54.72 10.17
N GLY D 380 48.44 54.27 10.07
CA GLY D 380 47.57 54.28 11.22
C GLY D 380 46.45 55.28 11.07
N GLY D 381 45.83 55.65 12.19
CA GLY D 381 44.73 56.59 12.18
C GLY D 381 44.82 57.60 13.31
N TRP D 382 43.67 58.09 13.76
CA TRP D 382 43.61 59.20 14.72
C TRP D 382 44.29 58.98 16.06
N ILE D 383 44.17 57.79 16.62
CA ILE D 383 44.80 57.51 17.92
C ILE D 383 46.32 57.47 17.78
N ASN D 384 46.80 57.12 16.59
CA ASN D 384 48.22 57.17 16.26
C ASN D 384 48.70 58.57 15.94
N HIS D 385 47.88 59.56 16.27
CA HIS D 385 48.10 60.96 15.92
C HIS D 385 48.29 61.22 14.43
N HIS D 386 47.76 60.35 13.59
CA HIS D 386 47.79 60.58 12.14
C HIS D 386 46.45 61.03 11.64
N TYR D 387 46.20 62.32 11.79
CA TYR D 387 44.90 62.92 11.50
C TYR D 387 44.49 62.79 10.05
N LYS D 388 45.47 62.63 9.17
CA LYS D 388 45.21 62.63 7.74
C LYS D 388 44.46 61.39 7.26
N GLN D 389 44.09 60.51 8.17
CA GLN D 389 43.47 59.24 7.76
C GLN D 389 41.96 59.37 7.60
N VAL D 390 41.32 60.07 8.52
CA VAL D 390 39.89 60.32 8.41
C VAL D 390 39.58 60.98 7.09
N GLY D 391 40.45 61.90 6.67
CA GLY D 391 40.29 62.53 5.38
C GLY D 391 40.31 61.53 4.24
N TYR D 392 41.19 60.53 4.33
CA TYR D 392 41.31 59.52 3.27
C TYR D 392 40.07 58.65 3.20
N GLN D 393 39.47 58.44 4.36
CA GLN D 393 38.29 57.60 4.48
C GLN D 393 37.08 58.26 3.87
N LEU D 394 36.98 59.58 4.05
CA LEU D 394 35.90 60.37 3.49
C LEU D 394 36.05 60.42 1.99
N ALA D 395 37.29 60.40 1.52
CA ALA D 395 37.56 60.44 0.09
C ALA D 395 37.08 59.19 -0.59
N GLY D 396 37.17 58.06 0.12
CA GLY D 396 36.71 56.81 -0.44
C GLY D 396 35.20 56.70 -0.37
N ILE D 397 34.65 57.24 0.72
CA ILE D 397 33.21 57.26 0.95
C ILE D 397 32.53 58.13 -0.11
N CYS D 398 33.13 59.26 -0.43
CA CYS D 398 32.58 60.17 -1.43
C CYS D 398 32.65 59.58 -2.83
N ALA D 399 33.78 59.01 -3.20
CA ALA D 399 33.91 58.39 -4.52
C ALA D 399 32.90 57.28 -4.69
N ALA D 400 32.73 56.45 -3.67
CA ALA D 400 31.89 55.28 -3.77
C ALA D 400 30.43 55.67 -3.77
N LEU D 401 30.14 56.77 -3.12
CA LEU D 401 28.80 57.32 -2.98
C LEU D 401 28.35 57.97 -4.28
N ALA D 402 29.06 59.03 -4.64
CA ALA D 402 28.88 59.72 -5.90
C ALA D 402 28.80 58.77 -7.09
N TRP D 403 29.58 57.69 -7.07
CA TRP D 403 29.54 56.75 -8.18
C TRP D 403 28.30 55.86 -8.12
N THR D 404 27.94 55.36 -6.93
CA THR D 404 26.85 54.40 -6.81
C THR D 404 25.50 55.04 -7.05
N VAL D 405 25.34 56.24 -6.49
CA VAL D 405 24.12 57.03 -6.59
C VAL D 405 23.83 57.53 -8.01
N THR D 406 24.89 57.83 -8.75
CA THR D 406 24.78 58.28 -10.10
C THR D 406 24.57 57.14 -11.08
N VAL D 407 25.32 56.05 -10.94
CA VAL D 407 25.24 55.01 -11.95
C VAL D 407 24.03 54.10 -11.73
N THR D 408 23.61 53.94 -10.47
CA THR D 408 22.39 53.16 -10.18
C THR D 408 21.14 53.89 -10.67
N SER D 409 21.16 55.22 -10.53
CA SER D 409 20.11 56.07 -11.07
C SER D 409 20.02 55.91 -12.56
N ILE D 410 21.12 56.22 -13.26
CA ILE D 410 21.20 56.11 -14.71
C ILE D 410 20.76 54.74 -15.18
N LEU D 411 21.09 53.72 -14.40
CA LEU D 411 20.81 52.35 -14.80
C LEU D 411 19.35 52.00 -14.56
N LEU D 412 18.81 52.50 -13.45
CA LEU D 412 17.40 52.27 -13.11
C LEU D 412 16.50 53.08 -14.04
N LEU D 413 16.84 54.34 -14.23
CA LEU D 413 16.09 55.23 -15.11
C LEU D 413 16.12 54.75 -16.56
N THR D 414 17.29 54.36 -17.05
CA THR D 414 17.40 53.86 -18.42
C THR D 414 16.55 52.62 -18.66
N MET D 415 16.58 51.71 -17.69
CA MET D 415 15.90 50.44 -17.82
C MET D 415 14.42 50.67 -17.68
N ASN D 416 14.06 51.74 -16.97
CA ASN D 416 12.69 52.10 -16.67
C ASN D 416 11.92 52.55 -17.91
N ALA D 417 12.67 52.79 -18.99
CA ALA D 417 12.11 53.23 -20.27
C ALA D 417 11.78 52.05 -21.17
N ILE D 418 12.71 51.12 -21.33
CA ILE D 418 12.45 49.92 -22.12
C ILE D 418 11.37 49.08 -21.43
N PRO D 419 10.22 48.91 -22.08
CA PRO D 419 9.06 48.25 -21.47
C PRO D 419 9.27 46.77 -21.11
N PHE D 420 10.23 46.10 -21.72
CA PHE D 420 10.43 44.68 -21.45
C PHE D 420 11.60 44.48 -20.51
N LEU D 421 12.21 45.58 -20.09
CA LEU D 421 13.27 45.55 -19.08
C LEU D 421 12.92 46.43 -17.88
N LYS D 422 11.69 46.93 -17.84
CA LYS D 422 11.24 47.74 -16.72
C LYS D 422 11.27 46.88 -15.47
N LEU D 423 11.99 47.31 -14.45
CA LEU D 423 12.09 46.55 -13.18
C LEU D 423 10.76 46.43 -12.48
N ARG D 424 10.15 47.58 -12.18
CA ARG D 424 8.90 47.64 -11.43
C ARG D 424 7.79 48.32 -12.23
N LEU D 425 6.74 47.58 -12.60
CA LEU D 425 5.57 48.19 -13.23
C LEU D 425 4.98 49.24 -12.30
N SER D 426 4.39 50.29 -12.85
CA SER D 426 3.74 51.28 -12.00
C SER D 426 2.34 50.81 -11.65
N ALA D 427 1.76 51.39 -10.60
CA ALA D 427 0.50 50.88 -10.07
C ALA D 427 -0.59 50.93 -11.11
N ASP D 428 -0.44 51.81 -12.09
CA ASP D 428 -1.45 52.01 -13.12
C ASP D 428 -1.36 51.02 -14.27
N GLU D 429 -0.23 50.32 -14.40
CA GLU D 429 -0.10 49.31 -15.45
C GLU D 429 -0.06 47.88 -14.91
N GLU D 430 0.01 47.74 -13.58
CA GLU D 430 0.00 46.42 -12.96
C GLU D 430 -1.36 45.74 -13.05
N GLU D 431 -1.47 44.59 -12.41
CA GLU D 431 -2.75 43.94 -12.23
C GLU D 431 -2.89 43.59 -10.75
N LEU D 432 -3.09 44.61 -9.93
CA LEU D 432 -3.12 44.44 -8.48
C LEU D 432 -4.27 43.54 -8.04
N GLY D 433 -4.29 43.19 -6.76
CA GLY D 433 -5.30 42.28 -6.25
C GLY D 433 -5.04 40.87 -6.72
N THR D 434 -3.83 40.65 -7.21
CA THR D 434 -3.39 39.32 -7.62
C THR D 434 -3.47 38.39 -6.41
N ASP D 435 -3.80 37.13 -6.68
CA ASP D 435 -3.87 36.12 -5.63
C ASP D 435 -2.55 36.08 -4.87
N ALA D 436 -2.43 36.95 -3.87
CA ALA D 436 -1.19 37.09 -3.11
C ALA D 436 -1.18 36.20 -1.87
N ALA D 437 -2.12 35.26 -1.82
CA ALA D 437 -2.22 34.37 -0.67
C ALA D 437 -1.29 33.18 -0.85
N GLN D 438 -0.56 33.16 -1.95
CA GLN D 438 0.35 32.05 -2.21
C GLN D 438 1.78 32.41 -1.81
N ILE D 439 1.98 33.65 -1.40
CA ILE D 439 3.23 34.08 -0.79
C ILE D 439 3.29 33.55 0.63
N GLY D 440 4.35 32.84 0.97
CA GLY D 440 4.42 32.21 2.26
C GLY D 440 5.37 32.86 3.24
N GLU D 441 5.61 32.20 4.36
CA GLU D 441 6.48 32.75 5.38
C GLU D 441 7.90 32.95 4.87
N PHE D 442 8.45 31.87 4.30
CA PHE D 442 9.79 31.88 3.78
C PHE D 442 9.79 32.00 2.26
N THR D 443 9.06 31.15 1.57
CA THR D 443 8.96 31.27 0.13
C THR D 443 7.49 31.24 -0.33
N TYR D 444 7.07 30.17 -1.00
CA TYR D 444 5.70 30.09 -1.49
C TYR D 444 4.96 28.95 -0.83
N GLU D 445 3.64 28.89 -0.95
CA GLU D 445 2.87 27.89 -0.26
C GLU D 445 3.02 26.50 -0.88
N GLU D 446 2.02 25.66 -0.75
CA GLU D 446 2.17 24.29 -1.20
C GLU D 446 1.65 24.08 -2.62
N SER D 447 2.39 23.31 -3.40
CA SER D 447 2.02 22.97 -4.77
C SER D 447 2.07 24.18 -5.68
N THR D 448 2.82 25.18 -5.25
CA THR D 448 2.96 26.43 -5.99
C THR D 448 3.90 26.28 -7.17
N ALA D 449 3.38 25.88 -8.31
CA ALA D 449 4.20 25.62 -9.48
C ALA D 449 5.04 26.82 -9.88
N TYR D 450 4.40 27.96 -10.10
CA TYR D 450 5.09 29.14 -10.64
C TYR D 450 5.11 30.30 -9.65
N ILE D 451 6.05 31.22 -9.80
CA ILE D 451 6.12 32.34 -8.89
C ILE D 451 5.18 33.39 -9.41
N PRO D 452 4.53 34.14 -8.50
CA PRO D 452 3.59 35.20 -8.84
C PRO D 452 4.27 36.43 -9.41
N GLU D 453 4.39 36.51 -10.72
CA GLU D 453 5.12 37.61 -11.32
C GLU D 453 4.17 38.64 -11.84
N PRO D 454 4.52 39.92 -11.63
CA PRO D 454 3.80 41.07 -12.16
C PRO D 454 3.37 40.94 -13.62
N ILE D 455 2.06 40.83 -13.84
CA ILE D 455 1.52 40.87 -15.19
C ILE D 455 1.01 42.27 -15.45
N ARG D 456 1.05 42.70 -16.71
CA ARG D 456 0.52 44.00 -17.06
C ARG D 456 -0.84 43.83 -17.72
N SER D 457 -1.69 44.83 -17.59
CA SER D 457 -3.07 44.77 -18.05
C SER D 457 -3.19 44.56 -19.56
N SER E 2 61.54 17.12 26.32
CA SER E 2 60.36 17.02 25.48
C SER E 2 60.32 15.66 24.77
N TYR E 3 59.13 15.22 24.42
CA TYR E 3 58.90 13.90 23.82
C TYR E 3 59.68 13.70 22.52
N ASN E 4 60.59 12.74 22.50
CA ASN E 4 61.36 12.41 21.31
C ASN E 4 60.92 11.10 20.64
N PHE E 5 60.83 11.14 19.32
CA PHE E 5 60.26 10.04 18.54
C PHE E 5 61.33 9.30 17.76
N THR E 6 61.48 8.01 18.07
CA THR E 6 62.57 7.21 17.55
C THR E 6 62.09 5.95 16.85
N GLY E 7 61.33 6.12 15.78
CA GLY E 7 60.81 5.00 15.03
C GLY E 7 60.48 5.52 13.65
N THR E 8 60.12 4.63 12.73
CA THR E 8 59.91 5.05 11.37
C THR E 8 58.58 4.59 10.85
N PRO E 9 57.86 5.45 10.13
CA PRO E 9 56.59 5.04 9.57
C PRO E 9 56.68 3.80 8.70
N THR E 10 55.76 2.89 8.94
CA THR E 10 55.64 1.64 8.22
C THR E 10 55.21 1.80 6.78
N GLY E 11 54.08 2.45 6.56
CA GLY E 11 53.58 2.60 5.21
C GLY E 11 52.50 1.57 4.98
N GLU E 12 52.32 0.72 5.98
CA GLU E 12 51.37 -0.36 5.90
C GLU E 12 50.63 -0.56 7.20
N GLY E 13 49.41 -1.06 7.09
CA GLY E 13 48.61 -1.39 8.23
C GLY E 13 48.27 -0.17 9.06
N THR E 14 48.74 -0.16 10.29
CA THR E 14 48.48 0.94 11.20
C THR E 14 49.37 2.13 10.89
N GLY E 15 50.43 1.93 10.12
CA GLY E 15 51.26 3.02 9.66
C GLY E 15 52.43 3.34 10.55
N GLY E 16 52.47 2.75 11.73
CA GLY E 16 53.56 2.94 12.66
C GLY E 16 53.04 2.71 14.06
N ASN E 17 53.88 2.96 15.06
CA ASN E 17 53.43 2.95 16.43
C ASN E 17 53.46 4.36 16.95
N SER E 18 52.30 4.94 17.20
CA SER E 18 52.17 6.28 17.74
C SER E 18 53.02 6.56 18.98
N LEU E 19 53.41 5.53 19.71
CA LEU E 19 54.08 5.76 20.97
C LEU E 19 55.54 6.07 20.75
N THR E 20 56.01 5.80 19.54
CA THR E 20 57.42 5.89 19.18
C THR E 20 57.66 6.57 17.84
N THR E 21 56.58 6.93 17.15
CA THR E 21 56.64 7.41 15.78
C THR E 21 55.69 8.55 15.53
N ASP E 22 56.19 9.70 15.12
CA ASP E 22 55.30 10.80 14.76
C ASP E 22 54.72 10.51 13.39
N LEU E 23 53.51 9.99 13.33
CA LEU E 23 52.96 9.55 12.07
C LEU E 23 52.53 10.71 11.20
N ASN E 24 52.60 11.90 11.75
CA ASN E 24 52.14 13.10 11.08
C ASN E 24 53.14 13.61 10.06
N THR E 25 54.35 13.11 10.15
CA THR E 25 55.45 13.62 9.36
C THR E 25 55.38 13.17 7.90
N GLN E 26 54.45 12.29 7.59
CA GLN E 26 54.27 11.84 6.22
C GLN E 26 53.29 12.70 5.47
N PHE E 27 52.72 13.68 6.16
CA PHE E 27 51.60 14.48 5.66
C PHE E 27 51.76 15.95 5.97
N ASP E 28 51.06 16.81 5.25
CA ASP E 28 51.06 18.25 5.52
C ASP E 28 49.87 18.63 6.39
N LEU E 29 50.09 19.43 7.42
CA LEU E 29 49.02 19.78 8.34
C LEU E 29 47.95 20.62 7.65
N ALA E 30 48.31 21.21 6.53
CA ALA E 30 47.38 22.02 5.76
C ALA E 30 46.51 21.16 4.86
N ASN E 31 47.01 20.06 4.32
CA ASN E 31 46.20 19.18 3.49
C ASN E 31 45.23 18.44 4.34
N MET E 32 45.67 18.16 5.56
CA MET E 32 44.85 17.41 6.50
C MET E 32 43.80 18.35 7.07
N GLY E 33 44.25 19.52 7.52
CA GLY E 33 43.35 20.56 7.98
C GLY E 33 42.20 20.83 7.06
N TRP E 34 42.44 21.00 5.76
CA TRP E 34 41.39 21.32 4.80
C TRP E 34 40.45 20.15 4.53
N ILE E 35 40.94 18.93 4.54
CA ILE E 35 40.09 17.76 4.31
C ILE E 35 39.41 17.40 5.63
N GLY E 36 39.87 18.01 6.71
CA GLY E 36 39.19 17.88 7.99
C GLY E 36 37.88 18.62 7.95
N VAL E 37 37.94 19.93 7.72
CA VAL E 37 36.73 20.73 7.66
C VAL E 37 35.93 20.39 6.44
N ALA E 38 36.56 19.92 5.37
CA ALA E 38 35.80 19.52 4.19
C ALA E 38 34.87 18.36 4.49
N SER E 39 35.07 17.68 5.60
CA SER E 39 34.28 16.49 5.92
C SER E 39 32.96 16.86 6.56
N ALA E 40 33.02 17.81 7.47
CA ALA E 40 31.83 18.37 8.09
C ALA E 40 30.98 19.01 7.03
N GLY E 41 31.58 19.74 6.11
CA GLY E 41 30.86 20.35 5.02
C GLY E 41 30.19 19.36 4.08
N VAL E 42 30.78 18.20 3.87
CA VAL E 42 30.14 17.24 2.99
C VAL E 42 28.95 16.65 3.70
N TRP E 43 29.01 16.57 5.02
CA TRP E 43 27.95 15.93 5.77
C TRP E 43 26.67 16.74 5.77
N ILE E 44 26.76 18.07 5.84
CA ILE E 44 25.57 18.92 5.81
C ILE E 44 24.83 18.80 4.47
N MET E 45 25.32 17.94 3.58
CA MET E 45 24.62 17.59 2.36
C MET E 45 23.60 16.49 2.63
N VAL E 46 23.74 15.77 3.72
CA VAL E 46 22.86 14.65 3.98
C VAL E 46 21.48 15.15 4.39
N PRO E 47 21.39 16.13 5.29
CA PRO E 47 20.02 16.63 5.51
C PRO E 47 19.57 17.50 4.35
N GLY E 48 20.51 18.16 3.70
CA GLY E 48 20.22 18.93 2.51
C GLY E 48 19.53 18.10 1.48
N ILE E 49 19.90 16.83 1.39
CA ILE E 49 19.28 15.89 0.46
C ILE E 49 17.86 15.50 0.89
N GLY E 50 17.67 15.36 2.19
CA GLY E 50 16.36 15.08 2.72
C GLY E 50 15.43 16.24 2.47
N LEU E 51 15.88 17.45 2.81
CA LEU E 51 15.10 18.66 2.58
C LEU E 51 14.69 18.84 1.13
N LEU E 52 15.64 18.71 0.20
CA LEU E 52 15.39 18.93 -1.21
C LEU E 52 14.35 18.00 -1.80
N TYR E 53 14.40 16.72 -1.48
CA TYR E 53 13.50 15.77 -2.11
C TYR E 53 12.21 15.56 -1.34
N SER E 54 12.23 15.85 -0.05
CA SER E 54 11.01 15.87 0.74
C SER E 54 10.13 16.96 0.18
N GLY E 55 10.73 18.11 -0.03
CA GLY E 55 10.03 19.27 -0.52
C GLY E 55 9.74 19.29 -2.00
N LEU E 56 10.50 18.53 -2.78
CA LEU E 56 10.33 18.56 -4.23
C LEU E 56 9.20 17.65 -4.67
N SER E 57 8.75 16.79 -3.77
CA SER E 57 7.82 15.72 -4.13
C SER E 57 6.43 16.24 -4.41
N ARG E 58 5.72 15.56 -5.29
CA ARG E 58 4.34 15.90 -5.56
C ARG E 58 3.44 15.07 -4.66
N LYS E 59 4.07 14.31 -3.76
CA LYS E 59 3.37 13.47 -2.79
C LYS E 59 3.81 13.79 -1.37
N LYS E 60 2.86 13.91 -0.45
CA LYS E 60 3.23 13.99 0.95
C LYS E 60 3.77 12.63 1.39
N HIS E 61 5.05 12.57 1.73
CA HIS E 61 5.64 11.31 2.20
C HIS E 61 5.35 11.12 3.69
N ALA E 62 5.00 9.90 4.08
CA ALA E 62 4.77 9.59 5.48
C ALA E 62 6.06 9.58 6.28
N LEU E 63 7.15 9.16 5.64
CA LEU E 63 8.47 9.20 6.24
C LEU E 63 9.17 10.44 5.79
N SER E 64 9.15 11.47 6.62
CA SER E 64 9.81 12.72 6.32
C SER E 64 11.27 12.51 6.02
N LEU E 65 11.72 12.95 4.85
CA LEU E 65 13.10 12.73 4.46
C LEU E 65 14.10 13.53 5.30
N LEU E 66 13.71 14.70 5.79
CA LEU E 66 14.56 15.50 6.67
C LEU E 66 14.73 14.80 8.00
N TRP E 67 13.76 13.99 8.38
CA TRP E 67 13.86 13.24 9.61
C TRP E 67 14.65 11.98 9.35
N ALA E 68 14.35 11.34 8.22
CA ALA E 68 14.96 10.06 7.88
C ALA E 68 16.41 10.24 7.46
N SER E 69 16.81 11.47 7.23
CA SER E 69 18.18 11.77 6.83
C SER E 69 19.16 11.68 7.99
N MET E 70 18.67 11.80 9.22
CA MET E 70 19.50 11.59 10.40
C MET E 70 19.70 10.12 10.65
N MET E 71 18.84 9.29 10.07
CA MET E 71 18.99 7.85 10.22
C MET E 71 19.97 7.38 9.19
N ALA E 72 19.87 7.95 7.99
CA ALA E 72 20.82 7.69 6.92
C ALA E 72 22.20 7.97 7.43
N SER E 73 22.39 9.09 8.09
CA SER E 73 23.66 9.39 8.72
C SER E 73 24.05 8.27 9.66
N ALA E 74 23.14 7.86 10.53
CA ALA E 74 23.49 6.92 11.58
C ALA E 74 23.86 5.54 11.05
N VAL E 75 23.05 4.91 10.22
CA VAL E 75 23.38 3.55 9.76
C VAL E 75 24.47 3.55 8.69
N CYS E 76 24.71 4.68 8.05
CA CYS E 76 25.78 4.73 7.05
C CYS E 76 27.11 5.08 7.69
N ILE E 77 27.10 5.77 8.83
CA ILE E 77 28.30 5.97 9.62
C ILE E 77 28.65 4.65 10.24
N PHE E 78 27.65 3.82 10.52
CA PHE E 78 27.90 2.57 11.23
C PHE E 78 28.30 1.46 10.28
N GLN E 79 27.78 1.48 9.07
CA GLN E 79 28.18 0.47 8.09
C GLN E 79 29.54 0.81 7.53
N TRP E 80 29.96 2.06 7.70
CA TRP E 80 31.28 2.46 7.22
C TRP E 80 32.31 2.00 8.23
N PHE E 81 31.89 1.87 9.48
CA PHE E 81 32.75 1.41 10.56
C PHE E 81 32.72 -0.09 10.66
N PHE E 82 31.58 -0.68 10.33
CA PHE E 82 31.47 -2.12 10.39
C PHE E 82 32.49 -2.72 9.44
N TRP E 83 32.24 -2.60 8.15
CA TRP E 83 33.12 -3.15 7.15
C TRP E 83 33.17 -2.32 5.87
N GLY E 84 32.50 -1.18 5.87
CA GLY E 84 32.35 -0.42 4.65
C GLY E 84 33.62 0.20 4.17
N TYR E 85 34.41 0.75 5.09
CA TYR E 85 35.62 1.44 4.69
C TYR E 85 36.58 0.40 4.16
N SER E 86 36.54 -0.78 4.78
CA SER E 86 37.33 -1.90 4.35
C SER E 86 36.96 -2.31 2.94
N LEU E 87 35.75 -2.84 2.77
CA LEU E 87 35.24 -3.29 1.48
C LEU E 87 35.53 -2.35 0.33
N ALA E 88 35.70 -1.08 0.64
CA ALA E 88 35.80 -0.07 -0.39
C ALA E 88 37.23 0.42 -0.52
N PHE E 89 37.86 0.77 0.58
CA PHE E 89 39.15 1.42 0.53
C PHE E 89 40.25 0.69 1.26
N SER E 90 40.18 -0.63 1.32
CA SER E 90 41.28 -1.33 1.94
C SER E 90 42.46 -1.27 1.02
N HIS E 91 43.63 -1.49 1.60
CA HIS E 91 44.92 -1.40 0.89
C HIS E 91 45.18 -2.62 0.02
N ASN E 92 44.41 -3.67 0.22
CA ASN E 92 44.59 -4.94 -0.48
C ASN E 92 43.28 -5.43 -1.06
N THR E 93 43.12 -5.29 -2.37
CA THR E 93 41.85 -5.62 -3.01
C THR E 93 41.72 -7.13 -3.28
N ARG E 94 40.49 -7.59 -3.50
CA ARG E 94 40.24 -9.01 -3.68
C ARG E 94 39.90 -9.34 -5.13
N GLY E 95 40.93 -9.28 -5.98
CA GLY E 95 40.89 -9.86 -7.31
C GLY E 95 39.77 -9.49 -8.27
N ASN E 96 40.10 -8.69 -9.27
CA ASN E 96 41.44 -8.13 -9.40
C ASN E 96 41.32 -6.63 -9.32
N GLY E 97 40.82 -6.16 -8.19
CA GLY E 97 40.43 -4.77 -8.02
C GLY E 97 38.94 -4.62 -8.13
N PHE E 98 38.22 -5.53 -7.49
CA PHE E 98 36.77 -5.60 -7.60
C PHE E 98 36.12 -5.20 -6.30
N ILE E 99 36.55 -5.85 -5.23
CA ILE E 99 36.15 -5.45 -3.89
C ILE E 99 37.38 -5.57 -3.05
N GLY E 100 37.46 -4.80 -1.99
CA GLY E 100 38.58 -4.91 -1.10
C GLY E 100 38.30 -5.98 -0.09
N THR E 101 39.16 -6.10 0.90
CA THR E 101 39.05 -7.15 1.89
C THR E 101 38.41 -6.68 3.17
N LEU E 102 38.50 -7.49 4.22
CA LEU E 102 37.97 -7.11 5.50
C LEU E 102 39.08 -6.78 6.48
N GLU E 103 40.14 -6.16 5.97
CA GLU E 103 41.30 -5.91 6.83
C GLU E 103 41.10 -4.71 7.72
N PHE E 104 40.00 -3.98 7.47
CA PHE E 104 39.68 -2.76 8.18
C PHE E 104 38.36 -2.89 8.94
N PHE E 105 37.92 -4.12 9.14
CA PHE E 105 36.71 -4.42 9.90
C PHE E 105 36.78 -3.81 11.28
N GLY E 106 35.71 -3.12 11.67
CA GLY E 106 35.65 -2.51 12.98
C GLY E 106 36.65 -1.39 13.11
N PHE E 107 37.05 -0.85 11.97
CA PHE E 107 38.07 0.19 11.92
C PHE E 107 39.33 -0.19 12.70
N ARG E 108 39.71 -1.47 12.59
CA ARG E 108 40.98 -1.96 13.13
C ARG E 108 42.08 -1.50 12.21
N ASN E 109 43.24 -1.18 12.77
CA ASN E 109 44.41 -0.82 11.97
C ASN E 109 44.28 0.42 11.11
N VAL E 110 43.20 1.17 11.23
CA VAL E 110 43.09 2.35 10.39
C VAL E 110 43.47 3.61 11.16
N LEU E 111 44.69 4.06 10.88
CA LEU E 111 45.18 5.38 11.26
C LEU E 111 46.52 5.59 10.56
N GLY E 112 47.13 6.74 10.77
CA GLY E 112 48.56 6.93 10.52
C GLY E 112 49.18 6.65 9.17
N ALA E 113 48.62 5.68 8.46
CA ALA E 113 49.23 5.16 7.25
C ALA E 113 48.73 5.86 6.03
N PRO E 114 49.62 6.13 5.06
CA PRO E 114 49.16 6.88 3.88
C PRO E 114 48.06 6.12 3.21
N SER E 115 46.98 6.80 2.84
CA SER E 115 45.79 6.14 2.34
C SER E 115 45.81 6.01 0.83
N SER E 116 44.67 5.64 0.26
CA SER E 116 44.53 5.55 -1.19
C SER E 116 44.84 6.86 -1.86
N VAL E 117 44.76 7.94 -1.11
CA VAL E 117 45.34 9.19 -1.55
C VAL E 117 46.39 9.44 -0.50
N SER E 118 47.64 9.46 -0.95
CA SER E 118 48.80 9.38 -0.10
C SER E 118 49.17 10.68 0.58
N SER E 119 48.34 11.71 0.42
CA SER E 119 48.61 13.00 1.04
C SER E 119 47.84 13.16 2.32
N LEU E 120 47.09 12.11 2.63
CA LEU E 120 46.11 12.03 3.71
C LEU E 120 46.27 10.72 4.44
N PRO E 121 46.29 10.74 5.79
CA PRO E 121 46.36 9.50 6.55
C PRO E 121 45.11 8.65 6.39
N ASP E 122 45.15 7.41 6.84
CA ASP E 122 44.00 6.52 6.73
C ASP E 122 42.78 7.07 7.45
N ILE E 123 42.97 7.50 8.69
CA ILE E 123 41.85 7.83 9.55
C ILE E 123 41.11 9.06 9.05
N LEU E 124 41.81 10.01 8.44
CA LEU E 124 41.17 11.19 7.89
C LEU E 124 40.52 10.91 6.55
N PHE E 125 41.12 10.04 5.75
CA PHE E 125 40.57 9.73 4.45
C PHE E 125 39.32 8.89 4.63
N ALA E 126 39.21 8.25 5.79
CA ALA E 126 38.13 7.34 6.09
C ALA E 126 36.92 8.11 6.61
N VAL E 127 37.19 9.25 7.24
CA VAL E 127 36.19 10.18 7.72
C VAL E 127 35.53 10.88 6.56
N TYR E 128 36.33 11.55 5.74
CA TYR E 128 35.89 12.23 4.52
C TYR E 128 35.08 11.34 3.59
N GLN E 129 35.64 10.19 3.24
CA GLN E 129 34.99 9.28 2.30
C GLN E 129 33.77 8.62 2.89
N GLY E 130 33.62 8.74 4.20
CA GLY E 130 32.48 8.16 4.90
C GLY E 130 31.25 9.01 4.74
N MET E 131 31.48 10.28 4.44
CA MET E 131 30.42 11.24 4.21
C MET E 131 29.88 11.13 2.79
N PHE E 132 30.73 10.73 1.85
CA PHE E 132 30.30 10.42 0.48
C PHE E 132 29.37 9.23 0.51
N ALA E 133 29.62 8.34 1.47
CA ALA E 133 28.77 7.20 1.72
C ALA E 133 27.42 7.65 2.26
N ALA E 134 27.47 8.47 3.32
CA ALA E 134 26.27 9.03 3.92
C ALA E 134 25.49 9.88 2.92
N VAL E 135 26.18 10.64 2.08
CA VAL E 135 25.51 11.42 1.05
C VAL E 135 24.76 10.50 0.10
N THR E 136 25.42 9.41 -0.30
CA THR E 136 24.86 8.50 -1.31
C THR E 136 23.81 7.59 -0.73
N GLY E 137 23.96 7.23 0.53
CA GLY E 137 22.97 6.43 1.19
C GLY E 137 21.73 7.25 1.43
N ALA E 138 21.91 8.56 1.54
CA ALA E 138 20.81 9.46 1.78
C ALA E 138 20.03 9.73 0.52
N LEU E 139 20.69 9.72 -0.64
CA LEU E 139 20.01 9.86 -1.91
C LEU E 139 19.19 8.61 -2.20
N MET E 140 19.71 7.47 -1.78
CA MET E 140 19.06 6.18 -1.96
C MET E 140 17.83 6.11 -1.08
N LEU E 141 17.89 6.78 0.06
CA LEU E 141 16.74 6.94 0.92
C LEU E 141 15.70 7.82 0.26
N GLY E 142 16.18 8.78 -0.51
CA GLY E 142 15.32 9.71 -1.19
C GLY E 142 14.52 9.05 -2.29
N GLY E 143 15.09 8.01 -2.88
CA GLY E 143 14.47 7.34 -4.00
C GLY E 143 13.48 6.27 -3.58
N ALA E 144 13.61 5.80 -2.35
CA ALA E 144 12.87 4.63 -1.91
C ALA E 144 12.11 4.89 -0.63
N CYS E 145 11.55 6.09 -0.48
CA CYS E 145 10.88 6.44 0.77
C CYS E 145 9.36 6.50 0.67
N GLU E 146 8.80 6.45 -0.53
CA GLU E 146 7.34 6.51 -0.61
C GLU E 146 6.76 5.25 -0.01
N ARG E 147 5.98 5.44 1.05
CA ARG E 147 5.31 4.35 1.73
C ARG E 147 6.31 3.33 2.25
N ALA E 148 7.44 3.81 2.72
CA ALA E 148 8.51 2.92 3.18
C ALA E 148 8.36 2.56 4.64
N ARG E 149 8.88 1.39 5.00
CA ARG E 149 8.94 0.94 6.38
C ARG E 149 10.33 1.17 6.93
N LEU E 150 10.43 1.55 8.20
CA LEU E 150 11.67 2.10 8.72
C LEU E 150 12.73 1.05 8.95
N PHE E 151 12.36 -0.06 9.58
CA PHE E 151 13.35 -1.10 9.87
C PHE E 151 13.80 -1.85 8.60
N PRO E 152 12.90 -2.10 7.66
CA PRO E 152 13.41 -2.51 6.36
C PRO E 152 14.28 -1.46 5.69
N MET E 153 13.98 -0.18 5.90
CA MET E 153 14.74 0.90 5.29
C MET E 153 16.17 0.92 5.80
N MET E 154 16.36 0.58 7.06
CA MET E 154 17.70 0.53 7.63
C MET E 154 18.47 -0.66 7.08
N VAL E 155 17.88 -1.85 7.20
CA VAL E 155 18.49 -3.06 6.69
C VAL E 155 18.80 -2.92 5.20
N PHE E 156 17.91 -2.30 4.45
CA PHE E 156 18.15 -2.07 3.04
C PHE E 156 19.34 -1.18 2.80
N LEU E 157 19.39 -0.04 3.49
CA LEU E 157 20.50 0.91 3.35
C LEU E 157 21.81 0.21 3.62
N PHE E 158 21.88 -0.47 4.77
CA PHE E 158 23.07 -1.17 5.19
C PHE E 158 23.53 -2.18 4.16
N LEU E 159 22.62 -3.02 3.68
CA LEU E 159 23.03 -4.04 2.72
C LEU E 159 23.35 -3.40 1.39
N TRP E 160 22.55 -2.42 1.00
CA TRP E 160 22.79 -1.72 -0.27
C TRP E 160 24.12 -0.98 -0.27
N MET E 161 24.58 -0.57 0.90
CA MET E 161 25.84 0.15 0.99
C MET E 161 27.01 -0.83 0.95
N THR E 162 26.79 -2.01 1.50
CA THR E 162 27.79 -3.07 1.51
C THR E 162 28.00 -3.67 0.13
N ILE E 163 26.92 -4.15 -0.49
CA ILE E 163 27.04 -4.89 -1.73
C ILE E 163 26.92 -4.04 -3.00
N VAL E 164 26.46 -2.79 -2.89
CA VAL E 164 26.32 -1.97 -4.09
C VAL E 164 27.19 -0.72 -4.13
N TYR E 165 27.27 0.02 -3.02
CA TYR E 165 28.07 1.22 -3.03
C TYR E 165 29.55 0.89 -2.97
N CYS E 166 29.95 0.19 -1.90
CA CYS E 166 31.35 -0.11 -1.65
C CYS E 166 32.08 -0.81 -2.80
N PRO E 167 31.45 -1.81 -3.46
CA PRO E 167 32.20 -2.36 -4.60
C PRO E 167 32.51 -1.31 -5.66
N ILE E 168 31.52 -0.57 -6.15
CA ILE E 168 31.77 0.42 -7.20
C ILE E 168 32.75 1.49 -6.74
N ALA E 169 32.68 1.85 -5.47
CA ALA E 169 33.65 2.78 -4.89
C ALA E 169 35.06 2.22 -5.07
N CYS E 170 35.19 0.91 -4.88
CA CYS E 170 36.48 0.25 -4.97
C CYS E 170 37.00 0.35 -6.39
N TRP E 171 36.17 0.02 -7.36
CA TRP E 171 36.55 0.05 -8.76
C TRP E 171 37.10 1.41 -9.17
N VAL E 172 36.43 2.48 -8.75
CA VAL E 172 36.69 3.79 -9.32
C VAL E 172 37.64 4.63 -8.49
N TRP E 173 37.74 4.33 -7.20
CA TRP E 173 38.47 5.20 -6.26
C TRP E 173 39.60 4.54 -5.49
N ASN E 174 39.44 3.27 -5.15
CA ASN E 174 40.49 2.51 -4.48
C ASN E 174 41.68 2.46 -5.40
N ALA E 175 42.89 2.54 -4.83
CA ALA E 175 44.11 2.60 -5.63
C ALA E 175 44.31 1.39 -6.52
N GLU E 176 43.61 0.30 -6.23
CA GLU E 176 43.73 -0.92 -7.01
C GLU E 176 42.44 -1.27 -7.72
N GLY E 177 41.59 -0.30 -7.97
CA GLY E 177 40.31 -0.59 -8.58
C GLY E 177 40.52 -0.86 -10.05
N TRP E 178 39.70 -1.71 -10.64
CA TRP E 178 39.91 -2.03 -12.03
C TRP E 178 39.46 -0.91 -12.96
N LEU E 179 38.49 -0.13 -12.52
CA LEU E 179 38.08 1.05 -13.29
C LEU E 179 39.15 2.14 -13.23
N VAL E 180 39.96 2.12 -12.18
CA VAL E 180 41.04 3.07 -12.06
C VAL E 180 42.06 2.75 -13.11
N LYS E 181 42.51 1.49 -13.10
CA LYS E 181 43.48 0.97 -14.06
C LYS E 181 43.03 1.22 -15.49
N LEU E 182 41.85 0.74 -15.83
CA LEU E 182 41.23 0.97 -17.13
C LEU E 182 41.43 2.41 -17.60
N GLY E 183 41.23 3.36 -16.70
CA GLY E 183 41.46 4.76 -17.03
C GLY E 183 40.28 5.67 -16.75
N SER E 184 39.21 5.11 -16.20
CA SER E 184 37.95 5.83 -15.96
C SER E 184 38.12 7.02 -15.02
N LEU E 185 37.84 8.21 -15.52
CA LEU E 185 37.94 9.41 -14.71
C LEU E 185 36.66 9.68 -13.94
N ASP E 186 36.80 9.98 -12.65
CA ASP E 186 35.66 10.33 -11.84
C ASP E 186 36.13 11.07 -10.60
N TYR E 187 36.17 12.39 -10.72
CA TYR E 187 36.71 13.26 -9.70
C TYR E 187 36.10 13.05 -8.33
N ALA E 188 34.80 13.30 -8.20
CA ALA E 188 34.17 13.36 -6.89
C ALA E 188 32.87 12.55 -6.75
N GLY E 189 32.49 11.77 -7.74
CA GLY E 189 31.36 10.87 -7.52
C GLY E 189 30.35 10.69 -8.63
N GLY E 190 30.71 11.10 -9.85
CA GLY E 190 29.82 10.94 -10.98
C GLY E 190 29.36 9.52 -11.13
N LEU E 191 30.21 8.58 -10.76
CA LEU E 191 29.91 7.16 -10.89
C LEU E 191 29.47 6.57 -9.56
N CYS E 192 30.30 6.75 -8.53
CA CYS E 192 30.08 6.10 -7.25
C CYS E 192 28.89 6.68 -6.47
N VAL E 193 28.61 7.97 -6.65
CA VAL E 193 27.58 8.64 -5.87
C VAL E 193 26.29 8.88 -6.64
N HIS E 194 26.36 9.59 -7.76
CA HIS E 194 25.16 10.03 -8.45
C HIS E 194 24.61 8.95 -9.36
N LEU E 195 25.48 8.28 -10.10
CA LEU E 195 25.04 7.21 -11.00
C LEU E 195 24.48 6.05 -10.20
N THR E 196 25.16 5.67 -9.12
CA THR E 196 24.68 4.57 -8.29
C THR E 196 23.34 4.88 -7.64
N SER E 197 23.32 5.89 -6.77
CA SER E 197 22.10 6.28 -6.07
C SER E 197 20.99 6.73 -7.00
N GLY E 198 21.37 7.26 -8.16
CA GLY E 198 20.40 7.65 -9.17
C GLY E 198 19.72 6.45 -9.79
N HIS E 199 20.50 5.51 -10.30
CA HIS E 199 19.94 4.34 -10.97
C HIS E 199 19.32 3.37 -9.97
N GLY E 200 19.73 3.48 -8.72
CA GLY E 200 19.13 2.68 -7.67
C GLY E 200 17.73 3.18 -7.36
N GLY E 201 17.48 4.43 -7.69
CA GLY E 201 16.15 4.98 -7.56
C GLY E 201 15.26 4.48 -8.68
N LEU E 202 15.87 4.26 -9.84
CA LEU E 202 15.15 3.77 -11.02
C LEU E 202 14.75 2.31 -10.88
N VAL E 203 15.57 1.52 -10.22
CA VAL E 203 15.22 0.14 -9.93
C VAL E 203 14.05 0.09 -8.95
N TYR E 204 13.97 1.09 -8.08
CA TYR E 204 12.86 1.16 -7.14
C TYR E 204 11.55 1.46 -7.86
N ALA E 205 11.59 2.46 -8.75
CA ALA E 205 10.39 2.95 -9.41
C ALA E 205 9.71 1.89 -10.25
N LEU E 206 10.45 0.84 -10.60
CA LEU E 206 9.96 -0.21 -11.48
C LEU E 206 9.52 -1.45 -10.74
N ILE E 207 10.20 -1.77 -9.66
CA ILE E 207 9.85 -2.94 -8.87
C ILE E 207 8.81 -2.60 -7.81
N LEU E 208 8.97 -1.45 -7.16
CA LEU E 208 7.95 -0.98 -6.22
C LEU E 208 7.46 0.41 -6.64
N GLY E 209 6.55 1.00 -5.88
CA GLY E 209 6.06 2.31 -6.25
C GLY E 209 4.92 2.24 -7.25
N LYS E 210 3.90 3.08 -7.03
CA LYS E 210 2.68 3.08 -7.82
C LYS E 210 2.96 3.09 -9.32
N ARG E 211 2.40 2.11 -10.02
CA ARG E 211 2.37 2.10 -11.46
C ARG E 211 1.06 2.77 -11.86
N ASN E 212 0.99 3.27 -13.09
CA ASN E 212 -0.18 4.03 -13.54
C ASN E 212 -0.57 5.06 -12.49
N ASP E 213 0.44 5.78 -11.99
CA ASP E 213 0.31 6.71 -10.88
C ASP E 213 -0.50 7.94 -11.24
N PRO E 214 -1.57 8.20 -10.48
CA PRO E 214 -2.49 9.33 -10.68
C PRO E 214 -1.79 10.67 -10.79
N VAL E 215 -0.62 10.80 -10.18
CA VAL E 215 0.10 12.08 -10.19
C VAL E 215 0.66 12.35 -11.58
N THR E 216 0.70 11.32 -12.42
CA THR E 216 1.36 11.43 -13.72
C THR E 216 0.47 11.24 -14.94
N ARG E 217 -0.84 11.21 -14.74
CA ARG E 217 -1.76 11.20 -15.88
C ARG E 217 -1.48 12.45 -16.70
N LYS E 218 -1.80 12.40 -17.99
CA LYS E 218 -1.56 13.55 -18.87
C LYS E 218 -2.20 14.81 -18.32
N GLY E 219 -1.56 15.94 -18.55
CA GLY E 219 -2.14 17.22 -18.18
C GLY E 219 -1.88 17.63 -16.75
N MET E 220 -1.78 16.66 -15.86
CA MET E 220 -1.39 16.91 -14.48
C MET E 220 -0.03 17.62 -14.51
N PRO E 221 0.21 18.56 -13.57
CA PRO E 221 1.42 19.38 -13.69
C PRO E 221 2.70 18.61 -13.47
N LYS E 222 3.78 19.14 -14.02
CA LYS E 222 5.11 18.58 -13.89
C LYS E 222 5.68 18.95 -12.53
N TYR E 223 5.14 20.03 -11.98
CA TYR E 223 5.58 20.55 -10.70
C TYR E 223 4.43 20.76 -9.74
N LYS E 224 4.52 20.14 -8.57
CA LYS E 224 3.57 20.39 -7.52
C LYS E 224 4.29 20.26 -6.19
N PRO E 225 5.35 21.06 -5.99
CA PRO E 225 6.24 20.90 -4.85
C PRO E 225 5.53 20.95 -3.52
N HIS E 226 5.61 19.85 -2.77
CA HIS E 226 5.15 19.78 -1.39
C HIS E 226 5.69 20.92 -0.53
N SER E 227 6.82 21.48 -0.91
CA SER E 227 7.40 22.59 -0.16
C SER E 227 8.54 23.31 -0.85
N VAL E 228 8.27 24.44 -1.49
CA VAL E 228 9.30 25.24 -2.11
C VAL E 228 10.42 25.62 -1.13
N THR E 229 10.08 25.81 0.13
CA THR E 229 11.06 26.19 1.14
C THR E 229 11.99 25.05 1.49
N SER E 230 11.45 23.83 1.50
CA SER E 230 12.24 22.65 1.77
C SER E 230 13.23 22.45 0.63
N VAL E 231 12.86 22.89 -0.55
CA VAL E 231 13.67 22.81 -1.77
C VAL E 231 14.79 23.86 -1.79
N VAL E 232 14.51 25.08 -1.37
CA VAL E 232 15.50 26.15 -1.41
C VAL E 232 16.49 26.04 -0.26
N LEU E 233 16.04 25.52 0.88
CA LEU E 233 16.95 25.31 2.01
C LEU E 233 17.83 24.12 1.74
N GLY E 234 17.28 23.12 1.07
CA GLY E 234 18.06 21.96 0.68
C GLY E 234 19.19 22.37 -0.24
N THR E 235 18.93 23.27 -1.17
CA THR E 235 19.95 23.74 -2.08
C THR E 235 20.98 24.60 -1.39
N VAL E 236 20.57 25.34 -0.38
CA VAL E 236 21.51 26.13 0.39
C VAL E 236 22.51 25.19 1.07
N PHE E 237 22.04 24.08 1.64
CA PHE E 237 22.88 23.07 2.27
C PHE E 237 23.69 22.24 1.27
N LEU E 238 23.05 21.83 0.19
CA LEU E 238 23.70 21.05 -0.85
C LEU E 238 24.75 21.87 -1.58
N TRP E 239 24.43 23.08 -1.99
CA TRP E 239 25.40 23.88 -2.71
C TRP E 239 26.53 24.35 -1.78
N PHE E 240 26.33 24.32 -0.47
CA PHE E 240 27.28 24.94 0.45
C PHE E 240 28.70 24.36 0.53
N GLY E 241 28.93 23.08 0.81
CA GLY E 241 28.03 21.96 0.69
C GLY E 241 28.73 21.10 -0.33
N TRP E 242 28.47 21.40 -1.60
CA TRP E 242 29.07 20.73 -2.72
C TRP E 242 30.46 21.28 -2.94
N MET E 243 30.78 22.40 -2.33
CA MET E 243 32.06 23.06 -2.56
C MET E 243 33.16 22.34 -1.81
N PHE E 244 32.79 21.55 -0.81
CA PHE E 244 33.75 20.73 -0.08
C PHE E 244 33.79 19.31 -0.64
N PHE E 245 32.64 18.88 -1.15
CA PHE E 245 32.47 17.65 -1.92
C PHE E 245 33.48 17.55 -3.05
N ASN E 246 33.46 18.51 -3.96
CA ASN E 246 34.36 18.59 -5.10
C ASN E 246 35.72 19.18 -4.79
N GLY E 247 35.79 20.04 -3.80
CA GLY E 247 37.03 20.76 -3.57
C GLY E 247 37.98 19.92 -2.79
N GLY E 248 37.43 18.98 -2.04
CA GLY E 248 38.23 18.18 -1.15
C GLY E 248 38.63 16.90 -1.81
N SER E 249 38.05 16.64 -2.97
CA SER E 249 38.39 15.48 -3.76
C SER E 249 39.76 15.67 -4.37
N ALA E 250 40.24 16.91 -4.35
CA ALA E 250 41.57 17.21 -4.82
C ALA E 250 42.59 16.59 -3.88
N GLY E 251 42.11 16.18 -2.72
CA GLY E 251 42.94 15.52 -1.72
C GLY E 251 43.91 16.45 -1.05
N ASN E 252 44.00 17.67 -1.50
CA ASN E 252 44.98 18.58 -0.95
C ASN E 252 44.52 20.00 -1.01
N ALA E 253 45.29 20.91 -0.45
CA ALA E 253 44.93 22.31 -0.45
C ALA E 253 45.55 23.03 -1.63
N THR E 254 45.87 22.31 -2.70
CA THR E 254 46.55 22.90 -3.84
C THR E 254 45.59 23.57 -4.80
N ILE E 255 46.14 24.33 -5.75
CA ILE E 255 45.38 24.97 -6.81
C ILE E 255 44.33 24.04 -7.47
N ARG E 256 44.46 22.74 -7.35
CA ARG E 256 43.51 21.87 -8.04
C ARG E 256 42.22 21.89 -7.28
N ALA E 257 42.33 22.11 -5.99
CA ALA E 257 41.15 22.15 -5.14
C ALA E 257 40.33 23.34 -5.55
N TRP E 258 40.93 24.52 -5.51
CA TRP E 258 40.25 25.81 -5.76
C TRP E 258 39.78 26.00 -7.18
N TYR E 259 40.56 25.50 -8.13
CA TYR E 259 40.15 25.48 -9.51
C TYR E 259 38.87 24.66 -9.65
N SER E 260 38.80 23.54 -8.95
CA SER E 260 37.63 22.66 -9.07
C SER E 260 36.42 23.24 -8.35
N ILE E 261 36.66 24.08 -7.35
CA ILE E 261 35.56 24.76 -6.67
C ILE E 261 34.96 25.76 -7.64
N MET E 262 35.79 26.51 -8.36
CA MET E 262 35.29 27.50 -9.32
C MET E 262 34.44 26.88 -10.42
N SER E 263 34.84 25.72 -10.91
CA SER E 263 34.05 25.01 -11.91
C SER E 263 32.79 24.47 -11.29
N THR E 264 32.82 24.20 -9.99
CA THR E 264 31.67 23.67 -9.27
C THR E 264 30.57 24.71 -9.17
N ASN E 265 30.96 25.93 -8.82
CA ASN E 265 30.04 27.04 -8.75
C ASN E 265 29.51 27.41 -10.12
N LEU E 266 30.42 27.61 -11.06
CA LEU E 266 30.04 28.03 -12.40
C LEU E 266 29.18 26.99 -13.10
N ALA E 267 29.36 25.72 -12.76
CA ALA E 267 28.57 24.69 -13.38
C ALA E 267 27.18 24.75 -12.81
N ALA E 268 27.11 25.11 -11.53
CA ALA E 268 25.85 25.20 -10.80
C ALA E 268 25.07 26.41 -11.26
N ALA E 269 25.76 27.53 -11.36
CA ALA E 269 25.18 28.75 -11.90
C ALA E 269 24.54 28.47 -13.24
N CYS E 270 25.30 27.92 -14.18
CA CYS E 270 24.81 27.79 -15.53
C CYS E 270 23.76 26.70 -15.66
N GLY E 271 23.76 25.75 -14.75
CA GLY E 271 22.78 24.68 -14.79
C GLY E 271 21.46 25.20 -14.28
N GLY E 272 21.55 26.02 -13.24
CA GLY E 272 20.39 26.65 -12.67
C GLY E 272 19.72 27.53 -13.70
N LEU E 273 20.47 28.48 -14.23
CA LEU E 273 19.96 29.39 -15.25
C LEU E 273 19.42 28.68 -16.49
N THR E 274 19.98 27.52 -16.83
CA THR E 274 19.53 26.79 -18.00
C THR E 274 18.18 26.14 -17.72
N TRP E 275 18.08 25.41 -16.61
CA TRP E 275 16.82 24.76 -16.25
C TRP E 275 15.76 25.80 -15.97
N MET E 276 16.17 26.95 -15.47
CA MET E 276 15.23 28.03 -15.23
C MET E 276 14.59 28.48 -16.54
N VAL E 277 15.40 28.86 -17.51
CA VAL E 277 14.89 29.39 -18.79
C VAL E 277 14.17 28.34 -19.63
N ILE E 278 14.64 27.09 -19.60
CA ILE E 278 13.96 26.02 -20.33
C ILE E 278 12.55 25.79 -19.78
N ASP E 279 12.30 26.25 -18.56
CA ASP E 279 11.00 26.04 -17.95
C ASP E 279 10.09 27.19 -18.28
N TYR E 280 10.70 28.36 -18.46
CA TYR E 280 9.97 29.55 -18.84
C TYR E 280 9.31 29.35 -20.17
N PHE E 281 10.09 28.95 -21.17
CA PHE E 281 9.58 28.81 -22.51
C PHE E 281 8.73 27.57 -22.68
N ARG E 282 8.68 26.75 -21.64
CA ARG E 282 7.98 25.49 -21.73
C ARG E 282 6.67 25.50 -20.95
N CYS E 283 6.48 26.55 -20.15
CA CYS E 283 5.32 26.66 -19.27
C CYS E 283 4.44 27.87 -19.63
N GLY E 284 4.81 28.56 -20.69
CA GLY E 284 4.01 29.66 -21.17
C GLY E 284 4.40 30.98 -20.54
N ARG E 285 5.70 31.20 -20.49
CA ARG E 285 6.29 32.41 -19.91
C ARG E 285 5.91 32.57 -18.44
N LYS E 286 5.88 31.45 -17.73
CA LYS E 286 5.79 31.47 -16.26
C LYS E 286 7.08 30.90 -15.68
N TRP E 287 7.67 31.56 -14.70
CA TRP E 287 8.88 31.04 -14.06
C TRP E 287 8.55 30.04 -12.96
N THR E 288 9.15 28.87 -12.99
CA THR E 288 8.83 27.82 -12.02
C THR E 288 9.59 27.92 -10.71
N THR E 289 8.98 27.45 -9.63
CA THR E 289 9.50 27.62 -8.28
C THR E 289 10.67 26.72 -7.95
N VAL E 290 10.60 25.47 -8.42
CA VAL E 290 11.66 24.49 -8.20
C VAL E 290 12.62 24.38 -9.37
N GLY E 291 12.34 25.12 -10.45
CA GLY E 291 13.18 25.16 -11.62
C GLY E 291 14.62 25.52 -11.35
N LEU E 292 14.86 26.74 -10.87
CA LEU E 292 16.23 27.20 -10.61
C LEU E 292 16.99 26.28 -9.68
N CYS E 293 16.29 25.72 -8.71
CA CYS E 293 16.97 24.91 -7.71
C CYS E 293 17.29 23.56 -8.30
N SER E 294 16.43 23.08 -9.17
CA SER E 294 16.69 21.78 -9.76
C SER E 294 17.88 21.85 -10.74
N GLY E 295 18.01 22.94 -11.47
CA GLY E 295 19.08 23.07 -12.44
C GLY E 295 20.42 23.25 -11.76
N ILE E 296 20.37 23.90 -10.61
CA ILE E 296 21.56 24.07 -9.78
C ILE E 296 22.12 22.73 -9.33
N ILE E 297 21.26 21.84 -8.87
CA ILE E 297 21.71 20.52 -8.43
C ILE E 297 22.23 19.76 -9.62
N ALA E 298 21.43 19.64 -10.68
CA ALA E 298 21.83 18.99 -11.92
C ALA E 298 23.18 19.48 -12.39
N GLY E 299 23.36 20.79 -12.49
CA GLY E 299 24.66 21.35 -12.84
C GLY E 299 25.77 20.90 -11.90
N LEU E 300 25.43 20.64 -10.66
CA LEU E 300 26.44 20.22 -9.70
C LEU E 300 26.69 18.74 -9.85
N VAL E 301 25.69 18.00 -10.31
CA VAL E 301 25.86 16.58 -10.55
C VAL E 301 26.73 16.37 -11.77
N GLY E 302 26.53 17.21 -12.78
CA GLY E 302 27.25 17.09 -14.02
C GLY E 302 28.73 17.31 -13.87
N ILE E 303 29.10 18.39 -13.21
CA ILE E 303 30.51 18.75 -13.03
C ILE E 303 31.13 17.92 -11.92
N THR E 304 30.39 16.97 -11.37
CA THR E 304 30.95 16.20 -10.26
C THR E 304 32.12 15.33 -10.75
N PRO E 305 31.92 14.47 -11.74
CA PRO E 305 33.07 13.66 -12.14
C PRO E 305 34.13 14.44 -12.89
N ALA E 306 33.79 15.66 -13.29
CA ALA E 306 34.62 16.45 -14.18
C ALA E 306 35.47 17.51 -13.50
N ALA E 307 35.05 18.00 -12.34
CA ALA E 307 35.56 19.26 -11.78
C ALA E 307 37.06 19.35 -11.60
N GLY E 308 37.71 18.21 -11.49
CA GLY E 308 39.13 18.20 -11.18
C GLY E 308 39.97 18.14 -12.43
N PHE E 309 39.31 17.95 -13.56
CA PHE E 309 39.97 17.78 -14.86
C PHE E 309 39.58 18.87 -15.86
N VAL E 310 38.29 18.99 -16.15
CA VAL E 310 37.84 19.90 -17.20
C VAL E 310 38.25 21.34 -16.94
N PRO E 311 38.54 22.10 -18.01
CA PRO E 311 38.83 23.53 -17.86
C PRO E 311 37.59 24.29 -17.41
N ILE E 312 37.76 25.50 -16.87
CA ILE E 312 36.62 26.29 -16.39
C ILE E 312 35.51 26.42 -17.43
N TRP E 313 35.85 26.95 -18.59
CA TRP E 313 34.87 27.23 -19.65
C TRP E 313 34.01 26.00 -19.97
N SER E 314 34.56 24.80 -19.80
CA SER E 314 33.80 23.61 -20.14
C SER E 314 32.72 23.33 -19.10
N ALA E 315 32.84 23.97 -17.94
CA ALA E 315 31.86 23.80 -16.88
C ALA E 315 30.54 24.44 -17.31
N VAL E 316 30.65 25.55 -18.02
CA VAL E 316 29.51 26.16 -18.68
C VAL E 316 28.81 25.13 -19.54
N VAL E 317 29.58 24.45 -20.39
CA VAL E 317 29.02 23.43 -21.27
C VAL E 317 28.43 22.29 -20.46
N ILE E 318 29.16 21.82 -19.45
CA ILE E 318 28.73 20.70 -18.62
C ILE E 318 27.53 21.09 -17.78
N GLY E 319 27.51 22.34 -17.33
CA GLY E 319 26.36 22.89 -16.63
C GLY E 319 25.12 22.89 -17.48
N VAL E 320 25.18 23.59 -18.63
CA VAL E 320 24.05 23.72 -19.55
C VAL E 320 23.53 22.39 -20.10
N VAL E 321 24.43 21.51 -20.51
CA VAL E 321 23.99 20.23 -21.09
C VAL E 321 23.41 19.32 -20.01
N THR E 322 24.03 19.29 -18.84
CA THR E 322 23.51 18.48 -17.74
C THR E 322 22.21 19.06 -17.23
N GLY E 323 22.14 20.39 -17.18
CA GLY E 323 20.95 21.07 -16.74
C GLY E 323 19.80 20.77 -17.67
N ALA E 324 19.98 21.08 -18.95
CA ALA E 324 19.00 20.79 -19.98
C ALA E 324 18.61 19.32 -20.00
N GLY E 325 19.61 18.45 -20.02
CA GLY E 325 19.36 17.02 -20.08
C GLY E 325 18.57 16.45 -18.92
N CYS E 326 18.83 16.94 -17.70
CA CYS E 326 18.08 16.48 -16.55
C CYS E 326 16.68 17.08 -16.53
N ASN E 327 16.54 18.27 -17.12
CA ASN E 327 15.24 18.91 -17.26
C ASN E 327 14.32 18.02 -18.04
N LEU E 328 14.88 17.39 -19.07
CA LEU E 328 14.10 16.54 -19.94
C LEU E 328 13.77 15.23 -19.24
N ALA E 329 14.76 14.66 -18.56
CA ALA E 329 14.62 13.35 -17.95
C ALA E 329 13.47 13.27 -16.96
N VAL E 330 13.10 14.40 -16.36
CA VAL E 330 11.98 14.44 -15.42
C VAL E 330 10.69 14.03 -16.11
N ASP E 331 10.62 14.27 -17.40
CA ASP E 331 9.42 13.97 -18.18
C ASP E 331 9.21 12.47 -18.35
N LEU E 332 10.13 11.68 -17.82
CA LEU E 332 10.03 10.23 -17.93
C LEU E 332 8.89 9.71 -17.08
N LYS E 333 8.56 10.45 -16.04
CA LYS E 333 7.50 10.05 -15.11
C LYS E 333 6.16 9.87 -15.81
N SER E 334 5.95 10.58 -16.91
CA SER E 334 4.67 10.55 -17.58
C SER E 334 4.64 9.48 -18.68
N LEU E 335 5.76 8.82 -18.89
CA LEU E 335 5.85 7.76 -19.88
C LEU E 335 5.78 6.38 -19.25
N LEU E 336 6.07 6.32 -17.96
CA LEU E 336 5.95 5.08 -17.20
C LEU E 336 4.72 5.15 -16.32
N ARG E 337 4.15 6.36 -16.25
CA ARG E 337 3.08 6.66 -15.30
C ARG E 337 3.51 6.25 -13.91
N ILE E 338 4.72 6.68 -13.54
CA ILE E 338 5.30 6.42 -12.22
C ILE E 338 5.97 7.68 -11.68
N ASP E 339 5.78 7.99 -10.41
CA ASP E 339 6.45 9.12 -9.78
C ASP E 339 7.43 8.62 -8.73
N ASP E 340 7.07 7.50 -8.10
CA ASP E 340 7.69 7.06 -6.85
C ASP E 340 9.20 6.79 -6.85
N GLY E 341 9.94 7.23 -7.85
CA GLY E 341 11.37 7.04 -7.77
C GLY E 341 12.24 7.94 -8.64
N LEU E 342 11.63 8.61 -9.61
CA LEU E 342 12.39 9.22 -10.69
C LEU E 342 12.76 10.68 -10.49
N ASP E 343 12.40 11.26 -9.35
CA ASP E 343 12.88 12.60 -9.05
C ASP E 343 14.37 12.49 -8.80
N CYS E 344 14.77 11.44 -8.09
CA CYS E 344 16.17 11.21 -7.75
C CYS E 344 16.95 10.56 -8.89
N TYR E 345 16.25 9.91 -9.81
CA TYR E 345 16.90 9.35 -10.98
C TYR E 345 17.36 10.44 -11.93
N SER E 346 16.40 11.16 -12.48
CA SER E 346 16.62 12.18 -13.52
C SER E 346 17.73 13.19 -13.26
N ILE E 347 17.99 13.49 -12.00
CA ILE E 347 19.01 14.47 -11.69
C ILE E 347 20.35 13.82 -11.44
N HIS E 348 20.34 12.73 -10.67
CA HIS E 348 21.57 12.10 -10.24
C HIS E 348 21.99 10.99 -11.18
N GLY E 349 21.07 10.09 -11.48
CA GLY E 349 21.33 9.04 -12.46
C GLY E 349 21.85 9.63 -13.75
N VAL E 350 20.98 10.32 -14.48
CA VAL E 350 21.31 10.95 -15.74
C VAL E 350 22.46 11.95 -15.63
N GLY E 351 22.50 12.70 -14.55
CA GLY E 351 23.53 13.72 -14.38
C GLY E 351 24.90 13.12 -14.26
N GLY E 352 24.98 11.98 -13.58
CA GLY E 352 26.25 11.30 -13.40
C GLY E 352 26.72 10.72 -14.72
N CYS E 353 25.78 10.22 -15.51
CA CYS E 353 26.07 9.77 -16.86
C CYS E 353 26.56 10.91 -17.72
N ILE E 354 25.70 11.88 -18.01
CA ILE E 354 26.10 13.05 -18.80
C ILE E 354 27.36 13.69 -18.24
N GLY E 355 27.53 13.62 -16.94
CA GLY E 355 28.71 14.19 -16.32
C GLY E 355 29.92 13.34 -16.61
N SER E 356 29.75 12.02 -16.58
CA SER E 356 30.87 11.10 -16.72
C SER E 356 31.39 11.11 -18.15
N VAL E 357 30.47 11.05 -19.10
CA VAL E 357 30.86 11.06 -20.51
C VAL E 357 31.46 12.41 -20.93
N LEU E 358 30.86 13.51 -20.46
CA LEU E 358 31.36 14.85 -20.76
C LEU E 358 32.71 15.16 -20.13
N THR E 359 33.11 14.35 -19.14
CA THR E 359 34.44 14.46 -18.57
C THR E 359 35.46 14.02 -19.60
N GLY E 360 35.14 12.94 -20.29
CA GLY E 360 36.04 12.38 -21.27
C GLY E 360 36.19 13.25 -22.48
N ILE E 361 35.22 14.13 -22.71
CA ILE E 361 35.27 15.02 -23.85
C ILE E 361 36.13 16.24 -23.51
N PHE E 362 36.09 16.70 -22.26
CA PHE E 362 36.75 17.94 -21.90
C PHE E 362 37.89 17.78 -20.91
N ALA E 363 38.23 16.56 -20.54
CA ALA E 363 39.34 16.33 -19.60
C ALA E 363 40.61 16.97 -20.13
N ALA E 364 41.48 17.43 -19.25
CA ALA E 364 42.66 18.13 -19.72
C ALA E 364 43.87 17.96 -18.80
N ASP E 365 44.94 17.44 -19.37
CA ASP E 365 46.18 17.19 -18.66
C ASP E 365 46.69 18.40 -17.89
N TYR E 366 46.31 19.61 -18.32
CA TYR E 366 46.93 20.80 -17.77
C TYR E 366 46.22 21.33 -16.54
N VAL E 367 45.05 20.79 -16.27
CA VAL E 367 44.29 21.20 -15.08
C VAL E 367 44.64 20.29 -13.93
N ASN E 368 44.75 18.99 -14.23
CA ASN E 368 45.13 17.98 -13.25
C ASN E 368 46.52 18.25 -12.69
N ALA E 369 47.38 18.85 -13.51
CA ALA E 369 48.76 19.06 -13.12
C ALA E 369 48.89 20.25 -12.18
N THR E 370 47.78 20.93 -11.97
CA THR E 370 47.80 22.07 -11.07
C THR E 370 47.98 21.56 -9.65
N ALA E 371 47.81 20.25 -9.49
CA ALA E 371 48.04 19.57 -8.21
C ALA E 371 49.50 19.68 -7.77
N GLY E 372 50.39 19.98 -8.72
CA GLY E 372 51.79 20.22 -8.41
C GLY E 372 52.55 18.98 -8.03
N SER E 373 53.24 19.00 -6.89
CA SER E 373 54.01 17.84 -6.50
C SER E 373 53.11 16.72 -6.03
N TYR E 374 51.81 16.93 -6.18
CA TYR E 374 50.81 15.91 -5.86
C TYR E 374 50.19 15.35 -7.14
N ILE E 375 50.82 15.58 -8.30
CA ILE E 375 50.26 15.15 -9.57
C ILE E 375 50.03 13.67 -9.60
N SER E 376 48.88 13.25 -10.11
CA SER E 376 48.69 11.89 -10.60
C SER E 376 48.27 12.03 -12.04
N PRO E 377 49.25 12.06 -12.95
CA PRO E 377 49.02 12.59 -14.30
C PRO E 377 47.99 11.80 -15.10
N ILE E 378 47.22 12.53 -15.89
CA ILE E 378 46.16 11.96 -16.69
C ILE E 378 46.48 12.19 -18.17
N ASP E 379 46.04 11.29 -19.03
CA ASP E 379 46.41 11.39 -20.44
C ASP E 379 45.65 12.52 -21.12
N GLY E 380 44.46 12.80 -20.62
CA GLY E 380 43.65 13.87 -21.16
C GLY E 380 42.34 13.34 -21.70
N GLY E 381 41.75 14.08 -22.63
CA GLY E 381 40.51 13.68 -23.23
C GLY E 381 40.39 14.22 -24.65
N TRP E 382 39.18 14.17 -25.18
CA TRP E 382 38.88 14.57 -26.55
C TRP E 382 39.56 15.85 -27.01
N ILE E 383 39.76 16.81 -26.10
CA ILE E 383 40.39 18.05 -26.50
C ILE E 383 41.90 17.96 -26.37
N ASN E 384 42.39 16.80 -25.94
CA ASN E 384 43.81 16.51 -25.97
C ASN E 384 44.09 15.49 -27.06
N HIS E 385 43.14 15.35 -27.97
CA HIS E 385 43.23 14.42 -29.08
C HIS E 385 43.54 13.00 -28.61
N HIS E 386 42.96 12.63 -27.48
CA HIS E 386 43.09 11.27 -26.96
C HIS E 386 41.71 10.63 -26.89
N TYR E 387 41.19 10.27 -28.05
CA TYR E 387 39.79 9.89 -28.21
C TYR E 387 39.37 8.64 -27.43
N LYS E 388 40.34 7.88 -26.95
CA LYS E 388 40.02 6.65 -26.26
C LYS E 388 39.39 6.93 -24.90
N GLN E 389 39.59 8.14 -24.39
CA GLN E 389 39.14 8.50 -23.04
C GLN E 389 37.64 8.32 -22.87
N VAL E 390 36.86 8.91 -23.77
CA VAL E 390 35.40 8.78 -23.76
C VAL E 390 34.95 7.32 -23.60
N GLY E 391 35.73 6.40 -24.15
CA GLY E 391 35.42 4.99 -24.06
C GLY E 391 35.63 4.46 -22.66
N TYR E 392 36.70 4.93 -22.02
CA TYR E 392 37.01 4.46 -20.67
C TYR E 392 35.89 4.85 -19.72
N GLN E 393 35.35 6.06 -19.93
CA GLN E 393 34.22 6.55 -19.16
C GLN E 393 33.01 5.64 -19.31
N LEU E 394 32.66 5.34 -20.56
CA LEU E 394 31.54 4.46 -20.90
C LEU E 394 31.67 3.08 -20.31
N ALA E 395 32.90 2.68 -20.01
CA ALA E 395 33.16 1.41 -19.34
C ALA E 395 32.78 1.53 -17.88
N GLY E 396 33.13 2.67 -17.30
CA GLY E 396 32.85 2.96 -15.90
C GLY E 396 31.37 3.12 -15.70
N ILE E 397 30.69 3.71 -16.67
CA ILE E 397 29.25 3.85 -16.60
C ILE E 397 28.60 2.48 -16.65
N CYS E 398 28.88 1.73 -17.71
CA CYS E 398 28.26 0.42 -17.91
C CYS E 398 28.60 -0.57 -16.81
N ALA E 399 29.78 -0.43 -16.23
CA ALA E 399 30.18 -1.30 -15.13
C ALA E 399 29.35 -1.00 -13.91
N ALA E 400 29.38 0.26 -13.50
CA ALA E 400 28.67 0.72 -12.32
C ALA E 400 27.17 0.57 -12.50
N LEU E 401 26.69 0.98 -13.66
CA LEU E 401 25.27 0.91 -13.99
C LEU E 401 24.76 -0.52 -13.85
N ALA E 402 25.35 -1.44 -14.61
CA ALA E 402 24.93 -2.82 -14.60
C ALA E 402 24.99 -3.42 -13.21
N TRP E 403 25.99 -3.04 -12.43
CA TRP E 403 26.13 -3.55 -11.07
C TRP E 403 25.03 -2.97 -10.16
N THR E 404 24.83 -1.66 -10.19
CA THR E 404 23.79 -1.01 -9.38
C THR E 404 22.39 -1.43 -9.78
N VAL E 405 22.17 -1.67 -11.07
CA VAL E 405 20.88 -2.10 -11.56
C VAL E 405 20.62 -3.57 -11.19
N THR E 406 21.69 -4.36 -11.10
CA THR E 406 21.54 -5.79 -10.84
C THR E 406 21.45 -6.09 -9.35
N VAL E 407 22.40 -5.57 -8.58
CA VAL E 407 22.49 -5.95 -7.16
C VAL E 407 21.38 -5.29 -6.34
N THR E 408 20.89 -4.14 -6.78
CA THR E 408 19.81 -3.46 -6.08
C THR E 408 18.51 -4.25 -6.19
N SER E 409 18.25 -4.78 -7.38
CA SER E 409 17.06 -5.57 -7.65
C SER E 409 16.99 -6.83 -6.81
N ILE E 410 18.09 -7.56 -6.76
CA ILE E 410 18.16 -8.76 -5.94
C ILE E 410 17.96 -8.42 -4.48
N LEU E 411 18.48 -7.28 -4.06
CA LEU E 411 18.34 -6.86 -2.67
C LEU E 411 16.90 -6.47 -2.35
N LEU E 412 16.27 -5.71 -3.24
CA LEU E 412 14.91 -5.26 -3.02
C LEU E 412 13.96 -6.44 -3.09
N LEU E 413 14.16 -7.30 -4.06
CA LEU E 413 13.27 -8.43 -4.29
C LEU E 413 13.41 -9.50 -3.21
N THR E 414 14.65 -9.92 -2.94
CA THR E 414 14.91 -10.82 -1.83
C THR E 414 14.20 -10.34 -0.59
N MET E 415 14.42 -9.07 -0.30
CA MET E 415 13.91 -8.48 0.92
C MET E 415 12.39 -8.40 0.83
N ASN E 416 11.89 -8.34 -0.39
CA ASN E 416 10.45 -8.21 -0.59
C ASN E 416 9.70 -9.52 -0.35
N ALA E 417 10.43 -10.63 -0.36
CA ALA E 417 9.82 -11.94 -0.23
C ALA E 417 9.69 -12.35 1.24
N ILE E 418 10.48 -11.74 2.10
CA ILE E 418 10.30 -11.93 3.52
C ILE E 418 9.38 -10.83 4.06
N PRO E 419 8.29 -11.21 4.72
CA PRO E 419 7.34 -10.27 5.30
C PRO E 419 7.95 -9.44 6.42
N PHE E 420 8.99 -9.98 7.05
CA PHE E 420 9.67 -9.31 8.14
C PHE E 420 10.42 -8.08 7.64
N LEU E 421 10.87 -8.14 6.39
CA LEU E 421 11.84 -7.18 5.85
C LEU E 421 11.46 -6.51 4.55
N LYS E 422 10.23 -6.69 4.06
CA LYS E 422 9.88 -6.06 2.80
C LYS E 422 9.90 -4.55 2.98
N LEU E 423 10.55 -3.87 2.04
CA LEU E 423 10.73 -2.45 2.13
C LEU E 423 9.39 -1.74 2.06
N ARG E 424 8.56 -2.13 1.10
CA ARG E 424 7.29 -1.44 0.89
C ARG E 424 6.09 -2.37 0.72
N LEU E 425 5.12 -2.26 1.63
CA LEU E 425 3.92 -3.08 1.59
C LEU E 425 3.18 -2.90 0.28
N SER E 426 2.55 -3.95 -0.20
CA SER E 426 1.80 -3.86 -1.45
C SER E 426 0.52 -3.09 -1.22
N ALA E 427 -0.11 -2.59 -2.29
CA ALA E 427 -1.31 -1.79 -2.15
C ALA E 427 -2.43 -2.60 -1.50
N ASP E 428 -2.31 -3.92 -1.54
CA ASP E 428 -3.38 -4.81 -1.11
C ASP E 428 -3.30 -5.23 0.35
N GLU E 429 -2.20 -4.90 1.03
CA GLU E 429 -2.09 -5.24 2.45
C GLU E 429 -1.98 -3.98 3.32
N GLU E 430 -1.83 -2.84 2.67
CA GLU E 430 -1.67 -1.57 3.38
C GLU E 430 -3.04 -0.96 3.71
N GLU E 431 -3.06 -0.07 4.69
CA GLU E 431 -4.30 0.59 5.09
C GLU E 431 -4.33 2.03 4.55
N LEU E 432 -4.57 3.00 5.43
CA LEU E 432 -4.62 4.42 5.08
C LEU E 432 -4.75 5.24 6.36
N GLY E 433 -3.60 5.47 7.01
CA GLY E 433 -3.57 6.02 8.36
C GLY E 433 -4.35 7.29 8.66
N THR E 434 -4.64 8.08 7.62
CA THR E 434 -5.25 9.40 7.78
C THR E 434 -4.35 10.34 8.59
N ASP E 435 -3.09 9.93 8.76
CA ASP E 435 -2.11 10.71 9.51
C ASP E 435 -1.45 11.74 8.61
N ALA E 436 -2.06 12.01 7.46
CA ALA E 436 -1.62 13.09 6.60
C ALA E 436 -1.99 14.42 7.23
N ALA E 437 -2.66 14.35 8.37
CA ALA E 437 -2.92 15.52 9.20
C ALA E 437 -1.72 15.76 10.12
N GLN E 438 -0.77 14.82 10.11
CA GLN E 438 0.45 14.91 10.92
C GLN E 438 1.69 15.27 10.09
N ILE E 439 1.58 15.14 8.79
CA ILE E 439 2.60 15.61 7.87
C ILE E 439 2.10 16.93 7.30
N GLY E 440 2.86 18.02 7.37
CA GLY E 440 4.25 18.06 7.75
C GLY E 440 4.95 18.73 6.58
N GLU E 441 5.24 20.02 6.68
CA GLU E 441 5.95 20.65 5.57
C GLU E 441 7.37 20.16 5.52
N PHE E 442 7.98 20.09 6.70
CA PHE E 442 9.36 19.63 6.82
C PHE E 442 9.40 18.23 7.44
N THR E 443 8.79 18.05 8.60
CA THR E 443 8.71 16.74 9.23
C THR E 443 7.29 16.37 9.65
N TYR E 444 6.98 16.54 10.94
CA TYR E 444 5.66 16.18 11.47
C TYR E 444 5.02 17.31 12.30
N GLU E 445 3.70 17.33 12.34
CA GLU E 445 2.95 18.43 12.95
C GLU E 445 3.09 18.44 14.48
N GLU E 446 2.70 19.55 15.10
CA GLU E 446 3.00 19.76 16.52
C GLU E 446 2.50 18.62 17.39
N SER E 447 3.37 18.21 18.32
CA SER E 447 3.08 17.20 19.33
C SER E 447 3.00 15.79 18.76
N THR E 448 3.46 15.61 17.53
CA THR E 448 3.53 14.28 16.97
C THR E 448 4.48 13.46 17.81
N ALA E 449 4.09 12.25 18.20
CA ALA E 449 4.92 11.49 19.12
C ALA E 449 5.66 10.37 18.43
N TYR E 450 5.08 9.83 17.36
CA TYR E 450 5.67 8.70 16.65
C TYR E 450 5.53 8.90 15.15
N ILE E 451 6.50 8.42 14.39
CA ILE E 451 6.41 8.51 12.95
C ILE E 451 5.31 7.55 12.55
N PRO E 452 4.51 7.92 11.54
CA PRO E 452 3.36 7.13 11.09
C PRO E 452 3.75 5.99 10.18
N GLU E 453 4.37 4.96 10.76
CA GLU E 453 4.84 3.81 10.03
C GLU E 453 3.69 3.03 9.42
N PRO E 454 3.84 2.53 8.19
CA PRO E 454 2.82 1.70 7.57
C PRO E 454 2.51 0.47 8.39
N ILE E 455 1.24 0.11 8.47
CA ILE E 455 0.86 -1.10 9.18
C ILE E 455 -0.11 -1.91 8.30
N ARG E 456 -0.12 -3.23 8.50
CA ARG E 456 -0.95 -4.11 7.69
C ARG E 456 -2.11 -4.71 8.47
N SER E 457 -3.13 -5.15 7.74
CA SER E 457 -4.35 -5.72 8.31
C SER E 457 -4.07 -6.94 9.19
N SER F 2 61.14 44.60 1.71
CA SER F 2 60.52 43.59 2.57
C SER F 2 60.71 43.94 4.03
N TYR F 3 59.60 44.24 4.71
CA TYR F 3 59.61 44.55 6.13
C TYR F 3 60.31 43.41 6.86
N ASN F 4 61.39 43.73 7.56
CA ASN F 4 62.10 42.71 8.30
C ASN F 4 61.93 42.91 9.80
N PHE F 5 61.75 41.81 10.50
CA PHE F 5 61.49 41.83 11.92
C PHE F 5 62.73 41.47 12.69
N THR F 6 63.21 42.39 13.50
CA THR F 6 64.46 42.21 14.21
C THR F 6 64.26 42.16 15.71
N GLY F 7 63.41 41.24 16.17
CA GLY F 7 63.13 41.12 17.58
C GLY F 7 62.51 39.76 17.83
N THR F 8 62.64 39.22 19.04
CA THR F 8 62.22 37.84 19.27
C THR F 8 60.98 37.73 20.14
N PRO F 9 60.08 36.79 19.80
CA PRO F 9 58.87 36.50 20.57
C PRO F 9 59.15 36.35 22.05
N THR F 10 58.25 36.86 22.87
CA THR F 10 58.53 37.06 24.30
C THR F 10 57.89 35.98 25.17
N GLY F 11 56.89 35.29 24.64
CA GLY F 11 56.32 34.14 25.32
C GLY F 11 55.38 34.48 26.45
N GLU F 12 55.38 35.73 26.88
CA GLU F 12 54.48 36.15 27.92
C GLU F 12 53.82 37.47 27.56
N GLY F 13 52.84 37.89 28.35
CA GLY F 13 52.17 39.15 28.11
C GLY F 13 51.48 39.17 26.77
N THR F 14 51.87 40.12 25.94
CA THR F 14 51.29 40.26 24.64
C THR F 14 52.05 39.43 23.63
N GLY F 15 53.13 38.82 24.10
CA GLY F 15 53.92 37.91 23.29
C GLY F 15 55.00 38.58 22.50
N GLY F 16 55.01 39.90 22.51
CA GLY F 16 55.95 40.68 21.73
C GLY F 16 55.33 41.88 21.05
N ASN F 17 56.14 42.67 20.39
CA ASN F 17 55.67 43.85 19.73
C ASN F 17 55.58 43.59 18.24
N SER F 18 54.39 43.44 17.71
CA SER F 18 54.23 43.03 16.33
C SER F 18 54.78 44.04 15.35
N LEU F 19 55.25 45.16 15.85
CA LEU F 19 55.86 46.16 15.00
C LEU F 19 57.29 45.75 14.70
N THR F 20 57.89 45.05 15.66
CA THR F 20 59.26 44.56 15.59
C THR F 20 59.36 43.05 15.83
N THR F 21 58.29 42.30 15.61
CA THR F 21 58.33 40.86 15.76
C THR F 21 57.28 40.18 14.91
N ASP F 22 57.65 39.10 14.25
CA ASP F 22 56.64 38.28 13.60
C ASP F 22 56.22 37.19 14.58
N LEU F 23 55.13 37.43 15.28
CA LEU F 23 54.67 36.53 16.33
C LEU F 23 54.14 35.24 15.75
N ASN F 24 54.01 35.16 14.43
CA ASN F 24 53.44 33.98 13.78
C ASN F 24 54.42 32.86 13.61
N THR F 25 55.64 33.09 14.07
CA THR F 25 56.73 32.18 13.81
C THR F 25 56.82 31.16 14.91
N GLN F 26 55.88 31.25 15.87
CA GLN F 26 55.81 30.33 16.98
C GLN F 26 54.77 29.28 16.72
N PHE F 27 54.00 29.47 15.65
CA PHE F 27 52.80 28.70 15.40
C PHE F 27 52.72 28.23 13.98
N ASP F 28 51.96 27.20 13.72
CA ASP F 28 51.83 26.73 12.37
C ASP F 28 50.55 27.22 11.76
N LEU F 29 50.61 27.98 10.69
CA LEU F 29 49.43 28.45 9.99
C LEU F 29 48.42 27.38 9.64
N ALA F 30 48.83 26.11 9.59
CA ALA F 30 47.90 25.06 9.19
C ALA F 30 47.09 24.65 10.39
N ASN F 31 47.68 24.89 11.55
CA ASN F 31 47.06 24.71 12.85
C ASN F 31 46.07 25.80 13.15
N MET F 32 46.52 27.03 12.95
CA MET F 32 45.68 28.17 13.27
C MET F 32 44.47 28.24 12.35
N GLY F 33 44.67 28.06 11.05
CA GLY F 33 43.58 28.19 10.12
C GLY F 33 42.52 27.12 10.22
N TRP F 34 42.67 26.22 11.18
CA TRP F 34 41.73 25.12 11.37
C TRP F 34 40.96 25.34 12.64
N ILE F 35 41.62 25.91 13.63
CA ILE F 35 40.97 26.28 14.88
C ILE F 35 40.12 27.53 14.66
N GLY F 36 40.49 28.36 13.70
CA GLY F 36 39.70 29.52 13.35
C GLY F 36 38.48 29.11 12.57
N VAL F 37 38.61 28.09 11.75
CA VAL F 37 37.47 27.56 11.02
C VAL F 37 36.61 26.84 12.01
N ALA F 38 37.23 26.26 13.03
CA ALA F 38 36.50 25.46 14.01
C ALA F 38 35.79 26.35 15.00
N SER F 39 36.18 27.62 15.06
CA SER F 39 35.52 28.59 15.92
C SER F 39 34.18 28.97 15.32
N ALA F 40 34.14 29.08 14.01
CA ALA F 40 32.94 29.51 13.31
C ALA F 40 31.94 28.41 13.34
N GLY F 41 32.40 27.17 13.44
CA GLY F 41 31.52 26.03 13.43
C GLY F 41 31.03 25.64 14.81
N VAL F 42 31.83 25.90 15.83
CA VAL F 42 31.41 25.65 17.18
C VAL F 42 30.31 26.63 17.50
N TRP F 43 30.33 27.79 16.86
CA TRP F 43 29.32 28.82 17.13
C TRP F 43 27.95 28.47 16.58
N ILE F 44 27.89 27.79 15.45
CA ILE F 44 26.61 27.47 14.84
C ILE F 44 25.89 26.40 15.67
N MET F 45 26.50 26.01 16.78
CA MET F 45 25.87 25.10 17.72
C MET F 45 24.93 25.87 18.61
N VAL F 46 25.17 27.17 18.76
CA VAL F 46 24.41 28.02 19.67
C VAL F 46 22.96 28.12 19.22
N PRO F 47 22.68 28.48 17.95
CA PRO F 47 21.28 28.33 17.57
C PRO F 47 20.82 26.89 17.42
N GLY F 48 21.73 25.93 17.46
CA GLY F 48 21.34 24.54 17.36
C GLY F 48 20.75 24.11 18.68
N ILE F 49 21.25 24.69 19.75
CA ILE F 49 20.75 24.41 21.08
C ILE F 49 19.39 25.00 21.26
N GLY F 50 19.23 26.25 20.85
CA GLY F 50 17.96 26.89 20.84
C GLY F 50 16.93 26.12 20.06
N LEU F 51 17.25 25.80 18.82
CA LEU F 51 16.35 25.00 18.01
C LEU F 51 16.02 23.67 18.67
N LEU F 52 17.02 22.98 19.25
CA LEU F 52 16.83 21.63 19.75
C LEU F 52 15.97 21.54 20.98
N TYR F 53 16.19 22.42 21.94
CA TYR F 53 15.45 22.36 23.19
C TYR F 53 14.11 23.13 23.16
N SER F 54 13.94 24.00 22.19
CA SER F 54 12.63 24.58 21.94
C SER F 54 11.68 23.53 21.41
N GLY F 55 12.15 22.73 20.47
CA GLY F 55 11.30 21.78 19.78
C GLY F 55 11.11 20.49 20.53
N LEU F 56 11.92 20.28 21.54
CA LEU F 56 11.81 19.08 22.33
C LEU F 56 10.75 19.30 23.40
N SER F 57 10.77 20.50 23.97
CA SER F 57 9.90 20.90 25.08
C SER F 57 8.45 20.50 24.91
N ARG F 58 7.87 19.94 25.98
CA ARG F 58 6.44 19.58 25.99
C ARG F 58 5.57 20.74 26.39
N LYS F 59 6.16 21.93 26.44
CA LYS F 59 5.49 23.15 26.81
C LYS F 59 5.97 24.27 25.92
N LYS F 60 5.08 24.92 25.17
CA LYS F 60 5.45 26.14 24.44
C LYS F 60 6.04 27.16 25.40
N HIS F 61 7.28 27.55 25.17
CA HIS F 61 7.89 28.60 25.97
C HIS F 61 7.60 29.96 25.37
N ALA F 62 7.43 30.98 26.22
CA ALA F 62 7.21 32.34 25.74
C ALA F 62 8.46 32.93 25.13
N LEU F 63 9.58 32.76 25.83
CA LEU F 63 10.90 33.13 25.33
C LEU F 63 11.33 32.11 24.34
N SER F 64 11.24 32.44 23.06
CA SER F 64 11.79 31.60 22.04
C SER F 64 13.27 31.36 22.28
N LEU F 65 13.66 30.10 22.30
CA LEU F 65 15.02 29.71 22.59
C LEU F 65 15.92 30.01 21.41
N LEU F 66 15.42 29.78 20.20
CA LEU F 66 16.15 30.13 18.98
C LEU F 66 16.42 31.63 18.92
N TRP F 67 15.45 32.45 19.29
CA TRP F 67 15.63 33.90 19.42
C TRP F 67 16.63 34.23 20.50
N ALA F 68 16.48 33.64 21.67
CA ALA F 68 17.31 33.99 22.82
C ALA F 68 18.78 33.59 22.62
N SER F 69 19.01 32.62 21.77
CA SER F 69 20.37 32.13 21.53
C SER F 69 21.28 33.18 20.93
N MET F 70 20.72 34.18 20.25
CA MET F 70 21.51 35.32 19.84
C MET F 70 21.76 36.20 21.04
N MET F 71 20.86 36.16 22.01
CA MET F 71 21.03 36.97 23.21
C MET F 71 22.10 36.31 24.00
N ALA F 72 22.17 34.99 23.88
CA ALA F 72 23.15 34.20 24.60
C ALA F 72 24.53 34.36 24.01
N SER F 73 24.63 34.46 22.68
CA SER F 73 25.91 34.78 22.03
C SER F 73 26.42 36.11 22.47
N ALA F 74 25.56 37.13 22.40
CA ALA F 74 25.93 38.52 22.67
C ALA F 74 26.39 38.78 24.11
N VAL F 75 25.72 38.20 25.12
CA VAL F 75 26.18 38.48 26.49
C VAL F 75 27.26 37.51 26.90
N CYS F 76 27.47 36.46 26.10
CA CYS F 76 28.59 35.58 26.34
C CYS F 76 29.84 36.08 25.62
N ILE F 77 29.69 36.56 24.38
CA ILE F 77 30.82 37.20 23.70
C ILE F 77 31.30 38.37 24.54
N PHE F 78 30.40 39.20 25.03
CA PHE F 78 30.78 40.35 25.85
C PHE F 78 31.43 39.98 27.19
N GLN F 79 30.95 38.91 27.84
CA GLN F 79 31.50 38.51 29.12
C GLN F 79 32.87 37.92 28.92
N TRP F 80 33.11 37.31 27.76
CA TRP F 80 34.42 36.75 27.46
C TRP F 80 35.42 37.90 27.33
N PHE F 81 35.11 38.87 26.49
CA PHE F 81 35.92 40.08 26.37
C PHE F 81 36.03 40.85 27.67
N PHE F 82 35.01 40.81 28.52
CA PHE F 82 35.06 41.63 29.71
C PHE F 82 36.08 41.07 30.67
N TRP F 83 35.91 39.84 31.09
CA TRP F 83 36.91 39.18 31.90
C TRP F 83 36.80 37.69 31.88
N GLY F 84 36.15 37.17 30.85
CA GLY F 84 35.90 35.76 30.79
C GLY F 84 37.19 35.03 30.50
N TYR F 85 37.85 35.47 29.44
CA TYR F 85 39.07 34.82 29.03
C TYR F 85 40.10 34.97 30.12
N SER F 86 40.17 36.13 30.75
CA SER F 86 41.10 36.34 31.83
C SER F 86 40.88 35.39 33.00
N LEU F 87 39.64 35.29 33.47
CA LEU F 87 39.32 34.52 34.65
C LEU F 87 39.51 33.02 34.45
N ALA F 88 39.36 32.57 33.22
CA ALA F 88 39.44 31.14 32.90
C ALA F 88 40.82 30.77 32.45
N PHE F 89 41.47 31.66 31.73
CA PHE F 89 42.62 31.29 30.96
C PHE F 89 43.82 32.20 31.06
N SER F 90 43.84 33.10 32.02
CA SER F 90 45.02 33.93 32.17
C SER F 90 46.23 33.05 32.41
N HIS F 91 47.40 33.53 31.98
CA HIS F 91 48.63 32.79 32.14
C HIS F 91 48.98 32.68 33.61
N ASN F 92 48.60 33.69 34.37
CA ASN F 92 48.79 33.72 35.83
C ASN F 92 47.50 33.48 36.58
N THR F 93 47.51 32.52 37.49
CA THR F 93 46.30 32.18 38.22
C THR F 93 46.44 32.37 39.73
N ARG F 94 45.40 32.87 40.38
CA ARG F 94 45.35 32.93 41.84
C ARG F 94 44.87 31.59 42.36
N GLY F 95 45.03 31.36 43.67
CA GLY F 95 44.72 30.06 44.23
C GLY F 95 45.73 29.05 43.74
N ASN F 96 45.57 27.78 44.11
CA ASN F 96 46.49 26.79 43.62
C ASN F 96 46.04 26.30 42.25
N GLY F 97 45.72 27.25 41.38
CA GLY F 97 45.08 26.93 40.12
C GLY F 97 43.58 26.93 40.24
N PHE F 98 43.01 28.01 40.80
CA PHE F 98 41.58 28.07 41.09
C PHE F 98 40.81 29.11 40.28
N ILE F 99 41.46 30.21 39.90
CA ILE F 99 40.82 31.19 39.04
C ILE F 99 41.86 32.05 38.32
N GLY F 100 41.56 32.57 37.14
CA GLY F 100 42.49 33.45 36.48
C GLY F 100 42.72 34.72 37.25
N THR F 101 43.66 35.53 36.80
CA THR F 101 43.79 36.88 37.31
C THR F 101 43.06 37.77 36.35
N LEU F 102 42.94 39.07 36.63
CA LEU F 102 42.24 39.93 35.69
C LEU F 102 43.21 40.55 34.71
N GLU F 103 44.22 39.79 34.31
CA GLU F 103 45.27 40.35 33.47
C GLU F 103 44.83 40.43 32.03
N PHE F 104 43.76 39.74 31.69
CA PHE F 104 43.16 39.87 30.37
C PHE F 104 41.82 40.57 30.49
N PHE F 105 41.71 41.52 31.41
CA PHE F 105 40.51 42.31 31.52
C PHE F 105 40.37 43.19 30.31
N GLY F 106 39.31 43.00 29.55
CA GLY F 106 39.05 43.84 28.41
C GLY F 106 39.97 43.41 27.29
N PHE F 107 40.46 42.18 27.40
CA PHE F 107 41.33 41.56 26.41
C PHE F 107 42.67 42.27 26.30
N ARG F 108 42.99 43.09 27.29
CA ARG F 108 44.31 43.69 27.44
C ARG F 108 45.38 42.61 27.35
N ASN F 109 46.31 42.79 26.42
CA ASN F 109 47.43 41.89 26.19
C ASN F 109 47.08 40.53 25.60
N VAL F 110 45.85 40.34 25.15
CA VAL F 110 45.55 39.09 24.46
C VAL F 110 45.94 39.24 23.01
N LEU F 111 47.08 38.67 22.65
CA LEU F 111 47.52 38.78 21.27
C LEU F 111 48.26 37.51 20.82
N GLY F 112 49.59 37.47 20.90
CA GLY F 112 50.36 36.45 20.21
C GLY F 112 51.12 35.42 21.03
N ALA F 113 51.22 35.63 22.34
CA ALA F 113 51.86 34.67 23.20
C ALA F 113 51.23 33.31 23.07
N PRO F 114 51.92 32.25 23.49
CA PRO F 114 51.22 30.98 23.36
C PRO F 114 50.26 30.74 24.51
N SER F 115 49.08 30.25 24.18
CA SER F 115 48.04 30.03 25.16
C SER F 115 48.28 28.79 26.00
N SER F 116 47.27 28.37 26.74
CA SER F 116 47.44 27.21 27.59
C SER F 116 47.59 26.02 26.67
N VAL F 117 46.87 26.08 25.56
CA VAL F 117 47.18 25.23 24.41
C VAL F 117 48.24 25.96 23.63
N SER F 118 49.44 25.42 23.61
CA SER F 118 50.62 26.19 23.26
C SER F 118 50.91 26.22 21.79
N SER F 119 50.07 25.54 21.02
CA SER F 119 50.25 25.48 19.59
C SER F 119 49.48 26.58 18.90
N LEU F 120 48.78 27.35 19.73
CA LEU F 120 47.81 28.36 19.34
C LEU F 120 48.08 29.67 20.05
N PRO F 121 47.89 30.81 19.38
CA PRO F 121 48.17 32.07 20.06
C PRO F 121 47.04 32.46 20.98
N ASP F 122 47.29 33.34 21.93
CA ASP F 122 46.26 33.78 22.86
C ASP F 122 45.00 34.22 22.16
N ILE F 123 45.13 34.92 21.05
CA ILE F 123 43.98 35.54 20.46
C ILE F 123 43.10 34.54 19.74
N LEU F 124 43.69 33.50 19.17
CA LEU F 124 42.89 32.51 18.48
C LEU F 124 42.39 31.48 19.46
N PHE F 125 43.11 31.26 20.53
CA PHE F 125 42.62 30.35 21.54
C PHE F 125 41.42 30.99 22.23
N ALA F 126 41.50 32.28 22.49
CA ALA F 126 40.38 33.05 23.04
C ALA F 126 39.14 33.02 22.15
N VAL F 127 39.27 33.38 20.88
CA VAL F 127 38.18 33.28 19.94
C VAL F 127 37.59 31.88 19.93
N TYR F 128 38.41 30.85 19.97
CA TYR F 128 37.91 29.47 19.90
C TYR F 128 37.23 29.01 21.16
N GLN F 129 37.86 29.29 22.29
CA GLN F 129 37.33 28.93 23.59
C GLN F 129 36.17 29.83 23.98
N GLY F 130 36.10 31.02 23.41
CA GLY F 130 34.95 31.87 23.63
C GLY F 130 33.67 31.19 23.18
N MET F 131 33.71 30.45 22.08
CA MET F 131 32.54 29.80 21.54
C MET F 131 32.05 28.68 22.43
N PHE F 132 32.94 28.16 23.27
CA PHE F 132 32.61 27.08 24.19
C PHE F 132 31.84 27.65 25.36
N ALA F 133 32.18 28.89 25.69
CA ALA F 133 31.47 29.64 26.68
C ALA F 133 30.08 29.88 26.14
N ALA F 134 29.97 30.43 24.94
CA ALA F 134 28.69 30.72 24.34
C ALA F 134 27.80 29.50 24.28
N VAL F 135 28.35 28.32 23.98
CA VAL F 135 27.57 27.09 23.92
C VAL F 135 27.04 26.70 25.29
N THR F 136 27.89 26.78 26.31
CA THR F 136 27.48 26.51 27.68
C THR F 136 26.41 27.48 28.13
N GLY F 137 26.54 28.75 27.76
CA GLY F 137 25.55 29.76 28.07
C GLY F 137 24.23 29.48 27.42
N ALA F 138 24.23 29.23 26.12
CA ALA F 138 23.01 28.93 25.39
C ALA F 138 22.35 27.67 25.90
N LEU F 139 23.07 26.87 26.66
CA LEU F 139 22.55 25.63 27.20
C LEU F 139 21.89 25.95 28.50
N MET F 140 22.63 26.63 29.36
CA MET F 140 22.17 27.07 30.66
C MET F 140 20.90 27.89 30.50
N LEU F 141 20.87 28.74 29.48
CA LEU F 141 19.67 29.48 29.13
C LEU F 141 18.51 28.57 28.72
N GLY F 142 18.78 27.43 28.10
CA GLY F 142 17.73 26.55 27.61
C GLY F 142 17.02 25.78 28.69
N GLY F 143 17.64 25.68 29.84
CA GLY F 143 17.10 24.88 30.90
C GLY F 143 16.56 25.80 31.96
N ALA F 144 16.68 27.08 31.71
CA ALA F 144 16.19 28.09 32.63
C ALA F 144 15.37 29.10 31.87
N CYS F 145 14.65 28.63 30.85
CA CYS F 145 14.02 29.54 29.92
C CYS F 145 12.56 29.74 30.23
N GLU F 146 11.94 28.79 30.91
CA GLU F 146 10.50 28.83 31.10
C GLU F 146 10.06 30.02 31.90
N ARG F 147 9.07 30.74 31.38
CA ARG F 147 8.52 31.92 32.02
C ARG F 147 9.60 32.88 32.47
N ALA F 148 10.73 32.87 31.76
CA ALA F 148 11.87 33.68 32.14
C ALA F 148 11.67 35.09 31.69
N ARG F 149 12.17 36.03 32.47
CA ARG F 149 12.16 37.42 32.08
C ARG F 149 13.51 37.73 31.41
N LEU F 150 13.48 38.49 30.33
CA LEU F 150 14.68 38.68 29.52
C LEU F 150 15.83 39.39 30.24
N PHE F 151 15.58 40.54 30.85
CA PHE F 151 16.70 41.24 31.48
C PHE F 151 17.25 40.48 32.67
N PRO F 152 16.39 39.92 33.55
CA PRO F 152 17.03 39.10 34.57
C PRO F 152 17.77 37.91 33.99
N MET F 153 17.38 37.44 32.80
CA MET F 153 18.05 36.31 32.17
C MET F 153 19.45 36.67 31.73
N MET F 154 19.61 37.87 31.17
CA MET F 154 20.92 38.36 30.77
C MET F 154 21.86 38.39 31.96
N VAL F 155 21.48 39.10 33.00
CA VAL F 155 22.26 39.19 34.22
C VAL F 155 22.57 37.81 34.83
N PHE F 156 21.71 36.82 34.59
CA PHE F 156 21.98 35.50 35.14
C PHE F 156 23.16 34.89 34.40
N LEU F 157 23.10 34.90 33.07
CA LEU F 157 24.16 34.35 32.25
C LEU F 157 25.46 35.07 32.51
N PHE F 158 25.46 36.39 32.52
CA PHE F 158 26.71 37.10 32.76
C PHE F 158 27.31 36.67 34.09
N LEU F 159 26.49 36.47 35.10
CA LEU F 159 27.01 36.14 36.41
C LEU F 159 27.30 34.66 36.54
N TRP F 160 26.61 33.84 35.76
CA TRP F 160 26.82 32.42 35.85
C TRP F 160 28.08 32.03 35.10
N MET F 161 28.28 32.63 33.93
CA MET F 161 29.51 32.45 33.19
C MET F 161 30.70 32.87 34.05
N THR F 162 30.58 34.00 34.73
CA THR F 162 31.67 34.55 35.52
C THR F 162 32.03 33.74 36.76
N ILE F 163 31.05 33.29 37.53
CA ILE F 163 31.38 32.62 38.78
C ILE F 163 31.17 31.10 38.77
N VAL F 164 30.53 30.54 37.75
CA VAL F 164 30.46 29.08 37.63
C VAL F 164 31.25 28.53 36.46
N TYR F 165 31.03 29.03 35.25
CA TYR F 165 31.73 28.47 34.10
C TYR F 165 33.22 28.76 34.15
N CYS F 166 33.60 30.02 34.32
CA CYS F 166 35.01 30.40 34.22
C CYS F 166 35.89 29.70 35.25
N PRO F 167 35.45 29.58 36.52
CA PRO F 167 36.33 28.84 37.42
C PRO F 167 36.52 27.40 37.01
N ILE F 168 35.45 26.69 36.70
CA ILE F 168 35.57 25.28 36.36
C ILE F 168 36.42 25.10 35.11
N ALA F 169 36.43 26.09 34.22
CA ALA F 169 37.28 25.99 33.03
C ALA F 169 38.73 26.06 33.42
N CYS F 170 39.06 26.98 34.30
CA CYS F 170 40.42 27.14 34.77
C CYS F 170 40.91 25.84 35.33
N TRP F 171 40.08 25.16 36.11
CA TRP F 171 40.51 23.93 36.74
C TRP F 171 40.84 22.83 35.75
N VAL F 172 40.12 22.76 34.65
CA VAL F 172 40.17 21.60 33.79
C VAL F 172 40.95 21.88 32.51
N TRP F 173 41.16 23.16 32.19
CA TRP F 173 41.74 23.51 30.90
C TRP F 173 42.90 24.52 30.94
N ASN F 174 42.96 25.34 31.98
CA ASN F 174 44.07 26.26 32.14
C ASN F 174 45.29 25.42 32.38
N ALA F 175 46.41 25.83 31.80
CA ALA F 175 47.65 25.10 31.94
C ALA F 175 48.03 24.86 33.40
N GLU F 176 47.67 25.78 34.28
CA GLU F 176 47.93 25.63 35.71
C GLU F 176 46.72 25.17 36.49
N GLY F 177 45.73 24.60 35.84
CA GLY F 177 44.50 24.26 36.51
C GLY F 177 44.67 23.09 37.45
N TRP F 178 44.04 23.15 38.62
CA TRP F 178 44.30 22.14 39.64
C TRP F 178 43.76 20.76 39.31
N LEU F 179 42.87 20.68 38.33
CA LEU F 179 42.35 19.37 37.94
C LEU F 179 43.14 18.86 36.75
N VAL F 180 43.89 19.75 36.12
CA VAL F 180 44.83 19.36 35.06
C VAL F 180 46.04 18.75 35.71
N LYS F 181 46.53 19.43 36.74
CA LYS F 181 47.62 18.95 37.56
C LYS F 181 47.29 17.62 38.23
N LEU F 182 46.07 17.45 38.69
CA LEU F 182 45.68 16.26 39.45
C LEU F 182 45.61 15.02 38.58
N GLY F 183 45.20 15.19 37.33
CA GLY F 183 45.19 14.11 36.37
C GLY F 183 43.86 13.92 35.65
N SER F 184 42.92 14.83 35.87
CA SER F 184 41.60 14.74 35.27
C SER F 184 41.64 14.92 33.78
N LEU F 185 41.20 13.92 33.05
CA LEU F 185 41.14 14.04 31.61
C LEU F 185 39.81 14.57 31.15
N ASP F 186 39.83 15.62 30.37
CA ASP F 186 38.62 16.10 29.74
C ASP F 186 38.93 16.76 28.43
N TYR F 187 38.65 16.06 27.34
CA TYR F 187 39.05 16.50 26.02
C TYR F 187 38.42 17.80 25.60
N ALA F 188 37.09 17.82 25.51
CA ALA F 188 36.33 18.90 24.85
C ALA F 188 35.21 19.53 25.70
N GLY F 189 34.99 19.08 26.91
CA GLY F 189 34.05 19.75 27.79
C GLY F 189 32.99 18.88 28.45
N GLY F 190 33.36 17.67 28.86
CA GLY F 190 32.42 16.81 29.55
C GLY F 190 32.16 17.41 30.90
N LEU F 191 33.19 17.97 31.49
CA LEU F 191 33.12 18.62 32.79
C LEU F 191 32.71 20.08 32.71
N CYS F 192 33.24 20.77 31.71
CA CYS F 192 33.18 22.22 31.65
C CYS F 192 31.93 22.74 30.96
N VAL F 193 31.45 22.01 29.97
CA VAL F 193 30.31 22.46 29.17
C VAL F 193 29.00 21.75 29.53
N HIS F 194 29.03 20.42 29.57
CA HIS F 194 27.81 19.62 29.75
C HIS F 194 27.43 19.36 31.20
N LEU F 195 28.40 18.99 32.02
CA LEU F 195 28.12 18.77 33.42
C LEU F 195 27.63 20.06 34.07
N THR F 196 28.34 21.15 33.86
CA THR F 196 27.96 22.39 34.52
C THR F 196 26.65 22.99 34.03
N SER F 197 26.30 22.79 32.77
CA SER F 197 25.08 23.39 32.24
C SER F 197 23.89 22.52 32.56
N GLY F 198 24.06 21.21 32.41
CA GLY F 198 23.00 20.28 32.74
C GLY F 198 22.68 20.20 34.22
N HIS F 199 23.61 20.55 35.09
CA HIS F 199 23.32 20.48 36.51
C HIS F 199 22.73 21.78 37.02
N GLY F 200 23.05 22.90 36.38
CA GLY F 200 22.36 24.13 36.68
C GLY F 200 20.97 24.06 36.10
N GLY F 201 20.79 23.15 35.15
CA GLY F 201 19.50 22.89 34.58
C GLY F 201 18.68 22.14 35.59
N LEU F 202 19.35 21.35 36.42
CA LEU F 202 18.73 20.58 37.49
C LEU F 202 18.49 21.45 38.72
N VAL F 203 19.42 22.34 39.01
CA VAL F 203 19.28 23.25 40.13
C VAL F 203 18.15 24.21 39.84
N TYR F 204 18.00 24.60 38.57
CA TYR F 204 16.85 25.44 38.20
C TYR F 204 15.57 24.66 38.40
N ALA F 205 15.54 23.40 37.97
CA ALA F 205 14.32 22.60 38.02
C ALA F 205 13.75 22.51 39.42
N LEU F 206 14.60 22.56 40.44
CA LEU F 206 14.19 22.36 41.83
C LEU F 206 13.92 23.66 42.57
N ILE F 207 14.79 24.65 42.42
CA ILE F 207 14.55 25.95 43.02
C ILE F 207 13.43 26.72 42.35
N LEU F 208 13.59 27.12 41.09
CA LEU F 208 12.47 27.68 40.36
C LEU F 208 11.82 26.58 39.53
N GLY F 209 10.95 26.93 38.60
CA GLY F 209 10.41 25.91 37.73
C GLY F 209 9.28 25.09 38.34
N LYS F 210 8.14 25.11 37.66
CA LYS F 210 6.88 24.54 38.11
C LYS F 210 7.00 23.18 38.73
N ARG F 211 6.59 23.08 40.00
CA ARG F 211 6.44 21.81 40.68
C ARG F 211 5.07 21.28 40.37
N ASN F 212 4.90 19.97 40.42
CA ASN F 212 3.61 19.36 40.17
C ASN F 212 3.10 19.77 38.79
N ASP F 213 3.92 19.52 37.78
CA ASP F 213 3.63 19.91 36.39
C ASP F 213 2.72 18.90 35.75
N PRO F 214 1.58 19.34 35.20
CA PRO F 214 0.64 18.43 34.57
C PRO F 214 1.22 17.62 33.41
N VAL F 215 2.38 17.98 32.87
CA VAL F 215 2.89 17.23 31.73
C VAL F 215 3.53 15.94 32.18
N THR F 216 3.60 15.75 33.49
CA THR F 216 4.32 14.62 34.07
C THR F 216 3.48 13.70 34.95
N ARG F 217 2.17 13.99 35.04
CA ARG F 217 1.26 13.09 35.74
C ARG F 217 1.25 11.75 35.03
N LYS F 218 1.02 10.66 35.76
CA LYS F 218 1.07 9.32 35.16
C LYS F 218 0.12 9.23 33.98
N GLY F 219 0.57 8.60 32.90
CA GLY F 219 -0.24 8.43 31.71
C GLY F 219 0.03 9.47 30.65
N MET F 220 0.52 10.64 31.06
CA MET F 220 0.95 11.68 30.15
C MET F 220 2.13 11.18 29.33
N PRO F 221 2.14 11.47 28.02
CA PRO F 221 3.18 10.89 27.17
C PRO F 221 4.58 11.40 27.51
N LYS F 222 5.60 10.59 27.25
CA LYS F 222 6.97 11.01 27.53
C LYS F 222 7.44 12.04 26.51
N TYR F 223 6.92 11.93 25.29
CA TYR F 223 7.30 12.84 24.21
C TYR F 223 6.11 13.54 23.59
N LYS F 224 5.96 14.83 23.89
CA LYS F 224 4.97 15.68 23.23
C LYS F 224 5.75 16.87 22.67
N PRO F 225 6.54 16.64 21.61
CA PRO F 225 7.47 17.65 21.13
C PRO F 225 6.81 18.85 20.49
N HIS F 226 7.17 20.04 20.96
CA HIS F 226 6.66 21.27 20.40
C HIS F 226 6.87 21.37 18.92
N SER F 227 8.05 21.00 18.46
CA SER F 227 8.32 20.97 17.03
C SER F 227 9.35 19.94 16.66
N VAL F 228 8.95 18.97 15.87
CA VAL F 228 9.86 17.96 15.42
C VAL F 228 10.88 18.60 14.53
N THR F 229 10.42 19.38 13.55
CA THR F 229 11.32 20.05 12.61
C THR F 229 12.41 20.84 13.32
N SER F 230 12.02 21.47 14.41
CA SER F 230 12.93 22.29 15.16
C SER F 230 13.90 21.41 15.95
N VAL F 231 13.53 20.16 16.17
CA VAL F 231 14.41 19.24 16.88
C VAL F 231 15.44 18.72 15.90
N VAL F 232 15.00 18.29 14.72
CA VAL F 232 15.90 17.82 13.67
C VAL F 232 16.89 18.89 13.19
N LEU F 233 16.38 20.04 12.75
CA LEU F 233 17.21 21.19 12.38
C LEU F 233 18.26 21.52 13.42
N GLY F 234 17.91 21.33 14.69
CA GLY F 234 18.81 21.65 15.78
C GLY F 234 19.84 20.56 15.91
N THR F 235 19.45 19.34 15.59
CA THR F 235 20.39 18.23 15.62
C THR F 235 21.36 18.42 14.44
N VAL F 236 20.82 18.88 13.32
CA VAL F 236 21.61 19.15 12.12
C VAL F 236 22.71 20.18 12.37
N PHE F 237 22.36 21.31 12.98
CA PHE F 237 23.36 22.34 13.30
C PHE F 237 24.29 21.92 14.41
N LEU F 238 23.80 21.06 15.30
CA LEU F 238 24.58 20.64 16.45
C LEU F 238 25.51 19.52 16.06
N TRP F 239 25.06 18.66 15.17
CA TRP F 239 25.93 17.57 14.74
C TRP F 239 27.04 18.14 13.87
N PHE F 240 26.68 18.89 12.82
CA PHE F 240 27.65 19.59 12.00
C PHE F 240 28.65 20.33 12.85
N GLY F 241 28.20 21.20 13.74
CA GLY F 241 29.12 21.90 14.59
C GLY F 241 29.93 21.06 15.55
N TRP F 242 29.55 19.81 15.79
CA TRP F 242 30.19 19.08 16.88
C TRP F 242 31.50 18.54 16.43
N MET F 243 31.61 18.27 15.14
CA MET F 243 32.87 17.84 14.53
C MET F 243 33.98 18.85 14.69
N PHE F 244 33.63 20.13 14.82
CA PHE F 244 34.59 21.19 15.11
C PHE F 244 34.78 21.35 16.60
N PHE F 245 33.73 21.04 17.35
CA PHE F 245 33.71 21.18 18.80
C PHE F 245 34.73 20.23 19.37
N ASN F 246 34.69 18.99 18.88
CA ASN F 246 35.58 17.92 19.28
C ASN F 246 36.91 17.97 18.53
N GLY F 247 36.83 18.12 17.21
CA GLY F 247 38.01 18.22 16.37
C GLY F 247 39.05 19.18 16.88
N GLY F 248 38.68 20.42 17.13
CA GLY F 248 39.65 21.45 17.42
C GLY F 248 40.10 21.51 18.86
N SER F 249 39.65 20.57 19.66
CA SER F 249 40.06 20.54 21.04
C SER F 249 41.43 19.92 21.12
N ALA F 250 41.79 19.24 20.03
CA ALA F 250 43.13 18.74 19.79
C ALA F 250 44.12 19.87 19.88
N GLY F 251 43.86 20.94 19.13
CA GLY F 251 44.66 22.14 19.21
C GLY F 251 45.46 22.31 17.96
N ASN F 252 45.25 21.39 17.03
CA ASN F 252 46.11 21.27 15.89
C ASN F 252 45.51 20.38 14.85
N ALA F 253 46.10 20.38 13.66
CA ALA F 253 45.56 19.64 12.54
C ALA F 253 46.14 18.24 12.41
N THR F 254 46.77 17.73 13.47
CA THR F 254 47.40 16.41 13.46
C THR F 254 46.37 15.29 13.31
N ILE F 255 46.80 14.06 13.51
CA ILE F 255 45.91 12.92 13.33
C ILE F 255 44.97 12.79 14.53
N ARG F 256 45.32 13.41 15.65
CA ARG F 256 44.51 13.28 16.84
C ARG F 256 43.18 13.93 16.61
N ALA F 257 43.20 14.99 15.81
CA ALA F 257 41.99 15.73 15.51
C ALA F 257 40.99 14.90 14.72
N TRP F 258 41.44 14.18 13.69
CA TRP F 258 40.55 13.43 12.81
C TRP F 258 40.23 12.06 13.36
N TYR F 259 41.02 11.59 14.31
CA TYR F 259 40.67 10.40 15.07
C TYR F 259 39.45 10.72 15.90
N SER F 260 39.51 11.83 16.63
CA SER F 260 38.48 12.23 17.59
C SER F 260 37.18 12.70 16.94
N ILE F 261 37.23 12.98 15.63
CA ILE F 261 36.03 13.20 14.82
C ILE F 261 35.40 11.88 14.38
N MET F 262 36.18 10.80 14.31
CA MET F 262 35.54 9.54 13.98
C MET F 262 34.95 8.93 15.22
N SER F 263 35.63 9.05 16.35
CA SER F 263 35.04 8.67 17.63
C SER F 263 33.74 9.42 17.76
N THR F 264 33.78 10.72 17.52
CA THR F 264 32.60 11.59 17.65
C THR F 264 31.39 11.12 16.85
N ASN F 265 31.53 11.00 15.54
CA ASN F 265 30.42 10.60 14.68
C ASN F 265 29.94 9.18 14.89
N LEU F 266 30.85 8.31 15.29
CA LEU F 266 30.46 6.94 15.55
C LEU F 266 29.65 6.92 16.83
N ALA F 267 30.06 7.70 17.82
CA ALA F 267 29.36 7.76 19.09
C ALA F 267 27.99 8.36 18.90
N ALA F 268 27.92 9.35 18.03
CA ALA F 268 26.65 9.97 17.69
C ALA F 268 25.71 8.97 17.05
N ALA F 269 26.18 8.20 16.10
CA ALA F 269 25.33 7.27 15.38
C ALA F 269 24.95 6.09 16.24
N CYS F 270 25.80 5.73 17.17
CA CYS F 270 25.52 4.60 18.02
C CYS F 270 24.60 5.06 19.12
N GLY F 271 24.78 6.29 19.57
CA GLY F 271 23.92 6.83 20.60
C GLY F 271 22.51 7.04 20.07
N GLY F 272 22.41 7.48 18.83
CA GLY F 272 21.13 7.73 18.21
C GLY F 272 20.35 6.46 18.05
N LEU F 273 20.95 5.49 17.37
CA LEU F 273 20.33 4.19 17.13
C LEU F 273 19.96 3.43 18.43
N THR F 274 20.69 3.67 19.51
CA THR F 274 20.37 3.07 20.81
C THR F 274 19.13 3.67 21.42
N TRP F 275 19.04 5.00 21.46
CA TRP F 275 17.88 5.65 22.02
C TRP F 275 16.69 5.45 21.09
N MET F 276 16.92 5.28 19.81
CA MET F 276 15.80 5.06 18.91
C MET F 276 15.17 3.71 19.18
N VAL F 277 15.99 2.69 19.36
CA VAL F 277 15.50 1.32 19.53
C VAL F 277 14.91 1.10 20.93
N ILE F 278 15.56 1.60 21.97
CA ILE F 278 15.00 1.56 23.32
C ILE F 278 13.59 2.10 23.33
N ASP F 279 13.39 3.27 22.73
CA ASP F 279 12.06 3.86 22.63
C ASP F 279 11.12 2.94 21.88
N TYR F 280 11.64 2.22 20.90
CA TYR F 280 10.81 1.34 20.09
C TYR F 280 10.24 0.23 20.94
N PHE F 281 10.86 -0.05 22.07
CA PHE F 281 10.44 -1.15 22.90
C PHE F 281 9.78 -0.65 24.16
N ARG F 282 10.11 0.56 24.58
CA ARG F 282 9.43 1.12 25.74
C ARG F 282 8.08 1.71 25.36
N CYS F 283 7.83 1.83 24.07
CA CYS F 283 6.64 2.52 23.58
C CYS F 283 5.79 1.66 22.65
N GLY F 284 5.82 0.35 22.86
CA GLY F 284 4.95 -0.57 22.17
C GLY F 284 5.11 -0.66 20.67
N ARG F 285 6.35 -0.85 20.22
CA ARG F 285 6.68 -1.05 18.82
C ARG F 285 6.34 0.14 17.92
N LYS F 286 6.43 1.34 18.49
CA LYS F 286 6.28 2.56 17.71
C LYS F 286 7.63 3.30 17.67
N TRP F 287 7.90 4.02 16.60
CA TRP F 287 9.19 4.73 16.45
C TRP F 287 9.09 6.18 16.91
N THR F 288 9.65 6.51 18.07
CA THR F 288 9.53 7.87 18.58
C THR F 288 10.08 8.91 17.61
N THR F 289 9.67 10.14 17.80
CA THR F 289 9.83 11.16 16.80
C THR F 289 11.04 12.02 17.15
N VAL F 290 11.37 12.05 18.43
CA VAL F 290 12.55 12.74 18.92
C VAL F 290 13.55 11.78 19.53
N GLY F 291 13.35 10.49 19.26
CA GLY F 291 14.18 9.46 19.83
C GLY F 291 15.55 9.39 19.20
N LEU F 292 15.57 9.32 17.87
CA LEU F 292 16.83 9.31 17.15
C LEU F 292 17.65 10.51 17.48
N CYS F 293 17.08 11.71 17.32
CA CYS F 293 17.83 12.95 17.47
C CYS F 293 18.32 13.18 18.89
N SER F 294 17.69 12.58 19.90
CA SER F 294 18.13 12.80 21.28
C SER F 294 19.27 11.85 21.58
N GLY F 295 19.27 10.70 20.92
CA GLY F 295 20.29 9.70 21.12
C GLY F 295 21.57 10.16 20.48
N ILE F 296 21.45 10.82 19.34
CA ILE F 296 22.56 11.47 18.66
C ILE F 296 23.19 12.52 19.55
N ILE F 297 22.36 13.36 20.17
CA ILE F 297 22.88 14.38 21.04
C ILE F 297 23.38 13.75 22.34
N ALA F 298 22.89 12.56 22.68
CA ALA F 298 23.38 11.89 23.88
C ALA F 298 24.74 11.24 23.64
N GLY F 299 24.92 10.66 22.46
CA GLY F 299 26.17 10.05 22.12
C GLY F 299 27.28 11.06 21.97
N LEU F 300 26.93 12.25 21.47
CA LEU F 300 27.91 13.31 21.27
C LEU F 300 28.30 13.98 22.58
N VAL F 301 27.50 13.80 23.63
CA VAL F 301 27.84 14.33 24.95
C VAL F 301 28.73 13.34 25.68
N GLY F 302 28.47 12.06 25.45
CA GLY F 302 29.24 11.04 26.11
C GLY F 302 30.67 10.96 25.63
N ILE F 303 30.88 11.24 24.35
CA ILE F 303 32.19 11.13 23.73
C ILE F 303 32.99 12.41 23.86
N THR F 304 32.36 13.47 24.35
CA THR F 304 32.98 14.77 24.45
C THR F 304 34.22 14.75 25.33
N PRO F 305 34.15 14.18 26.54
CA PRO F 305 35.42 14.25 27.26
C PRO F 305 36.42 13.20 26.82
N ALA F 306 35.98 12.27 25.98
CA ALA F 306 36.75 11.09 25.69
C ALA F 306 37.30 11.05 24.28
N ALA F 307 36.84 11.91 23.39
CA ALA F 307 37.09 11.77 21.95
C ALA F 307 38.55 11.58 21.56
N GLY F 308 39.45 12.33 22.17
CA GLY F 308 40.84 12.32 21.76
C GLY F 308 41.72 11.56 22.73
N PHE F 309 41.11 10.68 23.50
CA PHE F 309 41.80 9.81 24.44
C PHE F 309 41.43 8.35 24.24
N VAL F 310 40.27 8.04 23.67
CA VAL F 310 39.80 6.65 23.64
C VAL F 310 39.89 6.03 22.24
N PRO F 311 39.95 4.70 22.16
CA PRO F 311 39.95 4.04 20.85
C PRO F 311 38.63 4.19 20.10
N ILE F 312 38.61 4.01 18.79
CA ILE F 312 37.37 4.12 18.01
C ILE F 312 36.33 3.09 18.44
N TRP F 313 36.76 1.92 18.87
CA TRP F 313 35.78 0.90 19.21
C TRP F 313 35.04 1.29 20.48
N SER F 314 35.68 2.08 21.33
CA SER F 314 35.05 2.41 22.59
C SER F 314 34.08 3.58 22.42
N ALA F 315 34.01 4.12 21.21
CA ALA F 315 33.02 5.12 20.87
C ALA F 315 31.67 4.44 20.80
N VAL F 316 31.66 3.22 20.27
CA VAL F 316 30.45 2.41 20.24
C VAL F 316 29.95 2.20 21.66
N VAL F 317 30.83 1.78 22.56
CA VAL F 317 30.49 1.54 23.95
C VAL F 317 30.12 2.82 24.68
N ILE F 318 30.83 3.91 24.40
CA ILE F 318 30.57 5.20 25.04
C ILE F 318 29.30 5.83 24.47
N GLY F 319 28.99 5.52 23.23
CA GLY F 319 27.79 6.03 22.60
C GLY F 319 26.56 5.26 23.00
N VAL F 320 26.71 3.95 23.24
CA VAL F 320 25.60 3.10 23.63
C VAL F 320 25.26 3.26 25.10
N VAL F 321 26.25 3.20 25.97
CA VAL F 321 26.01 3.39 27.39
C VAL F 321 25.37 4.75 27.66
N THR F 322 25.99 5.81 27.15
CA THR F 322 25.50 7.17 27.37
C THR F 322 24.14 7.40 26.72
N GLY F 323 23.91 6.78 25.57
CA GLY F 323 22.64 6.96 24.88
C GLY F 323 21.47 6.37 25.64
N ALA F 324 21.74 5.31 26.41
CA ALA F 324 20.72 4.60 27.18
C ALA F 324 20.55 5.19 28.56
N GLY F 325 21.66 5.52 29.22
CA GLY F 325 21.58 6.17 30.50
C GLY F 325 20.79 7.46 30.45
N CYS F 326 20.93 8.21 29.37
CA CYS F 326 20.25 9.49 29.20
C CYS F 326 18.74 9.28 28.98
N ASN F 327 18.40 8.27 28.20
CA ASN F 327 17.02 7.89 27.95
C ASN F 327 16.32 7.60 29.26
N LEU F 328 16.92 6.79 30.10
CA LEU F 328 16.39 6.55 31.42
C LEU F 328 16.30 7.83 32.23
N ALA F 329 17.27 8.71 32.09
CA ALA F 329 17.31 9.88 32.96
C ALA F 329 16.24 10.90 32.62
N VAL F 330 15.47 10.63 31.56
CA VAL F 330 14.40 11.52 31.15
C VAL F 330 13.11 11.12 31.87
N ASP F 331 13.10 9.88 32.36
CA ASP F 331 12.00 9.39 33.16
C ASP F 331 12.06 9.97 34.55
N LEU F 332 13.11 10.72 34.83
CA LEU F 332 13.26 11.33 36.15
C LEU F 332 12.30 12.49 36.24
N LYS F 333 11.80 12.93 35.09
CA LYS F 333 10.81 13.99 35.06
C LYS F 333 9.56 13.54 35.78
N SER F 334 9.11 12.34 35.48
CA SER F 334 7.88 11.81 36.06
C SER F 334 8.08 11.24 37.46
N LEU F 335 9.24 11.50 38.06
CA LEU F 335 9.51 11.08 39.43
C LEU F 335 9.61 12.27 40.35
N LEU F 336 10.12 13.38 39.83
CA LEU F 336 10.18 14.62 40.58
C LEU F 336 8.92 15.42 40.31
N ARG F 337 8.21 15.01 39.26
CA ARG F 337 7.08 15.73 38.70
C ARG F 337 7.43 17.18 38.44
N ILE F 338 8.55 17.37 37.72
CA ILE F 338 9.00 18.66 37.22
C ILE F 338 9.37 18.47 35.75
N ASP F 339 9.12 19.46 34.91
CA ASP F 339 9.55 19.39 33.51
C ASP F 339 10.71 20.33 33.23
N ASP F 340 10.60 21.60 33.57
CA ASP F 340 11.71 22.52 33.37
C ASP F 340 12.69 22.46 34.50
N GLY F 341 13.98 22.38 34.20
CA GLY F 341 14.47 22.21 32.86
C GLY F 341 15.35 20.99 32.86
N LEU F 342 14.70 19.84 32.96
CA LEU F 342 15.36 18.56 33.13
C LEU F 342 15.55 17.87 31.80
N ASP F 343 15.12 18.51 30.72
CA ASP F 343 15.47 18.07 29.38
C ASP F 343 16.97 18.24 29.21
N CYS F 344 17.49 19.38 29.66
CA CYS F 344 18.91 19.70 29.55
C CYS F 344 19.67 18.86 30.55
N TYR F 345 19.11 18.64 31.73
CA TYR F 345 19.83 17.84 32.71
C TYR F 345 20.01 16.44 32.23
N SER F 346 18.93 15.78 31.86
CA SER F 346 18.99 14.37 31.55
C SER F 346 19.92 14.06 30.39
N ILE F 347 20.16 15.01 29.50
CA ILE F 347 21.10 14.77 28.40
C ILE F 347 22.50 15.30 28.67
N HIS F 348 22.62 16.50 29.20
CA HIS F 348 23.93 17.09 29.40
C HIS F 348 24.51 16.76 30.77
N GLY F 349 23.73 16.92 31.82
CA GLY F 349 24.29 16.67 33.14
C GLY F 349 24.59 15.22 33.40
N VAL F 350 23.68 14.34 33.02
CA VAL F 350 23.88 12.93 33.20
C VAL F 350 24.88 12.43 32.18
N GLY F 351 24.78 12.91 30.96
CA GLY F 351 25.71 12.54 29.90
C GLY F 351 27.17 12.91 30.11
N GLY F 352 27.43 14.07 30.71
CA GLY F 352 28.77 14.49 31.02
C GLY F 352 29.38 13.64 32.11
N CYS F 353 28.54 13.13 33.00
CA CYS F 353 28.98 12.26 34.08
C CYS F 353 29.26 10.86 33.59
N ILE F 354 28.33 10.28 32.85
CA ILE F 354 28.58 9.00 32.21
C ILE F 354 29.79 9.10 31.31
N GLY F 355 29.98 10.26 30.71
CA GLY F 355 31.07 10.46 29.78
C GLY F 355 32.42 10.61 30.41
N SER F 356 32.53 11.45 31.43
CA SER F 356 33.81 11.66 32.11
C SER F 356 34.28 10.43 32.85
N VAL F 357 33.37 9.50 33.14
CA VAL F 357 33.74 8.31 33.89
C VAL F 357 34.28 7.29 32.92
N LEU F 358 33.69 7.23 31.73
CA LEU F 358 34.12 6.28 30.71
C LEU F 358 35.41 6.72 30.04
N THR F 359 35.78 7.98 30.21
CA THR F 359 37.07 8.46 29.75
C THR F 359 38.20 7.80 30.52
N GLY F 360 38.03 7.71 31.83
CA GLY F 360 39.03 7.12 32.68
C GLY F 360 39.15 5.63 32.50
N ILE F 361 38.18 5.03 31.84
CA ILE F 361 38.22 3.60 31.60
C ILE F 361 38.88 3.28 30.27
N PHE F 362 38.58 4.07 29.24
CA PHE F 362 39.12 3.76 27.93
C PHE F 362 40.23 4.70 27.43
N ALA F 363 40.68 5.63 28.25
CA ALA F 363 41.79 6.49 27.85
C ALA F 363 42.97 5.63 27.49
N ALA F 364 43.29 5.60 26.20
CA ALA F 364 44.42 4.84 25.71
C ALA F 364 45.59 5.76 25.43
N ASP F 365 46.78 5.40 25.90
CA ASP F 365 47.96 6.23 25.76
C ASP F 365 48.36 6.42 24.33
N TYR F 366 47.98 5.48 23.48
CA TYR F 366 48.42 5.47 22.10
C TYR F 366 47.49 6.23 21.18
N VAL F 367 46.47 6.85 21.75
CA VAL F 367 45.54 7.65 20.99
C VAL F 367 45.87 9.08 21.30
N ASN F 368 46.14 9.37 22.57
CA ASN F 368 46.53 10.71 22.95
C ASN F 368 47.79 11.12 22.26
N ALA F 369 48.58 10.12 21.84
CA ALA F 369 49.92 10.32 21.31
C ALA F 369 49.95 10.43 19.81
N THR F 370 48.82 10.20 19.16
CA THR F 370 48.77 10.36 17.71
C THR F 370 48.91 11.81 17.30
N ALA F 371 49.10 12.71 18.25
CA ALA F 371 49.30 14.11 17.92
C ALA F 371 50.78 14.35 17.78
N GLY F 372 51.53 13.26 17.73
CA GLY F 372 52.96 13.26 17.58
C GLY F 372 53.68 14.36 18.30
N SER F 373 54.31 15.23 17.52
CA SER F 373 55.12 16.35 17.98
C SER F 373 54.49 17.20 19.08
N TYR F 374 53.17 17.18 19.14
CA TYR F 374 52.41 18.12 19.94
C TYR F 374 51.79 17.54 21.19
N ILE F 375 52.34 16.48 21.75
CA ILE F 375 51.61 15.86 22.84
C ILE F 375 52.13 16.16 24.20
N SER F 376 51.18 16.09 25.14
CA SER F 376 51.49 15.99 26.55
C SER F 376 50.97 14.64 26.99
N PRO F 377 51.85 13.64 27.02
CA PRO F 377 51.51 12.23 27.13
C PRO F 377 50.64 11.89 28.34
N ILE F 378 49.51 11.24 28.12
CA ILE F 378 48.71 10.75 29.21
C ILE F 378 49.23 9.35 29.59
N ASP F 379 49.14 9.02 30.87
CA ASP F 379 49.53 7.71 31.38
C ASP F 379 48.61 6.63 30.88
N GLY F 380 47.38 7.00 30.57
CA GLY F 380 46.41 6.06 30.06
C GLY F 380 45.37 5.75 31.09
N GLY F 381 44.36 5.00 30.70
CA GLY F 381 43.28 4.70 31.60
C GLY F 381 43.27 3.27 32.07
N TRP F 382 42.08 2.72 32.19
CA TRP F 382 41.85 1.38 32.71
C TRP F 382 42.30 0.30 31.73
N ILE F 383 42.30 0.61 30.46
CA ILE F 383 42.71 -0.37 29.45
C ILE F 383 44.21 -0.30 29.14
N ASN F 384 44.92 0.61 29.81
CA ASN F 384 46.37 0.58 29.83
C ASN F 384 46.82 0.18 31.22
N HIS F 385 45.90 -0.44 31.95
CA HIS F 385 46.14 -1.00 33.28
C HIS F 385 46.53 0.02 34.32
N HIS F 386 46.19 1.27 34.05
CA HIS F 386 46.30 2.32 35.04
C HIS F 386 44.93 2.58 35.62
N TYR F 387 44.78 2.23 36.89
CA TYR F 387 43.46 2.14 37.49
C TYR F 387 43.07 3.41 38.21
N LYS F 388 44.02 4.29 38.43
CA LYS F 388 43.70 5.46 39.22
C LYS F 388 43.31 6.63 38.36
N GLN F 389 42.86 6.36 37.14
CA GLN F 389 42.40 7.43 36.27
C GLN F 389 40.93 7.64 36.55
N VAL F 390 40.17 6.55 36.69
CA VAL F 390 38.77 6.65 37.06
C VAL F 390 38.61 7.48 38.31
N GLY F 391 39.52 7.33 39.26
CA GLY F 391 39.48 8.14 40.46
C GLY F 391 39.61 9.61 40.12
N TYR F 392 40.59 9.92 39.26
CA TYR F 392 40.87 11.29 38.88
C TYR F 392 39.68 11.94 38.21
N GLN F 393 38.94 11.13 37.45
CA GLN F 393 37.76 11.59 36.74
C GLN F 393 36.62 11.87 37.70
N LEU F 394 36.43 10.98 38.67
CA LEU F 394 35.42 11.17 39.70
C LEU F 394 35.73 12.38 40.57
N ALA F 395 37.01 12.71 40.72
CA ALA F 395 37.40 13.86 41.52
C ALA F 395 37.00 15.13 40.79
N GLY F 396 37.06 15.11 39.48
CA GLY F 396 36.73 16.27 38.67
C GLY F 396 35.24 16.37 38.54
N ILE F 397 34.59 15.22 38.41
CA ILE F 397 33.13 15.16 38.36
C ILE F 397 32.51 15.70 39.64
N CYS F 398 33.07 15.32 40.78
CA CYS F 398 32.56 15.76 42.08
C CYS F 398 32.83 17.24 42.32
N ALA F 399 33.98 17.73 41.88
CA ALA F 399 34.31 19.12 42.10
C ALA F 399 33.48 20.02 41.19
N ALA F 400 33.25 19.55 39.97
CA ALA F 400 32.44 20.31 39.03
C ALA F 400 31.01 20.33 39.49
N LEU F 401 30.52 19.20 39.96
CA LEU F 401 29.14 19.07 40.42
C LEU F 401 28.86 19.88 41.68
N ALA F 402 29.75 19.79 42.66
CA ALA F 402 29.60 20.52 43.92
C ALA F 402 29.63 22.02 43.73
N TRP F 403 30.37 22.51 42.74
CA TRP F 403 30.51 23.95 42.58
C TRP F 403 29.35 24.56 41.83
N THR F 404 28.89 23.93 40.76
CA THR F 404 27.82 24.54 40.00
C THR F 404 26.49 24.42 40.72
N VAL F 405 26.25 23.30 41.39
CA VAL F 405 25.04 23.13 42.20
C VAL F 405 24.99 24.15 43.32
N THR F 406 26.08 24.28 44.07
CA THR F 406 26.15 25.23 45.17
C THR F 406 26.09 26.69 44.73
N VAL F 407 26.77 27.06 43.66
CA VAL F 407 26.83 28.46 43.30
C VAL F 407 25.62 28.86 42.47
N THR F 408 25.12 27.96 41.64
CA THR F 408 23.95 28.28 40.83
C THR F 408 22.74 28.47 41.75
N SER F 409 22.73 27.75 42.86
CA SER F 409 21.69 27.88 43.88
C SER F 409 21.74 29.24 44.53
N ILE F 410 22.86 29.56 45.16
CA ILE F 410 23.12 30.90 45.68
C ILE F 410 22.72 31.99 44.69
N LEU F 411 23.02 31.77 43.43
CA LEU F 411 22.82 32.79 42.39
C LEU F 411 21.36 32.96 42.03
N LEU F 412 20.63 31.86 41.91
CA LEU F 412 19.20 31.92 41.61
C LEU F 412 18.43 32.46 42.82
N LEU F 413 18.73 31.91 43.99
CA LEU F 413 18.09 32.34 45.24
C LEU F 413 18.30 33.82 45.56
N THR F 414 19.49 34.34 45.30
CA THR F 414 19.76 35.75 45.56
C THR F 414 18.97 36.64 44.64
N MET F 415 18.85 36.25 43.38
CA MET F 415 18.13 37.08 42.42
C MET F 415 16.64 36.94 42.65
N ASN F 416 16.24 35.82 43.26
CA ASN F 416 14.86 35.57 43.63
C ASN F 416 14.38 36.57 44.67
N ALA F 417 15.32 37.13 45.44
CA ALA F 417 14.99 38.02 46.55
C ALA F 417 15.20 39.48 46.17
N ILE F 418 15.36 39.75 44.88
CA ILE F 418 15.46 41.12 44.42
C ILE F 418 14.42 41.33 43.35
N PRO F 419 13.40 42.16 43.62
CA PRO F 419 12.21 42.32 42.80
C PRO F 419 12.48 42.49 41.31
N PHE F 420 13.49 43.27 40.93
CA PHE F 420 13.66 43.65 39.53
C PHE F 420 14.68 42.78 38.81
N LEU F 421 15.27 41.83 39.54
CA LEU F 421 16.21 40.87 38.97
C LEU F 421 15.70 39.44 39.10
N LYS F 422 14.52 39.27 39.66
CA LYS F 422 13.92 37.96 39.79
C LYS F 422 13.91 37.29 38.43
N LEU F 423 14.48 36.10 38.32
CA LEU F 423 14.52 35.42 37.02
C LEU F 423 13.17 34.91 36.57
N ARG F 424 12.36 34.42 37.51
CA ARG F 424 11.04 33.87 37.20
C ARG F 424 9.99 34.31 38.21
N LEU F 425 8.97 35.02 37.74
CA LEU F 425 7.88 35.46 38.59
C LEU F 425 7.09 34.25 39.09
N SER F 426 6.70 34.28 40.36
CA SER F 426 5.93 33.17 40.93
C SER F 426 4.53 33.21 40.37
N ALA F 427 3.77 32.14 40.56
CA ALA F 427 2.47 32.06 39.91
C ALA F 427 1.47 33.08 40.47
N ASP F 428 1.72 33.55 41.68
CA ASP F 428 0.85 34.55 42.29
C ASP F 428 1.06 35.93 41.69
N GLU F 429 2.30 36.25 41.32
CA GLU F 429 2.60 37.56 40.76
C GLU F 429 2.33 37.66 39.28
N GLU F 430 2.21 36.51 38.63
CA GLU F 430 2.22 36.45 37.19
C GLU F 430 0.84 36.62 36.58
N GLU F 431 0.73 37.50 35.59
CA GLU F 431 -0.50 37.62 34.82
C GLU F 431 -0.48 36.53 33.77
N LEU F 432 -1.18 35.42 34.05
CA LEU F 432 -1.04 34.20 33.28
C LEU F 432 -1.33 34.35 31.79
N GLY F 433 -0.30 34.05 30.98
CA GLY F 433 -0.42 33.98 29.54
C GLY F 433 -0.75 35.30 28.87
N THR F 434 -2.05 35.54 28.68
CA THR F 434 -2.57 36.71 27.98
C THR F 434 -2.20 36.74 26.48
N ASP F 435 -1.14 36.04 26.10
CA ASP F 435 -0.85 35.82 24.68
C ASP F 435 0.09 34.63 24.46
N ALA F 436 -0.50 33.47 24.19
CA ALA F 436 0.26 32.27 23.89
C ALA F 436 0.11 31.94 22.42
N ALA F 437 -0.65 32.77 21.71
CA ALA F 437 -0.86 32.58 20.27
C ALA F 437 0.10 33.47 19.50
N GLN F 438 1.12 33.95 20.20
CA GLN F 438 2.21 34.66 19.57
C GLN F 438 3.37 33.69 19.41
N ILE F 439 3.14 32.45 19.80
CA ILE F 439 4.11 31.38 19.74
C ILE F 439 3.44 30.26 18.95
N GLY F 440 3.98 29.85 17.81
CA GLY F 440 5.30 30.19 17.33
C GLY F 440 6.02 28.86 17.22
N GLU F 441 6.11 28.25 16.04
CA GLU F 441 6.81 26.96 15.92
C GLU F 441 8.32 27.09 16.15
N PHE F 442 8.91 28.16 15.64
CA PHE F 442 10.33 28.42 15.82
C PHE F 442 10.56 29.64 16.70
N THR F 443 9.92 30.76 16.36
CA THR F 443 10.00 31.94 17.20
C THR F 443 8.63 32.54 17.52
N TYR F 444 8.18 33.47 16.69
CA TYR F 444 6.94 34.19 16.94
C TYR F 444 6.13 34.38 15.66
N GLU F 445 4.82 34.48 15.82
CA GLU F 445 3.90 34.48 14.68
C GLU F 445 4.01 35.74 13.86
N GLU F 446 3.51 35.71 12.63
CA GLU F 446 3.64 36.82 11.70
C GLU F 446 3.31 38.15 12.33
N SER F 447 4.11 39.16 12.03
CA SER F 447 3.90 40.54 12.48
C SER F 447 4.09 40.77 13.97
N THR F 448 4.71 39.86 14.69
CA THR F 448 4.93 40.08 16.11
C THR F 448 6.04 41.10 16.30
N ALA F 449 5.78 42.13 17.09
CA ALA F 449 6.75 43.21 17.18
C ALA F 449 7.54 43.19 18.46
N TYR F 450 7.01 42.59 19.51
CA TYR F 450 7.73 42.49 20.78
C TYR F 450 7.60 41.09 21.35
N ILE F 451 8.38 40.78 22.37
CA ILE F 451 8.36 39.44 22.90
C ILE F 451 7.51 39.44 24.16
N PRO F 452 6.65 38.42 24.29
CA PRO F 452 5.72 38.24 25.40
C PRO F 452 6.37 38.08 26.77
N GLU F 453 7.12 39.08 27.20
CA GLU F 453 7.76 39.07 28.51
C GLU F 453 6.68 39.04 29.58
N PRO F 454 6.92 38.30 30.67
CA PRO F 454 5.94 38.27 31.78
C PRO F 454 5.79 39.58 32.57
N ILE F 455 4.55 39.96 32.88
CA ILE F 455 4.27 41.16 33.66
C ILE F 455 3.55 40.81 34.96
N ARG F 456 3.81 41.56 36.03
CA ARG F 456 3.27 41.22 37.34
C ARG F 456 1.85 41.75 37.56
N SER F 457 1.29 41.46 38.74
CA SER F 457 -0.04 41.90 39.13
C SER F 457 -1.10 41.46 38.14
N SER G 2 -22.52 -79.95 -14.44
CA SER G 2 -21.88 -78.76 -14.98
C SER G 2 -22.90 -77.74 -15.46
N TYR G 3 -22.49 -76.48 -15.48
CA TYR G 3 -23.32 -75.40 -15.99
C TYR G 3 -23.47 -75.56 -17.48
N ASN G 4 -24.66 -75.92 -17.95
CA ASN G 4 -24.88 -76.00 -19.38
C ASN G 4 -25.51 -74.72 -19.89
N PHE G 5 -25.12 -74.32 -21.09
CA PHE G 5 -25.62 -73.12 -21.71
C PHE G 5 -26.70 -73.49 -22.70
N THR G 6 -27.65 -72.59 -22.90
CA THR G 6 -28.77 -72.83 -23.79
C THR G 6 -29.17 -71.58 -24.52
N GLY G 7 -28.32 -71.11 -25.42
CA GLY G 7 -28.63 -69.89 -26.14
C GLY G 7 -27.50 -69.51 -27.05
N THR G 8 -27.83 -68.84 -28.15
CA THR G 8 -26.83 -68.55 -29.16
C THR G 8 -26.49 -67.08 -29.16
N PRO G 9 -25.25 -66.74 -29.51
CA PRO G 9 -24.82 -65.34 -29.63
C PRO G 9 -25.57 -64.52 -30.67
N THR G 10 -25.55 -63.21 -30.48
CA THR G 10 -26.37 -62.27 -31.23
C THR G 10 -25.65 -61.57 -32.35
N GLY G 11 -24.43 -61.13 -32.09
CA GLY G 11 -23.63 -60.46 -33.10
C GLY G 11 -23.71 -58.97 -32.94
N GLU G 12 -24.53 -58.53 -32.01
CA GLU G 12 -24.76 -57.11 -31.84
C GLU G 12 -24.97 -56.77 -30.38
N GLY G 13 -24.71 -55.53 -30.04
CA GLY G 13 -24.93 -55.06 -28.69
C GLY G 13 -23.93 -55.72 -27.81
N THR G 14 -24.41 -56.31 -26.74
CA THR G 14 -23.57 -56.97 -25.79
C THR G 14 -23.03 -58.29 -26.35
N GLY G 15 -23.71 -58.85 -27.33
CA GLY G 15 -23.26 -60.07 -27.98
C GLY G 15 -24.04 -61.31 -27.57
N GLY G 16 -24.62 -61.26 -26.38
CA GLY G 16 -25.47 -62.33 -25.90
C GLY G 16 -25.72 -62.13 -24.43
N ASN G 17 -26.35 -63.12 -23.81
CA ASN G 17 -26.54 -63.10 -22.38
C ASN G 17 -25.56 -64.06 -21.73
N SER G 18 -24.48 -63.56 -21.18
CA SER G 18 -23.45 -64.43 -20.63
C SER G 18 -23.95 -65.27 -19.48
N LEU G 19 -25.22 -65.15 -19.16
CA LEU G 19 -25.83 -65.94 -18.10
C LEU G 19 -26.41 -67.21 -18.68
N THR G 20 -26.68 -67.17 -19.97
CA THR G 20 -27.27 -68.29 -20.69
C THR G 20 -26.52 -68.60 -21.98
N THR G 21 -25.33 -68.06 -22.13
CA THR G 21 -24.60 -68.18 -23.40
C THR G 21 -23.10 -68.13 -23.22
N ASP G 22 -22.38 -69.04 -23.87
CA ASP G 22 -20.94 -69.01 -23.81
C ASP G 22 -20.45 -68.12 -24.92
N LEU G 23 -20.16 -66.88 -24.59
CA LEU G 23 -19.79 -65.90 -25.59
C LEU G 23 -18.40 -66.16 -26.13
N ASN G 24 -17.68 -67.03 -25.44
CA ASN G 24 -16.28 -67.31 -25.77
C ASN G 24 -16.14 -68.22 -26.96
N THR G 25 -17.24 -68.78 -27.42
CA THR G 25 -17.16 -69.83 -28.41
C THR G 25 -17.08 -69.30 -29.81
N GLN G 26 -17.00 -67.98 -29.94
CA GLN G 26 -16.92 -67.37 -31.26
C GLN G 26 -15.51 -66.85 -31.50
N PHE G 27 -14.63 -67.11 -30.55
CA PHE G 27 -13.26 -66.64 -30.63
C PHE G 27 -12.26 -67.71 -30.23
N ASP G 28 -11.03 -67.59 -30.69
CA ASP G 28 -10.00 -68.54 -30.34
C ASP G 28 -9.20 -68.03 -29.15
N LEU G 29 -9.09 -68.83 -28.10
CA LEU G 29 -8.42 -68.38 -26.89
C LEU G 29 -6.99 -67.96 -27.12
N ALA G 30 -6.38 -68.50 -28.17
CA ALA G 30 -4.98 -68.24 -28.48
C ALA G 30 -4.79 -66.90 -29.16
N ASN G 31 -5.83 -66.43 -29.84
CA ASN G 31 -5.89 -65.11 -30.45
C ASN G 31 -6.15 -64.03 -29.42
N MET G 32 -7.07 -64.32 -28.52
CA MET G 32 -7.40 -63.39 -27.43
C MET G 32 -6.23 -63.28 -26.49
N GLY G 33 -5.73 -64.43 -26.05
CA GLY G 33 -4.56 -64.50 -25.18
C GLY G 33 -3.40 -63.66 -25.64
N TRP G 34 -3.10 -63.67 -26.93
CA TRP G 34 -2.00 -62.88 -27.50
C TRP G 34 -2.33 -61.38 -27.50
N ILE G 35 -3.52 -60.99 -27.98
CA ILE G 35 -3.89 -59.57 -28.01
C ILE G 35 -4.11 -59.04 -26.60
N GLY G 36 -4.28 -59.96 -25.66
CA GLY G 36 -4.35 -59.60 -24.27
C GLY G 36 -3.02 -59.13 -23.72
N VAL G 37 -1.96 -59.92 -23.89
CA VAL G 37 -0.66 -59.50 -23.38
C VAL G 37 -0.09 -58.41 -24.27
N ALA G 38 -0.39 -58.46 -25.56
CA ALA G 38 0.03 -57.39 -26.47
C ALA G 38 -0.52 -56.04 -26.04
N SER G 39 -1.54 -56.04 -25.17
CA SER G 39 -2.12 -54.80 -24.72
C SER G 39 -1.23 -54.14 -23.68
N ALA G 40 -0.84 -54.92 -22.68
CA ALA G 40 0.06 -54.44 -21.66
C ALA G 40 1.33 -53.94 -22.31
N GLY G 41 1.86 -54.71 -23.24
CA GLY G 41 3.00 -54.30 -24.03
C GLY G 41 2.85 -52.94 -24.65
N VAL G 42 1.75 -52.67 -25.33
CA VAL G 42 1.57 -51.36 -25.94
C VAL G 42 1.55 -50.28 -24.88
N TRP G 43 1.10 -50.61 -23.69
CA TRP G 43 0.97 -49.60 -22.67
C TRP G 43 2.33 -49.11 -22.21
N ILE G 44 3.29 -50.02 -22.09
CA ILE G 44 4.63 -49.66 -21.64
C ILE G 44 5.29 -48.63 -22.56
N MET G 45 4.69 -48.38 -23.72
CA MET G 45 5.19 -47.41 -24.67
C MET G 45 4.79 -46.00 -24.29
N VAL G 46 3.84 -45.86 -23.37
CA VAL G 46 3.41 -44.52 -23.01
C VAL G 46 4.49 -43.83 -22.18
N PRO G 47 4.99 -44.47 -21.11
CA PRO G 47 6.10 -43.76 -20.44
C PRO G 47 7.40 -43.81 -21.23
N GLY G 48 7.57 -44.80 -22.08
CA GLY G 48 8.70 -44.83 -22.97
C GLY G 48 8.69 -43.58 -23.83
N ILE G 49 7.52 -43.20 -24.31
CA ILE G 49 7.37 -42.02 -25.16
C ILE G 49 7.75 -40.75 -24.43
N GLY G 50 7.35 -40.68 -23.16
CA GLY G 50 7.66 -39.53 -22.33
C GLY G 50 9.14 -39.49 -22.00
N LEU G 51 9.75 -40.64 -21.81
CA LEU G 51 11.18 -40.71 -21.58
C LEU G 51 11.93 -40.21 -22.82
N LEU G 52 11.60 -40.77 -23.97
CA LEU G 52 12.27 -40.44 -25.22
C LEU G 52 12.33 -38.95 -25.51
N TYR G 53 11.21 -38.24 -25.35
CA TYR G 53 11.15 -36.84 -25.80
C TYR G 53 11.44 -35.83 -24.72
N SER G 54 11.63 -36.30 -23.50
CA SER G 54 12.05 -35.45 -22.42
C SER G 54 13.56 -35.40 -22.37
N GLY G 55 14.18 -36.53 -22.68
CA GLY G 55 15.62 -36.62 -22.72
C GLY G 55 16.21 -36.24 -24.07
N LEU G 56 15.35 -35.85 -25.00
CA LEU G 56 15.78 -35.50 -26.35
C LEU G 56 15.66 -34.00 -26.57
N SER G 57 14.75 -33.39 -25.82
CA SER G 57 14.51 -31.96 -25.96
C SER G 57 15.73 -31.20 -25.48
N ARG G 58 15.99 -30.06 -26.11
CA ARG G 58 17.17 -29.26 -25.80
C ARG G 58 16.83 -28.14 -24.82
N LYS G 59 15.63 -28.21 -24.28
CA LYS G 59 15.16 -27.25 -23.29
C LYS G 59 14.62 -28.02 -22.10
N LYS G 60 15.09 -27.72 -20.90
CA LYS G 60 14.57 -28.41 -19.74
C LYS G 60 13.12 -27.99 -19.54
N HIS G 61 12.22 -28.97 -19.59
CA HIS G 61 10.79 -28.71 -19.52
C HIS G 61 10.29 -28.59 -18.09
N ALA G 62 9.45 -27.60 -17.84
CA ALA G 62 8.83 -27.42 -16.53
C ALA G 62 7.94 -28.60 -16.21
N LEU G 63 7.12 -28.99 -17.18
CA LEU G 63 6.27 -30.16 -17.07
C LEU G 63 7.04 -31.43 -17.42
N SER G 64 7.38 -32.21 -16.41
CA SER G 64 8.10 -33.45 -16.62
C SER G 64 7.33 -34.38 -17.53
N LEU G 65 7.95 -34.77 -18.64
CA LEU G 65 7.25 -35.52 -19.67
C LEU G 65 7.11 -36.99 -19.31
N LEU G 66 7.93 -37.48 -18.38
CA LEU G 66 7.77 -38.83 -17.89
C LEU G 66 6.58 -38.86 -16.95
N TRP G 67 6.61 -37.97 -15.97
CA TRP G 67 5.54 -37.85 -14.99
C TRP G 67 4.20 -37.61 -15.68
N ALA G 68 4.19 -36.72 -16.66
CA ALA G 68 2.94 -36.35 -17.33
C ALA G 68 2.31 -37.52 -18.05
N SER G 69 3.11 -38.52 -18.40
CA SER G 69 2.61 -39.63 -19.21
C SER G 69 1.72 -40.57 -18.40
N MET G 70 1.85 -40.54 -17.07
CA MET G 70 0.87 -41.21 -16.22
C MET G 70 -0.44 -40.44 -16.22
N MET G 71 -0.37 -39.13 -16.41
CA MET G 71 -1.57 -38.31 -16.50
C MET G 71 -2.18 -38.52 -17.88
N ALA G 72 -1.33 -38.83 -18.85
CA ALA G 72 -1.76 -39.11 -20.21
C ALA G 72 -2.51 -40.43 -20.25
N SER G 73 -1.94 -41.45 -19.61
CA SER G 73 -2.58 -42.75 -19.45
C SER G 73 -3.96 -42.58 -18.89
N ALA G 74 -4.07 -41.88 -17.77
CA ALA G 74 -5.32 -41.79 -17.01
C ALA G 74 -6.42 -41.05 -17.75
N VAL G 75 -6.12 -39.91 -18.36
CA VAL G 75 -7.16 -39.19 -19.09
C VAL G 75 -7.48 -39.86 -20.41
N CYS G 76 -6.57 -40.66 -20.93
CA CYS G 76 -6.82 -41.37 -22.17
C CYS G 76 -7.57 -42.68 -21.91
N ILE G 77 -7.24 -43.35 -20.82
CA ILE G 77 -8.00 -44.51 -20.37
C ILE G 77 -9.44 -44.10 -20.07
N PHE G 78 -9.60 -42.95 -19.41
CA PHE G 78 -10.94 -42.47 -19.06
C PHE G 78 -11.70 -42.05 -20.28
N GLN G 79 -11.06 -41.33 -21.19
CA GLN G 79 -11.74 -40.84 -22.37
C GLN G 79 -12.20 -42.02 -23.22
N TRP G 80 -11.49 -43.12 -23.09
CA TRP G 80 -11.83 -44.32 -23.85
C TRP G 80 -13.11 -44.89 -23.28
N PHE G 81 -13.18 -44.97 -21.97
CA PHE G 81 -14.34 -45.51 -21.29
C PHE G 81 -15.53 -44.59 -21.47
N PHE G 82 -15.27 -43.30 -21.62
CA PHE G 82 -16.34 -42.32 -21.70
C PHE G 82 -17.08 -42.41 -23.04
N TRP G 83 -16.46 -41.97 -24.12
CA TRP G 83 -17.02 -42.20 -25.44
C TRP G 83 -15.94 -42.44 -26.48
N GLY G 84 -14.75 -42.80 -26.02
CA GLY G 84 -13.61 -42.99 -26.90
C GLY G 84 -13.73 -44.23 -27.76
N TYR G 85 -14.01 -45.37 -27.16
CA TYR G 85 -14.15 -46.61 -27.92
C TYR G 85 -15.48 -46.58 -28.64
N SER G 86 -16.38 -45.74 -28.16
CA SER G 86 -17.67 -45.58 -28.80
C SER G 86 -17.53 -44.79 -30.08
N LEU G 87 -16.88 -43.64 -29.99
CA LEU G 87 -16.73 -42.76 -31.14
C LEU G 87 -15.90 -43.36 -32.26
N ALA G 88 -14.89 -44.15 -31.92
CA ALA G 88 -13.98 -44.67 -32.94
C ALA G 88 -14.40 -46.00 -33.51
N PHE G 89 -14.88 -46.92 -32.66
CA PHE G 89 -15.02 -48.29 -33.08
C PHE G 89 -16.39 -48.91 -32.89
N SER G 90 -17.42 -48.11 -32.78
CA SER G 90 -18.76 -48.65 -32.64
C SER G 90 -19.22 -49.35 -33.90
N HIS G 91 -20.10 -50.33 -33.75
CA HIS G 91 -20.51 -51.17 -34.87
C HIS G 91 -21.45 -50.47 -35.80
N ASN G 92 -21.84 -49.25 -35.45
CA ASN G 92 -22.75 -48.48 -36.26
C ASN G 92 -22.20 -47.09 -36.45
N THR G 93 -21.89 -46.71 -37.68
CA THR G 93 -21.28 -45.43 -37.94
C THR G 93 -22.29 -44.39 -38.42
N ARG G 94 -22.01 -43.14 -38.09
CA ARG G 94 -22.92 -42.02 -38.33
C ARG G 94 -22.45 -41.27 -39.57
N GLY G 95 -21.65 -41.95 -40.38
CA GLY G 95 -20.96 -41.33 -41.49
C GLY G 95 -21.79 -40.90 -42.68
N ASN G 96 -21.72 -41.58 -43.83
CA ASN G 96 -21.19 -42.93 -44.06
C ASN G 96 -19.71 -43.19 -43.77
N GLY G 97 -19.42 -43.63 -42.56
CA GLY G 97 -18.08 -43.90 -42.11
C GLY G 97 -17.27 -42.74 -41.58
N PHE G 98 -17.89 -41.81 -40.86
CA PHE G 98 -17.18 -40.62 -40.41
C PHE G 98 -16.88 -40.66 -38.91
N ILE G 99 -17.88 -40.94 -38.10
CA ILE G 99 -17.66 -41.12 -36.66
C ILE G 99 -18.67 -42.11 -36.07
N GLY G 100 -18.34 -42.69 -34.93
CA GLY G 100 -19.22 -43.68 -34.35
C GLY G 100 -20.38 -43.03 -33.66
N THR G 101 -21.26 -43.84 -33.10
CA THR G 101 -22.37 -43.36 -32.35
C THR G 101 -22.02 -43.51 -30.89
N LEU G 102 -22.86 -42.99 -30.01
CA LEU G 102 -22.56 -43.06 -28.58
C LEU G 102 -23.07 -44.36 -27.98
N GLU G 103 -23.12 -45.42 -28.78
CA GLU G 103 -23.74 -46.65 -28.33
C GLU G 103 -22.87 -47.38 -27.34
N PHE G 104 -21.57 -47.07 -27.32
CA PHE G 104 -20.68 -47.63 -26.31
C PHE G 104 -20.31 -46.59 -25.27
N PHE G 105 -21.19 -45.63 -25.05
CA PHE G 105 -20.92 -44.59 -24.07
C PHE G 105 -20.85 -45.19 -22.69
N GLY G 106 -19.79 -44.87 -21.96
CA GLY G 106 -19.62 -45.39 -20.63
C GLY G 106 -19.41 -46.87 -20.74
N PHE G 107 -18.91 -47.29 -21.89
CA PHE G 107 -18.66 -48.69 -22.20
C PHE G 107 -19.91 -49.54 -22.03
N ARG G 108 -21.08 -48.91 -22.14
CA ARG G 108 -22.34 -49.64 -22.13
C ARG G 108 -22.33 -50.57 -23.30
N ASN G 109 -22.49 -51.84 -23.02
CA ASN G 109 -22.71 -52.88 -24.02
C ASN G 109 -21.47 -53.38 -24.73
N VAL G 110 -20.28 -52.94 -24.35
CA VAL G 110 -19.12 -53.59 -24.95
C VAL G 110 -18.76 -54.78 -24.08
N LEU G 111 -18.89 -55.96 -24.68
CA LEU G 111 -18.61 -57.20 -23.98
C LEU G 111 -18.05 -58.24 -24.97
N GLY G 112 -18.91 -59.06 -25.56
CA GLY G 112 -18.47 -60.21 -26.32
C GLY G 112 -18.91 -60.27 -27.77
N ALA G 113 -19.41 -59.17 -28.31
CA ALA G 113 -19.74 -59.11 -29.71
C ALA G 113 -18.47 -59.03 -30.51
N PRO G 114 -18.45 -59.56 -31.72
CA PRO G 114 -17.21 -59.48 -32.48
C PRO G 114 -16.92 -58.05 -32.90
N SER G 115 -15.67 -57.63 -32.80
CA SER G 115 -15.31 -56.24 -33.02
C SER G 115 -15.13 -55.88 -34.49
N SER G 116 -14.36 -54.85 -34.74
CA SER G 116 -14.06 -54.45 -36.10
C SER G 116 -13.12 -55.47 -36.70
N VAL G 117 -12.19 -55.97 -35.90
CA VAL G 117 -11.51 -57.19 -36.25
C VAL G 117 -12.30 -58.29 -35.57
N SER G 118 -12.85 -59.18 -36.39
CA SER G 118 -13.84 -60.13 -35.94
C SER G 118 -13.27 -61.26 -35.12
N SER G 119 -11.96 -61.28 -34.93
CA SER G 119 -11.32 -62.40 -34.27
C SER G 119 -11.20 -62.13 -32.79
N LEU G 120 -11.74 -60.98 -32.39
CA LEU G 120 -11.61 -60.40 -31.07
C LEU G 120 -12.96 -59.87 -30.61
N PRO G 121 -13.36 -60.13 -29.36
CA PRO G 121 -14.58 -59.56 -28.79
C PRO G 121 -14.43 -58.08 -28.47
N ASP G 122 -15.53 -57.34 -28.37
CA ASP G 122 -15.49 -55.90 -28.15
C ASP G 122 -14.67 -55.52 -26.94
N ILE G 123 -14.65 -56.36 -25.92
CA ILE G 123 -14.04 -55.94 -24.67
C ILE G 123 -12.53 -56.06 -24.75
N LEU G 124 -12.02 -56.94 -25.60
CA LEU G 124 -10.59 -57.11 -25.73
C LEU G 124 -10.02 -56.23 -26.81
N PHE G 125 -10.80 -56.01 -27.85
CA PHE G 125 -10.38 -55.13 -28.90
C PHE G 125 -10.41 -53.70 -28.41
N ALA G 126 -11.23 -53.42 -27.39
CA ALA G 126 -11.35 -52.08 -26.84
C ALA G 126 -10.20 -51.82 -25.88
N VAL G 127 -9.84 -52.83 -25.11
CA VAL G 127 -8.69 -52.74 -24.23
C VAL G 127 -7.49 -52.48 -25.09
N TYR G 128 -7.30 -53.33 -26.09
CA TYR G 128 -6.14 -53.26 -26.97
C TYR G 128 -5.99 -51.91 -27.62
N GLN G 129 -7.05 -51.45 -28.27
CA GLN G 129 -7.07 -50.17 -28.97
C GLN G 129 -7.10 -48.99 -28.03
N GLY G 130 -7.27 -49.25 -26.74
CA GLY G 130 -7.29 -48.19 -25.77
C GLY G 130 -5.87 -47.74 -25.57
N MET G 131 -4.98 -48.71 -25.66
CA MET G 131 -3.55 -48.48 -25.50
C MET G 131 -3.01 -47.64 -26.62
N PHE G 132 -3.51 -47.84 -27.84
CA PHE G 132 -3.10 -47.02 -28.97
C PHE G 132 -3.51 -45.59 -28.79
N ALA G 133 -4.61 -45.38 -28.06
CA ALA G 133 -5.06 -44.03 -27.74
C ALA G 133 -4.11 -43.43 -26.74
N ALA G 134 -3.69 -44.24 -25.77
CA ALA G 134 -2.78 -43.79 -24.73
C ALA G 134 -1.39 -43.46 -25.30
N VAL G 135 -0.98 -44.23 -26.30
CA VAL G 135 0.30 -43.97 -26.95
C VAL G 135 0.21 -42.71 -27.78
N THR G 136 -0.88 -42.53 -28.50
CA THR G 136 -1.03 -41.32 -29.30
C THR G 136 -1.27 -40.13 -28.39
N GLY G 137 -1.96 -40.37 -27.27
CA GLY G 137 -2.21 -39.32 -26.30
C GLY G 137 -0.92 -38.78 -25.75
N ALA G 138 -0.05 -39.69 -25.31
CA ALA G 138 1.25 -39.34 -24.78
C ALA G 138 2.13 -38.56 -25.78
N LEU G 139 2.06 -38.92 -27.05
CA LEU G 139 2.83 -38.21 -28.07
C LEU G 139 2.33 -36.80 -28.24
N MET G 140 1.02 -36.63 -28.17
CA MET G 140 0.42 -35.32 -28.34
C MET G 140 0.76 -34.49 -27.11
N LEU G 141 0.92 -35.18 -26.01
CA LEU G 141 1.34 -34.55 -24.77
C LEU G 141 2.75 -34.03 -24.92
N GLY G 142 3.65 -34.88 -25.40
CA GLY G 142 5.05 -34.53 -25.56
C GLY G 142 5.34 -33.37 -26.49
N GLY G 143 4.50 -33.18 -27.50
CA GLY G 143 4.70 -32.10 -28.44
C GLY G 143 4.26 -30.78 -27.86
N ALA G 144 3.35 -30.84 -26.90
CA ALA G 144 2.73 -29.65 -26.34
C ALA G 144 3.00 -29.52 -24.85
N CYS G 145 4.19 -29.87 -24.41
CA CYS G 145 4.46 -29.91 -22.99
C CYS G 145 5.27 -28.72 -22.49
N GLU G 146 5.98 -28.06 -23.41
CA GLU G 146 6.83 -26.96 -23.01
C GLU G 146 6.00 -25.82 -22.45
N ARG G 147 6.26 -25.48 -21.20
CA ARG G 147 5.56 -24.42 -20.48
C ARG G 147 4.06 -24.66 -20.45
N ALA G 148 3.65 -25.92 -20.44
CA ALA G 148 2.24 -26.23 -20.39
C ALA G 148 1.78 -26.33 -18.95
N ARG G 149 0.58 -25.84 -18.68
CA ARG G 149 0.00 -25.98 -17.36
C ARG G 149 -0.73 -27.30 -17.26
N LEU G 150 -0.72 -27.91 -16.08
CA LEU G 150 -1.15 -29.28 -15.95
C LEU G 150 -2.62 -29.53 -16.27
N PHE G 151 -3.53 -28.72 -15.72
CA PHE G 151 -4.95 -28.97 -15.94
C PHE G 151 -5.44 -28.61 -17.35
N PRO G 152 -4.98 -27.49 -17.93
CA PRO G 152 -5.41 -27.29 -19.31
C PRO G 152 -4.76 -28.28 -20.29
N MET G 153 -3.67 -28.90 -19.85
CA MET G 153 -3.05 -29.98 -20.60
C MET G 153 -4.03 -31.14 -20.67
N MET G 154 -4.71 -31.40 -19.57
CA MET G 154 -5.67 -32.50 -19.48
C MET G 154 -6.90 -32.29 -20.37
N VAL G 155 -7.48 -31.11 -20.33
CA VAL G 155 -8.66 -30.84 -21.14
C VAL G 155 -8.28 -30.81 -22.61
N PHE G 156 -7.01 -30.61 -22.89
CA PHE G 156 -6.53 -30.64 -24.27
C PHE G 156 -6.54 -32.07 -24.79
N LEU G 157 -5.81 -32.94 -24.09
CA LEU G 157 -5.78 -34.35 -24.41
C LEU G 157 -7.18 -34.86 -24.58
N PHE G 158 -7.99 -34.77 -23.54
CA PHE G 158 -9.36 -35.25 -23.62
C PHE G 158 -10.08 -34.75 -24.85
N LEU G 159 -10.01 -33.46 -25.12
CA LEU G 159 -10.74 -32.90 -26.25
C LEU G 159 -10.09 -33.26 -27.57
N TRP G 160 -8.77 -33.32 -27.58
CA TRP G 160 -8.07 -33.65 -28.81
C TRP G 160 -8.29 -35.11 -29.15
N MET G 161 -8.24 -35.99 -28.15
CA MET G 161 -8.53 -37.40 -28.34
C MET G 161 -9.96 -37.64 -28.82
N THR G 162 -10.85 -36.68 -28.58
CA THR G 162 -12.25 -36.87 -28.90
C THR G 162 -12.64 -36.26 -30.22
N ILE G 163 -12.04 -35.13 -30.58
CA ILE G 163 -12.42 -34.48 -31.84
C ILE G 163 -11.35 -34.63 -32.93
N VAL G 164 -10.24 -35.29 -32.63
CA VAL G 164 -9.22 -35.54 -33.65
C VAL G 164 -8.83 -37.01 -33.81
N TYR G 165 -8.38 -37.66 -32.75
CA TYR G 165 -7.92 -39.02 -32.88
C TYR G 165 -9.04 -39.98 -33.18
N CYS G 166 -10.15 -39.86 -32.48
CA CYS G 166 -11.25 -40.82 -32.63
C CYS G 166 -11.83 -40.81 -34.05
N PRO G 167 -12.15 -39.65 -34.62
CA PRO G 167 -12.68 -39.75 -35.98
C PRO G 167 -11.70 -40.31 -37.00
N ILE G 168 -10.42 -40.00 -36.89
CA ILE G 168 -9.46 -40.53 -37.86
C ILE G 168 -9.29 -42.02 -37.62
N ALA G 169 -9.26 -42.45 -36.36
CA ALA G 169 -9.20 -43.87 -36.03
C ALA G 169 -10.34 -44.61 -36.69
N CYS G 170 -11.54 -44.05 -36.59
CA CYS G 170 -12.71 -44.64 -37.21
C CYS G 170 -12.55 -44.73 -38.72
N TRP G 171 -11.87 -43.77 -39.30
CA TRP G 171 -11.77 -43.71 -40.76
C TRP G 171 -11.00 -44.88 -41.32
N VAL G 172 -9.96 -45.33 -40.64
CA VAL G 172 -9.07 -46.31 -41.22
C VAL G 172 -9.11 -47.67 -40.49
N TRP G 173 -9.70 -47.71 -39.30
CA TRP G 173 -9.73 -48.95 -38.55
C TRP G 173 -11.11 -49.50 -38.26
N ASN G 174 -12.14 -48.68 -38.36
CA ASN G 174 -13.49 -49.18 -38.12
C ASN G 174 -13.91 -49.98 -39.33
N ALA G 175 -14.52 -51.13 -39.10
CA ALA G 175 -15.03 -51.99 -40.16
C ALA G 175 -15.78 -51.21 -41.23
N GLU G 176 -16.42 -50.11 -40.84
CA GLU G 176 -17.24 -49.36 -41.77
C GLU G 176 -16.69 -47.98 -42.12
N GLY G 177 -15.46 -47.71 -41.72
CA GLY G 177 -14.84 -46.42 -41.96
C GLY G 177 -14.75 -46.09 -43.43
N TRP G 178 -14.67 -44.81 -43.77
CA TRP G 178 -14.72 -44.41 -45.17
C TRP G 178 -13.38 -44.58 -45.87
N LEU G 179 -12.29 -44.58 -45.12
CA LEU G 179 -10.98 -44.76 -45.73
C LEU G 179 -10.66 -46.25 -45.88
N VAL G 180 -11.26 -47.08 -45.06
CA VAL G 180 -11.18 -48.53 -45.23
C VAL G 180 -11.82 -48.93 -46.53
N LYS G 181 -13.05 -48.48 -46.74
CA LYS G 181 -13.80 -48.84 -47.93
C LYS G 181 -13.21 -48.17 -49.17
N LEU G 182 -12.34 -47.20 -48.96
CA LEU G 182 -11.63 -46.59 -50.07
C LEU G 182 -10.58 -47.57 -50.51
N GLY G 183 -9.59 -47.76 -49.64
CA GLY G 183 -8.53 -48.70 -49.90
C GLY G 183 -7.27 -48.38 -49.15
N SER G 184 -7.31 -47.36 -48.31
CA SER G 184 -6.13 -46.97 -47.55
C SER G 184 -5.75 -48.08 -46.60
N LEU G 185 -4.49 -48.45 -46.60
CA LEU G 185 -4.02 -49.48 -45.71
C LEU G 185 -3.20 -48.86 -44.59
N ASP G 186 -3.34 -49.40 -43.39
CA ASP G 186 -2.60 -48.91 -42.26
C ASP G 186 -2.68 -49.98 -41.19
N TYR G 187 -1.56 -50.64 -40.97
CA TYR G 187 -1.53 -51.82 -40.13
C TYR G 187 -1.65 -51.49 -38.65
N ALA G 188 -0.77 -50.67 -38.13
CA ALA G 188 -0.74 -50.41 -36.71
C ALA G 188 -0.77 -48.92 -36.35
N GLY G 189 -1.01 -48.04 -37.30
CA GLY G 189 -1.22 -46.65 -36.97
C GLY G 189 -0.32 -45.63 -37.62
N GLY G 190 -0.09 -45.78 -38.91
CA GLY G 190 0.69 -44.78 -39.61
C GLY G 190 -0.11 -43.52 -39.68
N LEU G 191 -1.42 -43.67 -39.87
CA LEU G 191 -2.32 -42.54 -39.95
C LEU G 191 -2.85 -42.17 -38.57
N CYS G 192 -3.23 -43.17 -37.79
CA CYS G 192 -3.94 -42.92 -36.56
C CYS G 192 -3.02 -42.45 -35.43
N VAL G 193 -1.88 -43.10 -35.28
CA VAL G 193 -1.00 -42.80 -34.16
C VAL G 193 0.08 -41.76 -34.48
N HIS G 194 0.70 -41.84 -35.64
CA HIS G 194 1.86 -41.02 -35.94
C HIS G 194 1.55 -39.75 -36.73
N LEU G 195 0.90 -39.88 -37.88
CA LEU G 195 0.62 -38.71 -38.69
C LEU G 195 -0.19 -37.68 -37.93
N THR G 196 -1.08 -38.14 -37.04
CA THR G 196 -1.95 -37.25 -36.28
C THR G 196 -1.22 -36.55 -35.15
N SER G 197 -0.58 -37.31 -34.29
CA SER G 197 0.11 -36.73 -33.14
C SER G 197 1.24 -35.82 -33.60
N GLY G 198 1.99 -36.28 -34.58
CA GLY G 198 3.08 -35.50 -35.13
C GLY G 198 2.63 -34.19 -35.75
N HIS G 199 1.56 -34.20 -36.53
CA HIS G 199 1.06 -32.97 -37.14
C HIS G 199 0.33 -32.13 -36.14
N GLY G 200 -0.03 -32.74 -35.03
CA GLY G 200 -0.58 -31.97 -33.92
C GLY G 200 0.59 -31.25 -33.30
N GLY G 201 1.73 -31.90 -33.29
CA GLY G 201 2.95 -31.32 -32.76
C GLY G 201 3.50 -30.21 -33.62
N LEU G 202 3.07 -30.15 -34.88
CA LEU G 202 3.46 -29.07 -35.78
C LEU G 202 2.51 -27.90 -35.59
N VAL G 203 1.25 -28.21 -35.36
CA VAL G 203 0.26 -27.18 -35.09
C VAL G 203 0.56 -26.56 -33.73
N TYR G 204 1.17 -27.31 -32.83
CA TYR G 204 1.54 -26.74 -31.55
C TYR G 204 2.76 -25.83 -31.69
N ALA G 205 3.68 -26.20 -32.57
CA ALA G 205 4.92 -25.46 -32.71
C ALA G 205 4.71 -24.13 -33.38
N LEU G 206 3.76 -24.06 -34.30
CA LEU G 206 3.50 -22.82 -35.02
C LEU G 206 2.60 -21.88 -34.24
N ILE G 207 1.66 -22.44 -33.47
CA ILE G 207 0.68 -21.60 -32.77
C ILE G 207 1.17 -21.20 -31.37
N LEU G 208 1.96 -22.03 -30.71
CA LEU G 208 2.36 -21.74 -29.33
C LEU G 208 3.87 -21.85 -29.08
N GLY G 209 4.59 -22.50 -29.97
CA GLY G 209 6.02 -22.69 -29.79
C GLY G 209 6.74 -21.36 -29.78
N LYS G 210 7.64 -21.18 -28.81
CA LYS G 210 8.33 -19.91 -28.66
C LYS G 210 9.18 -19.62 -29.89
N ARG G 211 8.72 -18.67 -30.69
CA ARG G 211 9.42 -18.28 -31.91
C ARG G 211 10.76 -17.66 -31.58
N ASN G 212 11.73 -17.84 -32.48
CA ASN G 212 13.12 -17.44 -32.25
C ASN G 212 13.69 -18.06 -30.97
N ASP G 213 13.24 -19.27 -30.66
CA ASP G 213 13.74 -20.02 -29.51
C ASP G 213 15.26 -20.11 -29.57
N PRO G 214 15.94 -19.47 -28.63
CA PRO G 214 17.41 -19.33 -28.58
C PRO G 214 18.18 -20.64 -28.69
N VAL G 215 17.49 -21.77 -28.79
CA VAL G 215 18.18 -23.04 -28.99
C VAL G 215 18.32 -23.31 -30.48
N THR G 216 17.70 -22.46 -31.28
CA THR G 216 17.75 -22.59 -32.73
C THR G 216 18.48 -21.41 -33.35
N LYS G 218 21.52 -20.19 -35.97
CA LYS G 218 22.71 -20.64 -36.68
C LYS G 218 23.88 -20.79 -35.72
N GLY G 219 24.61 -21.90 -35.83
CA GLY G 219 25.74 -22.15 -34.96
C GLY G 219 25.36 -22.95 -33.73
N MET G 220 24.11 -22.80 -33.30
CA MET G 220 23.60 -23.55 -32.15
C MET G 220 23.39 -25.01 -32.54
N PRO G 221 23.85 -25.95 -31.70
CA PRO G 221 23.86 -27.37 -32.04
C PRO G 221 22.47 -27.98 -32.32
N LYS G 222 22.43 -28.94 -33.22
CA LYS G 222 21.20 -29.64 -33.57
C LYS G 222 20.80 -30.64 -32.49
N TYR G 223 21.81 -31.22 -31.84
CA TYR G 223 21.56 -32.24 -30.82
C TYR G 223 22.06 -31.81 -29.44
N LYS G 224 21.13 -31.56 -28.53
CA LYS G 224 21.47 -31.20 -27.15
C LYS G 224 20.56 -31.92 -26.17
N PRO G 225 20.87 -33.20 -25.90
CA PRO G 225 19.98 -34.07 -25.12
C PRO G 225 19.97 -33.79 -23.61
N HIS G 226 18.85 -33.29 -23.12
CA HIS G 226 18.61 -33.10 -21.69
C HIS G 226 19.05 -34.30 -20.85
N SER G 227 19.00 -35.48 -21.43
CA SER G 227 19.49 -36.69 -20.80
C SER G 227 19.54 -37.88 -21.74
N VAL G 228 20.74 -38.39 -21.97
CA VAL G 228 20.92 -39.55 -22.83
C VAL G 228 20.25 -40.77 -22.24
N THR G 229 20.43 -40.97 -20.94
CA THR G 229 19.86 -42.14 -20.26
C THR G 229 18.34 -42.16 -20.41
N SER G 230 17.76 -40.97 -20.45
CA SER G 230 16.33 -40.84 -20.68
C SER G 230 15.98 -41.37 -22.07
N VAL G 231 16.70 -40.89 -23.07
CA VAL G 231 16.45 -41.27 -24.46
C VAL G 231 16.61 -42.78 -24.67
N VAL G 232 17.68 -43.35 -24.16
CA VAL G 232 17.94 -44.77 -24.38
C VAL G 232 16.93 -45.66 -23.68
N LEU G 233 16.44 -45.23 -22.52
CA LEU G 233 15.44 -46.03 -21.81
C LEU G 233 14.08 -45.89 -22.48
N GLY G 234 13.76 -44.69 -22.93
CA GLY G 234 12.56 -44.45 -23.70
C GLY G 234 12.52 -45.38 -24.88
N THR G 235 13.67 -45.52 -25.54
CA THR G 235 13.79 -46.37 -26.72
C THR G 235 13.75 -47.84 -26.38
N VAL G 236 14.22 -48.22 -25.19
CA VAL G 236 14.12 -49.61 -24.78
C VAL G 236 12.66 -50.00 -24.53
N PHE G 237 11.91 -49.10 -23.91
CA PHE G 237 10.49 -49.35 -23.63
C PHE G 237 9.69 -49.35 -24.92
N LEU G 238 9.88 -48.32 -25.74
CA LEU G 238 9.22 -48.20 -27.02
C LEU G 238 9.48 -49.41 -27.91
N TRP G 239 10.70 -49.89 -27.96
CA TRP G 239 11.04 -50.99 -28.86
C TRP G 239 10.48 -52.30 -28.34
N PHE G 240 10.55 -52.50 -27.03
CA PHE G 240 9.97 -53.69 -26.41
C PHE G 240 8.48 -53.73 -26.61
N GLY G 241 7.83 -52.57 -26.53
CA GLY G 241 6.40 -52.50 -26.68
C GLY G 241 5.97 -52.60 -28.12
N TRP G 242 6.79 -52.06 -29.01
CA TRP G 242 6.41 -51.90 -30.41
C TRP G 242 6.24 -53.21 -31.13
N MET G 243 6.78 -54.29 -30.57
CA MET G 243 6.59 -55.59 -31.18
C MET G 243 5.18 -56.06 -30.93
N PHE G 244 4.58 -55.50 -29.88
CA PHE G 244 3.20 -55.82 -29.51
C PHE G 244 2.23 -54.86 -30.20
N PHE G 245 2.66 -53.62 -30.33
CA PHE G 245 2.01 -52.59 -31.12
C PHE G 245 1.74 -53.08 -32.53
N ASN G 246 2.72 -53.73 -33.14
CA ASN G 246 2.61 -54.21 -34.52
C ASN G 246 2.25 -55.68 -34.64
N GLY G 247 2.68 -56.50 -33.70
CA GLY G 247 2.40 -57.92 -33.79
C GLY G 247 0.95 -58.18 -33.52
N GLY G 248 0.34 -57.31 -32.73
CA GLY G 248 -1.03 -57.48 -32.32
C GLY G 248 -2.03 -56.84 -33.26
N SER G 249 -1.54 -56.04 -34.20
CA SER G 249 -2.41 -55.44 -35.19
C SER G 249 -2.90 -56.48 -36.15
N ALA G 250 -2.33 -57.66 -36.08
CA ALA G 250 -2.78 -58.77 -36.87
C ALA G 250 -4.14 -59.17 -36.35
N GLY G 251 -4.34 -59.02 -35.05
CA GLY G 251 -5.60 -59.36 -34.43
C GLY G 251 -5.71 -60.84 -34.19
N ASN G 252 -4.63 -61.55 -34.46
CA ASN G 252 -4.60 -62.99 -34.29
C ASN G 252 -3.17 -63.47 -34.06
N ALA G 253 -3.01 -64.76 -33.84
CA ALA G 253 -1.69 -65.31 -33.62
C ALA G 253 -1.19 -66.11 -34.83
N THR G 254 -1.69 -65.77 -36.01
CA THR G 254 -1.23 -66.39 -37.25
C THR G 254 0.12 -65.85 -37.69
N ILE G 255 0.71 -66.48 -38.70
CA ILE G 255 2.04 -66.12 -39.22
C ILE G 255 2.20 -64.62 -39.48
N ARG G 256 1.11 -63.91 -39.75
CA ARG G 256 1.16 -62.50 -40.11
C ARG G 256 1.58 -61.66 -38.93
N ALA G 257 1.38 -62.19 -37.75
CA ALA G 257 1.76 -61.48 -36.56
C ALA G 257 3.27 -61.49 -36.45
N TRP G 258 3.86 -62.68 -36.60
CA TRP G 258 5.29 -62.91 -36.39
C TRP G 258 6.10 -62.38 -37.54
N TYR G 259 5.52 -62.46 -38.73
CA TYR G 259 6.11 -61.89 -39.93
C TYR G 259 6.18 -60.38 -39.86
N SER G 260 5.31 -59.75 -39.07
CA SER G 260 5.30 -58.28 -39.01
C SER G 260 6.12 -57.80 -37.82
N ILE G 261 6.32 -58.69 -36.87
CA ILE G 261 7.24 -58.44 -35.77
C ILE G 261 8.65 -58.48 -36.31
N MET G 262 8.90 -59.34 -37.31
CA MET G 262 10.21 -59.41 -37.93
C MET G 262 10.51 -58.17 -38.76
N SER G 263 9.58 -57.75 -39.61
CA SER G 263 9.79 -56.51 -40.36
C SER G 263 9.89 -55.30 -39.43
N THR G 264 9.23 -55.38 -38.27
CA THR G 264 9.28 -54.30 -37.28
C THR G 264 10.69 -54.12 -36.76
N ASN G 265 11.28 -55.21 -36.29
CA ASN G 265 12.64 -55.24 -35.79
C ASN G 265 13.68 -54.83 -36.83
N LEU G 266 13.68 -55.52 -37.96
CA LEU G 266 14.60 -55.23 -39.05
C LEU G 266 14.51 -53.77 -39.51
N ALA G 267 13.32 -53.20 -39.57
CA ALA G 267 13.18 -51.81 -39.99
C ALA G 267 13.71 -50.88 -38.91
N ALA G 268 13.63 -51.31 -37.67
CA ALA G 268 14.19 -50.53 -36.57
C ALA G 268 15.70 -50.51 -36.69
N ALA G 269 16.26 -51.71 -36.89
CA ALA G 269 17.70 -51.89 -37.01
C ALA G 269 18.24 -51.00 -38.10
N CYS G 270 17.71 -51.11 -39.31
CA CYS G 270 18.23 -50.37 -40.44
C CYS G 270 18.00 -48.87 -40.28
N GLY G 271 16.91 -48.48 -39.62
CA GLY G 271 16.60 -47.08 -39.48
C GLY G 271 17.54 -46.42 -38.49
N GLY G 272 17.97 -47.20 -37.50
CA GLY G 272 18.89 -46.71 -36.50
C GLY G 272 20.29 -46.53 -37.05
N LEU G 273 20.79 -47.57 -37.70
CA LEU G 273 22.10 -47.50 -38.34
C LEU G 273 22.13 -46.38 -39.37
N THR G 274 21.07 -46.23 -40.15
CA THR G 274 21.01 -45.19 -41.18
C THR G 274 21.13 -43.80 -40.58
N TRP G 275 20.38 -43.54 -39.52
CA TRP G 275 20.46 -42.25 -38.85
C TRP G 275 21.84 -42.10 -38.25
N MET G 276 22.36 -43.19 -37.70
CA MET G 276 23.68 -43.22 -37.08
C MET G 276 24.78 -42.79 -38.04
N VAL G 277 24.81 -43.42 -39.21
CA VAL G 277 25.79 -43.16 -40.24
C VAL G 277 25.64 -41.75 -40.83
N ILE G 278 24.40 -41.30 -40.98
CA ILE G 278 24.15 -39.98 -41.56
C ILE G 278 24.70 -38.86 -40.68
N ASP G 279 24.48 -38.95 -39.38
CA ASP G 279 24.98 -37.94 -38.46
C ASP G 279 26.50 -37.92 -38.49
N TYR G 280 27.09 -39.11 -38.61
CA TYR G 280 28.53 -39.25 -38.68
C TYR G 280 29.13 -38.38 -39.78
N PHE G 281 28.52 -38.39 -40.95
CA PHE G 281 29.02 -37.61 -42.06
C PHE G 281 28.57 -36.15 -42.00
N ARG G 282 27.47 -35.89 -41.30
CA ARG G 282 26.92 -34.55 -41.28
C ARG G 282 27.37 -33.77 -40.06
N CYS G 283 28.22 -34.38 -39.25
CA CYS G 283 28.76 -33.72 -38.07
C CYS G 283 30.27 -33.85 -38.01
N GLY G 284 30.87 -34.30 -39.10
CA GLY G 284 32.30 -34.50 -39.16
C GLY G 284 32.77 -35.61 -38.24
N ARG G 285 32.83 -36.82 -38.78
CA ARG G 285 33.58 -37.92 -38.18
C ARG G 285 33.22 -38.25 -36.72
N LYS G 286 32.04 -37.83 -36.27
CA LYS G 286 31.60 -38.09 -34.89
C LYS G 286 30.34 -38.96 -34.81
N TRP G 287 30.22 -39.71 -33.72
CA TRP G 287 29.03 -40.52 -33.47
C TRP G 287 28.10 -39.83 -32.48
N THR G 288 26.87 -39.56 -32.90
CA THR G 288 25.88 -38.91 -32.04
C THR G 288 25.33 -39.86 -30.98
N THR G 289 24.98 -39.30 -29.82
CA THR G 289 24.52 -40.11 -28.69
C THR G 289 23.03 -40.42 -28.74
N VAL G 290 22.29 -39.66 -29.54
CA VAL G 290 20.84 -39.83 -29.67
C VAL G 290 20.44 -40.20 -31.08
N GLY G 291 21.41 -40.24 -31.99
CA GLY G 291 21.15 -40.53 -33.38
C GLY G 291 20.70 -41.96 -33.63
N LEU G 292 21.35 -42.91 -32.99
CA LEU G 292 20.98 -44.31 -33.14
C LEU G 292 19.60 -44.56 -32.58
N CYS G 293 19.28 -43.90 -31.48
CA CYS G 293 17.99 -44.10 -30.85
C CYS G 293 16.89 -43.35 -31.59
N SER G 294 17.19 -42.14 -32.05
CA SER G 294 16.23 -41.42 -32.90
C SER G 294 15.95 -42.18 -34.18
N GLY G 295 16.95 -42.90 -34.67
CA GLY G 295 16.83 -43.65 -35.90
C GLY G 295 15.95 -44.87 -35.72
N ILE G 296 16.18 -45.57 -34.61
CA ILE G 296 15.38 -46.73 -34.26
C ILE G 296 13.92 -46.36 -34.17
N ILE G 297 13.62 -45.27 -33.49
CA ILE G 297 12.25 -44.80 -33.37
C ILE G 297 11.70 -44.41 -34.73
N ALA G 298 12.54 -43.79 -35.56
CA ALA G 298 12.10 -43.32 -36.87
C ALA G 298 11.78 -44.47 -37.79
N GLY G 299 12.50 -45.58 -37.63
CA GLY G 299 12.27 -46.75 -38.44
C GLY G 299 11.13 -47.59 -37.90
N LEU G 300 10.72 -47.33 -36.67
CA LEU G 300 9.58 -48.01 -36.07
C LEU G 300 8.30 -47.23 -36.37
N VAL G 301 8.44 -45.95 -36.63
CA VAL G 301 7.33 -45.15 -37.11
C VAL G 301 7.07 -45.50 -38.56
N GLY G 302 8.14 -45.65 -39.32
CA GLY G 302 8.01 -45.91 -40.73
C GLY G 302 7.34 -47.22 -41.07
N ILE G 303 7.65 -48.28 -40.36
CA ILE G 303 7.18 -49.60 -40.73
C ILE G 303 5.81 -49.86 -40.14
N THR G 304 5.32 -48.92 -39.34
CA THR G 304 4.04 -49.08 -38.63
C THR G 304 2.85 -49.27 -39.55
N PRO G 305 2.72 -48.47 -40.62
CA PRO G 305 1.58 -48.80 -41.49
C PRO G 305 1.85 -49.93 -42.47
N ALA G 306 3.07 -50.44 -42.50
CA ALA G 306 3.44 -51.38 -43.54
C ALA G 306 3.62 -52.80 -43.03
N ALA G 307 4.07 -52.93 -41.79
CA ALA G 307 4.53 -54.19 -41.20
C ALA G 307 3.76 -55.43 -41.61
N GLY G 308 2.47 -55.29 -41.87
CA GLY G 308 1.64 -56.43 -42.09
C GLY G 308 1.35 -56.67 -43.54
N PHE G 309 1.82 -55.78 -44.40
CA PHE G 309 1.58 -55.87 -45.85
C PHE G 309 2.87 -56.06 -46.67
N VAL G 310 3.97 -55.47 -46.22
CA VAL G 310 5.20 -55.45 -46.99
C VAL G 310 6.09 -56.65 -46.70
N PRO G 311 6.85 -57.10 -47.71
CA PRO G 311 7.78 -58.22 -47.59
C PRO G 311 8.97 -57.85 -46.72
N ILE G 312 9.56 -58.80 -46.01
CA ILE G 312 10.64 -58.51 -45.07
C ILE G 312 11.72 -57.65 -45.68
N TRP G 313 12.11 -57.95 -46.91
CA TRP G 313 13.22 -57.24 -47.51
C TRP G 313 12.91 -55.75 -47.66
N SER G 314 11.65 -55.40 -47.82
CA SER G 314 11.30 -54.00 -48.02
C SER G 314 11.24 -53.25 -46.69
N ALA G 315 11.41 -53.97 -45.59
CA ALA G 315 11.53 -53.32 -44.29
C ALA G 315 12.83 -52.55 -44.24
N VAL G 316 13.87 -53.11 -44.82
CA VAL G 316 15.16 -52.45 -44.93
C VAL G 316 15.02 -51.08 -45.61
N VAL G 317 14.38 -51.07 -46.78
CA VAL G 317 14.19 -49.84 -47.55
C VAL G 317 13.46 -48.78 -46.75
N ILE G 318 12.37 -49.21 -46.11
CA ILE G 318 11.47 -48.30 -45.39
C ILE G 318 12.13 -47.73 -44.13
N GLY G 319 12.97 -48.53 -43.50
CA GLY G 319 13.70 -48.07 -42.33
C GLY G 319 14.75 -47.06 -42.74
N VAL G 320 15.50 -47.39 -43.79
CA VAL G 320 16.55 -46.51 -44.27
C VAL G 320 15.97 -45.21 -44.80
N VAL G 321 14.99 -45.28 -45.69
CA VAL G 321 14.38 -44.09 -46.25
C VAL G 321 13.75 -43.21 -45.18
N THR G 322 13.02 -43.82 -44.25
CA THR G 322 12.40 -43.06 -43.18
C THR G 322 13.46 -42.57 -42.21
N GLY G 323 14.51 -43.37 -42.04
CA GLY G 323 15.63 -42.94 -41.24
C GLY G 323 16.19 -41.68 -41.84
N ALA G 324 16.64 -41.78 -43.09
CA ALA G 324 17.23 -40.65 -43.79
C ALA G 324 16.29 -39.46 -43.83
N GLY G 325 15.01 -39.72 -44.07
CA GLY G 325 14.04 -38.65 -44.19
C GLY G 325 13.85 -37.88 -42.90
N CYS G 326 13.53 -38.60 -41.83
CA CYS G 326 13.27 -37.98 -40.53
C CYS G 326 14.50 -37.20 -40.06
N ASN G 327 15.67 -37.65 -40.47
CA ASN G 327 16.91 -36.97 -40.14
C ASN G 327 16.93 -35.57 -40.75
N LEU G 328 16.70 -35.49 -42.05
CA LEU G 328 16.62 -34.19 -42.73
C LEU G 328 15.41 -33.40 -42.28
N ALA G 329 14.51 -34.06 -41.56
CA ALA G 329 13.30 -33.39 -41.08
C ALA G 329 13.59 -32.60 -39.81
N VAL G 330 14.34 -33.20 -38.89
CA VAL G 330 14.69 -32.55 -37.62
C VAL G 330 15.35 -31.20 -37.85
N ASP G 331 16.03 -31.06 -38.99
CA ASP G 331 16.66 -29.79 -39.36
C ASP G 331 15.65 -28.67 -39.58
N LEU G 332 14.35 -29.01 -39.60
CA LEU G 332 13.32 -28.03 -39.90
C LEU G 332 13.13 -27.06 -38.75
N LYS G 333 13.61 -27.46 -37.57
CA LYS G 333 13.46 -26.65 -36.37
C LYS G 333 14.31 -25.38 -36.46
N SER G 334 15.18 -25.32 -37.47
CA SER G 334 16.09 -24.20 -37.64
C SER G 334 15.87 -23.42 -38.94
N LEU G 335 14.72 -23.62 -39.58
CA LEU G 335 14.33 -22.78 -40.70
C LEU G 335 13.14 -21.92 -40.31
N LEU G 336 12.54 -22.25 -39.17
CA LEU G 336 11.40 -21.52 -38.63
C LEU G 336 11.75 -20.96 -37.25
N ARG G 337 12.82 -21.49 -36.69
CA ARG G 337 13.32 -21.12 -35.37
C ARG G 337 12.33 -21.41 -34.27
N ILE G 338 11.73 -22.60 -34.30
CA ILE G 338 10.87 -23.07 -33.21
C ILE G 338 11.32 -24.47 -32.81
N ASP G 339 11.46 -24.73 -31.52
CA ASP G 339 11.94 -26.05 -31.09
C ASP G 339 10.78 -26.88 -30.54
N ASP G 340 10.20 -26.39 -29.46
CA ASP G 340 9.05 -27.03 -28.85
C ASP G 340 7.80 -26.87 -29.70
N GLY G 341 7.25 -27.96 -30.21
CA GLY G 341 7.79 -29.28 -30.01
C GLY G 341 7.87 -30.04 -31.32
N LEU G 342 8.82 -29.63 -32.16
CA LEU G 342 9.00 -30.24 -33.47
C LEU G 342 9.82 -31.51 -33.40
N ASP G 343 10.15 -31.95 -32.20
CA ASP G 343 10.83 -33.22 -32.06
C ASP G 343 9.87 -34.34 -32.43
N CYS G 344 8.66 -34.26 -31.89
CA CYS G 344 7.61 -35.23 -32.17
C CYS G 344 7.24 -35.21 -33.64
N TYR G 345 7.10 -34.01 -34.20
CA TYR G 345 6.69 -33.87 -35.58
C TYR G 345 7.68 -34.50 -36.56
N SER G 346 8.96 -34.25 -36.34
CA SER G 346 9.97 -34.70 -37.30
C SER G 346 10.08 -36.22 -37.36
N ILE G 347 9.86 -36.89 -36.24
CA ILE G 347 9.92 -38.35 -36.18
C ILE G 347 8.58 -39.01 -36.47
N HIS G 348 7.50 -38.49 -35.91
CA HIS G 348 6.20 -39.13 -36.07
C HIS G 348 5.42 -38.54 -37.24
N GLY G 349 5.43 -37.22 -37.37
CA GLY G 349 4.68 -36.58 -38.43
C GLY G 349 5.24 -36.89 -39.80
N VAL G 350 6.53 -36.67 -39.97
CA VAL G 350 7.19 -36.94 -41.24
C VAL G 350 7.28 -38.44 -41.48
N GLY G 351 7.75 -39.17 -40.49
CA GLY G 351 7.85 -40.62 -40.57
C GLY G 351 6.51 -41.27 -40.84
N GLY G 352 5.44 -40.64 -40.40
CA GLY G 352 4.11 -41.17 -40.64
C GLY G 352 3.77 -41.20 -42.12
N CYS G 353 4.06 -40.12 -42.82
CA CYS G 353 3.75 -40.01 -44.25
C CYS G 353 4.69 -40.81 -45.13
N ILE G 354 5.94 -40.97 -44.70
CA ILE G 354 6.87 -41.78 -45.47
C ILE G 354 6.39 -43.22 -45.42
N GLY G 355 6.17 -43.72 -44.22
CA GLY G 355 5.69 -45.08 -44.03
C GLY G 355 4.41 -45.36 -44.77
N SER G 356 3.43 -44.49 -44.64
CA SER G 356 2.13 -44.70 -45.28
C SER G 356 2.22 -44.71 -46.79
N VAL G 357 3.06 -43.84 -47.35
CA VAL G 357 3.27 -43.82 -48.79
C VAL G 357 3.97 -45.09 -49.26
N LEU G 358 5.05 -45.47 -48.56
CA LEU G 358 5.82 -46.64 -48.93
C LEU G 358 5.04 -47.95 -48.75
N THR G 359 4.06 -47.96 -47.86
CA THR G 359 3.18 -49.12 -47.67
C THR G 359 2.43 -49.42 -48.94
N GLY G 360 2.07 -48.37 -49.67
CA GLY G 360 1.27 -48.51 -50.86
C GLY G 360 2.13 -48.89 -52.02
N ILE G 361 3.43 -48.79 -51.82
CA ILE G 361 4.39 -49.17 -52.84
C ILE G 361 4.76 -50.64 -52.69
N PHE G 362 5.10 -51.08 -51.49
CA PHE G 362 5.61 -52.43 -51.31
C PHE G 362 4.58 -53.48 -50.89
N ALA G 363 3.32 -53.10 -50.68
CA ALA G 363 2.29 -54.04 -50.24
C ALA G 363 2.27 -55.27 -51.10
N ALA G 364 2.11 -56.44 -50.53
CA ALA G 364 2.09 -57.64 -51.33
C ALA G 364 1.04 -58.63 -50.85
N ASP G 365 0.21 -59.11 -51.77
CA ASP G 365 -0.94 -59.92 -51.40
C ASP G 365 -0.55 -61.23 -50.74
N TYR G 366 0.73 -61.60 -50.84
CA TYR G 366 1.18 -62.87 -50.29
C TYR G 366 1.71 -62.72 -48.87
N VAL G 367 1.96 -61.49 -48.43
CA VAL G 367 2.37 -61.23 -47.07
C VAL G 367 1.14 -61.21 -46.22
N ASN G 368 0.12 -60.52 -46.73
CA ASN G 368 -1.16 -60.35 -46.10
C ASN G 368 -1.86 -61.68 -45.93
N ALA G 369 -1.81 -62.53 -46.96
CA ALA G 369 -2.59 -63.75 -46.94
C ALA G 369 -2.02 -64.79 -46.01
N THR G 370 -0.99 -64.43 -45.26
CA THR G 370 -0.32 -65.40 -44.39
C THR G 370 -1.13 -65.57 -43.12
N ALA G 371 -2.09 -64.68 -42.92
CA ALA G 371 -3.03 -64.79 -41.83
C ALA G 371 -4.03 -65.86 -42.19
N GLY G 372 -3.97 -66.32 -43.42
CA GLY G 372 -4.72 -67.46 -43.86
C GLY G 372 -6.21 -67.37 -43.62
N SER G 373 -6.64 -68.13 -42.62
CA SER G 373 -8.03 -68.27 -42.27
C SER G 373 -8.68 -66.93 -41.99
N TYR G 374 -7.86 -65.99 -41.55
CA TYR G 374 -8.31 -64.71 -41.05
C TYR G 374 -8.06 -63.57 -42.01
N ILE G 375 -8.07 -63.79 -43.31
CA ILE G 375 -7.67 -62.67 -44.13
C ILE G 375 -8.83 -61.93 -44.72
N SER G 376 -8.71 -60.60 -44.69
CA SER G 376 -9.48 -59.74 -45.55
C SER G 376 -8.54 -59.38 -46.68
N PRO G 377 -8.72 -60.02 -47.84
CA PRO G 377 -7.79 -59.88 -48.94
C PRO G 377 -7.54 -58.44 -49.32
N ILE G 378 -6.38 -58.15 -49.87
CA ILE G 378 -6.13 -56.86 -50.49
C ILE G 378 -5.70 -57.04 -51.94
N ASP G 379 -5.51 -55.94 -52.65
CA ASP G 379 -5.18 -56.05 -54.06
C ASP G 379 -3.68 -56.03 -54.27
N GLY G 380 -2.97 -55.22 -53.49
CA GLY G 380 -1.52 -55.21 -53.57
C GLY G 380 -1.01 -53.82 -53.85
N GLY G 381 0.30 -53.69 -54.02
CA GLY G 381 0.90 -52.38 -54.20
C GLY G 381 1.60 -52.19 -55.54
N TRP G 382 2.61 -51.32 -55.55
CA TRP G 382 3.35 -50.96 -56.77
C TRP G 382 4.14 -52.13 -57.34
N ILE G 383 4.88 -52.82 -56.47
CA ILE G 383 5.66 -53.96 -56.91
C ILE G 383 4.75 -55.03 -57.53
N ASN G 384 3.47 -55.04 -57.16
CA ASN G 384 2.51 -55.98 -57.74
C ASN G 384 1.78 -55.42 -58.94
N HIS G 385 2.27 -54.28 -59.45
CA HIS G 385 1.71 -53.62 -60.63
C HIS G 385 0.28 -53.12 -60.46
N HIS G 386 -0.13 -52.93 -59.21
CA HIS G 386 -1.41 -52.32 -58.90
C HIS G 386 -1.18 -50.89 -58.46
N TYR G 387 -1.27 -49.96 -59.40
CA TYR G 387 -0.75 -48.63 -59.17
C TYR G 387 -1.69 -47.78 -58.37
N LYS G 388 -2.91 -48.23 -58.22
CA LYS G 388 -3.95 -47.39 -57.64
C LYS G 388 -3.79 -47.23 -56.14
N GLN G 389 -2.87 -47.98 -55.54
CA GLN G 389 -2.76 -48.03 -54.09
C GLN G 389 -2.02 -46.85 -53.50
N VAL G 390 -0.97 -46.38 -54.17
CA VAL G 390 -0.29 -45.17 -53.73
C VAL G 390 -1.28 -44.01 -53.67
N GLY G 391 -2.26 -44.03 -54.57
CA GLY G 391 -3.32 -43.04 -54.56
C GLY G 391 -4.12 -43.14 -53.29
N TYR G 392 -4.51 -44.36 -52.93
CA TYR G 392 -5.32 -44.60 -51.74
C TYR G 392 -4.58 -44.21 -50.48
N GLN G 393 -3.25 -44.29 -50.52
CA GLN G 393 -2.45 -43.95 -49.36
C GLN G 393 -2.37 -42.44 -49.22
N LEU G 394 -2.24 -41.76 -50.35
CA LEU G 394 -2.15 -40.30 -50.34
C LEU G 394 -3.48 -39.68 -49.99
N ALA G 395 -4.57 -40.43 -50.16
CA ALA G 395 -5.90 -39.92 -49.81
C ALA G 395 -6.12 -39.90 -48.32
N GLY G 396 -5.67 -40.94 -47.64
CA GLY G 396 -5.78 -41.02 -46.20
C GLY G 396 -4.80 -40.11 -45.51
N ILE G 397 -3.63 -39.96 -46.11
CA ILE G 397 -2.64 -39.01 -45.61
C ILE G 397 -3.15 -37.59 -45.72
N CYS G 398 -3.69 -37.23 -46.88
CA CYS G 398 -4.28 -35.93 -47.07
C CYS G 398 -5.41 -35.70 -46.08
N ALA G 399 -6.34 -36.64 -46.00
CA ALA G 399 -7.49 -36.52 -45.12
C ALA G 399 -7.08 -36.42 -43.66
N ALA G 400 -6.18 -37.29 -43.22
CA ALA G 400 -5.72 -37.24 -41.84
C ALA G 400 -4.97 -35.94 -41.57
N LEU G 401 -4.23 -35.47 -42.57
CA LEU G 401 -3.42 -34.27 -42.41
C LEU G 401 -4.31 -33.04 -42.30
N ALA G 402 -5.22 -32.89 -43.26
CA ALA G 402 -6.12 -31.74 -43.26
C ALA G 402 -6.91 -31.66 -41.96
N TRP G 403 -7.28 -32.81 -41.42
CA TRP G 403 -8.13 -32.83 -40.24
C TRP G 403 -7.34 -32.50 -38.99
N THR G 404 -6.22 -33.17 -38.76
CA THR G 404 -5.44 -32.85 -37.57
C THR G 404 -4.99 -31.40 -37.60
N VAL G 405 -4.58 -30.94 -38.77
CA VAL G 405 -4.06 -29.58 -38.90
C VAL G 405 -5.17 -28.53 -38.71
N THR G 406 -6.39 -28.85 -39.14
CA THR G 406 -7.52 -27.92 -38.96
C THR G 406 -8.11 -27.93 -37.56
N VAL G 407 -8.47 -29.10 -37.06
CA VAL G 407 -9.14 -29.17 -35.77
C VAL G 407 -8.19 -28.89 -34.60
N THR G 408 -6.97 -29.41 -34.65
CA THR G 408 -6.02 -29.13 -33.59
C THR G 408 -5.75 -27.63 -33.54
N SER G 409 -5.92 -26.96 -34.68
CA SER G 409 -5.78 -25.51 -34.73
C SER G 409 -6.99 -24.83 -34.10
N ILE G 410 -8.18 -25.14 -34.61
CA ILE G 410 -9.42 -24.65 -34.02
C ILE G 410 -9.53 -24.97 -32.53
N LEU G 411 -9.03 -26.14 -32.12
CA LEU G 411 -9.10 -26.49 -30.72
C LEU G 411 -8.16 -25.61 -29.91
N LEU G 412 -6.91 -25.51 -30.36
CA LEU G 412 -5.88 -24.75 -29.66
C LEU G 412 -6.19 -23.24 -29.60
N LEU G 413 -6.88 -22.72 -30.60
CA LEU G 413 -7.29 -21.33 -30.60
C LEU G 413 -8.46 -21.08 -29.67
N THR G 414 -9.47 -21.94 -29.75
CA THR G 414 -10.64 -21.80 -28.90
C THR G 414 -10.25 -21.96 -27.45
N MET G 415 -9.49 -23.01 -27.17
CA MET G 415 -9.05 -23.28 -25.80
C MET G 415 -8.14 -22.15 -25.30
N ASN G 416 -7.59 -21.39 -26.25
CA ASN G 416 -6.71 -20.26 -25.94
C ASN G 416 -7.48 -19.04 -25.51
N ALA G 417 -8.58 -18.75 -26.22
CA ALA G 417 -9.41 -17.59 -25.92
C ALA G 417 -9.96 -17.63 -24.49
N ILE G 418 -10.39 -18.80 -24.05
CA ILE G 418 -10.84 -18.95 -22.68
C ILE G 418 -9.62 -18.95 -21.75
N PRO G 419 -9.50 -17.90 -20.92
CA PRO G 419 -8.32 -17.59 -20.11
C PRO G 419 -7.93 -18.65 -19.08
N PHE G 420 -8.83 -19.53 -18.68
CA PHE G 420 -8.50 -20.49 -17.64
C PHE G 420 -8.33 -21.90 -18.19
N LEU G 421 -8.38 -22.01 -19.52
CA LEU G 421 -8.10 -23.27 -20.20
C LEU G 421 -6.85 -23.13 -21.07
N LYS G 422 -6.27 -21.94 -21.07
CA LYS G 422 -5.10 -21.62 -21.90
C LYS G 422 -3.93 -22.54 -21.58
N LEU G 423 -3.42 -23.20 -22.61
CA LEU G 423 -2.45 -24.27 -22.44
C LEU G 423 -1.10 -23.74 -21.97
N ARG G 424 -0.61 -22.71 -22.64
CA ARG G 424 0.71 -22.14 -22.34
C ARG G 424 0.60 -20.66 -22.03
N ILE G 439 13.84 -29.13 -11.48
CA ILE G 439 13.77 -29.95 -12.68
C ILE G 439 14.94 -30.91 -12.76
N GLY G 440 14.67 -32.19 -12.51
CA GLY G 440 15.71 -33.20 -12.49
C GLY G 440 16.12 -33.69 -13.86
N GLU G 441 16.77 -34.85 -13.91
CA GLU G 441 17.19 -35.45 -15.17
C GLU G 441 15.99 -36.12 -15.85
N PHE G 442 15.14 -36.74 -15.03
CA PHE G 442 13.98 -37.45 -15.53
C PHE G 442 12.68 -36.78 -15.09
N THR G 443 12.60 -36.41 -13.82
CA THR G 443 11.43 -35.70 -13.30
C THR G 443 11.81 -34.52 -12.43
N TYR G 444 11.81 -34.73 -11.11
CA TYR G 444 12.10 -33.67 -10.15
C TYR G 444 13.07 -34.15 -9.06
N GLU G 445 13.82 -33.21 -8.48
CA GLU G 445 14.97 -33.55 -7.64
C GLU G 445 14.64 -34.32 -6.36
N GLU G 446 14.34 -33.61 -5.28
CA GLU G 446 14.08 -34.29 -4.00
C GLU G 446 13.24 -33.45 -3.06
N SER G 447 12.25 -34.09 -2.45
CA SER G 447 11.28 -33.42 -1.59
C SER G 447 10.60 -32.29 -2.35
N THR G 448 10.36 -32.53 -3.63
CA THR G 448 9.80 -31.52 -4.52
C THR G 448 8.30 -31.36 -4.29
N ALA G 449 7.65 -32.41 -3.80
CA ALA G 449 6.26 -32.36 -3.35
C ALA G 449 5.30 -31.77 -4.38
N TYR G 450 5.52 -30.52 -4.79
CA TYR G 450 4.65 -29.90 -5.77
C TYR G 450 5.33 -29.75 -7.13
N ILE G 451 4.54 -29.70 -8.20
CA ILE G 451 5.09 -29.47 -9.53
C ILE G 451 4.94 -28.01 -9.90
N PRO G 452 5.95 -27.45 -10.57
CA PRO G 452 6.05 -26.02 -10.87
C PRO G 452 5.22 -25.53 -12.05
N GLU G 453 3.90 -25.61 -11.94
CA GLU G 453 3.04 -25.06 -12.97
C GLU G 453 3.18 -23.55 -13.06
N PRO G 454 3.25 -23.01 -14.29
CA PRO G 454 3.26 -21.57 -14.53
C PRO G 454 2.22 -20.82 -13.70
N ILE G 455 2.65 -19.77 -13.02
CA ILE G 455 1.74 -18.88 -12.33
C ILE G 455 1.75 -17.53 -13.03
N ARG G 456 0.76 -16.69 -12.75
CA ARG G 456 0.60 -15.45 -13.49
C ARG G 456 0.59 -14.20 -12.60
N TYR H 3 5.25 -91.72 -32.93
CA TYR H 3 5.22 -91.94 -31.50
C TYR H 3 3.80 -92.27 -31.02
N ASN H 4 3.70 -92.80 -29.79
CA ASN H 4 2.41 -93.25 -29.26
C ASN H 4 2.38 -93.31 -27.73
N PHE H 5 1.40 -92.61 -27.13
CA PHE H 5 1.19 -92.65 -25.68
C PHE H 5 0.12 -93.69 -25.34
N THR H 6 0.00 -94.06 -24.07
CA THR H 6 -0.88 -95.16 -23.69
C THR H 6 -1.54 -95.07 -22.31
N GLY H 7 -1.35 -93.95 -21.61
CA GLY H 7 -1.87 -93.83 -20.25
C GLY H 7 -2.90 -92.74 -20.00
N THR H 8 -3.89 -93.05 -19.17
CA THR H 8 -4.94 -92.12 -18.78
C THR H 8 -4.51 -91.29 -17.56
N PRO H 9 -4.75 -89.96 -17.60
CA PRO H 9 -4.36 -89.07 -16.52
C PRO H 9 -5.03 -89.40 -15.18
N THR H 10 -4.25 -89.37 -14.10
CA THR H 10 -4.72 -89.74 -12.77
C THR H 10 -5.74 -88.74 -12.22
N GLY H 11 -5.36 -87.47 -12.20
CA GLY H 11 -6.21 -86.44 -11.67
C GLY H 11 -6.04 -86.29 -10.17
N GLU H 12 -4.92 -86.80 -9.67
CA GLU H 12 -4.61 -86.72 -8.25
C GLU H 12 -3.10 -86.75 -8.02
N GLY H 13 -2.64 -85.99 -7.04
CA GLY H 13 -1.24 -85.96 -6.69
C GLY H 13 -0.37 -85.50 -7.84
N THR H 14 0.39 -86.43 -8.41
CA THR H 14 1.24 -86.12 -9.55
C THR H 14 0.38 -85.92 -10.80
N GLY H 15 -0.82 -86.49 -10.77
CA GLY H 15 -1.76 -86.32 -11.86
C GLY H 15 -1.58 -87.32 -12.98
N GLY H 16 -0.40 -87.91 -13.07
CA GLY H 16 -0.14 -88.91 -14.09
C GLY H 16 1.33 -89.15 -14.39
N ASN H 17 1.60 -90.19 -15.16
CA ASN H 17 2.97 -90.58 -15.49
C ASN H 17 3.49 -89.86 -16.74
N SER H 18 4.52 -89.04 -16.55
CA SER H 18 5.08 -88.23 -17.62
C SER H 18 5.52 -89.03 -18.84
N LEU H 19 5.85 -90.30 -18.62
CA LEU H 19 6.45 -91.13 -19.67
C LEU H 19 5.45 -92.02 -20.40
N THR H 20 4.21 -92.06 -19.92
CA THR H 20 3.19 -92.86 -20.57
C THR H 20 1.91 -92.07 -20.78
N THR H 21 1.84 -90.87 -20.21
CA THR H 21 0.63 -90.06 -20.30
C THR H 21 0.92 -88.67 -20.84
N ASP H 22 0.07 -88.19 -21.74
CA ASP H 22 0.12 -86.80 -22.17
C ASP H 22 -0.67 -85.96 -21.18
N LEU H 23 0.03 -85.32 -20.25
CA LEU H 23 -0.62 -84.59 -19.17
C LEU H 23 -1.24 -83.28 -19.64
N ASN H 24 -0.95 -82.88 -20.87
CA ASN H 24 -1.43 -81.62 -21.42
C ASN H 24 -2.85 -81.67 -21.96
N THR H 25 -3.44 -82.85 -22.02
CA THR H 25 -4.75 -82.98 -22.65
C THR H 25 -5.89 -82.68 -21.70
N GLN H 26 -5.58 -82.33 -20.46
CA GLN H 26 -6.63 -81.93 -19.54
C GLN H 26 -6.66 -80.41 -19.41
N PHE H 27 -5.81 -79.75 -20.16
CA PHE H 27 -5.71 -78.29 -20.17
C PHE H 27 -5.74 -77.78 -21.59
N ASP H 28 -5.71 -76.46 -21.73
CA ASP H 28 -5.73 -75.82 -23.04
C ASP H 28 -4.45 -75.00 -23.18
N LEU H 29 -3.73 -75.20 -24.27
CA LEU H 29 -2.43 -74.54 -24.47
C LEU H 29 -2.52 -73.03 -24.46
N ALA H 30 -3.69 -72.50 -24.73
CA ALA H 30 -3.89 -71.06 -24.78
C ALA H 30 -4.02 -70.52 -23.39
N ASN H 31 -4.77 -71.23 -22.56
CA ASN H 31 -4.96 -70.89 -21.17
C ASN H 31 -3.66 -70.94 -20.41
N MET H 32 -2.92 -72.03 -20.56
CA MET H 32 -1.61 -72.20 -19.93
C MET H 32 -0.63 -71.20 -20.49
N GLY H 33 -0.68 -71.01 -21.81
CA GLY H 33 0.23 -70.12 -22.47
C GLY H 33 0.14 -68.69 -22.01
N TRP H 34 -0.99 -68.32 -21.41
CA TRP H 34 -1.26 -66.93 -21.02
C TRP H 34 -0.95 -66.73 -19.55
N ILE H 35 -1.31 -67.69 -18.72
CA ILE H 35 -0.94 -67.70 -17.31
C ILE H 35 0.57 -67.83 -17.18
N GLY H 36 1.18 -68.43 -18.19
CA GLY H 36 2.62 -68.53 -18.28
C GLY H 36 3.25 -67.17 -18.40
N VAL H 37 2.89 -66.42 -19.43
CA VAL H 37 3.46 -65.08 -19.63
C VAL H 37 2.93 -64.14 -18.55
N ALA H 38 1.79 -64.45 -17.97
CA ALA H 38 1.25 -63.62 -16.89
C ALA H 38 2.12 -63.68 -15.65
N SER H 39 2.80 -64.80 -15.43
CA SER H 39 3.66 -64.98 -14.28
C SER H 39 4.82 -64.01 -14.29
N ALA H 40 5.50 -63.95 -15.42
CA ALA H 40 6.57 -62.98 -15.60
C ALA H 40 6.01 -61.59 -15.43
N GLY H 41 4.73 -61.44 -15.75
CA GLY H 41 4.06 -60.17 -15.61
C GLY H 41 3.91 -59.76 -14.17
N VAL H 42 3.45 -60.66 -13.33
CA VAL H 42 3.29 -60.37 -11.91
C VAL H 42 4.61 -60.08 -11.26
N TRP H 43 5.64 -60.84 -11.63
CA TRP H 43 6.95 -60.73 -10.99
C TRP H 43 7.55 -59.34 -11.08
N ILE H 44 7.41 -58.69 -12.22
CA ILE H 44 8.01 -57.36 -12.40
C ILE H 44 7.31 -56.30 -11.54
N MET H 45 6.36 -56.73 -10.71
CA MET H 45 5.77 -55.86 -9.71
C MET H 45 6.65 -55.82 -8.49
N VAL H 46 7.27 -56.96 -8.18
CA VAL H 46 8.13 -57.08 -7.00
C VAL H 46 9.18 -55.98 -6.92
N PRO H 47 9.93 -55.71 -8.01
CA PRO H 47 10.80 -54.54 -7.88
C PRO H 47 10.06 -53.22 -7.94
N GLY H 48 8.93 -53.17 -8.64
CA GLY H 48 8.17 -51.94 -8.79
C GLY H 48 7.68 -51.46 -7.44
N ILE H 49 7.23 -52.42 -6.64
CA ILE H 49 6.87 -52.17 -5.26
C ILE H 49 8.03 -51.50 -4.54
N GLY H 50 9.21 -52.06 -4.72
CA GLY H 50 10.43 -51.52 -4.15
C GLY H 50 10.70 -50.12 -4.64
N LEU H 51 10.40 -49.85 -5.90
CA LEU H 51 10.62 -48.52 -6.43
C LEU H 51 9.58 -47.54 -5.91
N LEU H 52 8.42 -48.03 -5.52
CA LEU H 52 7.32 -47.14 -5.15
C LEU H 52 7.47 -46.61 -3.75
N TYR H 53 7.78 -47.49 -2.80
CA TYR H 53 7.85 -47.09 -1.40
C TYR H 53 9.25 -46.66 -0.98
N SER H 54 10.16 -46.61 -1.94
CA SER H 54 11.47 -45.99 -1.76
C SER H 54 11.32 -44.50 -1.91
N GLY H 55 10.87 -44.08 -3.08
CA GLY H 55 10.72 -42.67 -3.38
C GLY H 55 9.52 -42.06 -2.69
N LEU H 56 8.66 -42.90 -2.13
CA LEU H 56 7.48 -42.40 -1.45
C LEU H 56 7.85 -42.04 -0.03
N SER H 57 8.72 -42.86 0.56
CA SER H 57 9.28 -42.64 1.90
C SER H 57 9.73 -41.21 2.08
N ARG H 58 9.59 -40.67 3.28
CA ARG H 58 10.07 -39.33 3.56
C ARG H 58 11.42 -39.41 4.27
N LYS H 59 11.88 -40.65 4.46
CA LYS H 59 13.15 -40.92 5.12
C LYS H 59 13.97 -41.91 4.31
N LYS H 60 15.24 -41.58 4.07
CA LYS H 60 16.15 -42.51 3.41
C LYS H 60 16.34 -43.74 4.29
N HIS H 61 16.39 -44.91 3.68
CA HIS H 61 16.55 -46.13 4.43
C HIS H 61 17.95 -46.72 4.24
N ALA H 62 18.55 -47.18 5.33
CA ALA H 62 19.87 -47.78 5.28
C ALA H 62 19.87 -48.92 4.28
N LEU H 63 18.81 -49.71 4.32
CA LEU H 63 18.57 -50.78 3.38
C LEU H 63 17.58 -50.32 2.32
N SER H 64 18.05 -50.05 1.11
CA SER H 64 17.18 -49.61 0.03
C SER H 64 16.38 -50.81 -0.49
N LEU H 65 15.06 -50.67 -0.49
CA LEU H 65 14.20 -51.80 -0.81
C LEU H 65 14.16 -52.11 -2.30
N LEU H 66 14.77 -51.25 -3.12
CA LEU H 66 14.96 -51.59 -4.53
C LEU H 66 16.04 -52.66 -4.64
N TRP H 67 17.10 -52.50 -3.86
CA TRP H 67 18.08 -53.56 -3.70
C TRP H 67 17.38 -54.74 -3.07
N ALA H 68 16.76 -54.49 -1.92
CA ALA H 68 16.16 -55.55 -1.11
C ALA H 68 15.25 -56.46 -1.90
N SER H 69 14.25 -55.87 -2.56
CA SER H 69 13.28 -56.58 -3.42
C SER H 69 13.77 -57.88 -4.02
N MET H 70 15.05 -57.92 -4.39
CA MET H 70 15.69 -59.14 -4.86
C MET H 70 15.77 -60.16 -3.74
N MET H 71 16.15 -59.71 -2.54
CA MET H 71 16.22 -60.59 -1.38
C MET H 71 14.82 -61.13 -1.11
N ALA H 72 13.82 -60.29 -1.35
CA ALA H 72 12.42 -60.65 -1.12
C ALA H 72 11.99 -61.77 -2.05
N SER H 73 12.17 -61.54 -3.34
CA SER H 73 11.84 -62.53 -4.35
C SER H 73 12.65 -63.79 -4.13
N ALA H 74 13.87 -63.62 -3.63
CA ALA H 74 14.78 -64.74 -3.41
C ALA H 74 14.32 -65.67 -2.28
N VAL H 75 13.90 -65.09 -1.15
CA VAL H 75 13.48 -65.91 -0.01
C VAL H 75 12.07 -66.46 -0.23
N CYS H 76 11.26 -65.75 -1.01
CA CYS H 76 9.89 -66.17 -1.23
C CYS H 76 9.82 -67.33 -2.22
N ILE H 77 10.58 -67.24 -3.31
CA ILE H 77 10.62 -68.34 -4.28
C ILE H 77 11.02 -69.62 -3.56
N PHE H 78 12.00 -69.53 -2.67
CA PHE H 78 12.44 -70.71 -1.94
C PHE H 78 11.37 -71.16 -0.96
N GLN H 79 10.81 -70.21 -0.23
CA GLN H 79 9.76 -70.50 0.73
C GLN H 79 8.59 -71.22 0.06
N TRP H 80 8.38 -70.88 -1.22
CA TRP H 80 7.33 -71.48 -2.03
C TRP H 80 7.74 -72.90 -2.45
N PHE H 81 9.00 -73.03 -2.86
CA PHE H 81 9.53 -74.33 -3.25
C PHE H 81 9.58 -75.27 -2.08
N PHE H 82 9.96 -74.72 -0.92
CA PHE H 82 10.14 -75.52 0.27
C PHE H 82 8.84 -76.20 0.68
N TRP H 83 7.87 -75.40 1.08
CA TRP H 83 6.58 -75.91 1.51
C TRP H 83 5.45 -74.92 1.30
N GLY H 84 5.81 -73.72 0.85
CA GLY H 84 4.84 -72.66 0.61
C GLY H 84 3.65 -73.10 -0.20
N TYR H 85 3.91 -73.53 -1.44
CA TYR H 85 2.82 -73.98 -2.31
C TYR H 85 2.04 -75.10 -1.65
N SER H 86 2.73 -75.97 -0.93
CA SER H 86 2.05 -77.08 -0.27
C SER H 86 1.11 -76.57 0.80
N LEU H 87 1.58 -75.60 1.57
CA LEU H 87 0.80 -75.10 2.69
C LEU H 87 -0.43 -74.35 2.24
N ALA H 88 -0.32 -73.65 1.12
CA ALA H 88 -1.42 -72.84 0.63
C ALA H 88 -2.36 -73.66 -0.24
N PHE H 89 -1.80 -74.42 -1.18
CA PHE H 89 -2.61 -75.02 -2.24
C PHE H 89 -2.55 -76.53 -2.37
N SER H 90 -2.40 -77.26 -1.28
CA SER H 90 -2.41 -78.71 -1.39
C SER H 90 -3.82 -79.18 -1.73
N HIS H 91 -3.94 -80.29 -2.45
CA HIS H 91 -5.25 -80.76 -2.85
C HIS H 91 -6.04 -81.15 -1.62
N ASN H 92 -5.33 -81.67 -0.63
CA ASN H 92 -5.93 -82.08 0.63
C ASN H 92 -5.62 -81.09 1.72
N THR H 93 -6.68 -80.54 2.33
CA THR H 93 -6.51 -79.53 3.36
C THR H 93 -6.62 -80.13 4.77
N ARG H 94 -5.73 -79.71 5.65
CA ARG H 94 -5.72 -80.20 7.02
C ARG H 94 -6.76 -79.48 7.86
N GLY H 95 -7.90 -80.12 8.07
CA GLY H 95 -8.90 -79.65 9.03
C GLY H 95 -9.74 -78.45 8.62
N ASN H 96 -10.97 -78.71 8.18
CA ASN H 96 -11.96 -77.67 7.88
C ASN H 96 -11.59 -76.78 6.69
N GLY H 97 -10.41 -77.02 6.12
CA GLY H 97 -9.87 -76.16 5.10
C GLY H 97 -9.19 -74.96 5.75
N PHE H 98 -8.20 -75.22 6.59
CA PHE H 98 -7.52 -74.16 7.32
C PHE H 98 -6.10 -74.01 6.82
N ILE H 99 -5.48 -75.12 6.48
CA ILE H 99 -4.18 -75.11 5.85
C ILE H 99 -3.97 -76.41 5.09
N GLY H 100 -2.88 -76.51 4.33
CA GLY H 100 -2.63 -77.68 3.52
C GLY H 100 -1.61 -78.62 4.12
N THR H 101 -1.70 -79.90 3.74
CA THR H 101 -0.71 -80.87 4.13
C THR H 101 0.63 -80.52 3.50
N LEU H 102 1.68 -81.25 3.86
CA LEU H 102 2.99 -81.03 3.27
C LEU H 102 3.21 -82.01 2.12
N GLU H 103 2.13 -82.39 1.46
CA GLU H 103 2.20 -83.35 0.37
C GLU H 103 3.02 -82.81 -0.78
N PHE H 104 3.06 -81.49 -0.92
CA PHE H 104 3.85 -80.86 -1.96
C PHE H 104 5.14 -80.26 -1.41
N PHE H 105 5.65 -80.82 -0.31
CA PHE H 105 6.88 -80.32 0.28
C PHE H 105 8.05 -80.55 -0.66
N GLY H 106 8.94 -79.57 -0.77
CA GLY H 106 10.08 -79.65 -1.67
C GLY H 106 9.63 -79.82 -3.10
N PHE H 107 8.42 -79.36 -3.36
CA PHE H 107 7.76 -79.52 -4.66
C PHE H 107 7.71 -80.99 -5.07
N ARG H 108 7.48 -81.87 -4.11
CA ARG H 108 7.26 -83.26 -4.43
C ARG H 108 5.90 -83.41 -5.10
N ASN H 109 5.84 -84.19 -6.17
CA ASN H 109 4.59 -84.57 -6.84
C ASN H 109 3.76 -83.44 -7.47
N VAL H 110 4.35 -82.27 -7.64
CA VAL H 110 3.60 -81.16 -8.22
C VAL H 110 3.90 -80.93 -9.70
N LEU H 111 3.01 -81.44 -10.55
CA LEU H 111 2.92 -81.02 -11.94
C LEU H 111 1.56 -81.37 -12.53
N GLY H 112 1.52 -81.65 -13.83
CA GLY H 112 0.30 -81.98 -14.56
C GLY H 112 -0.86 -82.62 -13.81
N ALA H 113 -1.53 -81.82 -13.00
CA ALA H 113 -2.75 -82.26 -12.34
C ALA H 113 -3.61 -81.04 -12.14
N PRO H 114 -4.92 -81.18 -12.40
CA PRO H 114 -5.85 -80.07 -12.28
C PRO H 114 -5.72 -79.40 -10.92
N SER H 115 -5.15 -78.20 -10.88
CA SER H 115 -4.93 -77.56 -9.60
C SER H 115 -6.23 -77.08 -8.96
N SER H 116 -6.12 -76.05 -8.12
CA SER H 116 -7.28 -75.55 -7.42
C SER H 116 -8.10 -74.66 -8.34
N VAL H 117 -7.46 -74.25 -9.43
CA VAL H 117 -8.20 -73.79 -10.61
C VAL H 117 -7.96 -74.84 -11.70
N SER H 118 -9.00 -75.61 -11.99
CA SER H 118 -8.86 -76.85 -12.74
C SER H 118 -8.55 -76.67 -14.22
N SER H 119 -8.25 -75.44 -14.62
CA SER H 119 -7.91 -75.16 -15.99
C SER H 119 -6.42 -74.97 -16.14
N LEU H 120 -5.70 -75.09 -15.03
CA LEU H 120 -4.25 -74.94 -14.98
C LEU H 120 -3.62 -76.16 -14.30
N PRO H 121 -2.47 -76.64 -14.81
CA PRO H 121 -1.78 -77.73 -14.12
C PRO H 121 -1.09 -77.27 -12.84
N ASP H 122 -0.85 -78.18 -11.91
CA ASP H 122 -0.26 -77.83 -10.62
C ASP H 122 1.04 -77.04 -10.76
N ILE H 123 1.86 -77.38 -11.75
CA ILE H 123 3.19 -76.78 -11.86
C ILE H 123 3.13 -75.35 -12.39
N LEU H 124 2.13 -75.06 -13.21
CA LEU H 124 1.98 -73.71 -13.72
C LEU H 124 1.25 -72.84 -12.71
N PHE H 125 0.22 -73.40 -12.10
CA PHE H 125 -0.54 -72.72 -11.08
C PHE H 125 0.38 -72.34 -9.92
N ALA H 126 1.37 -73.19 -9.66
CA ALA H 126 2.35 -72.96 -8.63
C ALA H 126 3.31 -71.86 -9.02
N VAL H 127 3.69 -71.83 -10.30
CA VAL H 127 4.58 -70.79 -10.79
C VAL H 127 3.89 -69.43 -10.74
N TYR H 128 2.62 -69.40 -11.11
CA TYR H 128 1.84 -68.16 -11.12
C TYR H 128 1.57 -67.65 -9.72
N GLN H 129 1.06 -68.53 -8.87
CA GLN H 129 0.70 -68.15 -7.52
C GLN H 129 1.92 -67.75 -6.71
N GLY H 130 3.05 -68.38 -7.03
CA GLY H 130 4.30 -68.09 -6.36
C GLY H 130 4.65 -66.62 -6.47
N MET H 131 4.24 -65.98 -7.56
CA MET H 131 4.56 -64.58 -7.76
C MET H 131 3.72 -63.70 -6.86
N PHE H 132 2.59 -64.24 -6.41
CA PHE H 132 1.71 -63.49 -5.53
C PHE H 132 2.34 -63.51 -4.16
N ALA H 133 3.00 -64.62 -3.85
CA ALA H 133 3.76 -64.71 -2.63
C ALA H 133 4.86 -63.65 -2.66
N ALA H 134 5.57 -63.57 -3.77
CA ALA H 134 6.69 -62.65 -3.89
C ALA H 134 6.26 -61.18 -3.94
N VAL H 135 5.08 -60.89 -4.46
CA VAL H 135 4.60 -59.51 -4.49
C VAL H 135 4.20 -59.07 -3.08
N THR H 136 3.61 -59.98 -2.32
CA THR H 136 3.24 -59.72 -0.94
C THR H 136 4.48 -59.44 -0.11
N GLY H 137 5.38 -60.43 -0.05
CA GLY H 137 6.62 -60.33 0.70
C GLY H 137 7.36 -59.03 0.50
N ALA H 138 7.37 -58.54 -0.72
CA ALA H 138 8.04 -57.27 -1.01
C ALA H 138 7.24 -56.08 -0.47
N LEU H 139 5.95 -56.29 -0.19
CA LEU H 139 5.13 -55.22 0.36
C LEU H 139 5.38 -55.12 1.85
N MET H 140 5.73 -56.26 2.45
CA MET H 140 6.03 -56.32 3.87
C MET H 140 7.35 -55.60 4.16
N LEU H 141 8.26 -55.61 3.19
CA LEU H 141 9.47 -54.83 3.25
C LEU H 141 9.19 -53.35 3.47
N GLY H 142 8.51 -52.74 2.50
CA GLY H 142 8.25 -51.31 2.50
C GLY H 142 7.74 -50.72 3.79
N GLY H 143 6.98 -51.53 4.52
CA GLY H 143 6.49 -51.10 5.81
C GLY H 143 7.56 -51.30 6.85
N ALA H 144 8.31 -52.38 6.71
CA ALA H 144 9.23 -52.82 7.75
C ALA H 144 10.71 -52.77 7.34
N CYS H 145 11.20 -51.60 6.95
CA CYS H 145 12.56 -51.53 6.42
C CYS H 145 13.50 -50.52 7.09
N GLU H 146 12.99 -49.43 7.65
CA GLU H 146 13.90 -48.42 8.17
C GLU H 146 14.71 -48.97 9.33
N ARG H 147 16.01 -48.68 9.30
CA ARG H 147 16.96 -49.16 10.31
C ARG H 147 16.82 -50.66 10.55
N ALA H 148 16.42 -51.38 9.52
CA ALA H 148 16.26 -52.82 9.65
C ALA H 148 17.52 -53.52 9.17
N ARG H 149 17.79 -54.68 9.75
CA ARG H 149 19.01 -55.41 9.46
C ARG H 149 18.76 -56.45 8.38
N LEU H 150 19.74 -56.69 7.53
CA LEU H 150 19.53 -57.49 6.32
C LEU H 150 19.24 -58.96 6.59
N PHE H 151 20.07 -59.65 7.35
CA PHE H 151 19.78 -61.06 7.61
C PHE H 151 18.50 -61.32 8.42
N PRO H 152 18.18 -60.46 9.41
CA PRO H 152 16.92 -60.70 10.13
C PRO H 152 15.69 -60.54 9.25
N MET H 153 15.76 -59.62 8.30
CA MET H 153 14.68 -59.39 7.36
C MET H 153 14.34 -60.67 6.62
N MET H 154 15.37 -61.38 6.16
CA MET H 154 15.19 -62.62 5.43
C MET H 154 14.42 -63.67 6.24
N VAL H 155 14.78 -63.83 7.51
CA VAL H 155 14.10 -64.81 8.35
C VAL H 155 12.68 -64.36 8.66
N PHE H 156 12.48 -63.04 8.74
CA PHE H 156 11.15 -62.50 9.01
C PHE H 156 10.23 -62.80 7.85
N LEU H 157 10.74 -62.59 6.64
CA LEU H 157 9.97 -62.86 5.43
C LEU H 157 9.58 -64.32 5.38
N PHE H 158 10.58 -65.19 5.39
CA PHE H 158 10.35 -66.64 5.33
C PHE H 158 9.25 -67.06 6.28
N LEU H 159 9.30 -66.53 7.50
CA LEU H 159 8.34 -66.90 8.52
C LEU H 159 6.98 -66.30 8.20
N TRP H 160 6.95 -64.98 8.02
CA TRP H 160 5.71 -64.28 7.73
C TRP H 160 5.02 -64.90 6.53
N MET H 161 5.78 -65.19 5.48
CA MET H 161 5.22 -65.83 4.29
C MET H 161 4.66 -67.21 4.58
N THR H 162 5.09 -67.83 5.68
CA THR H 162 4.68 -69.20 5.99
C THR H 162 3.51 -69.29 6.94
N ILE H 163 3.57 -68.53 8.04
CA ILE H 163 2.56 -68.67 9.08
C ILE H 163 1.46 -67.62 8.96
N VAL H 164 1.67 -66.62 8.12
CA VAL H 164 0.67 -65.58 7.91
C VAL H 164 0.01 -65.68 6.54
N TYR H 165 0.81 -65.52 5.50
CA TYR H 165 0.32 -65.51 4.12
C TYR H 165 -0.29 -66.83 3.71
N CYS H 166 0.53 -67.88 3.66
CA CYS H 166 0.07 -69.18 3.18
C CYS H 166 -1.21 -69.71 3.81
N PRO H 167 -1.48 -69.40 5.10
CA PRO H 167 -2.80 -69.84 5.55
C PRO H 167 -3.93 -68.97 5.03
N ILE H 168 -3.80 -67.64 5.10
CA ILE H 168 -4.83 -66.76 4.58
C ILE H 168 -5.10 -67.03 3.11
N ALA H 169 -4.09 -67.53 2.40
CA ALA H 169 -4.25 -67.91 1.01
C ALA H 169 -4.95 -69.24 0.89
N CYS H 170 -4.70 -70.17 1.80
CA CYS H 170 -5.37 -71.46 1.72
C CYS H 170 -6.86 -71.30 1.94
N TRP H 171 -7.21 -70.29 2.73
CA TRP H 171 -8.61 -70.03 3.07
C TRP H 171 -9.41 -69.53 1.87
N VAL H 172 -8.76 -68.67 1.09
CA VAL H 172 -9.43 -67.84 0.12
C VAL H 172 -9.40 -68.42 -1.28
N TRP H 173 -8.31 -69.11 -1.61
CA TRP H 173 -8.08 -69.54 -2.98
C TRP H 173 -8.17 -71.04 -3.18
N ASN H 174 -7.78 -71.83 -2.19
CA ASN H 174 -7.82 -73.27 -2.33
C ASN H 174 -9.25 -73.73 -2.59
N ALA H 175 -9.41 -74.72 -3.45
CA ALA H 175 -10.73 -75.25 -3.76
C ALA H 175 -11.41 -75.82 -2.53
N GLU H 176 -10.61 -76.10 -1.50
CA GLU H 176 -11.09 -76.71 -0.26
C GLU H 176 -10.95 -75.80 0.95
N GLY H 177 -10.65 -74.53 0.72
CA GLY H 177 -10.50 -73.57 1.80
C GLY H 177 -11.84 -73.21 2.39
N TRP H 178 -11.85 -72.70 3.62
CA TRP H 178 -13.11 -72.51 4.34
C TRP H 178 -13.86 -71.26 3.91
N LEU H 179 -13.14 -70.26 3.41
CA LEU H 179 -13.81 -69.05 2.94
C LEU H 179 -14.53 -69.28 1.61
N VAL H 180 -13.94 -70.13 0.76
CA VAL H 180 -14.57 -70.44 -0.53
C VAL H 180 -15.86 -71.18 -0.29
N LYS H 181 -15.79 -72.18 0.58
CA LYS H 181 -16.96 -72.94 1.01
C LYS H 181 -18.01 -72.03 1.62
N LEU H 182 -17.57 -70.88 2.14
CA LEU H 182 -18.49 -69.92 2.77
C LEU H 182 -19.15 -68.99 1.74
N GLY H 183 -18.34 -68.30 0.94
CA GLY H 183 -18.89 -67.43 -0.09
C GLY H 183 -18.15 -66.13 -0.30
N SER H 184 -16.93 -66.06 0.23
CA SER H 184 -16.10 -64.87 0.10
C SER H 184 -15.50 -64.76 -1.29
N LEU H 185 -15.76 -63.65 -1.95
CA LEU H 185 -15.24 -63.42 -3.28
C LEU H 185 -13.96 -62.62 -3.23
N ASP H 186 -12.88 -63.17 -3.75
CA ASP H 186 -11.67 -62.41 -3.89
C ASP H 186 -10.95 -62.81 -5.16
N TYR H 187 -10.97 -61.91 -6.13
CA TYR H 187 -10.46 -62.18 -7.47
C TYR H 187 -8.95 -62.37 -7.48
N ALA H 188 -8.22 -61.30 -7.21
CA ALA H 188 -6.77 -61.33 -7.35
C ALA H 188 -6.02 -60.98 -6.07
N GLY H 189 -6.71 -60.96 -4.94
CA GLY H 189 -6.05 -60.85 -3.66
C GLY H 189 -6.18 -59.55 -2.90
N GLY H 190 -7.41 -59.08 -2.72
CA GLY H 190 -7.66 -57.93 -1.89
C GLY H 190 -7.42 -58.35 -0.46
N LEU H 191 -7.63 -59.64 -0.21
CA LEU H 191 -7.39 -60.23 1.10
C LEU H 191 -5.97 -60.76 1.23
N CYS H 192 -5.51 -61.52 0.24
CA CYS H 192 -4.29 -62.30 0.39
C CYS H 192 -3.00 -61.55 0.08
N VAL H 193 -3.09 -60.43 -0.63
CA VAL H 193 -1.88 -59.68 -0.92
C VAL H 193 -1.90 -58.28 -0.30
N HIS H 194 -3.05 -57.62 -0.34
CA HIS H 194 -3.11 -56.22 0.08
C HIS H 194 -3.48 -55.99 1.55
N LEU H 195 -4.45 -56.75 2.05
CA LEU H 195 -4.87 -56.61 3.44
C LEU H 195 -3.81 -57.15 4.39
N THR H 196 -3.14 -58.23 4.01
CA THR H 196 -2.18 -58.85 4.91
C THR H 196 -0.91 -58.01 5.07
N SER H 197 -0.34 -57.57 3.96
CA SER H 197 0.92 -56.83 4.04
C SER H 197 0.70 -55.39 4.46
N GLY H 198 -0.48 -54.86 4.17
CA GLY H 198 -0.81 -53.50 4.57
C GLY H 198 -1.02 -53.39 6.06
N HIS H 199 -1.44 -54.48 6.68
CA HIS H 199 -1.70 -54.47 8.10
C HIS H 199 -0.48 -54.93 8.88
N GLY H 200 0.40 -55.65 8.21
CA GLY H 200 1.69 -55.99 8.80
C GLY H 200 2.51 -54.73 8.93
N GLY H 201 2.28 -53.79 8.02
CA GLY H 201 2.95 -52.50 8.06
C GLY H 201 2.52 -51.71 9.29
N LEU H 202 1.22 -51.56 9.47
CA LEU H 202 0.65 -50.89 10.63
C LEU H 202 1.15 -51.51 11.92
N VAL H 203 1.12 -52.85 11.97
CA VAL H 203 1.65 -53.59 13.10
C VAL H 203 3.11 -53.18 13.38
N TYR H 204 3.91 -53.17 12.33
CA TYR H 204 5.31 -52.76 12.46
C TYR H 204 5.40 -51.34 13.03
N ALA H 205 4.52 -50.46 12.56
CA ALA H 205 4.58 -49.08 13.00
C ALA H 205 4.27 -48.94 14.48
N LEU H 206 3.30 -49.71 14.95
CA LEU H 206 2.90 -49.65 16.35
C LEU H 206 3.99 -50.24 17.24
N ILE H 207 4.46 -51.42 16.89
CA ILE H 207 5.49 -52.09 17.67
C ILE H 207 6.86 -51.44 17.45
N LEU H 208 7.49 -51.72 16.32
CA LEU H 208 8.79 -51.12 16.03
C LEU H 208 8.61 -49.77 15.35
N GLY H 209 9.65 -49.28 14.70
CA GLY H 209 9.56 -47.98 14.06
C GLY H 209 9.53 -46.88 15.08
N LYS H 210 10.04 -45.71 14.74
CA LYS H 210 10.12 -44.63 15.71
C LYS H 210 8.74 -44.19 16.19
N ARG H 211 8.49 -44.36 17.48
CA ARG H 211 7.32 -43.80 18.12
C ARG H 211 7.61 -42.31 18.30
N ASN H 212 6.59 -41.47 18.14
CA ASN H 212 6.79 -40.02 18.06
C ASN H 212 7.86 -39.68 17.03
N ASP H 213 7.64 -40.15 15.80
CA ASP H 213 8.53 -39.88 14.67
C ASP H 213 8.38 -38.42 14.22
N PRO H 214 9.51 -37.70 14.10
CA PRO H 214 9.52 -36.26 13.80
C PRO H 214 9.03 -35.88 12.40
N VAL H 215 8.85 -36.85 11.51
CA VAL H 215 8.40 -36.53 10.16
C VAL H 215 6.87 -36.47 10.12
N THR H 216 6.26 -36.21 11.27
CA THR H 216 4.80 -36.16 11.37
C THR H 216 4.28 -34.99 12.18
N ARG H 217 5.16 -34.06 12.57
CA ARG H 217 4.73 -32.91 13.37
C ARG H 217 3.94 -31.91 12.55
N LYS H 218 3.07 -31.16 13.23
CA LYS H 218 2.23 -30.16 12.58
C LYS H 218 3.06 -29.09 11.88
N GLY H 219 2.76 -28.87 10.59
CA GLY H 219 3.47 -27.88 9.82
C GLY H 219 4.42 -28.50 8.82
N MET H 220 4.76 -29.78 9.05
CA MET H 220 5.60 -30.53 8.12
C MET H 220 4.77 -30.93 6.89
N PRO H 221 5.39 -30.89 5.70
CA PRO H 221 4.64 -31.20 4.48
C PRO H 221 4.14 -32.64 4.45
N LYS H 222 2.88 -32.84 4.04
CA LYS H 222 2.32 -34.18 3.95
C LYS H 222 3.15 -35.02 2.98
N TYR H 223 3.63 -34.38 1.92
CA TYR H 223 4.45 -35.07 0.94
C TYR H 223 5.87 -34.55 0.92
N LYS H 224 6.81 -35.46 1.17
CA LYS H 224 8.24 -35.16 1.12
C LYS H 224 8.96 -36.28 0.37
N PRO H 225 8.67 -36.42 -0.95
CA PRO H 225 9.15 -37.54 -1.74
C PRO H 225 10.67 -37.66 -1.80
N HIS H 226 11.20 -38.80 -1.39
CA HIS H 226 12.63 -39.08 -1.48
C HIS H 226 13.13 -39.01 -2.91
N SER H 227 12.25 -39.41 -3.82
CA SER H 227 12.57 -39.46 -5.25
C SER H 227 11.30 -39.60 -6.06
N VAL H 228 10.90 -38.54 -6.74
CA VAL H 228 9.70 -38.57 -7.57
C VAL H 228 9.87 -39.59 -8.68
N THR H 229 11.08 -39.65 -9.23
CA THR H 229 11.41 -40.56 -10.33
C THR H 229 11.30 -42.03 -9.95
N SER H 230 11.62 -42.40 -8.73
CA SER H 230 11.45 -43.80 -8.34
C SER H 230 9.97 -44.14 -8.14
N VAL H 231 9.19 -43.16 -7.68
CA VAL H 231 7.76 -43.35 -7.51
C VAL H 231 7.11 -43.59 -8.87
N VAL H 232 7.55 -42.84 -9.88
CA VAL H 232 6.98 -42.97 -11.20
C VAL H 232 7.37 -44.25 -11.92
N LEU H 233 8.65 -44.64 -11.84
CA LEU H 233 9.08 -45.87 -12.49
C LEU H 233 8.45 -47.09 -11.82
N GLY H 234 8.20 -46.99 -10.53
CA GLY H 234 7.55 -48.07 -9.80
C GLY H 234 6.11 -48.23 -10.21
N THR H 235 5.46 -47.12 -10.55
CA THR H 235 4.11 -47.16 -11.05
C THR H 235 4.11 -47.84 -12.41
N VAL H 236 5.10 -47.52 -13.23
CA VAL H 236 5.22 -48.07 -14.57
C VAL H 236 5.39 -49.58 -14.53
N PHE H 237 6.11 -50.09 -13.55
CA PHE H 237 6.24 -51.53 -13.42
C PHE H 237 5.03 -52.15 -12.75
N LEU H 238 4.41 -51.41 -11.84
CA LEU H 238 3.28 -51.93 -11.08
C LEU H 238 2.01 -51.94 -11.92
N TRP H 239 1.77 -50.87 -12.67
CA TRP H 239 0.60 -50.82 -13.51
C TRP H 239 0.73 -51.82 -14.65
N PHE H 240 1.96 -52.12 -15.04
CA PHE H 240 2.22 -52.84 -16.27
C PHE H 240 1.63 -54.25 -16.45
N GLY H 241 1.72 -55.18 -15.51
CA GLY H 241 2.05 -54.98 -14.12
C GLY H 241 0.85 -55.59 -13.45
N TRP H 242 -0.05 -54.73 -13.00
CA TRP H 242 -1.30 -55.18 -12.40
C TRP H 242 -2.17 -55.89 -13.43
N MET H 243 -1.96 -55.60 -14.72
CA MET H 243 -2.79 -56.15 -15.78
C MET H 243 -2.62 -57.67 -15.90
N PHE H 244 -1.43 -58.18 -15.61
CA PHE H 244 -1.22 -59.62 -15.60
C PHE H 244 -1.61 -60.19 -14.24
N PHE H 245 -1.53 -59.34 -13.22
CA PHE H 245 -1.91 -59.68 -11.86
C PHE H 245 -3.42 -59.91 -11.75
N ASN H 246 -4.19 -58.94 -12.24
CA ASN H 246 -5.64 -59.04 -12.32
C ASN H 246 -6.10 -59.95 -13.44
N GLY H 247 -5.49 -59.80 -14.61
CA GLY H 247 -5.86 -60.58 -15.77
C GLY H 247 -5.74 -62.09 -15.63
N GLY H 248 -4.58 -62.59 -15.21
CA GLY H 248 -4.36 -64.01 -15.12
C GLY H 248 -5.11 -64.70 -14.00
N SER H 249 -5.81 -63.92 -13.19
CA SER H 249 -6.53 -64.45 -12.04
C SER H 249 -7.80 -65.15 -12.46
N ALA H 250 -8.20 -64.92 -13.70
CA ALA H 250 -9.30 -65.66 -14.27
C ALA H 250 -8.87 -67.12 -14.39
N GLY H 251 -7.59 -67.32 -14.67
CA GLY H 251 -7.05 -68.66 -14.80
C GLY H 251 -7.32 -69.22 -16.18
N ASN H 252 -7.62 -68.33 -17.10
CA ASN H 252 -7.93 -68.69 -18.47
C ASN H 252 -7.92 -67.46 -19.35
N ALA H 253 -8.06 -67.63 -20.65
CA ALA H 253 -8.02 -66.49 -21.54
C ALA H 253 -9.41 -66.09 -22.10
N THR H 254 -10.46 -66.34 -21.33
CA THR H 254 -11.83 -66.05 -21.76
C THR H 254 -12.15 -64.56 -21.61
N ILE H 255 -13.32 -64.11 -22.05
CA ILE H 255 -13.73 -62.72 -21.89
C ILE H 255 -13.55 -62.14 -20.48
N ARG H 256 -13.59 -63.00 -19.46
CA ARG H 256 -13.57 -62.53 -18.08
C ARG H 256 -12.25 -61.88 -17.78
N ALA H 257 -11.20 -62.38 -18.41
CA ALA H 257 -9.86 -61.88 -18.18
C ALA H 257 -9.72 -60.46 -18.72
N TRP H 258 -10.26 -60.19 -19.89
CA TRP H 258 -10.06 -58.89 -20.53
C TRP H 258 -11.02 -57.86 -20.03
N TYR H 259 -12.16 -58.33 -19.54
CA TYR H 259 -13.12 -57.51 -18.87
C TYR H 259 -12.49 -57.02 -17.58
N SER H 260 -11.73 -57.90 -16.95
CA SER H 260 -11.12 -57.58 -15.67
C SER H 260 -9.94 -56.64 -15.84
N ILE H 261 -9.34 -56.64 -17.02
CA ILE H 261 -8.23 -55.72 -17.30
C ILE H 261 -8.80 -54.34 -17.63
N MET H 262 -9.98 -54.28 -18.25
CA MET H 262 -10.55 -52.99 -18.55
C MET H 262 -11.03 -52.34 -17.26
N SER H 263 -11.53 -53.15 -16.32
CA SER H 263 -11.91 -52.68 -14.99
C SER H 263 -10.69 -52.21 -14.24
N THR H 264 -9.60 -52.97 -14.35
CA THR H 264 -8.33 -52.64 -13.71
C THR H 264 -7.79 -51.27 -14.13
N ASN H 265 -7.57 -51.07 -15.42
CA ASN H 265 -7.04 -49.80 -15.91
C ASN H 265 -7.98 -48.63 -15.77
N LEU H 266 -9.27 -48.88 -15.57
CA LEU H 266 -10.20 -47.77 -15.41
C LEU H 266 -10.18 -47.32 -13.98
N ALA H 267 -10.12 -48.28 -13.08
CA ALA H 267 -10.03 -47.99 -11.67
C ALA H 267 -8.70 -47.31 -11.40
N ALA H 268 -7.66 -47.79 -12.06
CA ALA H 268 -6.35 -47.18 -11.93
C ALA H 268 -6.39 -45.72 -12.35
N ALA H 269 -6.97 -45.45 -13.51
CA ALA H 269 -7.05 -44.09 -14.00
C ALA H 269 -7.89 -43.26 -13.06
N CYS H 270 -9.01 -43.81 -12.62
CA CYS H 270 -9.95 -43.07 -11.79
C CYS H 270 -9.44 -42.92 -10.35
N GLY H 271 -8.96 -44.00 -9.76
CA GLY H 271 -8.33 -43.91 -8.46
C GLY H 271 -7.16 -42.95 -8.53
N GLY H 272 -6.49 -42.92 -9.67
CA GLY H 272 -5.35 -42.04 -9.86
C GLY H 272 -5.80 -40.61 -9.91
N LEU H 273 -6.66 -40.29 -10.86
CA LEU H 273 -7.18 -38.94 -11.01
C LEU H 273 -7.90 -38.44 -9.77
N THR H 274 -8.40 -39.35 -8.93
CA THR H 274 -9.07 -38.95 -7.71
C THR H 274 -8.07 -38.37 -6.72
N TRP H 275 -7.05 -39.15 -6.38
CA TRP H 275 -6.02 -38.72 -5.46
C TRP H 275 -5.31 -37.47 -5.96
N MET H 276 -5.01 -37.41 -7.25
CA MET H 276 -4.30 -36.28 -7.84
C MET H 276 -5.06 -34.97 -7.69
N VAL H 277 -6.38 -35.05 -7.58
CA VAL H 277 -7.22 -33.84 -7.51
C VAL H 277 -7.56 -33.48 -6.06
N ILE H 278 -7.56 -34.46 -5.18
CA ILE H 278 -7.73 -34.19 -3.75
C ILE H 278 -6.55 -33.37 -3.23
N ASP H 279 -5.34 -33.84 -3.54
CA ASP H 279 -4.12 -33.15 -3.15
C ASP H 279 -4.07 -31.70 -3.59
N TYR H 280 -4.57 -31.44 -4.80
CA TYR H 280 -4.54 -30.10 -5.37
C TYR H 280 -5.18 -29.09 -4.45
N PHE H 281 -6.25 -29.50 -3.77
CA PHE H 281 -6.97 -28.57 -2.92
C PHE H 281 -6.47 -28.60 -1.48
N ARG H 282 -5.99 -29.75 -1.04
CA ARG H 282 -5.40 -29.87 0.29
C ARG H 282 -3.98 -29.29 0.35
N CYS H 283 -3.52 -28.69 -0.74
CA CYS H 283 -2.16 -28.14 -0.78
C CYS H 283 -2.10 -26.76 -1.43
N GLY H 284 -3.19 -26.02 -1.32
CA GLY H 284 -3.20 -24.62 -1.74
C GLY H 284 -3.08 -24.45 -3.24
N ARG H 285 -3.86 -25.24 -3.96
CA ARG H 285 -3.90 -25.16 -5.41
C ARG H 285 -2.52 -25.39 -6.03
N LYS H 286 -1.88 -26.48 -5.60
CA LYS H 286 -0.60 -26.91 -6.15
C LYS H 286 -0.64 -28.42 -6.45
N TRP H 287 -0.13 -28.81 -7.62
CA TRP H 287 -0.17 -30.21 -8.06
C TRP H 287 0.93 -31.06 -7.43
N THR H 288 0.55 -32.07 -6.67
CA THR H 288 1.53 -32.91 -5.99
C THR H 288 2.20 -33.91 -6.92
N THR H 289 3.49 -34.14 -6.72
CA THR H 289 4.25 -35.04 -7.59
C THR H 289 3.89 -36.50 -7.35
N VAL H 290 3.77 -36.90 -6.10
CA VAL H 290 3.39 -38.26 -5.77
C VAL H 290 1.88 -38.45 -5.72
N GLY H 291 1.15 -37.42 -6.14
CA GLY H 291 -0.30 -37.44 -6.08
C GLY H 291 -0.90 -38.50 -6.96
N LEU H 292 -0.76 -38.32 -8.27
CA LEU H 292 -1.30 -39.24 -9.26
C LEU H 292 -0.83 -40.68 -9.08
N CYS H 293 0.45 -40.89 -8.90
CA CYS H 293 0.98 -42.24 -8.84
C CYS H 293 0.47 -43.02 -7.63
N SER H 294 0.15 -42.31 -6.55
CA SER H 294 -0.35 -42.97 -5.36
C SER H 294 -1.81 -43.38 -5.57
N GLY H 295 -2.53 -42.60 -6.35
CA GLY H 295 -3.92 -42.87 -6.63
C GLY H 295 -4.07 -44.02 -7.59
N ILE H 296 -3.19 -44.07 -8.59
CA ILE H 296 -3.12 -45.18 -9.54
C ILE H 296 -2.93 -46.49 -8.80
N ILE H 297 -1.95 -46.53 -7.90
CA ILE H 297 -1.67 -47.74 -7.12
C ILE H 297 -2.81 -48.02 -6.15
N ALA H 298 -3.49 -46.96 -5.72
CA ALA H 298 -4.62 -47.12 -4.80
C ALA H 298 -5.77 -47.84 -5.49
N GLY H 299 -6.22 -47.26 -6.60
CA GLY H 299 -7.29 -47.84 -7.38
C GLY H 299 -6.98 -49.23 -7.90
N LEU H 300 -5.70 -49.49 -8.19
CA LEU H 300 -5.32 -50.82 -8.62
C LEU H 300 -5.51 -51.81 -7.49
N VAL H 301 -5.27 -51.36 -6.26
CA VAL H 301 -5.51 -52.19 -5.09
C VAL H 301 -6.99 -52.37 -4.85
N GLY H 302 -7.73 -51.28 -5.00
CA GLY H 302 -9.16 -51.29 -4.74
C GLY H 302 -9.91 -52.25 -5.63
N ILE H 303 -9.46 -52.34 -6.88
CA ILE H 303 -10.17 -53.11 -7.91
C ILE H 303 -9.63 -54.52 -8.02
N THR H 304 -8.57 -54.79 -7.25
CA THR H 304 -7.95 -56.11 -7.22
C THR H 304 -8.88 -57.21 -6.76
N PRO H 305 -9.76 -56.95 -5.77
CA PRO H 305 -10.65 -58.06 -5.46
C PRO H 305 -11.93 -58.09 -6.33
N ALA H 306 -12.17 -56.99 -7.03
CA ALA H 306 -13.44 -56.79 -7.70
C ALA H 306 -13.37 -57.05 -9.19
N ALA H 307 -12.18 -56.91 -9.77
CA ALA H 307 -11.97 -56.91 -11.21
C ALA H 307 -12.72 -58.00 -11.95
N GLY H 308 -12.73 -59.20 -11.40
CA GLY H 308 -13.30 -60.33 -12.10
C GLY H 308 -14.76 -60.53 -11.83
N PHE H 309 -15.37 -59.65 -11.02
CA PHE H 309 -16.77 -59.77 -10.61
C PHE H 309 -17.65 -58.57 -10.87
N VAL H 310 -17.10 -57.37 -10.97
CA VAL H 310 -17.94 -56.16 -10.99
C VAL H 310 -18.01 -55.51 -12.36
N PRO H 311 -19.13 -54.84 -12.66
CA PRO H 311 -19.28 -54.13 -13.94
C PRO H 311 -18.16 -53.11 -14.17
N ILE H 312 -17.90 -52.75 -15.42
CA ILE H 312 -16.86 -51.80 -15.74
C ILE H 312 -17.15 -50.48 -15.08
N TRP H 313 -18.43 -50.10 -15.05
CA TRP H 313 -18.79 -48.77 -14.57
C TRP H 313 -18.51 -48.65 -13.09
N SER H 314 -18.60 -49.75 -12.36
CA SER H 314 -18.37 -49.72 -10.93
C SER H 314 -16.89 -49.69 -10.60
N ALA H 315 -16.05 -49.79 -11.63
CA ALA H 315 -14.62 -49.65 -11.43
C ALA H 315 -14.30 -48.17 -11.28
N VAL H 316 -15.22 -47.33 -11.76
CA VAL H 316 -15.09 -45.90 -11.58
C VAL H 316 -15.41 -45.58 -10.13
N VAL H 317 -16.39 -46.29 -9.58
CA VAL H 317 -16.76 -46.13 -8.18
C VAL H 317 -15.65 -46.70 -7.27
N ILE H 318 -15.32 -47.98 -7.43
CA ILE H 318 -14.25 -48.59 -6.65
C ILE H 318 -12.94 -47.82 -6.83
N GLY H 319 -12.79 -47.16 -7.95
CA GLY H 319 -11.59 -46.39 -8.17
C GLY H 319 -11.58 -45.16 -7.31
N VAL H 320 -12.58 -44.30 -7.52
CA VAL H 320 -12.72 -43.05 -6.79
C VAL H 320 -12.77 -43.24 -5.27
N VAL H 321 -13.69 -44.06 -4.78
CA VAL H 321 -13.82 -44.37 -3.36
C VAL H 321 -12.54 -44.92 -2.73
N THR H 322 -11.88 -45.89 -3.36
CA THR H 322 -10.60 -46.40 -2.83
C THR H 322 -9.53 -45.35 -2.95
N GLY H 323 -9.68 -44.46 -3.92
CA GLY H 323 -8.76 -43.36 -4.08
C GLY H 323 -8.77 -42.46 -2.85
N ALA H 324 -9.93 -41.93 -2.53
CA ALA H 324 -10.10 -41.06 -1.36
C ALA H 324 -9.70 -41.76 -0.07
N GLY H 325 -10.30 -42.91 0.22
CA GLY H 325 -10.03 -43.62 1.46
C GLY H 325 -8.58 -43.90 1.79
N CYS H 326 -7.74 -44.06 0.77
CA CYS H 326 -6.33 -44.32 0.97
C CYS H 326 -5.57 -43.01 1.18
N ASN H 327 -6.13 -41.92 0.66
CA ASN H 327 -5.55 -40.60 0.83
C ASN H 327 -5.55 -40.20 2.30
N LEU H 328 -6.68 -40.42 2.96
CA LEU H 328 -6.80 -40.11 4.38
C LEU H 328 -5.91 -40.99 5.24
N ALA H 329 -5.91 -42.28 4.96
CA ALA H 329 -5.15 -43.24 5.76
C ALA H 329 -3.67 -42.87 5.87
N VAL H 330 -3.22 -41.98 5.00
CA VAL H 330 -1.87 -41.44 5.07
C VAL H 330 -1.77 -40.46 6.23
N ASP H 331 -2.86 -39.73 6.48
CA ASP H 331 -2.91 -38.79 7.59
C ASP H 331 -3.01 -39.49 8.93
N LEU H 332 -3.17 -40.81 8.91
CA LEU H 332 -3.17 -41.60 10.13
C LEU H 332 -1.75 -41.61 10.72
N LYS H 333 -0.81 -41.06 9.97
CA LYS H 333 0.56 -40.93 10.43
C LYS H 333 0.72 -39.71 11.32
N SER H 334 -0.15 -38.72 11.15
CA SER H 334 -0.08 -37.51 11.96
C SER H 334 -0.98 -37.58 13.19
N LEU H 335 -1.67 -38.71 13.38
CA LEU H 335 -2.47 -38.90 14.58
C LEU H 335 -1.84 -39.97 15.46
N LEU H 336 -1.08 -40.86 14.84
CA LEU H 336 -0.35 -41.90 15.57
C LEU H 336 1.07 -41.45 15.88
N ARG H 337 1.55 -40.48 15.10
CA ARG H 337 2.93 -40.03 15.15
C ARG H 337 3.91 -41.17 14.85
N ILE H 338 3.66 -41.88 13.76
CA ILE H 338 4.57 -42.91 13.26
C ILE H 338 4.59 -42.86 11.74
N ASP H 339 5.72 -43.18 11.12
CA ASP H 339 5.80 -43.18 9.66
C ASP H 339 6.10 -44.56 9.09
N ASP H 340 7.00 -45.30 9.72
CA ASP H 340 7.40 -46.60 9.21
C ASP H 340 6.60 -47.73 9.85
N GLY H 341 5.78 -48.43 9.05
CA GLY H 341 5.62 -48.13 7.64
C GLY H 341 4.14 -48.02 7.32
N LEU H 342 3.59 -46.85 7.60
CA LEU H 342 2.17 -46.64 7.40
C LEU H 342 1.88 -46.28 5.95
N ASP H 343 2.93 -46.15 5.15
CA ASP H 343 2.77 -45.99 3.71
C ASP H 343 2.17 -47.27 3.16
N CYS H 344 2.70 -48.41 3.58
CA CYS H 344 2.14 -49.71 3.19
C CYS H 344 0.78 -49.93 3.82
N TYR H 345 0.54 -49.34 4.99
CA TYR H 345 -0.77 -49.50 5.59
C TYR H 345 -1.79 -48.65 4.86
N SER H 346 -1.45 -47.39 4.65
CA SER H 346 -2.40 -46.42 4.16
C SER H 346 -2.96 -46.76 2.78
N ILE H 347 -2.29 -47.62 2.03
CA ILE H 347 -2.73 -47.93 0.69
C ILE H 347 -3.20 -49.37 0.51
N HIS H 348 -2.39 -50.34 0.91
CA HIS H 348 -2.73 -51.72 0.69
C HIS H 348 -3.63 -52.27 1.77
N GLY H 349 -3.39 -51.85 3.01
CA GLY H 349 -4.20 -52.31 4.12
C GLY H 349 -5.59 -51.71 4.14
N VAL H 350 -5.67 -50.40 3.93
CA VAL H 350 -6.94 -49.71 3.90
C VAL H 350 -7.64 -49.97 2.57
N GLY H 351 -6.89 -49.89 1.49
CA GLY H 351 -7.43 -50.17 0.16
C GLY H 351 -7.84 -51.61 -0.02
N GLY H 352 -7.20 -52.50 0.72
CA GLY H 352 -7.53 -53.90 0.68
C GLY H 352 -8.93 -54.15 1.21
N CYS H 353 -9.36 -53.31 2.15
CA CYS H 353 -10.67 -53.45 2.77
C CYS H 353 -11.76 -52.71 2.00
N ILE H 354 -11.47 -51.49 1.58
CA ILE H 354 -12.41 -50.73 0.77
C ILE H 354 -12.81 -51.54 -0.44
N GLY H 355 -11.82 -52.17 -1.07
CA GLY H 355 -12.06 -52.98 -2.25
C GLY H 355 -12.86 -54.23 -1.97
N SER H 356 -12.50 -54.95 -0.91
CA SER H 356 -13.19 -56.19 -0.57
C SER H 356 -14.62 -55.96 -0.10
N VAL H 357 -14.93 -54.75 0.37
CA VAL H 357 -16.31 -54.45 0.73
C VAL H 357 -17.05 -54.12 -0.55
N LEU H 358 -16.46 -53.26 -1.37
CA LEU H 358 -17.08 -52.84 -2.61
C LEU H 358 -17.29 -53.99 -3.59
N THR H 359 -16.50 -55.05 -3.46
CA THR H 359 -16.69 -56.25 -4.28
C THR H 359 -18.05 -56.87 -4.01
N GLY H 360 -18.41 -56.99 -2.74
CA GLY H 360 -19.66 -57.61 -2.35
C GLY H 360 -20.84 -56.76 -2.73
N ILE H 361 -20.58 -55.47 -2.87
CA ILE H 361 -21.62 -54.52 -3.26
C ILE H 361 -21.91 -54.57 -4.75
N PHE H 362 -20.87 -54.61 -5.58
CA PHE H 362 -21.09 -54.57 -7.02
C PHE H 362 -20.95 -55.90 -7.74
N ALA H 363 -20.61 -56.98 -7.02
CA ALA H 363 -20.43 -58.28 -7.65
C ALA H 363 -21.63 -58.66 -8.47
N ALA H 364 -21.43 -58.79 -9.78
CA ALA H 364 -22.52 -59.09 -10.69
C ALA H 364 -22.35 -60.46 -11.30
N ASP H 365 -23.39 -61.29 -11.24
CA ASP H 365 -23.32 -62.65 -11.73
C ASP H 365 -23.07 -62.75 -13.22
N TYR H 366 -23.32 -61.66 -13.94
CA TYR H 366 -23.22 -61.69 -15.40
C TYR H 366 -21.85 -61.26 -15.86
N VAL H 367 -21.02 -60.80 -14.92
CA VAL H 367 -19.66 -60.48 -15.25
C VAL H 367 -18.80 -61.69 -14.99
N ASN H 368 -19.01 -62.31 -13.84
CA ASN H 368 -18.38 -63.57 -13.49
C ASN H 368 -18.63 -64.64 -14.54
N ALA H 369 -19.76 -64.56 -15.23
CA ALA H 369 -20.19 -65.65 -16.10
C ALA H 369 -19.61 -65.51 -17.49
N THR H 370 -18.85 -64.45 -17.70
CA THR H 370 -18.27 -64.23 -19.01
C THR H 370 -17.13 -65.19 -19.24
N ALA H 371 -16.76 -65.94 -18.21
CA ALA H 371 -15.73 -66.96 -18.34
C ALA H 371 -16.31 -68.20 -18.98
N GLY H 372 -17.58 -68.14 -19.31
CA GLY H 372 -18.21 -69.16 -20.11
C GLY H 372 -18.22 -70.52 -19.45
N SER H 373 -17.57 -71.48 -20.09
CA SER H 373 -17.60 -72.85 -19.65
C SER H 373 -16.59 -73.09 -18.53
N TYR H 374 -16.06 -72.02 -17.99
CA TYR H 374 -15.06 -72.07 -16.93
C TYR H 374 -15.52 -71.44 -15.62
N ILE H 375 -16.83 -71.32 -15.41
CA ILE H 375 -17.26 -70.57 -14.24
C ILE H 375 -17.67 -71.38 -13.05
N SER H 376 -17.27 -70.86 -11.90
CA SER H 376 -17.96 -71.13 -10.66
C SER H 376 -19.02 -70.06 -10.57
N PRO H 377 -20.27 -70.40 -10.92
CA PRO H 377 -21.35 -69.42 -10.96
C PRO H 377 -21.59 -68.80 -9.62
N ILE H 378 -21.35 -67.49 -9.49
CA ILE H 378 -21.57 -66.78 -8.25
C ILE H 378 -22.98 -66.23 -8.21
N ASP H 379 -23.53 -66.10 -7.00
CA ASP H 379 -24.91 -65.66 -6.81
C ASP H 379 -25.05 -64.17 -7.11
N GLY H 380 -23.99 -63.42 -6.88
CA GLY H 380 -24.02 -62.00 -7.14
C GLY H 380 -23.89 -61.25 -5.85
N GLY H 381 -24.02 -59.93 -5.93
CA GLY H 381 -23.87 -59.10 -4.75
C GLY H 381 -25.03 -58.16 -4.57
N TRP H 382 -24.72 -56.90 -4.28
CA TRP H 382 -25.72 -55.94 -3.88
C TRP H 382 -26.48 -55.36 -5.07
N ILE H 383 -25.88 -55.42 -6.26
CA ILE H 383 -26.57 -54.93 -7.45
C ILE H 383 -27.39 -56.04 -8.10
N ASN H 384 -27.23 -57.25 -7.58
CA ASN H 384 -28.08 -58.38 -7.97
C ASN H 384 -29.01 -58.78 -6.85
N HIS H 385 -29.15 -57.89 -5.88
CA HIS H 385 -30.10 -58.04 -4.79
C HIS H 385 -29.84 -59.23 -3.89
N HIS H 386 -28.58 -59.63 -3.76
CA HIS H 386 -28.20 -60.63 -2.77
C HIS H 386 -27.37 -59.99 -1.68
N TYR H 387 -28.02 -59.59 -0.59
CA TYR H 387 -27.37 -58.80 0.44
C TYR H 387 -26.40 -59.63 1.27
N LYS H 388 -26.65 -60.92 1.36
CA LYS H 388 -25.84 -61.79 2.18
C LYS H 388 -24.37 -61.83 1.77
N GLN H 389 -24.01 -61.07 0.74
CA GLN H 389 -22.66 -61.17 0.16
C GLN H 389 -21.71 -60.18 0.80
N VAL H 390 -22.19 -58.99 1.15
CA VAL H 390 -21.36 -58.04 1.87
C VAL H 390 -20.97 -58.67 3.19
N GLY H 391 -21.88 -59.47 3.74
CA GLY H 391 -21.60 -60.22 4.93
C GLY H 391 -20.42 -61.12 4.75
N TYR H 392 -20.45 -61.92 3.68
CA TYR H 392 -19.40 -62.90 3.43
C TYR H 392 -18.04 -62.22 3.30
N GLN H 393 -18.05 -60.97 2.83
CA GLN H 393 -16.82 -60.21 2.64
C GLN H 393 -16.23 -59.79 3.97
N LEU H 394 -17.07 -59.21 4.82
CA LEU H 394 -16.68 -58.76 6.15
C LEU H 394 -16.18 -59.93 6.96
N ALA H 395 -16.78 -61.10 6.79
CA ALA H 395 -16.31 -62.30 7.44
C ALA H 395 -14.85 -62.55 7.07
N GLY H 396 -14.55 -62.52 5.78
CA GLY H 396 -13.19 -62.75 5.31
C GLY H 396 -12.24 -61.65 5.72
N ILE H 397 -12.71 -60.40 5.62
CA ILE H 397 -11.90 -59.27 5.99
C ILE H 397 -11.41 -59.40 7.41
N CYS H 398 -12.32 -59.76 8.32
CA CYS H 398 -11.98 -59.89 9.73
C CYS H 398 -11.04 -61.07 9.96
N ALA H 399 -11.39 -62.22 9.40
CA ALA H 399 -10.56 -63.41 9.54
C ALA H 399 -9.14 -63.16 9.08
N ALA H 400 -8.98 -62.46 7.96
CA ALA H 400 -7.66 -62.15 7.47
C ALA H 400 -7.01 -61.07 8.32
N LEU H 401 -7.83 -60.13 8.78
CA LEU H 401 -7.32 -59.01 9.57
C LEU H 401 -6.78 -59.49 10.91
N ALA H 402 -7.61 -60.19 11.67
CA ALA H 402 -7.23 -60.67 12.99
C ALA H 402 -5.98 -61.54 12.95
N TRP H 403 -5.87 -62.38 11.93
CA TRP H 403 -4.75 -63.31 11.82
C TRP H 403 -3.41 -62.62 11.61
N THR H 404 -3.39 -61.63 10.73
CA THR H 404 -2.17 -60.85 10.51
C THR H 404 -1.79 -60.11 11.78
N VAL H 405 -2.60 -59.14 12.17
CA VAL H 405 -2.35 -58.29 13.33
C VAL H 405 -1.97 -59.09 14.58
N THR H 406 -2.39 -60.35 14.63
CA THR H 406 -1.97 -61.24 15.70
C THR H 406 -0.62 -61.89 15.40
N VAL H 407 -0.60 -62.81 14.44
CA VAL H 407 0.61 -63.60 14.17
C VAL H 407 1.79 -62.72 13.72
N THR H 408 1.50 -61.64 13.02
CA THR H 408 2.56 -60.71 12.62
C THR H 408 3.19 -60.08 13.85
N SER H 409 2.37 -59.75 14.84
CA SER H 409 2.88 -59.10 16.05
C SER H 409 3.55 -60.11 16.98
N ILE H 410 3.04 -61.34 17.02
CA ILE H 410 3.66 -62.39 17.81
C ILE H 410 5.08 -62.67 17.34
N LEU H 411 5.25 -62.91 16.05
CA LEU H 411 6.57 -63.24 15.54
C LEU H 411 7.45 -62.00 15.44
N LEU H 412 6.85 -60.82 15.51
CA LEU H 412 7.64 -59.59 15.57
C LEU H 412 8.21 -59.40 16.96
N LEU H 413 7.46 -59.80 17.98
CA LEU H 413 7.91 -59.70 19.37
C LEU H 413 8.88 -60.84 19.70
N THR H 414 8.54 -62.04 19.28
CA THR H 414 9.39 -63.21 19.50
C THR H 414 10.78 -62.98 18.95
N MET H 415 10.86 -62.27 17.84
CA MET H 415 12.14 -62.00 17.21
C MET H 415 12.83 -60.83 17.89
N ASN H 416 12.05 -59.99 18.55
CA ASN H 416 12.61 -58.88 19.32
C ASN H 416 13.16 -59.40 20.65
N ALA H 417 12.85 -60.65 20.96
CA ALA H 417 13.27 -61.28 22.21
C ALA H 417 14.65 -61.92 22.09
N ILE H 418 14.99 -62.39 20.89
CA ILE H 418 16.30 -62.99 20.67
C ILE H 418 17.21 -61.96 20.00
N PRO H 419 18.35 -61.65 20.66
CA PRO H 419 19.29 -60.64 20.16
C PRO H 419 19.92 -60.98 18.81
N PHE H 420 19.91 -62.26 18.44
CA PHE H 420 20.55 -62.71 17.20
C PHE H 420 19.70 -62.38 15.98
N LEU H 421 18.43 -62.04 16.21
CA LEU H 421 17.46 -61.94 15.13
C LEU H 421 16.57 -60.69 15.11
N LYS H 422 16.74 -59.76 16.05
CA LYS H 422 15.84 -58.62 16.11
C LYS H 422 15.95 -57.73 14.87
N LEU H 423 14.81 -57.45 14.27
CA LEU H 423 14.74 -56.78 12.96
C LEU H 423 15.24 -55.34 12.99
N ARG H 424 14.87 -54.59 14.02
CA ARG H 424 15.26 -53.19 14.11
C ARG H 424 15.92 -52.88 15.44
N LEU H 425 17.21 -52.60 15.40
CA LEU H 425 17.94 -52.19 16.59
C LEU H 425 17.25 -50.99 17.21
N SER H 426 16.91 -51.10 18.50
CA SER H 426 16.40 -49.97 19.26
C SER H 426 17.38 -48.81 19.14
N ALA H 427 16.89 -47.59 19.32
CA ALA H 427 17.72 -46.41 19.15
C ALA H 427 18.99 -46.49 20.01
N ASP H 428 18.92 -47.26 21.10
CA ASP H 428 19.97 -47.28 22.12
C ASP H 428 21.17 -48.20 21.84
N GLU H 429 20.99 -49.21 20.99
CA GLU H 429 22.10 -50.11 20.68
C GLU H 429 22.68 -49.83 19.30
N GLU H 430 21.84 -49.25 18.45
CA GLU H 430 22.24 -48.85 17.11
C GLU H 430 23.31 -47.76 17.18
N GLU H 431 24.21 -47.74 16.21
CA GLU H 431 25.21 -46.67 16.16
C GLU H 431 24.76 -45.56 15.20
N ALA H 436 25.00 -43.00 5.51
CA ALA H 436 23.95 -42.34 4.74
C ALA H 436 24.53 -41.54 3.59
N ALA H 437 25.83 -41.24 3.66
CA ALA H 437 26.53 -40.60 2.56
C ALA H 437 26.73 -41.63 1.45
N GLN H 438 26.27 -42.85 1.71
CA GLN H 438 26.36 -43.93 0.76
C GLN H 438 25.00 -44.25 0.15
N ILE H 439 23.92 -43.74 0.75
CA ILE H 439 22.57 -43.99 0.26
C ILE H 439 22.16 -42.97 -0.80
N GLU H 441 19.87 -42.35 -4.19
CA GLU H 441 18.53 -42.02 -4.68
C GLU H 441 17.72 -43.26 -5.00
N PHE H 442 18.40 -44.30 -5.51
CA PHE H 442 17.72 -45.56 -5.82
C PHE H 442 18.27 -46.70 -4.98
N THR H 443 19.58 -46.75 -4.82
CA THR H 443 20.20 -47.75 -3.98
C THR H 443 21.28 -47.13 -3.12
N TYR H 444 22.52 -47.32 -3.54
CA TYR H 444 23.65 -46.79 -2.82
C TYR H 444 24.58 -46.07 -3.80
N GLU H 445 25.30 -45.06 -3.32
CA GLU H 445 26.15 -44.25 -4.19
C GLU H 445 27.25 -45.06 -4.85
N GLU H 446 28.00 -44.42 -5.74
CA GLU H 446 29.03 -45.08 -6.53
C GLU H 446 30.04 -45.85 -5.68
N SER H 447 30.31 -47.09 -6.10
CA SER H 447 31.31 -47.97 -5.49
C SER H 447 30.96 -48.41 -4.07
N THR H 448 29.72 -48.21 -3.65
CA THR H 448 29.30 -48.62 -2.32
C THR H 448 29.19 -50.13 -2.23
N ALA H 449 30.32 -50.80 -2.04
CA ALA H 449 30.37 -52.25 -2.10
C ALA H 449 29.69 -52.97 -0.94
N TYR H 450 29.21 -52.21 0.05
CA TYR H 450 28.61 -52.81 1.24
C TYR H 450 27.38 -52.03 1.69
N ILE H 451 26.37 -52.72 2.20
CA ILE H 451 25.16 -52.04 2.63
C ILE H 451 25.30 -51.58 4.08
N PRO H 452 24.95 -50.32 4.35
CA PRO H 452 25.18 -49.71 5.66
C PRO H 452 24.25 -50.26 6.74
N GLU H 453 24.48 -51.52 7.12
CA GLU H 453 23.70 -52.15 8.17
C GLU H 453 23.98 -51.53 9.53
N PRO H 454 22.93 -51.24 10.31
CA PRO H 454 23.07 -50.76 11.68
C PRO H 454 23.90 -51.71 12.54
N SER I 2 -16.50 -66.82 -48.45
CA SER I 2 -15.23 -66.70 -47.76
C SER I 2 -14.05 -66.93 -48.70
N TYR I 3 -12.85 -66.94 -48.13
CA TYR I 3 -11.64 -67.29 -48.87
C TYR I 3 -11.34 -68.76 -48.61
N ASN I 4 -11.43 -69.59 -49.64
CA ASN I 4 -11.14 -71.00 -49.44
C ASN I 4 -9.75 -71.36 -49.95
N PHE I 5 -9.01 -72.10 -49.13
CA PHE I 5 -7.65 -72.49 -49.45
C PHE I 5 -7.60 -73.89 -50.03
N THR I 6 -7.14 -74.01 -51.26
CA THR I 6 -7.21 -75.26 -51.98
C THR I 6 -5.85 -75.85 -52.28
N GLY I 7 -4.99 -75.97 -51.28
CA GLY I 7 -3.65 -76.47 -51.52
C GLY I 7 -2.91 -76.86 -50.26
N THR I 8 -2.21 -77.98 -50.31
CA THR I 8 -1.54 -78.52 -49.13
C THR I 8 -0.16 -77.92 -48.90
N PRO I 9 0.25 -77.80 -47.64
CA PRO I 9 1.55 -77.19 -47.37
C PRO I 9 2.70 -78.07 -47.83
N THR I 10 3.83 -77.44 -48.11
CA THR I 10 4.93 -78.08 -48.80
C THR I 10 5.84 -78.86 -47.85
N GLY I 11 6.09 -78.29 -46.68
CA GLY I 11 6.94 -78.93 -45.70
C GLY I 11 8.36 -78.47 -45.87
N GLU I 12 8.61 -77.78 -46.99
CA GLU I 12 9.97 -77.40 -47.33
C GLU I 12 10.02 -76.02 -47.96
N GLY I 13 11.22 -75.44 -48.00
CA GLY I 13 11.42 -74.13 -48.57
C GLY I 13 10.52 -73.12 -47.94
N THR I 14 9.83 -72.36 -48.77
CA THR I 14 8.91 -71.33 -48.29
C THR I 14 7.79 -71.91 -47.44
N GLY I 15 7.30 -73.09 -47.78
CA GLY I 15 6.32 -73.77 -46.94
C GLY I 15 5.00 -73.98 -47.64
N GLY I 16 4.78 -73.16 -48.66
CA GLY I 16 3.61 -73.25 -49.50
C GLY I 16 3.34 -71.88 -50.07
N ASN I 17 2.44 -71.80 -51.04
CA ASN I 17 2.00 -70.50 -51.50
C ASN I 17 0.85 -70.05 -50.61
N SER I 18 1.05 -68.95 -49.90
CA SER I 18 0.01 -68.48 -48.99
C SER I 18 -1.20 -67.94 -49.72
N LEU I 19 -1.11 -67.72 -51.03
CA LEU I 19 -2.27 -67.33 -51.80
C LEU I 19 -3.23 -68.49 -51.92
N THR I 20 -2.70 -69.69 -51.72
CA THR I 20 -3.47 -70.91 -51.95
C THR I 20 -3.42 -71.92 -50.82
N THR I 21 -2.64 -71.62 -49.79
CA THR I 21 -2.43 -72.55 -48.68
C THR I 21 -2.46 -71.88 -47.32
N ASP I 22 -3.26 -72.42 -46.41
CA ASP I 22 -3.28 -71.90 -45.05
C ASP I 22 -2.12 -72.50 -44.32
N LEU I 23 -1.04 -71.75 -44.20
CA LEU I 23 0.18 -72.26 -43.59
C LEU I 23 0.07 -72.33 -42.09
N ASN I 24 -1.06 -71.90 -41.55
CA ASN I 24 -1.28 -71.91 -40.12
C ASN I 24 -1.80 -73.25 -39.65
N THR I 25 -2.39 -74.02 -40.54
CA THR I 25 -2.97 -75.30 -40.16
C THR I 25 -1.91 -76.32 -39.81
N GLN I 26 -0.67 -75.89 -39.74
CA GLN I 26 0.44 -76.76 -39.41
C GLN I 26 0.82 -76.60 -37.96
N PHE I 27 0.49 -75.46 -37.40
CA PHE I 27 0.93 -75.09 -36.07
C PHE I 27 -0.26 -74.78 -35.17
N ASP I 28 0.00 -74.64 -33.88
CA ASP I 28 -1.03 -74.23 -32.96
C ASP I 28 -0.85 -72.76 -32.63
N LEU I 29 -1.92 -71.98 -32.77
CA LEU I 29 -1.87 -70.56 -32.49
C LEU I 29 -1.43 -70.30 -31.07
N ALA I 30 -1.70 -71.27 -30.21
CA ALA I 30 -1.34 -71.20 -28.80
C ALA I 30 0.16 -71.24 -28.60
N ASN I 31 0.81 -72.15 -29.31
CA ASN I 31 2.27 -72.27 -29.26
C ASN I 31 2.95 -71.05 -29.83
N MET I 32 2.44 -70.59 -30.95
CA MET I 32 3.03 -69.43 -31.60
C MET I 32 2.87 -68.20 -30.73
N GLY I 33 1.66 -67.97 -30.23
CA GLY I 33 1.38 -66.80 -29.43
C GLY I 33 2.25 -66.68 -28.18
N TRP I 34 2.75 -67.81 -27.71
CA TRP I 34 3.61 -67.83 -26.53
C TRP I 34 5.05 -67.55 -26.94
N ILE I 35 5.52 -68.16 -28.03
CA ILE I 35 6.88 -67.94 -28.51
C ILE I 35 6.96 -66.52 -29.08
N GLY I 36 5.84 -66.00 -29.53
CA GLY I 36 5.82 -64.68 -30.12
C GLY I 36 5.98 -63.62 -29.07
N VAL I 37 5.41 -63.86 -27.91
CA VAL I 37 5.55 -62.95 -26.80
C VAL I 37 6.93 -63.09 -26.25
N ALA I 38 7.35 -64.34 -26.16
CA ALA I 38 8.63 -64.69 -25.56
C ALA I 38 9.77 -63.99 -26.28
N SER I 39 9.66 -63.89 -27.60
CA SER I 39 10.65 -63.20 -28.40
C SER I 39 10.80 -61.79 -27.90
N ALA I 40 9.67 -61.13 -27.67
CA ALA I 40 9.67 -59.78 -27.16
C ALA I 40 10.12 -59.77 -25.71
N GLY I 41 10.00 -60.91 -25.06
CA GLY I 41 10.48 -61.04 -23.70
C GLY I 41 11.99 -61.13 -23.66
N VAL I 42 12.55 -62.02 -24.48
CA VAL I 42 13.98 -62.25 -24.51
C VAL I 42 14.76 -60.98 -24.87
N TRP I 43 14.22 -60.15 -25.75
CA TRP I 43 14.96 -58.99 -26.19
C TRP I 43 15.21 -57.99 -25.06
N ILE I 44 14.34 -57.92 -24.07
CA ILE I 44 14.54 -56.95 -22.99
C ILE I 44 15.77 -57.35 -22.18
N MET I 45 16.27 -58.56 -22.41
CA MET I 45 17.51 -59.00 -21.76
C MET I 45 18.71 -58.17 -22.24
N VAL I 46 18.69 -57.76 -23.50
CA VAL I 46 19.80 -57.05 -24.11
C VAL I 46 20.08 -55.68 -23.45
N PRO I 47 19.05 -54.83 -23.23
CA PRO I 47 19.41 -53.62 -22.49
C PRO I 47 19.74 -53.94 -21.04
N GLY I 48 19.42 -55.15 -20.61
CA GLY I 48 19.71 -55.58 -19.26
C GLY I 48 21.16 -55.96 -19.11
N ILE I 49 21.69 -56.66 -20.11
CA ILE I 49 23.11 -56.99 -20.13
C ILE I 49 23.95 -55.73 -20.14
N GLY I 50 23.73 -54.87 -21.13
CA GLY I 50 24.42 -53.60 -21.21
C GLY I 50 24.23 -52.72 -19.99
N LEU I 51 23.35 -53.12 -19.07
CA LEU I 51 23.22 -52.41 -17.81
C LEU I 51 24.04 -53.09 -16.74
N LEU I 52 23.90 -54.40 -16.64
CA LEU I 52 24.55 -55.19 -15.60
C LEU I 52 26.04 -54.96 -15.59
N TYR I 53 26.68 -55.21 -16.72
CA TYR I 53 28.12 -55.16 -16.78
C TYR I 53 28.64 -53.73 -16.94
N SER I 54 27.76 -52.77 -17.12
CA SER I 54 28.17 -51.38 -17.15
C SER I 54 28.26 -50.81 -15.75
N GLY I 55 27.76 -51.57 -14.78
CA GLY I 55 27.74 -51.10 -13.41
C GLY I 55 28.56 -52.04 -12.54
N LEU I 56 28.84 -53.22 -13.07
CA LEU I 56 29.60 -54.21 -12.33
C LEU I 56 31.11 -53.98 -12.50
N SER I 57 31.47 -53.30 -13.58
CA SER I 57 32.87 -53.06 -13.92
C SER I 57 33.54 -52.11 -12.92
N ARG I 58 34.81 -52.37 -12.64
CA ARG I 58 35.55 -51.57 -11.66
C ARG I 58 36.21 -50.35 -12.30
N LYS I 59 35.98 -50.15 -13.60
CA LYS I 59 36.49 -48.97 -14.28
C LYS I 59 35.39 -48.32 -15.12
N LYS I 60 35.21 -47.01 -14.95
CA LYS I 60 34.27 -46.25 -15.77
C LYS I 60 34.59 -46.41 -17.24
N HIS I 61 33.67 -46.98 -18.00
CA HIS I 61 33.90 -47.18 -19.44
C HIS I 61 33.62 -45.90 -20.22
N ALA I 62 34.19 -45.82 -21.41
CA ALA I 62 33.99 -44.67 -22.28
C ALA I 62 32.85 -44.97 -23.22
N LEU I 63 32.65 -46.25 -23.46
CA LEU I 63 31.50 -46.74 -24.22
C LEU I 63 30.43 -47.22 -23.26
N SER I 64 29.42 -46.40 -23.03
CA SER I 64 28.34 -46.80 -22.13
C SER I 64 27.66 -48.05 -22.64
N LEU I 65 27.73 -49.11 -21.86
CA LEU I 65 27.19 -50.39 -22.28
C LEU I 65 25.66 -50.39 -22.36
N LEU I 66 25.01 -49.50 -21.62
CA LEU I 66 23.58 -49.33 -21.77
C LEU I 66 23.30 -48.81 -23.17
N TRP I 67 23.89 -47.66 -23.49
CA TRP I 67 23.70 -47.02 -24.77
C TRP I 67 24.15 -47.91 -25.92
N ALA I 68 25.22 -48.65 -25.70
CA ALA I 68 25.80 -49.48 -26.75
C ALA I 68 24.97 -50.72 -27.03
N SER I 69 24.09 -51.06 -26.09
CA SER I 69 23.30 -52.28 -26.22
C SER I 69 22.23 -52.15 -27.30
N MET I 70 21.96 -50.93 -27.73
CA MET I 70 21.05 -50.70 -28.84
C MET I 70 21.76 -51.02 -30.14
N MET I 71 22.99 -50.55 -30.24
CA MET I 71 23.83 -50.85 -31.40
C MET I 71 24.08 -52.35 -31.51
N ALA I 72 24.22 -53.03 -30.38
CA ALA I 72 24.39 -54.47 -30.38
C ALA I 72 23.19 -55.13 -31.03
N SER I 73 22.02 -54.52 -30.85
CA SER I 73 20.77 -55.06 -31.38
C SER I 73 20.67 -54.86 -32.89
N ALA I 74 20.98 -53.65 -33.37
CA ALA I 74 20.88 -53.35 -34.79
C ALA I 74 21.85 -54.18 -35.64
N VAL I 75 23.12 -54.27 -35.23
CA VAL I 75 24.10 -55.02 -35.98
C VAL I 75 23.89 -56.53 -35.89
N CYS I 76 23.18 -56.99 -34.85
CA CYS I 76 22.89 -58.40 -34.68
C CYS I 76 21.65 -58.80 -35.47
N ILE I 77 20.59 -58.01 -35.35
CA ILE I 77 19.35 -58.24 -36.09
C ILE I 77 19.66 -58.26 -37.57
N PHE I 78 20.52 -57.34 -37.99
CA PHE I 78 20.89 -57.24 -39.39
C PHE I 78 21.75 -58.40 -39.82
N GLN I 79 22.73 -58.78 -38.99
CA GLN I 79 23.55 -59.94 -39.30
C GLN I 79 22.66 -61.17 -39.35
N TRP I 80 21.60 -61.16 -38.55
CA TRP I 80 20.69 -62.29 -38.48
C TRP I 80 19.85 -62.38 -39.75
N PHE I 81 19.48 -61.22 -40.27
CA PHE I 81 18.71 -61.13 -41.51
C PHE I 81 19.64 -61.29 -42.70
N PHE I 82 20.86 -60.78 -42.58
CA PHE I 82 21.83 -60.87 -43.67
C PHE I 82 22.16 -62.33 -43.95
N TRP I 83 22.74 -63.04 -42.97
CA TRP I 83 22.98 -64.46 -43.16
C TRP I 83 22.94 -65.22 -41.84
N GLY I 84 22.72 -64.51 -40.75
CA GLY I 84 22.70 -65.10 -39.43
C GLY I 84 21.79 -66.30 -39.32
N TYR I 85 20.51 -66.12 -39.61
CA TYR I 85 19.54 -67.20 -39.44
C TYR I 85 19.88 -68.35 -40.37
N SER I 86 20.60 -68.03 -41.43
CA SER I 86 20.93 -69.01 -42.45
C SER I 86 22.10 -69.88 -42.04
N LEU I 87 23.20 -69.24 -41.67
CA LEU I 87 24.40 -69.93 -41.24
C LEU I 87 24.11 -70.85 -40.07
N ALA I 88 23.17 -70.45 -39.23
CA ALA I 88 22.86 -71.20 -38.03
C ALA I 88 21.74 -72.22 -38.25
N PHE I 89 20.54 -71.77 -38.59
CA PHE I 89 19.37 -72.65 -38.56
C PHE I 89 18.81 -73.11 -39.89
N SER I 90 19.58 -73.02 -40.96
CA SER I 90 19.11 -73.49 -42.26
C SER I 90 18.66 -74.95 -42.21
N HIS I 91 17.72 -75.30 -43.08
CA HIS I 91 17.20 -76.66 -43.13
C HIS I 91 18.21 -77.61 -43.75
N ASN I 92 19.24 -77.04 -44.36
CA ASN I 92 20.26 -77.81 -45.04
C ASN I 92 21.66 -77.38 -44.64
N THR I 93 22.37 -78.31 -44.03
CA THR I 93 23.70 -78.07 -43.52
C THR I 93 24.74 -78.75 -44.38
N ARG I 94 25.97 -78.25 -44.34
CA ARG I 94 27.05 -78.83 -45.12
C ARG I 94 28.16 -79.36 -44.22
N GLY I 95 28.48 -80.64 -44.36
CA GLY I 95 29.60 -81.24 -43.67
C GLY I 95 29.27 -81.79 -42.29
N ASN I 96 28.62 -82.96 -42.26
CA ASN I 96 28.28 -83.63 -41.00
C ASN I 96 27.46 -82.75 -40.06
N GLY I 97 26.80 -81.73 -40.60
CA GLY I 97 26.05 -80.77 -39.82
C GLY I 97 26.95 -79.79 -39.09
N PHE I 98 27.76 -79.05 -39.83
CA PHE I 98 28.77 -78.19 -39.24
C PHE I 98 28.36 -76.73 -39.24
N ILE I 99 27.98 -76.25 -40.42
CA ILE I 99 27.40 -74.92 -40.55
C ILE I 99 26.36 -75.01 -41.65
N GLY I 100 25.36 -74.14 -41.63
CA GLY I 100 24.29 -74.22 -42.59
C GLY I 100 24.56 -73.43 -43.84
N THR I 101 23.78 -73.70 -44.88
CA THR I 101 23.94 -73.04 -46.17
C THR I 101 23.51 -71.59 -46.15
N LEU I 102 23.50 -70.95 -47.30
CA LEU I 102 23.03 -69.59 -47.40
C LEU I 102 21.65 -69.56 -48.06
N GLU I 103 20.90 -70.64 -47.89
CA GLU I 103 19.58 -70.78 -48.51
C GLU I 103 18.56 -69.84 -47.91
N PHE I 104 18.88 -69.24 -46.77
CA PHE I 104 18.04 -68.23 -46.15
C PHE I 104 18.73 -66.87 -46.14
N PHE I 105 19.49 -66.58 -47.18
CA PHE I 105 20.16 -65.29 -47.25
C PHE I 105 19.13 -64.19 -47.51
N GLY I 106 19.11 -63.17 -46.65
CA GLY I 106 18.21 -62.05 -46.83
C GLY I 106 16.80 -62.47 -46.49
N PHE I 107 16.70 -63.53 -45.70
CA PHE I 107 15.43 -64.10 -45.30
C PHE I 107 14.62 -64.53 -46.50
N ARG I 108 15.30 -65.07 -47.50
CA ARG I 108 14.62 -65.68 -48.65
C ARG I 108 13.91 -66.93 -48.19
N ASN I 109 12.72 -67.16 -48.71
CA ASN I 109 11.97 -68.38 -48.45
C ASN I 109 11.66 -68.65 -46.97
N VAL I 110 11.99 -67.71 -46.09
CA VAL I 110 11.67 -67.81 -44.67
C VAL I 110 10.21 -67.45 -44.44
N LEU I 111 9.38 -68.44 -44.14
CA LEU I 111 7.95 -68.18 -43.94
C LEU I 111 7.24 -69.23 -43.10
N GLY I 112 6.60 -70.21 -43.73
CA GLY I 112 5.66 -71.05 -43.02
C GLY I 112 5.92 -72.54 -42.92
N ALA I 113 7.13 -72.97 -43.29
CA ALA I 113 7.51 -74.36 -43.20
C ALA I 113 7.99 -74.70 -41.80
N PRO I 114 7.64 -75.89 -41.29
CA PRO I 114 8.08 -76.25 -39.95
C PRO I 114 9.58 -76.16 -39.81
N SER I 115 10.08 -75.64 -38.69
CA SER I 115 11.51 -75.41 -38.56
C SER I 115 12.21 -76.50 -37.76
N SER I 116 13.41 -76.19 -37.28
CA SER I 116 14.18 -77.09 -36.44
C SER I 116 13.31 -77.53 -35.27
N VAL I 117 12.61 -76.57 -34.69
CA VAL I 117 11.51 -76.84 -33.78
C VAL I 117 10.24 -76.93 -34.62
N SER I 118 9.63 -78.10 -34.68
CA SER I 118 8.54 -78.33 -35.63
C SER I 118 7.20 -77.87 -35.12
N SER I 119 7.18 -77.35 -33.90
CA SER I 119 5.96 -76.84 -33.30
C SER I 119 5.74 -75.40 -33.73
N LEU I 120 6.80 -74.81 -34.28
CA LEU I 120 6.84 -73.42 -34.73
C LEU I 120 7.11 -73.32 -36.22
N PRO I 121 6.57 -72.30 -36.90
CA PRO I 121 6.95 -71.99 -38.28
C PRO I 121 8.31 -71.31 -38.34
N ASP I 122 8.89 -71.19 -39.52
CA ASP I 122 10.23 -70.60 -39.68
C ASP I 122 10.33 -69.18 -39.19
N ILE I 123 9.37 -68.34 -39.54
CA ILE I 123 9.49 -66.90 -39.32
C ILE I 123 9.29 -66.53 -37.85
N LEU I 124 8.64 -67.39 -37.11
CA LEU I 124 8.53 -67.17 -35.69
C LEU I 124 9.83 -67.60 -35.06
N PHE I 125 10.19 -68.86 -35.30
CA PHE I 125 11.38 -69.47 -34.75
C PHE I 125 12.66 -68.71 -35.10
N ALA I 126 12.61 -67.90 -36.14
CA ALA I 126 13.73 -67.04 -36.48
C ALA I 126 13.73 -65.82 -35.58
N VAL I 127 12.55 -65.23 -35.41
CA VAL I 127 12.37 -64.04 -34.61
C VAL I 127 12.84 -64.32 -33.19
N TYR I 128 12.39 -65.45 -32.66
CA TYR I 128 12.71 -65.88 -31.30
C TYR I 128 14.19 -66.16 -31.14
N GLN I 129 14.71 -67.02 -32.01
CA GLN I 129 16.10 -67.45 -31.95
C GLN I 129 17.06 -66.36 -32.37
N GLY I 130 16.56 -65.35 -33.06
CA GLY I 130 17.37 -64.22 -33.43
C GLY I 130 17.69 -63.42 -32.19
N MET I 131 16.78 -63.47 -31.21
CA MET I 131 16.95 -62.74 -29.96
C MET I 131 18.07 -63.34 -29.13
N PHE I 132 18.17 -64.67 -29.17
CA PHE I 132 19.29 -65.36 -28.56
C PHE I 132 20.58 -64.83 -29.19
N ALA I 133 20.59 -64.69 -30.51
CA ALA I 133 21.76 -64.19 -31.20
C ALA I 133 22.05 -62.75 -30.81
N ALA I 134 21.04 -61.98 -30.43
CA ALA I 134 21.27 -60.61 -30.02
C ALA I 134 21.72 -60.53 -28.57
N VAL I 135 21.27 -61.48 -27.77
CA VAL I 135 21.67 -61.56 -26.37
C VAL I 135 23.11 -62.04 -26.26
N THR I 136 23.44 -63.10 -26.99
CA THR I 136 24.78 -63.64 -27.04
C THR I 136 25.78 -62.61 -27.54
N GLY I 137 25.35 -61.79 -28.49
CA GLY I 137 26.18 -60.73 -29.02
C GLY I 137 26.30 -59.56 -28.08
N ALA I 138 25.29 -59.36 -27.24
CA ALA I 138 25.31 -58.26 -26.30
C ALA I 138 26.36 -58.49 -25.22
N LEU I 139 26.45 -59.73 -24.76
CA LEU I 139 27.46 -60.15 -23.81
C LEU I 139 28.87 -59.92 -24.35
N MET I 140 29.05 -60.26 -25.62
CA MET I 140 30.29 -60.03 -26.33
C MET I 140 30.63 -58.54 -26.40
N LEU I 141 29.62 -57.71 -26.59
CA LEU I 141 29.80 -56.26 -26.58
C LEU I 141 30.23 -55.78 -25.21
N GLY I 142 29.82 -56.49 -24.17
CA GLY I 142 30.07 -56.09 -22.80
C GLY I 142 31.46 -56.45 -22.34
N GLY I 143 32.01 -57.51 -22.91
CA GLY I 143 33.34 -57.96 -22.58
C GLY I 143 34.43 -57.19 -23.29
N ALA I 144 34.10 -56.62 -24.44
CA ALA I 144 35.10 -56.02 -25.30
C ALA I 144 34.93 -54.51 -25.52
N CYS I 145 34.49 -53.81 -24.48
CA CYS I 145 34.12 -52.40 -24.66
C CYS I 145 35.15 -51.42 -24.13
N GLU I 146 35.97 -51.86 -23.19
CA GLU I 146 36.95 -50.98 -22.55
C GLU I 146 37.87 -50.32 -23.57
N ARG I 147 37.87 -49.00 -23.57
CA ARG I 147 38.70 -48.21 -24.49
C ARG I 147 38.47 -48.56 -25.95
N ALA I 148 37.33 -49.17 -26.26
CA ALA I 148 37.09 -49.68 -27.61
C ALA I 148 36.54 -48.61 -28.53
N ARG I 149 36.65 -48.85 -29.83
CA ARG I 149 36.15 -47.92 -30.84
C ARG I 149 34.87 -48.47 -31.46
N LEU I 150 33.98 -47.58 -31.87
CA LEU I 150 32.63 -47.98 -32.26
C LEU I 150 32.59 -48.79 -33.56
N PHE I 151 33.04 -48.21 -34.66
CA PHE I 151 32.96 -48.90 -35.96
C PHE I 151 33.64 -50.27 -35.99
N PRO I 152 34.77 -50.44 -35.29
CA PRO I 152 35.27 -51.81 -35.21
C PRO I 152 34.35 -52.72 -34.40
N MET I 153 33.70 -52.14 -33.40
CA MET I 153 32.84 -52.91 -32.51
C MET I 153 31.65 -53.50 -33.27
N MET I 154 31.28 -52.87 -34.37
CA MET I 154 30.27 -53.42 -35.25
C MET I 154 30.85 -54.58 -36.08
N VAL I 155 31.90 -54.26 -36.85
CA VAL I 155 32.53 -55.20 -37.78
C VAL I 155 32.97 -56.45 -37.05
N PHE I 156 33.33 -56.29 -35.79
CA PHE I 156 33.62 -57.44 -34.96
C PHE I 156 32.34 -58.25 -34.79
N LEU I 157 31.34 -57.63 -34.18
CA LEU I 157 30.09 -58.30 -33.83
C LEU I 157 29.46 -58.99 -35.03
N PHE I 158 29.43 -58.28 -36.16
CA PHE I 158 28.89 -58.85 -37.39
C PHE I 158 29.69 -60.08 -37.80
N LEU I 159 31.00 -59.93 -37.88
CA LEU I 159 31.85 -61.03 -38.27
C LEU I 159 31.86 -62.09 -37.17
N TRP I 160 31.90 -61.67 -35.92
CA TRP I 160 31.92 -62.61 -34.80
C TRP I 160 30.67 -63.48 -34.84
N MET I 161 29.50 -62.84 -34.81
CA MET I 161 28.25 -63.56 -34.87
C MET I 161 28.19 -64.45 -36.10
N THR I 162 28.76 -63.94 -37.20
CA THR I 162 28.76 -64.66 -38.46
C THR I 162 29.57 -65.94 -38.42
N ILE I 163 30.83 -65.82 -38.03
CA ILE I 163 31.77 -66.95 -38.13
C ILE I 163 31.98 -67.67 -36.80
N VAL I 164 31.53 -67.09 -35.70
CA VAL I 164 31.64 -67.78 -34.41
C VAL I 164 30.32 -68.34 -33.89
N TYR I 165 29.35 -67.46 -33.62
CA TYR I 165 28.10 -67.87 -32.98
C TYR I 165 27.25 -68.83 -33.81
N CYS I 166 26.93 -68.41 -35.03
CA CYS I 166 26.08 -69.19 -35.93
C CYS I 166 26.64 -70.59 -36.22
N PRO I 167 27.94 -70.71 -36.52
CA PRO I 167 28.47 -72.07 -36.72
C PRO I 167 28.33 -72.92 -35.48
N ILE I 168 28.44 -72.31 -34.30
CA ILE I 168 28.27 -73.03 -33.04
C ILE I 168 26.79 -73.28 -32.79
N ALA I 169 25.96 -72.32 -33.16
CA ALA I 169 24.51 -72.44 -32.99
C ALA I 169 23.95 -73.58 -33.82
N CYS I 170 24.61 -73.87 -34.94
CA CYS I 170 24.16 -74.94 -35.81
C CYS I 170 24.50 -76.31 -35.24
N TRP I 171 25.45 -76.34 -34.31
CA TRP I 171 25.89 -77.62 -33.76
C TRP I 171 24.91 -78.15 -32.73
N VAL I 172 24.35 -77.24 -31.94
CA VAL I 172 23.60 -77.61 -30.76
C VAL I 172 22.08 -77.58 -30.91
N TRP I 173 21.59 -76.69 -31.77
CA TRP I 173 20.16 -76.46 -31.91
C TRP I 173 19.61 -76.88 -33.27
N ASN I 174 20.39 -76.68 -34.31
CA ASN I 174 19.95 -77.06 -35.65
C ASN I 174 19.66 -78.56 -35.70
N ALA I 175 18.66 -78.94 -36.46
CA ALA I 175 18.16 -80.31 -36.41
C ALA I 175 19.13 -81.28 -37.07
N GLU I 176 20.22 -80.78 -37.62
CA GLU I 176 21.21 -81.63 -38.28
C GLU I 176 22.60 -81.48 -37.67
N GLY I 177 22.69 -80.70 -36.59
CA GLY I 177 23.95 -80.50 -35.90
C GLY I 177 24.56 -81.81 -35.44
N TRP I 178 25.87 -81.93 -35.60
CA TRP I 178 26.57 -83.15 -35.21
C TRP I 178 26.56 -83.31 -33.70
N LEU I 179 26.74 -82.20 -33.00
CA LEU I 179 26.68 -82.20 -31.54
C LEU I 179 25.32 -82.68 -31.06
N VAL I 180 24.31 -82.48 -31.90
CA VAL I 180 22.97 -82.94 -31.62
C VAL I 180 22.84 -84.43 -31.86
N LYS I 181 23.32 -84.87 -33.01
CA LYS I 181 23.27 -86.28 -33.35
C LYS I 181 24.13 -87.08 -32.36
N LEU I 182 25.18 -86.44 -31.84
CA LEU I 182 26.05 -87.05 -30.84
C LEU I 182 25.24 -87.43 -29.60
N GLY I 183 24.44 -86.50 -29.10
CA GLY I 183 23.60 -86.74 -27.94
C GLY I 183 23.66 -85.63 -26.90
N SER I 184 24.40 -84.56 -27.20
CA SER I 184 24.58 -83.46 -26.27
C SER I 184 23.26 -82.80 -25.92
N LEU I 185 23.11 -82.40 -24.66
CA LEU I 185 21.91 -81.69 -24.22
C LEU I 185 22.19 -80.23 -23.91
N ASP I 186 21.42 -79.36 -24.53
CA ASP I 186 21.48 -77.94 -24.24
C ASP I 186 20.12 -77.35 -24.56
N TYR I 187 19.40 -76.99 -23.50
CA TYR I 187 18.02 -76.53 -23.60
C TYR I 187 17.88 -75.13 -24.18
N ALA I 188 18.45 -74.15 -23.50
CA ALA I 188 18.29 -72.77 -23.90
C ALA I 188 19.60 -72.07 -24.21
N GLY I 189 20.69 -72.83 -24.25
CA GLY I 189 21.96 -72.29 -24.71
C GLY I 189 23.06 -72.00 -23.71
N GLY I 190 23.44 -73.01 -22.92
CA GLY I 190 24.59 -72.87 -22.06
C GLY I 190 25.84 -72.93 -22.93
N LEU I 191 25.68 -73.49 -24.12
CA LEU I 191 26.78 -73.64 -25.06
C LEU I 191 26.78 -72.52 -26.09
N CYS I 192 25.61 -72.22 -26.66
CA CYS I 192 25.54 -71.29 -27.77
C CYS I 192 25.52 -69.84 -27.31
N VAL I 193 24.91 -69.59 -26.16
CA VAL I 193 24.76 -68.22 -25.70
C VAL I 193 25.81 -67.83 -24.68
N HIS I 194 26.00 -68.67 -23.66
CA HIS I 194 26.83 -68.32 -22.52
C HIS I 194 28.31 -68.72 -22.66
N LEU I 195 28.56 -69.98 -22.96
CA LEU I 195 29.91 -70.46 -23.17
C LEU I 195 30.62 -69.60 -24.22
N THR I 196 29.94 -69.38 -25.34
CA THR I 196 30.53 -68.63 -26.44
C THR I 196 30.93 -67.20 -26.07
N SER I 197 29.99 -66.40 -25.62
CA SER I 197 30.32 -65.01 -25.30
C SER I 197 31.14 -64.93 -24.00
N GLY I 198 30.94 -65.90 -23.12
CA GLY I 198 31.68 -65.93 -21.87
C GLY I 198 33.17 -66.11 -22.11
N HIS I 199 33.52 -67.10 -22.91
CA HIS I 199 34.92 -67.37 -23.22
C HIS I 199 35.51 -66.31 -24.14
N GLY I 200 34.71 -65.85 -25.10
CA GLY I 200 35.14 -64.78 -25.98
C GLY I 200 35.45 -63.51 -25.24
N GLY I 201 34.96 -63.41 -24.00
CA GLY I 201 35.26 -62.29 -23.15
C GLY I 201 36.62 -62.44 -22.49
N LEU I 202 37.06 -63.69 -22.33
CA LEU I 202 38.38 -63.99 -21.77
C LEU I 202 39.48 -63.68 -22.76
N VAL I 203 39.30 -64.15 -24.00
CA VAL I 203 40.20 -63.86 -25.10
C VAL I 203 40.42 -62.36 -25.29
N TYR I 204 39.40 -61.54 -25.05
CA TYR I 204 39.60 -60.10 -25.17
C TYR I 204 40.47 -59.60 -24.04
N ALA I 205 40.26 -60.16 -22.85
CA ALA I 205 41.02 -59.74 -21.67
C ALA I 205 42.50 -59.99 -21.89
N LEU I 206 42.81 -61.08 -22.56
CA LEU I 206 44.19 -61.49 -22.80
C LEU I 206 44.83 -60.73 -23.97
N ILE I 207 44.03 -60.37 -24.97
CA ILE I 207 44.59 -59.74 -26.16
C ILE I 207 44.45 -58.21 -26.17
N LEU I 208 43.35 -57.66 -25.64
CA LEU I 208 43.23 -56.21 -25.53
C LEU I 208 42.93 -55.74 -24.10
N LYS I 222 38.22 -55.82 -3.97
CA LYS I 222 37.67 -56.77 -4.93
C LYS I 222 36.45 -56.22 -5.69
N TYR I 223 35.47 -55.71 -4.95
CA TYR I 223 34.28 -55.15 -5.56
C TYR I 223 34.29 -53.63 -5.53
N LYS I 224 34.08 -53.02 -6.69
CA LYS I 224 34.03 -51.58 -6.83
C LYS I 224 33.10 -51.22 -7.99
N PRO I 225 31.78 -51.32 -7.75
CA PRO I 225 30.76 -51.17 -8.79
C PRO I 225 30.54 -49.73 -9.24
N HIS I 226 30.59 -49.48 -10.55
CA HIS I 226 30.40 -48.12 -11.07
C HIS I 226 29.03 -47.58 -10.70
N SER I 227 28.03 -48.45 -10.68
CA SER I 227 26.70 -48.09 -10.23
C SER I 227 25.97 -49.28 -9.64
N VAL I 228 25.74 -49.25 -8.34
CA VAL I 228 24.99 -50.28 -7.65
C VAL I 228 23.59 -50.33 -8.24
N THR I 229 23.10 -49.14 -8.58
CA THR I 229 21.79 -48.97 -9.17
C THR I 229 21.66 -49.68 -10.51
N SER I 230 22.59 -49.42 -11.42
CA SER I 230 22.55 -49.96 -12.77
C SER I 230 22.84 -51.47 -12.76
N VAL I 231 23.27 -51.98 -11.62
CA VAL I 231 23.55 -53.41 -11.49
C VAL I 231 22.26 -54.16 -11.27
N VAL I 232 21.41 -53.62 -10.42
CA VAL I 232 20.14 -54.25 -10.07
C VAL I 232 19.10 -54.07 -11.18
N LEU I 233 19.03 -52.87 -11.76
CA LEU I 233 18.07 -52.60 -12.83
C LEU I 233 18.28 -53.49 -14.03
N GLY I 234 19.50 -53.96 -14.22
CA GLY I 234 19.80 -54.87 -15.30
C GLY I 234 19.41 -56.28 -14.93
N THR I 235 19.33 -56.54 -13.63
CA THR I 235 18.95 -57.86 -13.15
C THR I 235 17.46 -58.06 -13.32
N VAL I 236 16.70 -57.02 -12.99
CA VAL I 236 15.26 -57.00 -13.21
C VAL I 236 14.94 -57.36 -14.65
N PHE I 237 15.41 -56.52 -15.58
CA PHE I 237 15.25 -56.77 -17.00
C PHE I 237 15.72 -58.16 -17.38
N LEU I 238 16.81 -58.63 -16.78
CA LEU I 238 17.36 -59.92 -17.16
C LEU I 238 16.59 -61.08 -16.55
N TRP I 239 16.04 -60.89 -15.36
CA TRP I 239 15.29 -61.98 -14.74
C TRP I 239 13.91 -62.07 -15.38
N PHE I 240 13.31 -60.92 -15.66
CA PHE I 240 12.07 -60.85 -16.42
C PHE I 240 12.27 -61.65 -17.69
N GLY I 241 13.07 -61.14 -18.60
CA GLY I 241 13.37 -61.80 -19.85
C GLY I 241 13.72 -63.28 -19.78
N TRP I 242 14.56 -63.65 -18.81
CA TRP I 242 15.08 -65.01 -18.74
C TRP I 242 13.99 -66.07 -18.63
N MET I 243 12.82 -65.69 -18.12
CA MET I 243 11.74 -66.66 -17.97
C MET I 243 11.16 -67.02 -19.33
N PHE I 244 11.25 -66.09 -20.28
CA PHE I 244 10.83 -66.34 -21.65
C PHE I 244 11.95 -67.00 -22.47
N PHE I 245 13.20 -66.64 -22.14
CA PHE I 245 14.42 -67.23 -22.68
C PHE I 245 14.45 -68.74 -22.45
N ASN I 246 14.09 -69.16 -21.24
CA ASN I 246 14.06 -70.59 -20.91
C ASN I 246 12.72 -71.22 -21.21
N GLY I 247 11.67 -70.46 -21.03
CA GLY I 247 10.33 -70.99 -21.25
C GLY I 247 10.07 -71.26 -22.72
N GLY I 248 10.48 -70.32 -23.57
CA GLY I 248 10.23 -70.45 -25.00
C GLY I 248 11.10 -71.52 -25.64
N SER I 249 12.13 -71.93 -24.91
CA SER I 249 13.03 -72.95 -25.37
C SER I 249 12.40 -74.31 -25.23
N ALA I 250 11.18 -74.34 -24.71
CA ALA I 250 10.41 -75.56 -24.76
C ALA I 250 9.93 -75.67 -26.18
N GLY I 251 9.79 -74.51 -26.81
CA GLY I 251 9.33 -74.40 -28.19
C GLY I 251 7.83 -74.46 -28.30
N ASN I 252 7.16 -74.39 -27.16
CA ASN I 252 5.72 -74.47 -27.09
C ASN I 252 5.24 -74.06 -25.72
N ALA I 253 3.95 -74.25 -25.46
CA ALA I 253 3.35 -73.80 -24.22
C ALA I 253 2.87 -74.98 -23.41
N THR I 254 3.55 -76.11 -23.54
CA THR I 254 3.20 -77.30 -22.78
C THR I 254 3.70 -77.22 -21.35
N ILE I 255 3.47 -78.29 -20.59
CA ILE I 255 3.92 -78.34 -19.20
C ILE I 255 5.42 -78.13 -19.05
N ARG I 256 6.19 -78.61 -20.01
CA ARG I 256 7.64 -78.49 -19.95
C ARG I 256 8.11 -77.04 -19.93
N ALA I 257 7.37 -76.15 -20.56
CA ALA I 257 7.77 -74.76 -20.58
C ALA I 257 7.61 -74.16 -19.20
N TRP I 258 6.66 -74.68 -18.43
CA TRP I 258 6.35 -74.12 -17.13
C TRP I 258 7.18 -74.80 -16.06
N TYR I 259 7.39 -76.09 -16.22
CA TYR I 259 8.32 -76.83 -15.38
C TYR I 259 9.69 -76.18 -15.49
N SER I 260 10.02 -75.69 -16.68
CA SER I 260 11.35 -75.15 -16.89
C SER I 260 11.45 -73.72 -16.43
N ILE I 261 10.33 -73.06 -16.21
CA ILE I 261 10.37 -71.70 -15.67
C ILE I 261 10.49 -71.83 -14.15
N MET I 262 9.83 -72.84 -13.59
CA MET I 262 9.94 -73.13 -12.17
C MET I 262 11.39 -73.44 -11.82
N SER I 263 11.98 -74.41 -12.50
CA SER I 263 13.40 -74.73 -12.34
C SER I 263 14.26 -73.49 -12.56
N THR I 264 13.84 -72.61 -13.46
CA THR I 264 14.61 -71.42 -13.79
C THR I 264 14.64 -70.42 -12.65
N ASN I 265 13.52 -70.28 -11.96
CA ASN I 265 13.39 -69.29 -10.88
C ASN I 265 13.95 -69.77 -9.54
N LEU I 266 13.81 -71.06 -9.29
CA LEU I 266 14.34 -71.68 -8.09
C LEU I 266 15.87 -71.68 -8.09
N ALA I 267 16.45 -71.92 -9.27
CA ALA I 267 17.90 -71.95 -9.43
C ALA I 267 18.50 -70.56 -9.51
N ALA I 268 17.66 -69.54 -9.61
CA ALA I 268 18.17 -68.18 -9.57
C ALA I 268 18.24 -67.74 -8.12
N ALA I 269 17.21 -68.08 -7.36
CA ALA I 269 17.14 -67.70 -5.96
C ALA I 269 18.25 -68.40 -5.17
N CYS I 270 18.38 -69.71 -5.35
CA CYS I 270 19.44 -70.46 -4.69
C CYS I 270 20.82 -69.92 -5.07
N GLY I 271 20.96 -69.52 -6.33
CA GLY I 271 22.22 -69.05 -6.83
C GLY I 271 22.58 -67.66 -6.35
N GLY I 272 21.58 -66.90 -5.93
CA GLY I 272 21.80 -65.55 -5.46
C GLY I 272 22.01 -65.49 -3.97
N LEU I 273 21.20 -66.24 -3.23
CA LEU I 273 21.34 -66.34 -1.78
C LEU I 273 22.68 -66.96 -1.43
N THR I 274 23.21 -67.79 -2.34
CA THR I 274 24.52 -68.39 -2.16
C THR I 274 25.62 -67.34 -2.25
N TRP I 275 25.76 -66.72 -3.42
CA TRP I 275 26.78 -65.69 -3.65
C TRP I 275 26.76 -64.61 -2.58
N MET I 276 25.58 -64.22 -2.15
CA MET I 276 25.43 -63.17 -1.14
C MET I 276 26.03 -63.62 0.21
N VAL I 277 25.77 -64.88 0.57
CA VAL I 277 26.22 -65.45 1.84
C VAL I 277 27.72 -65.77 1.83
N ILE I 278 28.19 -66.32 0.72
CA ILE I 278 29.61 -66.59 0.56
C ILE I 278 30.41 -65.29 0.68
N ASP I 279 29.95 -64.24 0.02
CA ASP I 279 30.60 -62.95 0.15
C ASP I 279 30.51 -62.37 1.56
N TYR I 280 29.54 -62.85 2.35
CA TYR I 280 29.39 -62.36 3.71
C TYR I 280 30.48 -62.90 4.61
N PHE I 281 30.90 -64.13 4.34
CA PHE I 281 31.98 -64.74 5.09
C PHE I 281 33.32 -64.35 4.48
N ARG I 282 33.37 -64.18 3.16
CA ARG I 282 34.59 -63.81 2.47
C ARG I 282 34.78 -62.30 2.41
N CYS I 283 34.13 -61.58 3.31
CA CYS I 283 34.34 -60.13 3.44
C CYS I 283 34.13 -59.69 4.88
N GLY I 284 34.06 -60.65 5.78
CA GLY I 284 33.99 -60.36 7.21
C GLY I 284 32.66 -59.81 7.67
N ARG I 285 31.63 -60.66 7.64
CA ARG I 285 30.31 -60.32 8.15
C ARG I 285 29.73 -59.04 7.56
N LYS I 286 30.09 -58.75 6.31
CA LYS I 286 29.55 -57.60 5.60
C LYS I 286 28.78 -58.04 4.36
N TRP I 287 27.64 -57.39 4.11
CA TRP I 287 26.80 -57.71 2.96
C TRP I 287 27.27 -56.97 1.72
N THR I 288 27.72 -57.73 0.72
CA THR I 288 28.12 -57.17 -0.56
C THR I 288 26.93 -56.61 -1.30
N THR I 289 27.16 -55.54 -2.06
CA THR I 289 26.08 -54.80 -2.69
C THR I 289 25.76 -55.35 -4.08
N VAL I 290 26.67 -56.13 -4.63
CA VAL I 290 26.45 -56.76 -5.93
C VAL I 290 26.50 -58.27 -5.77
N GLY I 291 26.60 -58.73 -4.54
CA GLY I 291 26.68 -60.15 -4.26
C GLY I 291 25.42 -60.87 -4.64
N LEU I 292 24.28 -60.33 -4.18
CA LEU I 292 22.97 -60.95 -4.40
C LEU I 292 22.59 -61.03 -5.86
N CYS I 293 22.86 -59.96 -6.61
CA CYS I 293 22.59 -59.91 -8.04
C CYS I 293 23.51 -60.83 -8.85
N SER I 294 24.81 -60.74 -8.59
CA SER I 294 25.79 -61.51 -9.37
C SER I 294 25.58 -63.01 -9.23
N GLY I 295 24.89 -63.41 -8.18
CA GLY I 295 24.61 -64.81 -7.96
C GLY I 295 23.34 -65.23 -8.65
N ILE I 296 22.47 -64.25 -8.91
CA ILE I 296 21.24 -64.50 -9.65
C ILE I 296 21.59 -64.89 -11.08
N ILE I 297 22.28 -64.00 -11.79
CA ILE I 297 22.73 -64.29 -13.15
C ILE I 297 23.46 -65.62 -13.24
N ALA I 298 24.35 -65.88 -12.27
CA ALA I 298 25.12 -67.12 -12.21
C ALA I 298 24.22 -68.35 -12.12
N GLY I 299 23.21 -68.29 -11.27
CA GLY I 299 22.27 -69.38 -11.13
C GLY I 299 21.40 -69.53 -12.36
N LEU I 300 21.16 -68.44 -13.06
CA LEU I 300 20.36 -68.48 -14.26
C LEU I 300 21.18 -69.06 -15.41
N VAL I 301 22.49 -68.84 -15.39
CA VAL I 301 23.37 -69.37 -16.43
C VAL I 301 23.59 -70.86 -16.23
N GLY I 302 23.52 -71.30 -14.99
CA GLY I 302 23.73 -72.71 -14.70
C GLY I 302 22.56 -73.56 -15.15
N ILE I 303 21.35 -73.04 -14.96
CA ILE I 303 20.15 -73.80 -15.21
C ILE I 303 19.74 -73.72 -16.68
N THR I 304 20.27 -72.74 -17.39
CA THR I 304 19.99 -72.51 -18.80
C THR I 304 20.04 -73.79 -19.64
N PRO I 305 21.16 -74.53 -19.63
CA PRO I 305 21.06 -75.71 -20.50
C PRO I 305 20.29 -76.86 -19.87
N ALA I 306 19.86 -76.66 -18.63
CA ALA I 306 19.30 -77.75 -17.85
C ALA I 306 17.79 -77.64 -17.70
N ALA I 307 17.30 -76.41 -17.74
CA ALA I 307 15.93 -76.04 -17.37
C ALA I 307 14.85 -77.03 -17.80
N GLY I 308 14.87 -77.43 -19.06
CA GLY I 308 13.85 -78.32 -19.56
C GLY I 308 14.16 -79.77 -19.31
N PHE I 309 15.38 -80.04 -18.85
CA PHE I 309 15.84 -81.42 -18.69
C PHE I 309 15.91 -81.88 -17.24
N VAL I 310 16.40 -81.02 -16.35
CA VAL I 310 16.64 -81.41 -14.96
C VAL I 310 15.40 -81.24 -14.09
N PRO I 311 15.29 -82.03 -13.00
CA PRO I 311 14.18 -81.97 -12.05
C PRO I 311 14.20 -80.69 -11.22
N ILE I 312 13.07 -80.36 -10.61
CA ILE I 312 12.93 -79.08 -9.90
C ILE I 312 13.95 -78.95 -8.79
N TRP I 313 14.03 -79.98 -7.95
CA TRP I 313 14.91 -79.99 -6.81
C TRP I 313 16.38 -79.86 -7.24
N SER I 314 16.71 -80.42 -8.39
CA SER I 314 18.08 -80.40 -8.88
C SER I 314 18.49 -78.99 -9.29
N ALA I 315 17.50 -78.12 -9.49
CA ALA I 315 17.78 -76.74 -9.83
C ALA I 315 18.51 -76.07 -8.70
N VAL I 316 18.17 -76.50 -7.48
CA VAL I 316 18.84 -76.03 -6.27
C VAL I 316 20.32 -76.37 -6.31
N VAL I 317 20.61 -77.62 -6.63
CA VAL I 317 21.98 -78.09 -6.79
C VAL I 317 22.69 -77.26 -7.84
N ILE I 318 22.14 -77.25 -9.05
CA ILE I 318 22.72 -76.53 -10.18
C ILE I 318 22.91 -75.05 -9.84
N GLY I 319 21.92 -74.48 -9.16
CA GLY I 319 21.93 -73.07 -8.83
C GLY I 319 23.02 -72.67 -7.86
N VAL I 320 23.28 -73.52 -6.87
CA VAL I 320 24.27 -73.21 -5.85
C VAL I 320 25.70 -73.52 -6.31
N VAL I 321 25.89 -74.70 -6.89
CA VAL I 321 27.19 -75.08 -7.43
C VAL I 321 27.73 -74.02 -8.39
N THR I 322 26.87 -73.58 -9.30
CA THR I 322 27.24 -72.55 -10.27
C THR I 322 27.40 -71.19 -9.60
N GLY I 323 26.58 -70.94 -8.59
CA GLY I 323 26.62 -69.68 -7.86
C GLY I 323 27.93 -69.54 -7.14
N ALA I 324 28.32 -70.60 -6.43
CA ALA I 324 29.57 -70.62 -5.69
C ALA I 324 30.76 -70.55 -6.63
N GLY I 325 30.72 -71.37 -7.68
CA GLY I 325 31.78 -71.43 -8.66
C GLY I 325 32.11 -70.07 -9.25
N CYS I 326 31.10 -69.36 -9.73
CA CYS I 326 31.29 -68.08 -10.38
C CYS I 326 31.90 -67.05 -9.43
N ASN I 327 31.68 -67.23 -8.13
CA ASN I 327 32.25 -66.32 -7.14
C ASN I 327 33.76 -66.45 -7.07
N LEU I 328 34.22 -67.69 -6.93
CA LEU I 328 35.65 -68.00 -6.87
C LEU I 328 36.34 -67.57 -8.16
N ALA I 329 35.61 -67.63 -9.26
CA ALA I 329 36.18 -67.29 -10.57
C ALA I 329 36.48 -65.80 -10.70
N VAL I 330 35.68 -64.95 -10.05
CA VAL I 330 35.90 -63.51 -10.14
C VAL I 330 37.29 -63.15 -9.63
N ASP I 331 37.72 -63.89 -8.61
CA ASP I 331 39.02 -63.69 -7.97
C ASP I 331 40.19 -63.80 -8.96
N LEU I 332 39.94 -64.44 -10.09
CA LEU I 332 40.94 -64.63 -11.12
C LEU I 332 41.48 -63.30 -11.66
N LYS I 333 40.80 -62.21 -11.31
CA LYS I 333 41.26 -60.88 -11.69
C LYS I 333 42.39 -60.42 -10.76
N SER I 334 42.60 -61.16 -9.68
CA SER I 334 43.69 -60.88 -8.76
C SER I 334 44.85 -61.84 -9.03
N LEU I 335 44.53 -62.95 -9.70
CA LEU I 335 45.56 -63.90 -10.13
C LEU I 335 46.13 -63.50 -11.49
N LEU I 336 45.64 -62.41 -12.07
CA LEU I 336 46.11 -61.94 -13.37
C LEU I 336 46.29 -60.43 -13.41
N ARG I 337 45.71 -59.74 -12.43
CA ARG I 337 45.82 -58.28 -12.31
C ARG I 337 45.29 -57.56 -13.54
N ILE I 338 44.42 -58.24 -14.29
CA ILE I 338 43.67 -57.65 -15.38
C ILE I 338 42.21 -57.52 -14.96
N ASP I 339 41.50 -56.53 -15.51
CA ASP I 339 40.10 -56.32 -15.15
C ASP I 339 39.19 -56.48 -16.36
N ASP I 340 39.47 -55.75 -17.43
CA ASP I 340 38.69 -55.83 -18.67
C ASP I 340 39.08 -57.03 -19.51
N GLY I 341 38.14 -57.95 -19.73
CA GLY I 341 36.81 -57.87 -19.18
C GLY I 341 36.38 -59.23 -18.69
N LEU I 342 37.04 -59.70 -17.64
CA LEU I 342 36.80 -61.03 -17.09
C LEU I 342 35.43 -61.17 -16.42
N ASP I 343 34.78 -60.04 -16.17
CA ASP I 343 33.45 -60.03 -15.57
C ASP I 343 32.52 -60.98 -16.34
N CYS I 344 32.49 -60.83 -17.65
CA CYS I 344 31.67 -61.66 -18.52
C CYS I 344 32.01 -63.16 -18.45
N TYR I 345 33.29 -63.48 -18.28
CA TYR I 345 33.73 -64.88 -18.26
C TYR I 345 33.42 -65.58 -16.95
N SER I 346 33.65 -64.87 -15.86
CA SER I 346 33.47 -65.42 -14.53
C SER I 346 32.06 -65.99 -14.35
N ILE I 347 31.07 -65.23 -14.81
CA ILE I 347 29.67 -65.61 -14.67
C ILE I 347 29.20 -66.49 -15.84
N HIS I 348 29.43 -66.03 -17.07
CA HIS I 348 28.93 -66.73 -18.26
C HIS I 348 29.81 -67.89 -18.68
N GLY I 349 31.12 -67.67 -18.71
CA GLY I 349 32.07 -68.69 -19.13
C GLY I 349 32.13 -69.86 -18.18
N VAL I 350 32.42 -69.60 -16.91
CA VAL I 350 32.46 -70.65 -15.91
C VAL I 350 31.08 -71.27 -15.76
N GLY I 351 30.08 -70.39 -15.63
CA GLY I 351 28.70 -70.79 -15.43
C GLY I 351 28.13 -71.68 -16.51
N GLY I 352 28.32 -71.29 -17.76
CA GLY I 352 27.82 -72.09 -18.87
C GLY I 352 28.41 -73.49 -18.87
N CYS I 353 29.61 -73.61 -18.32
CA CYS I 353 30.30 -74.88 -18.21
C CYS I 353 29.77 -75.71 -17.05
N ILE I 354 29.71 -75.11 -15.87
CA ILE I 354 29.19 -75.77 -14.68
C ILE I 354 27.77 -76.30 -14.93
N GLY I 355 27.00 -75.55 -15.69
CA GLY I 355 25.64 -75.94 -16.02
C GLY I 355 25.56 -77.08 -16.99
N SER I 356 26.29 -76.97 -18.10
CA SER I 356 26.28 -78.01 -19.13
C SER I 356 26.70 -79.37 -18.58
N VAL I 357 27.63 -79.37 -17.63
CA VAL I 357 28.05 -80.61 -16.98
C VAL I 357 26.92 -81.13 -16.11
N LEU I 358 26.44 -80.26 -15.22
CA LEU I 358 25.34 -80.59 -14.34
C LEU I 358 24.07 -80.94 -15.12
N THR I 359 23.99 -80.46 -16.35
CA THR I 359 22.89 -80.77 -17.25
C THR I 359 22.79 -82.25 -17.52
N GLY I 360 23.93 -82.85 -17.83
CA GLY I 360 23.99 -84.28 -18.12
C GLY I 360 24.02 -85.12 -16.87
N ILE I 361 24.43 -84.50 -15.77
CA ILE I 361 24.41 -85.19 -14.48
C ILE I 361 22.98 -85.45 -14.04
N PHE I 362 22.14 -84.42 -14.09
CA PHE I 362 20.76 -84.50 -13.61
C PHE I 362 19.72 -84.60 -14.72
N ALA I 363 20.15 -84.79 -15.97
CA ALA I 363 19.24 -84.83 -17.11
C ALA I 363 18.15 -85.89 -16.93
N ALA I 364 17.00 -85.46 -16.42
CA ALA I 364 15.89 -86.36 -16.18
C ALA I 364 15.05 -86.55 -17.42
N ASP I 365 14.76 -87.80 -17.76
CA ASP I 365 13.98 -88.09 -18.95
C ASP I 365 12.49 -87.87 -18.70
N TYR I 366 12.11 -87.68 -17.44
CA TYR I 366 10.71 -87.47 -17.12
C TYR I 366 10.35 -85.99 -17.13
N VAL I 367 11.36 -85.13 -17.05
CA VAL I 367 11.15 -83.70 -17.16
C VAL I 367 11.02 -83.32 -18.62
N ASN I 368 11.94 -83.82 -19.43
CA ASN I 368 11.96 -83.55 -20.86
C ASN I 368 10.72 -84.08 -21.59
N ALA I 369 10.00 -85.01 -20.98
CA ALA I 369 8.86 -85.62 -21.65
C ALA I 369 7.53 -85.06 -21.14
N THR I 370 7.60 -84.03 -20.31
CA THR I 370 6.40 -83.36 -19.84
C THR I 370 5.79 -82.57 -20.96
N ALA I 371 6.56 -82.32 -22.01
CA ALA I 371 6.06 -81.65 -23.20
C ALA I 371 5.40 -82.63 -24.15
N GLY I 372 4.77 -83.67 -23.60
CA GLY I 372 4.19 -84.76 -24.34
C GLY I 372 3.54 -84.41 -25.66
N SER I 373 3.77 -85.27 -26.66
CA SER I 373 3.29 -85.11 -28.05
C SER I 373 4.09 -84.06 -28.84
N TYR I 374 4.76 -83.16 -28.15
CA TYR I 374 5.74 -82.28 -28.77
C TYR I 374 7.14 -82.69 -28.35
N ILE I 375 7.28 -83.91 -27.86
CA ILE I 375 8.53 -84.34 -27.25
C ILE I 375 9.57 -84.84 -28.24
N SER I 376 10.83 -84.57 -27.92
CA SER I 376 11.94 -85.24 -28.55
C SER I 376 12.63 -86.03 -27.46
N PRO I 377 12.23 -87.31 -27.29
CA PRO I 377 12.69 -88.19 -26.21
C PRO I 377 14.22 -88.26 -26.08
N ILE I 378 14.71 -88.00 -24.88
CA ILE I 378 16.12 -88.08 -24.57
C ILE I 378 16.39 -89.37 -23.77
N ASP I 379 17.56 -89.97 -23.97
CA ASP I 379 17.93 -91.18 -23.27
C ASP I 379 17.98 -90.91 -21.77
N GLY I 380 18.55 -89.78 -21.40
CA GLY I 380 18.63 -89.37 -20.01
C GLY I 380 20.04 -89.09 -19.54
N GLY I 381 20.17 -88.69 -18.28
CA GLY I 381 21.46 -88.36 -17.72
C GLY I 381 21.93 -89.31 -16.63
N TRP I 382 22.87 -88.85 -15.82
CA TRP I 382 23.51 -89.68 -14.80
C TRP I 382 22.46 -90.30 -13.87
N ILE I 383 21.43 -89.54 -13.53
CA ILE I 383 20.42 -90.06 -12.61
C ILE I 383 19.50 -91.09 -13.26
N ASN I 384 19.57 -91.21 -14.58
CA ASN I 384 18.77 -92.21 -15.28
C ASN I 384 19.59 -93.44 -15.65
N HIS I 385 20.70 -93.63 -14.94
CA HIS I 385 21.59 -94.78 -15.13
C HIS I 385 22.12 -94.87 -16.56
N HIS I 386 22.20 -93.72 -17.23
CA HIS I 386 22.87 -93.61 -18.52
C HIS I 386 24.10 -92.72 -18.36
N TYR I 387 25.21 -93.33 -17.94
CA TYR I 387 26.34 -92.59 -17.40
C TYR I 387 27.17 -91.83 -18.42
N LYS I 388 27.10 -92.24 -19.69
CA LYS I 388 27.92 -91.57 -20.69
C LYS I 388 27.18 -90.42 -21.35
N GLN I 389 26.18 -89.88 -20.65
CA GLN I 389 25.54 -88.64 -21.05
C GLN I 389 26.42 -87.48 -20.60
N VAL I 390 27.08 -87.67 -19.45
CA VAL I 390 28.02 -86.70 -18.93
C VAL I 390 29.19 -86.55 -19.90
N GLY I 391 29.43 -87.59 -20.67
CA GLY I 391 30.44 -87.56 -21.71
C GLY I 391 30.00 -86.69 -22.87
N TYR I 392 28.79 -86.96 -23.37
CA TYR I 392 28.22 -86.24 -24.49
C TYR I 392 28.19 -84.74 -24.23
N GLN I 393 27.97 -84.37 -22.98
CA GLN I 393 27.92 -82.97 -22.58
C GLN I 393 29.28 -82.32 -22.75
N LEU I 394 30.30 -82.99 -22.24
CA LEU I 394 31.68 -82.51 -22.33
C LEU I 394 32.10 -82.38 -23.79
N ALA I 395 31.67 -83.33 -24.62
CA ALA I 395 31.92 -83.30 -26.05
C ALA I 395 31.50 -81.97 -26.65
N GLY I 396 30.36 -81.46 -26.18
CA GLY I 396 29.84 -80.18 -26.63
C GLY I 396 30.54 -79.01 -25.99
N ILE I 397 30.99 -79.19 -24.76
CA ILE I 397 31.69 -78.13 -24.02
C ILE I 397 33.04 -77.84 -24.64
N CYS I 398 33.68 -78.87 -25.19
CA CYS I 398 35.00 -78.70 -25.79
C CYS I 398 34.89 -78.05 -27.17
N ALA I 399 34.06 -78.61 -28.02
CA ALA I 399 33.92 -78.15 -29.40
C ALA I 399 33.58 -76.67 -29.45
N ALA I 400 32.59 -76.27 -28.65
CA ALA I 400 32.17 -74.88 -28.60
C ALA I 400 33.20 -74.01 -27.90
N LEU I 401 34.11 -74.64 -27.16
CA LEU I 401 35.20 -73.94 -26.51
C LEU I 401 36.40 -73.89 -27.45
N ALA I 402 36.59 -74.97 -28.21
CA ALA I 402 37.68 -75.03 -29.16
C ALA I 402 37.47 -74.04 -30.31
N TRP I 403 36.25 -74.00 -30.84
CA TRP I 403 35.96 -73.13 -31.98
C TRP I 403 35.99 -71.65 -31.60
N THR I 404 35.33 -71.30 -30.50
CA THR I 404 35.25 -69.91 -30.05
C THR I 404 36.64 -69.32 -29.83
N VAL I 405 37.42 -70.00 -28.99
CA VAL I 405 38.75 -69.53 -28.61
C VAL I 405 39.72 -69.52 -29.80
N THR I 406 39.48 -70.40 -30.77
CA THR I 406 40.22 -70.34 -32.03
C THR I 406 39.79 -69.15 -32.89
N VAL I 407 38.54 -69.16 -33.35
CA VAL I 407 38.09 -68.20 -34.36
C VAL I 407 38.00 -66.77 -33.85
N THR I 408 37.70 -66.60 -32.56
CA THR I 408 37.58 -65.26 -31.99
C THR I 408 38.90 -64.52 -32.12
N SER I 409 39.95 -65.18 -31.68
CA SER I 409 41.30 -64.61 -31.64
C SER I 409 41.76 -64.18 -33.04
N ILE I 410 41.61 -65.08 -34.00
CA ILE I 410 41.87 -64.78 -35.41
C ILE I 410 41.17 -63.50 -35.85
N LEU I 411 39.93 -63.33 -35.39
CA LEU I 411 39.10 -62.21 -35.82
C LEU I 411 39.51 -60.92 -35.15
N LEU I 412 39.97 -61.01 -33.91
CA LEU I 412 40.46 -59.84 -33.18
C LEU I 412 41.75 -59.34 -33.79
N LEU I 413 42.70 -60.26 -33.96
CA LEU I 413 44.06 -59.93 -34.40
C LEU I 413 44.09 -59.44 -35.84
N THR I 414 43.36 -60.11 -36.73
CA THR I 414 43.26 -59.65 -38.11
C THR I 414 42.62 -58.28 -38.12
N MET I 415 41.73 -58.05 -37.17
CA MET I 415 41.10 -56.76 -37.00
C MET I 415 42.07 -55.83 -36.28
N ASN I 416 43.05 -56.42 -35.60
CA ASN I 416 44.10 -55.65 -34.96
C ASN I 416 45.23 -55.34 -35.94
N ALA I 417 45.26 -56.10 -37.03
CA ALA I 417 46.30 -55.93 -38.06
C ALA I 417 46.03 -54.69 -38.91
N ILE I 418 44.75 -54.41 -39.18
CA ILE I 418 44.40 -53.22 -39.92
C ILE I 418 44.10 -52.08 -38.97
N PRO I 419 44.83 -50.96 -39.11
CA PRO I 419 44.65 -49.77 -38.25
C PRO I 419 43.35 -49.02 -38.51
N PHE I 420 42.38 -49.68 -39.15
CA PHE I 420 41.09 -49.09 -39.48
C PHE I 420 39.97 -49.93 -38.91
N LEU I 421 40.33 -51.11 -38.41
CA LEU I 421 39.38 -52.01 -37.78
C LEU I 421 39.84 -52.42 -36.39
N LYS I 422 40.85 -51.72 -35.87
CA LYS I 422 41.40 -52.06 -34.56
C LYS I 422 40.41 -51.67 -33.46
N LEU I 423 40.00 -52.68 -32.70
CA LEU I 423 38.96 -52.51 -31.68
C LEU I 423 39.38 -51.54 -30.59
N ARG I 424 40.59 -51.72 -30.04
CA ARG I 424 41.06 -50.90 -28.92
C ARG I 424 42.38 -50.22 -29.24
N LEU I 425 42.61 -49.05 -28.63
CA LEU I 425 43.90 -48.38 -28.74
C LEU I 425 44.81 -48.74 -27.58
N ILE I 439 30.45 -38.76 -19.05
CA ILE I 439 30.19 -39.96 -18.28
C ILE I 439 30.05 -39.62 -16.80
N GLY I 440 28.97 -40.06 -16.16
CA GLY I 440 27.93 -40.87 -16.78
C GLY I 440 27.66 -42.14 -16.01
N GLU I 441 26.62 -42.13 -15.18
CA GLU I 441 26.31 -43.30 -14.35
C GLU I 441 25.73 -44.46 -15.15
N PHE I 442 24.88 -44.13 -16.12
CA PHE I 442 24.30 -45.13 -17.02
C PHE I 442 24.84 -44.94 -18.42
N THR I 443 24.74 -43.72 -18.92
CA THR I 443 25.28 -43.38 -20.23
C THR I 443 26.24 -42.20 -20.13
N TYR I 444 25.74 -41.01 -20.39
CA TYR I 444 26.56 -39.80 -20.41
C TYR I 444 25.88 -38.66 -19.69
N GLU I 445 26.68 -37.71 -19.20
CA GLU I 445 26.16 -36.62 -18.38
C GLU I 445 25.21 -35.73 -19.17
N GLU I 446 24.63 -34.73 -18.50
CA GLU I 446 23.64 -33.86 -19.11
C GLU I 446 24.17 -33.18 -20.36
N SER I 447 23.30 -33.03 -21.35
CA SER I 447 23.61 -32.41 -22.65
C SER I 447 24.90 -32.87 -23.31
N THR I 448 25.27 -34.13 -23.08
CA THR I 448 26.35 -34.77 -23.83
C THR I 448 25.93 -35.04 -25.26
N ALA I 449 26.63 -34.46 -26.23
CA ALA I 449 26.19 -34.55 -27.62
C ALA I 449 26.82 -35.71 -28.39
N TYR I 450 28.11 -35.95 -28.17
CA TYR I 450 28.83 -37.01 -28.87
C TYR I 450 29.49 -37.96 -27.88
N ILE I 451 29.62 -39.23 -28.25
CA ILE I 451 30.24 -40.18 -27.35
C ILE I 451 31.76 -40.08 -27.48
N PRO I 452 32.48 -40.30 -26.38
CA PRO I 452 33.95 -40.22 -26.37
C PRO I 452 34.65 -41.47 -26.90
N GLU I 453 34.91 -41.50 -28.21
CA GLU I 453 35.64 -42.61 -28.82
C GLU I 453 37.14 -42.30 -28.73
N PRO I 454 37.95 -43.29 -28.32
CA PRO I 454 39.40 -43.14 -28.16
C PRO I 454 40.09 -42.43 -29.31
P PO4 J . -13.22 31.99 13.45
O1 PO4 J . -13.70 33.10 12.57
O2 PO4 J . -14.24 31.64 14.50
O3 PO4 J . -12.96 30.79 12.59
O4 PO4 J . -11.97 32.44 14.14
P PO4 K . -13.56 22.20 11.87
O1 PO4 K . -13.84 22.26 13.36
O2 PO4 K . -13.99 23.47 11.19
O3 PO4 K . -12.08 22.05 11.70
O4 PO4 K . -14.30 21.05 11.26
P PO4 L . -13.85 28.21 4.32
O1 PO4 L . -14.56 28.34 5.64
O2 PO4 L . -13.41 29.58 3.88
O3 PO4 L . -12.64 27.32 4.48
O4 PO4 L . -14.76 27.63 3.28
P PO4 M . 6.31 28.30 3.56
O1 PO4 M . 5.07 27.71 2.94
O2 PO4 M . 6.01 29.67 4.09
O3 PO4 M . 6.76 27.41 4.68
O4 PO4 M . 7.40 28.39 2.52
P PO4 N . 6.18 21.44 10.13
O1 PO4 N . 6.30 20.72 8.81
O2 PO4 N . 6.40 22.91 9.93
O3 PO4 N . 4.79 21.22 10.66
O4 PO4 N . 7.19 20.92 11.10
P PO4 O . 7.05 30.48 12.98
O1 PO4 O . 7.86 30.00 11.80
O2 PO4 O . 6.59 31.87 12.67
O3 PO4 O . 5.88 29.57 13.16
O4 PO4 O . 7.89 30.50 14.22
P PO4 P . 16.12 -37.13 -11.21
O1 PO4 P . 15.54 -35.94 -10.50
O2 PO4 P . 15.79 -37.05 -12.69
O3 PO4 P . 17.62 -37.16 -11.02
O4 PO4 P . 15.53 -38.40 -10.64
P PO4 Q . 22.29 -43.70 -6.68
O1 PO4 Q . 21.12 -43.87 -5.73
O2 PO4 Q . 21.91 -42.76 -7.80
O3 PO4 Q . 23.45 -43.12 -5.92
O4 PO4 Q . 22.68 -45.02 -7.26
P PO4 R . 23.78 -40.28 -16.21
O1 PO4 R . 22.50 -40.64 -15.47
O2 PO4 R . 23.60 -38.92 -16.81
O3 PO4 R . 24.93 -40.29 -15.25
O4 PO4 R . 24.02 -41.31 -17.29
#